data_6ZK9
#
_entry.id   6ZK9
#
_cell.length_a   1.00
_cell.length_b   1.00
_cell.length_c   1.00
_cell.angle_alpha   90.00
_cell.angle_beta   90.00
_cell.angle_gamma   90.00
#
_symmetry.space_group_name_H-M   'P 1'
#
loop_
_entity.id
_entity.type
_entity.pdbx_description
1 polymer 'NADH dehydrogenase [ubiquinone] flavoprotein 1, mitochondrial'
2 polymer 'Mitochondrial complex I, 24 kDa subunit'
3 polymer 'NADH:ubiquinone oxidoreductase core subunit S1'
4 polymer 'Mitochondrial complex I, 49 kDa subunit'
5 polymer 'NADH:ubiquinone oxidoreductase core subunit S3'
6 polymer 'Mitochondrial complex I, PSST subunit'
7 polymer 'Mitochondrial complex I, TYKY subunit'
8 polymer 'Mitochondrial complex I, 10 kDa subunit'
9 polymer 'Mitochondrial complex I, 13 kDa subunit'
10 polymer 'NADH dehydrogenase [ubiquinone] iron-sulfur protein 4, mitochondrial'
11 polymer 'NADH:ubiquinone oxidoreductase subunit A9'
12 polymer 'NADH dehydrogenase [ubiquinone] 1 alpha subcomplex subunit 2'
13 polymer 'Mitochondrial complex I, B13 subunit'
14 polymer 'NADH:ubiquinone oxidoreductase subunit A6'
15 polymer 'Mitochondrial complex I, B14.5a subunit'
16 polymer 'NADH dehydrogenase [ubiquinone] 1 alpha subcomplex subunit 12'
17 polymer 'Acyl carrier protein'
18 polymer 'Mitochondrial complex I, B16.6 subunit'
19 non-polymer 'IRON/SULFUR CLUSTER'
20 non-polymer 'FLAVIN MONONUCLEOTIDE'
21 non-polymer '1,4-DIHYDRONICOTINAMIDE ADENINE DINUCLEOTIDE'
22 non-polymer 'FE2/S2 (INORGANIC) CLUSTER'
23 non-polymer 'POTASSIUM ION'
24 non-polymer 1,2-DIACYL-SN-GLYCERO-3-PHOSPHOCHOLINE
25 non-polymer 1,2-Distearoyl-sn-glycerophosphoethanolamine
26 non-polymer 'ZINC ION'
27 non-polymer 'NADPH DIHYDRO-NICOTINAMIDE-ADENINE-DINUCLEOTIDE PHOSPHATE'
28 non-polymer 'S-[2-({N-[(2S)-2-hydroxy-3,3-dimethyl-4-(phosphonooxy)butanoyl]-beta-alanyl}amino)ethyl] tetradecanethioate'
29 non-polymer CARDIOLIPIN
30 water water
#
loop_
_entity_poly.entity_id
_entity_poly.type
_entity_poly.pdbx_seq_one_letter_code
_entity_poly.pdbx_strand_id
1 'polypeptide(L)'
;MLAARRLLGGSLPARVSVRFSGDTTAPKKTSFGSLKDEDRIFTNLYGRHDWRLKGAQSRGDWYKTKEILLKGPDWILGEV
KTSGLRGRGGAGFPTGLKWSFMNKPSDGRPKYLVVNADEGEPGTCKDREIIRHDPHKLVEGCLVGGRAMGARAAYIYIRG
EFYNEASNLQVAIREAYEAGLIGKNACGSGYDFDVFVVRGAGAYICGEETALIESIEGKQGKPRLKPPFPADVGVFGCPT
TVANVETVAVSPTICRRGGAWFASFGRERNSGTKLFNISGHVNNPCTVEEEMSVPLKELIEKHAGGVTGGWDNLLAVIPG
GSSTPLIPKSVCETVLMDFDALIQAQTGLGTAAVIVMDRSTDIVKAIARLIEFYKHESCGQCTPCREGVDWMNKVMARFV
RGDARPAEIDSLWEISKQIEGHTICALGDGAAWPVQGLIRHFRPELEERMQRFAQQHQARQAAS
;
1
2 'polypeptide(L)'
;MPVLQYEHLEECIRWGKHIRNLHKTAVQNGAGGALFVHRDTPKNNPETPFDFTPENYKRIEAIVKNYPEGHKAAAVLPVL
DLAQRQNGWLPISAMNKVAEILQVPPMRVYEVATFYTMYNRKPVGKYHIQVCTTTPCMLRNSDSILEAIQKKLGIKVGET
TPDKLFTLIEVECLGACVNAPMVQINDNYYEDLTPKDIEEIIDELKAGKIPKPGPRSGRFSCEPAGGLTSLTEPPKGPGF
GVQAGL
;
2
3 'polypeptide(L)'
;MLRIPVRKALVGLSKSSKGCVRTTATAASNLIEVFVDGQSVMVEPGTTVLQACEKVGMQIPRFCYHERLSVAGNCRMCLV
EIEKAPKVVAACAMPVMKGWNILTNSEKTKKAREGVMEFLLANHPLDCPICDQGGECDLQDQSMMFGSDRSRFLEGKRAV
EDKNIGPLVKTIMTRCIQCTRCIRFASEIAGVDDLGTTGRGNDMQVGTYIEKMFMSELSGNIIDICPVGALTSKPYAFTA
RPWETRKTESIDVMDAVGSNIVVSTRTGEVMRILPRMHEDINEEWISDKTRFAYDGLKRQRLTEPMVRNEKGLLTHTTWE
DALSRVAGMLQSCQGNDVAAIAGGLVDAEALIALKDLLNRVDSDTLCTEEVFPTAGAGTDLRSNYLLNTTIAGVEEADVV
LLVGTNPRFEAPLFNARIRKSWLHNDLKVALIGSPVDLTYRYDHLGDSPKILQDIASGSHPFSQVLQEAKKPMVVLGSSA
LQRNDGAAILAAVSNIAQKIRTSSGVTGDWKVMNILHRIASQVAALDLGYKPGVEAIRKNPPKMLFLLGADGGCVTRQDL
PKDCFIVYQGHHGDVGAPIADVILPGAAYTEKSATYVNTEGRAQQTKVAVMPPGLAREDWKIIRALSEIAGMTLPYDTLD
QVRNRLEEVSPNLVRYDDVEGANYFQQASELSKLVNQQLLADPLVPPQLTIKDFYMTDSISRASQTMAKCVKAVTEGAHA
VEEPSIC
;
3
4 'polypeptide(L)'
;MAALRALRRLRGAAAQVLRPGAGARLPIQPSRGARQWQPDVEWAEQYGGAVMYPTKETAHWKPPPWNDVDPPKDTLVSNL
TLNFGPQHPAAHGVLRLVMELSGEMVRKCDPHIGLLH(2MR)GTEKLIEYKTYLQALPYFDRLDYVSMMCNEQAYSLAVE
KLLNIQPPPRAQWIRVLFGEITRLLNHIMAVTTHALDIGAMTPFFWMFEEREKMFEFYERVSGARMHAAYVRPGGVHQDL
PLGLMDDIYEFSKNFSLRIDELEEMLTNNRIWRNRTVDIGVVTAEDALNYGFSGVMLRGSGIQWDLRKTQPYDVYDQVEF
DVPIGSRGDCYDRYLCRVEEMRQSIRIISQCLNKMPPGEIKVDDAKVSPPKRAEMKTSMESLIHHFKLYTEGYQVPPGAT
YTAIEAPKGEFGVYLVSDGSSRPYRCKIKAPGFAHLAGLDKMSKGHMLADVVAIIGTQDIVFGEVDR
;
4
5 'polypeptide(L)'
;PVKMAAAAARGCWQRLVGSAAPARVAGRPSVLLLPVRRESASADTRPTVRPRNDVAHKQLSAFGEYVAEILPKYVQQVQV
SCFSELEICIHPDGVIPVLTFLRDHSNAQFKSLADLTAVDIPTRQNRFEIVYNLLSLRFNSRIRVKTYTDELTPVESSVS
VYKAANWYEREIWDMFGVFFANHPDLRRILTDYGFEGHPFRKDFPLSGYVELRYDDEVKRVVAEPVELAQEFRKFDLNSP
WEAFPAYRQPPESLKLEAGDKKPEAK
;
5
6 'polypeptide(L)'
;MLPLKFPGRGGAAPRLFHPILAVRSGMGAALQVRGVHSSMAADSPSSTQPAVSQARAVVPKPAALPSSRGEYVVAKLDDL
INWARRSSLWPMTFGLACCAVEMMHMAAPRYDMDRFGVVFRASPRQSDVMIVAGTLTNKMAPALRKVYDQMPEPRYVVSM
GSCANGGGYYHYSYSVVRGCDRIVPVDIYVPGCPPTAEALLYGILQLQKKIKREKRLRIWYRR
;
6
7 'polypeptide(L)'
;MRKPKMRCLTMPVLLRALAQAQAARAGHASGRGLHSSAVAATYKYVNLREPSMDMKSVTDRAAQTLLWTELIRGLGMTLS
YLFREPATINYPFEKGPLSPRFRGEHALRRYPSGEERCIACKLCEAVCPAQAITIEAEPRADGSRRTTRYDIDMTKCIYC
GFCQEACPVDAIVEGPNFEFSTETHEELLYNKEKLLNNGDKWEAEIAANIQADYLYR
;
9
8 'polypeptide(L)'
;MAASLLLRQGRPGTLKTVLLEAGVFRGLAPAVSLSAESGKNEKGLPPNPKKQSPPKKPASAAPTEPFDNTTYKNLQHHDY
STYTFLDLNLDLSKFRMPQPSSGRESPRH
;
a
9 'polypeptide(L)'
;MAAAVTFLRLLGRGGAVTRGLPGGARCFGVRTSPTGEKVTHTGQVYDDEDYRRVRFVGRQKEVNENFAIDLIAEQPVSQV
GSRVISCDGGGGALGHPRVYINLDKETKTGTCGYCGLQFRQQHH
;
b
10 'polypeptide(L)'
;MSVALRQALWGRRVGTVAAVSVSKVSTRSLSTSTWRLAQDQTRDTQLITVDEKLDITTLTGVPEEHIKTRKARIFVPARN
NMQSGVNNTKKWKMEFDTRERWENPLMGWASTADPLSNLVLTFSTKEDAIAFAEKNGWSYDVEERKVPKPKSKSYGANFS
WNKRTRVSTK
;
c
11 'polypeptide(L)'
;MAAAVHLRVVRVLPMSRSSVPALAASVFHSPPQRQLHHAVIPHGKGGRSSVSGIVATVFGATGFLGRYLVNHLGRMGSQV
IVPYRCEPYDTMHLRPMGDLGQIIFMDWNGRDKDSIRRAVEHSNVVINLVGREWETKNFDFEDVFVKIPQAIAQVSKEAG
VEKFIHISHLNADIKSSSKYLRNKAVGEKEVRETFPEATIIKPADIFGREDRFLNYFANIRWFGGVPLISLGKKTVKQPV
YIVDVTKGIINAIKDPDARGKTFAFVGPNRYLLFDLVQYVFAVAHRPFLPYPMPHFAYRWIGRLFEISPFEPWTTRDKVE
RIHTTDRTLPHLPGLEDLGVQATPLELKAIEVLRRHRTYRWLSSEIEDVQPAKTVPASGP
;
d
12 'polypeptide(L)'
;MAAAAAIRGVRGKLGLREIRIHLCQRSPGSQGVRDFIEKRYVELKKANPDLPILIRECSDVQPKLWARYAFGQEKNVSLN
NFSADQVTRALENVLSSKA
;
e
13 'polypeptide(L)'
;MAGLLKKTTGLVGLAVCETPHERLKILYTKILDVLGHIPKNAAYRKYTEQITNEKLSIVKAEPDVKKLEEQLQGGQIEEV
ILQAENELSLARKMIQWKPWEPLVEEPPASQWKWPI
;
f
14 'polypeptide(L)'
;NGVELGSDFLSKMAASGLRQAAVAASTSVKPIFSRDMNEAKRRVRELYRAWYREVPNTVHLFQLDISVKQGRDKVREMFK
KNAHVTDPRVVDLLVIKGKMELEETINVWKQRTHVMRFFHETEAPRPKDFLSKFYVGHDP
;
g
15 'polypeptide(L)'
;KM(AYA)SATRLIQGLRNWASGRDLQAKLQLRYQEISKRTQPPPKLPVGPSHRLSNNYYCARDGRREAMPPSIVMSSQKV
LVAGKPAESSAVAASEKKAVSPAPPIKRWELSQDEPYL
;
h
16 'polypeptide(L)'
;MELLQVLKRGLQQVSGHGGLRGYLRVLFRANDVRVGTLVGEDKYGNKYYEDNKQFFGRHRWVIYTTEMNGKNTFWDVDGS
MVPPEWHRWLHCMTDDPPTVKPPTARKFIWTNHKFNLSGTPQQYVPYSTTRKKIQEWVPPSTPYK
;
i
17 'polypeptide(L)'
;VEVKDFYTTNYQTAVSFSPLGPMPSMALMAVSLSGANVPKSGGRPEESRVPVLTQRKVPGRVTPLCRQYSDAPPLTLEGI
KDRVLYVLKLYDKIDPEKLSVNSHFMKDLGLDSLDQVEIIMAMEDEFGFEIPDIDAEKLMCPQEIVDYIADKKDVYE
;
j
18 'polypeptide(L)'
;MAASKVKQDMPPVGGYGPIDYKRNLPRRGLSGYSMFAVGIGALLFGYWSMMRWNRERRRLQIEDFEARIALMPLLQAEKD
RRVLQMLRENLEEEATIMKDVPGWKVGESVFHTTRWVTPMMGELYGLRTGEEILSSTYGFIWYT
;
q
#
# COMPACT_ATOMS: atom_id res chain seq x y z
N LYS A 29 -68.81 -17.51 22.05
CA LYS A 29 -68.65 -16.53 23.11
C LYS A 29 -67.94 -15.29 22.59
N THR A 30 -68.47 -14.11 22.92
CA THR A 30 -67.91 -12.85 22.45
C THR A 30 -67.25 -12.02 23.54
N SER A 31 -67.76 -12.04 24.76
CA SER A 31 -67.19 -11.31 25.86
C SER A 31 -66.40 -12.27 26.77
N PHE A 32 -65.31 -11.75 27.33
CA PHE A 32 -64.39 -12.58 28.09
C PHE A 32 -64.01 -11.88 29.38
N GLY A 33 -63.56 -12.67 30.34
CA GLY A 33 -63.37 -12.21 31.69
C GLY A 33 -64.43 -12.80 32.61
N SER A 34 -64.41 -12.32 33.86
CA SER A 34 -65.26 -12.78 34.96
C SER A 34 -65.14 -14.29 35.15
N LEU A 35 -63.89 -14.72 35.34
CA LEU A 35 -63.58 -16.13 35.51
C LEU A 35 -64.02 -16.61 36.88
N LYS A 36 -64.70 -17.75 36.91
CA LYS A 36 -65.20 -18.29 38.17
C LYS A 36 -64.07 -18.99 38.94
N ASP A 37 -64.28 -19.14 40.24
CA ASP A 37 -63.27 -19.76 41.09
C ASP A 37 -63.20 -21.27 40.88
N GLU A 38 -64.25 -21.89 40.37
CA GLU A 38 -64.20 -23.31 40.05
C GLU A 38 -63.37 -23.60 38.81
N ASP A 39 -63.14 -22.59 37.97
CA ASP A 39 -62.37 -22.74 36.75
C ASP A 39 -60.94 -22.26 36.92
N ARG A 40 -60.51 -21.94 38.14
CA ARG A 40 -59.14 -21.53 38.38
C ARG A 40 -58.23 -22.74 38.40
N ILE A 41 -57.16 -22.68 37.62
CA ILE A 41 -56.12 -23.70 37.73
C ILE A 41 -55.27 -23.46 38.97
N PHE A 42 -54.86 -22.21 39.18
CA PHE A 42 -53.99 -21.87 40.31
C PHE A 42 -54.80 -21.44 41.52
N THR A 43 -55.61 -22.36 42.03
CA THR A 43 -56.12 -22.22 43.37
C THR A 43 -54.94 -22.32 44.35
N ASN A 44 -55.10 -21.67 45.50
CA ASN A 44 -54.00 -21.32 46.40
C ASN A 44 -52.92 -20.54 45.66
N LEU A 45 -53.33 -19.45 45.02
CA LEU A 45 -52.38 -18.50 44.46
C LEU A 45 -51.88 -17.55 45.54
N TYR A 46 -52.68 -17.33 46.58
CA TYR A 46 -52.46 -16.28 47.55
C TYR A 46 -51.84 -16.78 48.85
N GLY A 47 -51.51 -18.06 48.93
CA GLY A 47 -50.92 -18.59 50.13
C GLY A 47 -51.88 -18.82 51.27
N ARG A 48 -53.18 -18.77 51.01
CA ARG A 48 -54.18 -18.90 52.07
C ARG A 48 -54.47 -20.34 52.45
N HIS A 49 -53.97 -21.30 51.67
CA HIS A 49 -54.11 -22.71 51.98
C HIS A 49 -52.73 -23.34 52.11
N ASP A 50 -52.72 -24.60 52.52
CA ASP A 50 -51.45 -25.31 52.69
C ASP A 50 -50.84 -25.60 51.34
N TRP A 51 -49.61 -25.13 51.13
CA TRP A 51 -48.90 -25.39 49.90
C TRP A 51 -48.30 -26.80 49.85
N ARG A 52 -48.26 -27.51 50.96
CA ARG A 52 -47.58 -28.79 51.03
C ARG A 52 -48.46 -29.88 50.43
N LEU A 53 -48.06 -31.14 50.62
CA LEU A 53 -48.65 -32.24 49.85
C LEU A 53 -50.07 -32.55 50.29
N LYS A 54 -50.38 -32.43 51.57
CA LYS A 54 -51.75 -32.63 52.03
C LYS A 54 -52.69 -31.56 51.48
N GLY A 55 -52.25 -30.30 51.51
CA GLY A 55 -53.05 -29.24 50.94
C GLY A 55 -53.15 -29.30 49.43
N ALA A 56 -52.10 -29.77 48.76
CA ALA A 56 -52.15 -29.88 47.32
C ALA A 56 -53.05 -31.02 46.88
N GLN A 57 -52.99 -32.16 47.58
CA GLN A 57 -53.87 -33.27 47.26
C GLN A 57 -55.31 -32.99 47.65
N SER A 58 -55.53 -32.12 48.65
CA SER A 58 -56.89 -31.73 48.98
C SER A 58 -57.46 -30.70 48.02
N ARG A 59 -56.64 -30.15 47.12
CA ARG A 59 -57.13 -29.21 46.11
C ARG A 59 -57.18 -29.80 44.71
N GLY A 60 -56.77 -31.06 44.54
CA GLY A 60 -56.87 -31.73 43.27
C GLY A 60 -55.55 -32.10 42.65
N ASP A 61 -54.42 -31.66 43.20
CA ASP A 61 -53.13 -32.02 42.65
C ASP A 61 -52.79 -33.47 42.97
N TRP A 62 -51.98 -34.07 42.10
CA TRP A 62 -51.56 -35.48 42.17
C TRP A 62 -52.75 -36.44 42.20
N TYR A 63 -53.82 -36.09 41.50
CA TYR A 63 -55.00 -36.94 41.41
C TYR A 63 -55.00 -37.63 40.06
N LYS A 64 -55.03 -38.98 40.08
CA LYS A 64 -55.01 -39.84 38.90
C LYS A 64 -53.83 -39.53 37.98
N THR A 65 -52.68 -39.25 38.60
CA THR A 65 -51.49 -38.97 37.82
C THR A 65 -50.97 -40.23 37.13
N LYS A 66 -51.11 -41.39 37.78
CA LYS A 66 -50.72 -42.66 37.17
C LYS A 66 -51.54 -42.96 35.93
N GLU A 67 -52.84 -42.65 35.96
CA GLU A 67 -53.67 -42.86 34.79
C GLU A 67 -53.35 -41.89 33.68
N ILE A 68 -52.79 -40.72 34.00
CA ILE A 68 -52.33 -39.82 32.94
C ILE A 68 -51.02 -40.34 32.35
N LEU A 69 -50.12 -40.83 33.20
CA LEU A 69 -48.82 -41.30 32.73
C LEU A 69 -48.94 -42.59 31.92
N LEU A 70 -49.93 -43.43 32.23
CA LEU A 70 -50.07 -44.68 31.51
C LEU A 70 -50.81 -44.54 30.18
N LYS A 71 -51.39 -43.38 29.89
CA LYS A 71 -52.01 -43.20 28.58
C LYS A 71 -51.01 -42.76 27.52
N GLY A 72 -49.74 -42.62 27.86
CA GLY A 72 -48.69 -42.46 26.88
C GLY A 72 -48.36 -41.02 26.58
N PRO A 73 -47.28 -40.81 25.83
CA PRO A 73 -46.92 -39.44 25.44
C PRO A 73 -47.89 -38.84 24.44
N ASP A 74 -48.40 -39.64 23.50
CA ASP A 74 -49.22 -39.12 22.42
C ASP A 74 -50.55 -38.57 22.93
N TRP A 75 -51.15 -39.22 23.94
CA TRP A 75 -52.38 -38.72 24.51
C TRP A 75 -52.19 -37.39 25.23
N ILE A 76 -51.08 -37.26 25.96
CA ILE A 76 -50.80 -36.01 26.69
C ILE A 76 -50.50 -34.88 25.72
N LEU A 77 -49.72 -35.17 24.67
CA LEU A 77 -49.46 -34.17 23.64
C LEU A 77 -50.73 -33.80 22.88
N GLY A 78 -51.63 -34.77 22.69
CA GLY A 78 -52.91 -34.45 22.07
C GLY A 78 -53.77 -33.57 22.94
N GLU A 79 -53.75 -33.79 24.25
CA GLU A 79 -54.50 -32.92 25.16
C GLU A 79 -53.93 -31.51 25.18
N VAL A 80 -52.60 -31.38 25.15
CA VAL A 80 -51.99 -30.05 25.17
C VAL A 80 -52.19 -29.33 23.83
N LYS A 81 -52.18 -30.07 22.71
CA LYS A 81 -52.48 -29.46 21.42
C LYS A 81 -53.95 -29.08 21.30
N THR A 82 -54.84 -29.90 21.85
CA THR A 82 -56.27 -29.62 21.80
C THR A 82 -56.63 -28.45 22.71
N SER A 83 -55.88 -28.28 23.80
CA SER A 83 -56.15 -27.21 24.75
C SER A 83 -55.85 -25.83 24.18
N GLY A 84 -55.08 -25.74 23.10
CA GLY A 84 -54.70 -24.45 22.58
C GLY A 84 -53.73 -23.71 23.44
N LEU A 85 -53.01 -24.42 24.30
CA LEU A 85 -52.05 -23.79 25.22
C LEU A 85 -50.88 -23.23 24.44
N ARG A 86 -50.61 -21.96 24.65
CA ARG A 86 -49.44 -21.30 24.09
C ARG A 86 -48.46 -21.00 25.21
N GLY A 87 -47.22 -20.71 24.82
CA GLY A 87 -46.14 -20.54 25.76
C GLY A 87 -46.31 -19.38 26.70
N ARG A 88 -46.48 -19.68 27.98
CA ARG A 88 -46.72 -18.66 28.99
C ARG A 88 -45.47 -17.90 29.38
N GLY A 89 -44.31 -18.28 28.85
CA GLY A 89 -43.11 -17.50 29.07
C GLY A 89 -43.23 -16.09 28.53
N GLY A 90 -43.85 -15.93 27.38
CA GLY A 90 -44.02 -14.61 26.82
C GLY A 90 -44.03 -14.52 25.32
N ALA A 91 -43.52 -15.55 24.64
CA ALA A 91 -43.58 -15.54 23.19
C ALA A 91 -44.87 -16.14 22.66
N GLY A 92 -45.46 -17.08 23.39
CA GLY A 92 -46.71 -17.66 22.96
C GLY A 92 -46.60 -18.69 21.87
N PHE A 93 -45.51 -19.43 21.83
CA PHE A 93 -45.39 -20.52 20.89
C PHE A 93 -46.33 -21.65 21.32
N PRO A 94 -46.95 -22.36 20.38
CA PRO A 94 -47.90 -23.43 20.75
C PRO A 94 -47.21 -24.56 21.50
N THR A 95 -47.74 -24.84 22.70
CA THR A 95 -47.03 -25.66 23.67
C THR A 95 -47.02 -27.13 23.26
N GLY A 96 -48.13 -27.63 22.70
CA GLY A 96 -48.16 -29.01 22.27
C GLY A 96 -47.29 -29.26 21.05
N LEU A 97 -47.29 -28.33 20.10
CA LEU A 97 -46.41 -28.42 18.94
C LEU A 97 -44.94 -28.32 19.35
N LYS A 98 -44.66 -27.49 20.36
CA LYS A 98 -43.30 -27.37 20.88
C LYS A 98 -42.86 -28.65 21.58
N TRP A 99 -43.73 -29.22 22.41
CA TRP A 99 -43.38 -30.41 23.17
C TRP A 99 -43.36 -31.65 22.31
N SER A 100 -44.04 -31.64 21.16
CA SER A 100 -43.99 -32.78 20.24
C SER A 100 -42.70 -32.83 19.44
N PHE A 101 -41.83 -31.83 19.55
CA PHE A 101 -40.51 -31.87 18.93
C PHE A 101 -39.60 -32.90 19.60
N MET A 102 -39.90 -33.28 20.83
CA MET A 102 -39.20 -34.32 21.54
C MET A 102 -39.77 -35.70 21.29
N ASN A 103 -40.99 -35.79 20.75
CA ASN A 103 -41.67 -37.05 20.53
C ASN A 103 -41.00 -37.75 19.35
N LYS A 104 -39.87 -38.37 19.63
CA LYS A 104 -39.04 -39.04 18.64
C LYS A 104 -38.19 -40.06 19.38
N PRO A 105 -37.78 -41.14 18.73
CA PRO A 105 -37.00 -42.18 19.44
C PRO A 105 -35.61 -41.68 19.82
N SER A 106 -35.09 -42.29 20.87
CA SER A 106 -33.81 -41.87 21.44
C SER A 106 -32.66 -42.28 20.54
N ASP A 107 -31.56 -41.54 20.67
CA ASP A 107 -30.34 -41.80 19.91
C ASP A 107 -29.14 -41.98 20.83
N GLY A 108 -29.38 -42.50 22.03
CA GLY A 108 -28.35 -42.71 23.02
C GLY A 108 -28.27 -41.63 24.07
N ARG A 109 -28.69 -40.41 23.74
CA ARG A 109 -28.67 -39.31 24.68
C ARG A 109 -29.94 -39.33 25.53
N PRO A 110 -29.86 -38.94 26.79
CA PRO A 110 -31.07 -38.75 27.60
C PRO A 110 -31.85 -37.53 27.13
N LYS A 111 -33.08 -37.42 27.60
CA LYS A 111 -33.91 -36.28 27.25
C LYS A 111 -34.28 -35.54 28.52
N TYR A 112 -34.45 -34.22 28.39
CA TYR A 112 -34.61 -33.37 29.55
C TYR A 112 -35.70 -32.34 29.34
N LEU A 113 -36.61 -32.29 30.30
CA LEU A 113 -37.42 -31.11 30.52
C LEU A 113 -36.65 -30.15 31.39
N VAL A 114 -36.66 -28.87 31.02
CA VAL A 114 -36.06 -27.84 31.84
C VAL A 114 -37.11 -26.76 32.06
N VAL A 115 -37.43 -26.51 33.32
CA VAL A 115 -38.48 -25.56 33.67
C VAL A 115 -37.83 -24.20 33.94
N ASN A 116 -38.22 -23.22 33.15
CA ASN A 116 -37.70 -21.87 33.22
C ASN A 116 -38.43 -21.14 34.34
N ALA A 117 -37.74 -20.95 35.45
CA ALA A 117 -38.27 -20.25 36.62
C ALA A 117 -37.46 -19.01 36.94
N ASP A 118 -36.78 -18.44 35.95
CA ASP A 118 -35.91 -17.31 36.20
C ASP A 118 -36.72 -16.05 36.49
N GLU A 119 -37.64 -15.70 35.57
CA GLU A 119 -38.64 -14.64 35.75
C GLU A 119 -37.99 -13.29 36.07
N GLY A 120 -37.19 -12.81 35.13
CA GLY A 120 -36.49 -11.57 35.35
C GLY A 120 -37.19 -10.36 34.80
N GLU A 121 -38.37 -10.53 34.23
CA GLU A 121 -39.04 -9.45 33.52
C GLU A 121 -39.61 -8.44 34.52
N PRO A 122 -39.30 -7.16 34.38
CA PRO A 122 -39.91 -6.15 35.24
C PRO A 122 -41.41 -6.08 35.01
N GLY A 123 -42.16 -6.08 36.10
CA GLY A 123 -43.58 -6.26 36.07
C GLY A 123 -44.02 -7.65 36.44
N THR A 124 -43.19 -8.66 36.18
CA THR A 124 -43.60 -10.06 36.23
C THR A 124 -43.22 -10.66 37.58
N CYS A 125 -44.21 -11.15 38.32
CA CYS A 125 -44.00 -11.81 39.60
C CYS A 125 -44.95 -12.98 39.80
N LYS A 126 -45.36 -13.65 38.71
CA LYS A 126 -46.35 -14.72 38.78
C LYS A 126 -45.75 -16.11 39.03
N ASP A 127 -44.58 -16.40 38.46
CA ASP A 127 -43.98 -17.70 38.63
C ASP A 127 -43.43 -17.86 40.03
N ARG A 128 -43.04 -16.75 40.65
CA ARG A 128 -42.76 -16.72 42.08
C ARG A 128 -43.96 -17.21 42.89
N GLU A 129 -45.17 -16.81 42.49
CA GLU A 129 -46.35 -17.22 43.23
C GLU A 129 -46.66 -18.69 42.99
N ILE A 130 -46.41 -19.18 41.77
CA ILE A 130 -46.65 -20.60 41.49
C ILE A 130 -45.66 -21.46 42.27
N ILE A 131 -44.38 -21.09 42.27
CA ILE A 131 -43.37 -21.86 43.00
C ILE A 131 -43.59 -21.78 44.50
N ARG A 132 -43.98 -20.61 44.99
CA ARG A 132 -44.07 -20.40 46.42
C ARG A 132 -45.34 -20.99 47.01
N HIS A 133 -46.44 -21.00 46.26
CA HIS A 133 -47.74 -21.36 46.82
C HIS A 133 -48.36 -22.59 46.21
N ASP A 134 -48.01 -22.97 44.98
CA ASP A 134 -48.49 -24.21 44.37
C ASP A 134 -47.33 -25.04 43.84
N PRO A 135 -46.43 -25.51 44.72
CA PRO A 135 -45.20 -26.11 44.20
C PRO A 135 -45.42 -27.51 43.67
N HIS A 136 -46.31 -28.26 44.30
CA HIS A 136 -46.63 -29.61 43.84
C HIS A 136 -47.33 -29.60 42.50
N LYS A 137 -48.03 -28.51 42.18
CA LYS A 137 -48.61 -28.35 40.85
C LYS A 137 -47.51 -28.24 39.81
N LEU A 138 -46.42 -27.54 40.15
CA LEU A 138 -45.27 -27.47 39.25
C LEU A 138 -44.55 -28.81 39.15
N VAL A 139 -44.46 -29.56 40.26
CA VAL A 139 -43.77 -30.84 40.23
C VAL A 139 -44.57 -31.87 39.42
N GLU A 140 -45.89 -31.88 39.58
CA GLU A 140 -46.74 -32.74 38.77
C GLU A 140 -46.72 -32.32 37.31
N GLY A 141 -46.60 -31.02 37.04
CA GLY A 141 -46.41 -30.56 35.68
C GLY A 141 -45.10 -31.04 35.08
N CYS A 142 -44.04 -31.04 35.89
CA CYS A 142 -42.76 -31.59 35.45
C CYS A 142 -42.89 -33.05 35.09
N LEU A 143 -43.60 -33.82 35.91
CA LEU A 143 -43.77 -35.25 35.65
C LEU A 143 -44.60 -35.50 34.39
N VAL A 144 -45.72 -34.80 34.25
CA VAL A 144 -46.61 -35.01 33.10
C VAL A 144 -45.96 -34.53 31.81
N GLY A 145 -45.30 -33.36 31.85
CA GLY A 145 -44.61 -32.87 30.67
C GLY A 145 -43.42 -33.72 30.27
N GLY A 146 -42.64 -34.18 31.25
CA GLY A 146 -41.52 -35.04 30.95
C GLY A 146 -41.91 -36.42 30.49
N ARG A 147 -43.09 -36.89 30.90
CA ARG A 147 -43.64 -38.10 30.30
C ARG A 147 -44.09 -37.85 28.87
N ALA A 148 -44.65 -36.67 28.61
CA ALA A 148 -45.11 -36.33 27.26
C ALA A 148 -43.94 -36.24 26.29
N MET A 149 -42.80 -35.74 26.74
CA MET A 149 -41.66 -35.54 25.89
C MET A 149 -40.62 -36.64 26.07
N GLY A 150 -40.92 -37.67 26.86
CA GLY A 150 -39.99 -38.75 27.09
C GLY A 150 -38.78 -38.37 27.90
N ALA A 151 -38.86 -37.32 28.69
CA ALA A 151 -37.70 -36.78 29.37
C ALA A 151 -37.29 -37.64 30.55
N ARG A 152 -35.98 -37.69 30.78
CA ARG A 152 -35.44 -38.45 31.90
C ARG A 152 -35.67 -37.71 33.22
N ALA A 153 -35.42 -36.42 33.24
CA ALA A 153 -35.48 -35.66 34.48
C ALA A 153 -35.95 -34.24 34.18
N ALA A 154 -36.22 -33.50 35.24
CA ALA A 154 -36.58 -32.09 35.15
C ALA A 154 -35.55 -31.26 35.90
N TYR A 155 -35.03 -30.24 35.24
CA TYR A 155 -34.20 -29.23 35.87
C TYR A 155 -35.01 -27.95 35.97
N ILE A 156 -35.42 -27.59 37.18
CA ILE A 156 -36.14 -26.34 37.39
C ILE A 156 -35.07 -25.28 37.67
N TYR A 157 -34.78 -24.46 36.66
CA TYR A 157 -33.81 -23.38 36.83
C TYR A 157 -34.52 -22.24 37.50
N ILE A 158 -34.37 -22.15 38.79
CA ILE A 158 -35.03 -21.08 39.53
C ILE A 158 -34.07 -19.92 39.68
N ARG A 159 -34.64 -18.72 39.76
CA ARG A 159 -33.89 -17.52 40.07
C ARG A 159 -33.20 -17.63 41.41
N GLY A 160 -31.95 -17.18 41.47
CA GLY A 160 -31.22 -17.25 42.73
C GLY A 160 -31.71 -16.27 43.77
N GLU A 161 -32.35 -15.18 43.33
CA GLU A 161 -32.97 -14.26 44.28
C GLU A 161 -34.18 -14.87 44.96
N PHE A 162 -34.81 -15.87 44.33
CA PHE A 162 -35.95 -16.56 44.91
C PHE A 162 -35.44 -17.72 45.78
N TYR A 163 -34.75 -17.36 46.87
CA TYR A 163 -34.15 -18.39 47.70
C TYR A 163 -35.21 -19.10 48.54
N ASN A 164 -36.11 -18.33 49.15
CA ASN A 164 -37.17 -18.92 49.96
C ASN A 164 -38.13 -19.71 49.09
N GLU A 165 -38.37 -19.24 47.87
CA GLU A 165 -39.17 -19.98 46.91
C GLU A 165 -38.48 -21.26 46.47
N ALA A 166 -37.15 -21.23 46.32
CA ALA A 166 -36.42 -22.44 45.92
C ALA A 166 -36.41 -23.48 47.03
N SER A 167 -36.22 -23.05 48.28
CA SER A 167 -36.30 -23.99 49.39
C SER A 167 -37.71 -24.50 49.59
N ASN A 168 -38.70 -23.66 49.31
CA ASN A 168 -40.11 -24.03 49.33
C ASN A 168 -40.39 -25.15 48.32
N LEU A 169 -39.91 -24.97 47.09
CA LEU A 169 -40.02 -25.99 46.05
C LEU A 169 -39.24 -27.25 46.39
N GLN A 170 -38.09 -27.11 47.06
CA GLN A 170 -37.32 -28.29 47.46
C GLN A 170 -38.02 -29.10 48.54
N VAL A 171 -38.72 -28.43 49.47
CA VAL A 171 -39.51 -29.16 50.46
C VAL A 171 -40.64 -29.91 49.78
N ALA A 172 -41.29 -29.29 48.78
CA ALA A 172 -42.33 -29.99 48.05
C ALA A 172 -41.78 -31.14 47.21
N ILE A 173 -40.58 -31.00 46.67
CA ILE A 173 -39.96 -32.09 45.92
C ILE A 173 -39.56 -33.24 46.85
N ARG A 174 -39.13 -32.93 48.07
CA ARG A 174 -38.88 -33.97 49.06
C ARG A 174 -40.16 -34.70 49.43
N GLU A 175 -41.27 -33.96 49.56
CA GLU A 175 -42.56 -34.60 49.81
C GLU A 175 -43.02 -35.44 48.64
N ALA A 176 -42.69 -35.05 47.41
CA ALA A 176 -43.08 -35.84 46.25
C ALA A 176 -42.23 -37.10 46.10
N TYR A 177 -40.95 -37.03 46.48
CA TYR A 177 -40.13 -38.23 46.47
C TYR A 177 -40.52 -39.19 47.59
N GLU A 178 -40.83 -38.66 48.78
CA GLU A 178 -41.18 -39.54 49.89
C GLU A 178 -42.55 -40.17 49.74
N ALA A 179 -43.41 -39.60 48.90
CA ALA A 179 -44.70 -40.21 48.59
C ALA A 179 -44.66 -41.10 47.37
N GLY A 180 -43.49 -41.25 46.74
CA GLY A 180 -43.39 -42.04 45.54
C GLY A 180 -44.01 -41.40 44.32
N LEU A 181 -44.25 -40.09 44.35
CA LEU A 181 -44.89 -39.42 43.22
C LEU A 181 -43.90 -39.12 42.11
N ILE A 182 -42.63 -38.91 42.46
CA ILE A 182 -41.56 -38.76 41.49
C ILE A 182 -40.41 -39.68 41.92
N GLY A 183 -39.45 -39.84 41.02
CA GLY A 183 -38.31 -40.69 41.30
C GLY A 183 -38.41 -42.05 40.63
N LYS A 184 -37.88 -43.06 41.29
CA LYS A 184 -38.02 -44.44 40.83
C LYS A 184 -39.48 -44.85 40.93
N ASN A 185 -40.04 -45.27 39.79
CA ASN A 185 -41.44 -45.70 39.65
C ASN A 185 -42.40 -44.60 40.10
N ALA A 186 -42.39 -43.51 39.33
CA ALA A 186 -43.14 -42.31 39.67
C ALA A 186 -44.64 -42.56 39.57
N CYS A 187 -45.34 -42.36 40.68
CA CYS A 187 -46.78 -42.58 40.85
C CYS A 187 -47.20 -44.02 40.58
N GLY A 188 -46.28 -44.97 40.72
CA GLY A 188 -46.61 -46.36 40.46
C GLY A 188 -46.83 -46.69 39.00
N SER A 189 -46.21 -45.94 38.09
CA SER A 189 -46.44 -46.08 36.67
C SER A 189 -45.31 -46.79 35.93
N GLY A 190 -44.21 -47.08 36.61
CA GLY A 190 -43.08 -47.67 35.94
C GLY A 190 -42.25 -46.71 35.11
N TYR A 191 -42.44 -45.40 35.30
CA TYR A 191 -41.67 -44.37 34.60
C TYR A 191 -40.79 -43.66 35.62
N ASP A 192 -39.48 -43.65 35.38
CA ASP A 192 -38.54 -43.07 36.31
C ASP A 192 -38.28 -41.61 35.93
N PHE A 193 -38.34 -40.73 36.91
CA PHE A 193 -38.28 -39.30 36.60
C PHE A 193 -37.80 -38.53 37.81
N ASP A 194 -36.65 -37.86 37.69
CA ASP A 194 -36.14 -37.00 38.74
C ASP A 194 -36.55 -35.55 38.48
N VAL A 195 -36.55 -34.76 39.56
CA VAL A 195 -36.82 -33.33 39.46
C VAL A 195 -35.72 -32.60 40.20
N PHE A 196 -34.89 -31.87 39.47
CA PHE A 196 -33.78 -31.11 40.04
C PHE A 196 -34.12 -29.63 40.07
N VAL A 197 -33.57 -28.93 41.05
CA VAL A 197 -33.69 -27.48 41.13
C VAL A 197 -32.30 -26.88 41.08
N VAL A 198 -32.04 -26.08 40.05
CA VAL A 198 -30.80 -25.34 39.91
C VAL A 198 -31.13 -23.87 40.16
N ARG A 199 -30.37 -23.24 41.04
CA ARG A 199 -30.58 -21.83 41.32
C ARG A 199 -29.72 -20.98 40.40
N GLY A 200 -30.28 -19.85 39.98
CA GLY A 200 -29.54 -18.88 39.22
C GLY A 200 -28.60 -18.07 40.09
N ALA A 201 -27.96 -17.10 39.48
CA ALA A 201 -27.03 -16.29 40.23
C ALA A 201 -27.12 -14.82 39.87
N GLY A 202 -28.30 -14.36 39.44
CA GLY A 202 -28.48 -12.95 39.18
C GLY A 202 -28.16 -12.51 37.77
N ALA A 203 -28.86 -13.09 36.80
CA ALA A 203 -28.78 -12.62 35.42
C ALA A 203 -30.16 -12.76 34.80
N TYR A 204 -30.71 -11.64 34.34
CA TYR A 204 -31.97 -11.65 33.60
C TYR A 204 -31.88 -12.41 32.29
N ILE A 205 -30.69 -12.41 31.66
CA ILE A 205 -30.50 -13.13 30.41
C ILE A 205 -30.59 -14.65 30.62
N CYS A 206 -30.35 -15.13 31.83
CA CYS A 206 -30.48 -16.56 32.08
C CYS A 206 -31.91 -17.03 32.14
N GLY A 207 -32.93 -16.27 31.73
CA GLY A 207 -34.25 -16.83 31.50
C GLY A 207 -34.50 -17.11 30.05
N GLU A 208 -33.73 -16.50 29.16
CA GLU A 208 -33.70 -16.92 27.77
C GLU A 208 -33.21 -18.35 27.73
N GLU A 209 -33.87 -19.18 26.91
CA GLU A 209 -33.83 -20.62 27.10
C GLU A 209 -32.45 -21.21 26.83
N THR A 210 -31.74 -20.70 25.83
CA THR A 210 -30.42 -21.24 25.55
C THR A 210 -29.39 -20.68 26.51
N ALA A 211 -29.53 -19.41 26.90
CA ALA A 211 -28.68 -18.86 27.95
C ALA A 211 -28.92 -19.54 29.28
N LEU A 212 -30.17 -19.95 29.53
CA LEU A 212 -30.47 -20.74 30.72
C LEU A 212 -29.80 -22.10 30.66
N ILE A 213 -29.82 -22.73 29.48
CA ILE A 213 -29.13 -24.00 29.28
C ILE A 213 -27.63 -23.85 29.52
N GLU A 214 -27.04 -22.76 29.03
CA GLU A 214 -25.61 -22.49 29.26
C GLU A 214 -25.33 -22.20 30.74
N SER A 215 -26.30 -21.61 31.44
CA SER A 215 -26.12 -21.36 32.87
C SER A 215 -26.22 -22.65 33.67
N ILE A 216 -27.07 -23.59 33.26
CA ILE A 216 -27.12 -24.89 33.92
C ILE A 216 -25.81 -25.63 33.71
N GLU A 217 -25.24 -25.53 32.51
CA GLU A 217 -23.97 -26.18 32.18
C GLU A 217 -22.76 -25.52 32.85
N GLY A 218 -22.90 -24.55 33.74
CA GLY A 218 -21.77 -24.04 34.47
C GLY A 218 -20.98 -22.97 33.76
N LYS A 219 -21.59 -22.27 32.82
CA LYS A 219 -20.94 -21.25 32.03
C LYS A 219 -21.64 -19.91 32.24
N GLN A 220 -21.08 -18.90 31.59
CA GLN A 220 -21.74 -17.62 31.45
C GLN A 220 -23.07 -17.79 30.73
N GLY A 221 -24.09 -17.09 31.20
CA GLY A 221 -25.41 -17.20 30.62
C GLY A 221 -25.55 -16.48 29.29
N LYS A 222 -24.80 -16.92 28.30
CA LYS A 222 -24.85 -16.35 26.97
C LYS A 222 -25.73 -17.22 26.10
N PRO A 223 -26.68 -16.64 25.38
CA PRO A 223 -27.56 -17.43 24.52
C PRO A 223 -26.82 -18.11 23.37
N ARG A 224 -27.25 -19.33 23.07
CA ARG A 224 -26.81 -20.03 21.88
C ARG A 224 -27.56 -19.50 20.67
N LEU A 225 -26.93 -19.60 19.50
CA LEU A 225 -27.62 -19.33 18.26
C LEU A 225 -28.54 -20.49 17.92
N LYS A 226 -29.69 -20.16 17.35
CA LYS A 226 -30.66 -21.16 16.91
C LYS A 226 -30.76 -21.14 15.40
N PRO A 227 -30.66 -22.28 14.71
CA PRO A 227 -30.45 -23.67 15.12
C PRO A 227 -29.05 -23.95 15.64
N PRO A 228 -28.88 -25.00 16.48
CA PRO A 228 -29.83 -26.00 16.98
C PRO A 228 -30.84 -25.49 17.99
N PHE A 229 -32.09 -25.84 17.75
CA PHE A 229 -33.10 -25.69 18.77
C PHE A 229 -32.84 -26.71 19.88
N PRO A 230 -33.27 -26.42 21.12
CA PRO A 230 -32.93 -27.31 22.24
C PRO A 230 -33.49 -28.72 22.13
N ALA A 231 -34.51 -28.95 21.31
CA ALA A 231 -35.00 -30.29 21.09
C ALA A 231 -34.00 -31.15 20.31
N ASP A 232 -33.07 -30.54 19.60
CA ASP A 232 -31.96 -31.25 18.98
C ASP A 232 -30.73 -31.25 19.89
N VAL A 233 -30.22 -30.06 20.21
CA VAL A 233 -29.07 -29.89 21.09
C VAL A 233 -29.48 -28.92 22.18
N GLY A 234 -29.73 -29.44 23.38
CA GLY A 234 -30.12 -28.59 24.49
C GLY A 234 -29.16 -28.69 25.65
N VAL A 235 -29.67 -28.99 26.84
CA VAL A 235 -28.82 -29.03 28.01
C VAL A 235 -27.95 -30.27 27.96
N PHE A 236 -26.65 -30.08 28.20
CA PHE A 236 -25.58 -31.08 28.07
C PHE A 236 -25.48 -31.65 26.67
N GLY A 237 -26.04 -30.98 25.67
CA GLY A 237 -26.11 -31.52 24.32
C GLY A 237 -27.22 -32.50 24.07
N CYS A 238 -28.11 -32.68 25.00
CA CYS A 238 -29.19 -33.65 24.96
C CYS A 238 -30.44 -33.01 24.37
N PRO A 239 -31.43 -33.80 23.94
CA PRO A 239 -32.73 -33.19 23.60
C PRO A 239 -33.39 -32.60 24.83
N THR A 240 -33.90 -31.38 24.69
CA THR A 240 -34.32 -30.58 25.82
C THR A 240 -35.50 -29.73 25.41
N THR A 241 -36.51 -29.64 26.27
CA THR A 241 -37.54 -28.61 26.13
C THR A 241 -37.48 -27.69 27.35
N VAL A 242 -37.25 -26.41 27.10
CA VAL A 242 -37.36 -25.40 28.14
C VAL A 242 -38.77 -24.84 28.10
N ALA A 243 -39.47 -24.89 29.22
CA ALA A 243 -40.84 -24.41 29.28
C ALA A 243 -41.05 -23.62 30.56
N ASN A 244 -41.89 -22.60 30.50
CA ASN A 244 -42.17 -21.73 31.64
C ASN A 244 -42.86 -22.50 32.77
N VAL A 245 -42.78 -21.95 33.98
CA VAL A 245 -43.46 -22.49 35.15
C VAL A 245 -44.96 -22.55 34.93
N GLU A 246 -45.54 -21.51 34.34
CA GLU A 246 -46.99 -21.46 34.19
C GLU A 246 -47.48 -22.44 33.14
N THR A 247 -46.78 -22.55 32.01
CA THR A 247 -47.21 -23.51 30.99
C THR A 247 -46.92 -24.95 31.37
N VAL A 248 -46.05 -25.20 32.34
CA VAL A 248 -45.82 -26.53 32.88
C VAL A 248 -46.86 -26.87 33.95
N ALA A 249 -47.16 -25.93 34.84
CA ALA A 249 -48.02 -26.19 35.98
C ALA A 249 -49.49 -26.29 35.60
N VAL A 250 -49.90 -25.76 34.44
CA VAL A 250 -51.29 -25.93 34.00
C VAL A 250 -51.53 -27.25 33.31
N SER A 251 -50.47 -27.95 32.90
CA SER A 251 -50.60 -29.19 32.14
C SER A 251 -51.22 -30.39 32.86
N PRO A 252 -51.06 -30.62 34.18
CA PRO A 252 -51.87 -31.67 34.80
C PRO A 252 -53.34 -31.33 34.87
N THR A 253 -53.67 -30.04 35.06
CA THR A 253 -55.07 -29.63 35.02
C THR A 253 -55.63 -29.75 33.61
N ILE A 254 -54.81 -29.52 32.59
CA ILE A 254 -55.25 -29.74 31.22
C ILE A 254 -55.48 -31.23 30.97
N CYS A 255 -54.62 -32.09 31.50
CA CYS A 255 -54.80 -33.53 31.29
C CYS A 255 -55.98 -34.09 32.08
N ARG A 256 -56.29 -33.50 33.24
CA ARG A 256 -57.43 -33.99 34.02
C ARG A 256 -58.75 -33.41 33.51
N ARG A 257 -58.84 -32.09 33.42
CA ARG A 257 -60.08 -31.43 33.02
C ARG A 257 -60.37 -31.60 31.53
N GLY A 258 -59.35 -31.85 30.72
CA GLY A 258 -59.54 -31.99 29.30
C GLY A 258 -59.04 -30.76 28.55
N GLY A 259 -58.57 -30.98 27.33
CA GLY A 259 -58.17 -29.87 26.49
C GLY A 259 -59.33 -29.04 26.01
N ALA A 260 -60.51 -29.66 25.85
CA ALA A 260 -61.69 -28.91 25.43
C ALA A 260 -62.18 -27.98 26.54
N TRP A 261 -61.90 -28.30 27.80
CA TRP A 261 -62.19 -27.38 28.89
C TRP A 261 -61.30 -26.16 28.83
N PHE A 262 -60.00 -26.36 28.59
CA PHE A 262 -59.05 -25.27 28.59
C PHE A 262 -59.22 -24.40 27.36
N ALA A 263 -59.62 -24.99 26.23
CA ALA A 263 -59.85 -24.23 25.02
C ALA A 263 -61.18 -23.50 25.01
N SER A 264 -62.02 -23.69 26.03
CA SER A 264 -63.30 -23.00 26.12
C SER A 264 -63.17 -21.58 26.64
N PHE A 265 -61.98 -21.18 27.08
CA PHE A 265 -61.75 -19.83 27.58
C PHE A 265 -60.94 -19.05 26.57
N GLY A 266 -61.17 -17.74 26.52
CA GLY A 266 -60.45 -16.87 25.60
C GLY A 266 -60.88 -17.05 24.15
N ARG A 267 -60.29 -16.23 23.29
CA ARG A 267 -60.60 -16.30 21.87
C ARG A 267 -59.90 -17.49 21.23
N GLU A 268 -60.17 -17.71 19.95
CA GLU A 268 -59.53 -18.79 19.23
C GLU A 268 -58.08 -18.42 18.95
N ARG A 269 -57.18 -19.41 19.09
CA ARG A 269 -55.72 -19.30 19.18
C ARG A 269 -55.27 -18.50 20.41
N ASN A 270 -56.17 -18.24 21.35
CA ASN A 270 -55.91 -17.47 22.55
C ASN A 270 -56.59 -18.16 23.71
N SER A 271 -56.31 -19.45 23.88
CA SER A 271 -57.11 -20.28 24.77
C SER A 271 -56.56 -20.27 26.19
N GLY A 272 -57.48 -20.37 27.15
CA GLY A 272 -57.14 -20.73 28.51
C GLY A 272 -57.28 -19.61 29.51
N THR A 273 -56.62 -19.80 30.64
CA THR A 273 -56.52 -18.80 31.69
C THR A 273 -55.10 -18.26 31.72
N LYS A 274 -54.92 -17.16 32.44
CA LYS A 274 -53.62 -16.50 32.46
C LYS A 274 -53.45 -15.79 33.78
N LEU A 275 -52.24 -15.84 34.33
CA LEU A 275 -51.90 -15.03 35.49
C LEU A 275 -51.48 -13.65 35.04
N PHE A 276 -52.04 -12.63 35.68
CA PHE A 276 -51.78 -11.24 35.37
C PHE A 276 -51.18 -10.58 36.60
N ASN A 277 -50.18 -9.75 36.39
CA ASN A 277 -49.48 -9.02 37.45
C ASN A 277 -49.74 -7.55 37.22
N ILE A 278 -50.74 -6.98 37.87
CA ILE A 278 -51.04 -5.56 37.70
C ILE A 278 -50.25 -4.82 38.76
N SER A 279 -49.24 -4.08 38.32
CA SER A 279 -48.39 -3.29 39.21
C SER A 279 -48.28 -1.87 38.66
N GLY A 280 -47.59 -1.03 39.40
CA GLY A 280 -47.42 0.36 39.03
C GLY A 280 -48.45 1.24 39.72
N HIS A 281 -49.11 2.08 38.94
CA HIS A 281 -50.02 3.10 39.48
C HIS A 281 -51.47 2.61 39.45
N VAL A 282 -51.72 1.56 40.21
CA VAL A 282 -53.06 1.10 40.50
C VAL A 282 -53.27 1.15 42.01
N ASN A 283 -54.53 1.05 42.41
CA ASN A 283 -54.85 1.15 43.83
C ASN A 283 -54.44 -0.12 44.57
N ASN A 284 -54.59 -1.28 43.93
CA ASN A 284 -54.31 -2.57 44.56
C ASN A 284 -53.47 -3.42 43.61
N PRO A 285 -52.14 -3.25 43.63
CA PRO A 285 -51.28 -4.07 42.77
C PRO A 285 -51.31 -5.54 43.19
N CYS A 286 -51.56 -6.42 42.24
CA CYS A 286 -51.86 -7.79 42.61
C CYS A 286 -51.57 -8.73 41.46
N THR A 287 -51.40 -10.01 41.82
CA THR A 287 -51.42 -11.11 40.87
C THR A 287 -52.80 -11.73 40.91
N VAL A 288 -53.38 -12.00 39.74
CA VAL A 288 -54.71 -12.57 39.67
C VAL A 288 -54.79 -13.49 38.45
N GLU A 289 -55.48 -14.61 38.60
CA GLU A 289 -55.77 -15.48 37.48
C GLU A 289 -57.06 -15.02 36.82
N GLU A 290 -57.06 -14.94 35.50
CA GLU A 290 -58.19 -14.38 34.78
C GLU A 290 -58.28 -15.07 33.43
N GLU A 291 -59.49 -15.06 32.85
CA GLU A 291 -59.71 -15.58 31.52
C GLU A 291 -58.90 -14.78 30.49
N MET A 292 -58.59 -15.43 29.38
CA MET A 292 -57.49 -15.02 28.50
C MET A 292 -57.77 -13.69 27.82
N SER A 293 -58.92 -13.56 27.16
CA SER A 293 -59.17 -12.37 26.34
C SER A 293 -59.95 -11.30 27.09
N VAL A 294 -59.67 -11.17 28.39
CA VAL A 294 -60.31 -10.15 29.23
C VAL A 294 -59.90 -8.77 28.76
N PRO A 295 -60.79 -7.77 28.78
CA PRO A 295 -60.36 -6.40 28.51
C PRO A 295 -59.39 -5.91 29.57
N LEU A 296 -58.46 -5.05 29.14
CA LEU A 296 -57.48 -4.47 30.04
C LEU A 296 -58.14 -3.53 31.04
N LYS A 297 -59.12 -2.75 30.59
CA LYS A 297 -59.85 -1.86 31.48
C LYS A 297 -60.64 -2.64 32.52
N GLU A 298 -61.28 -3.74 32.11
CA GLU A 298 -62.01 -4.58 33.03
C GLU A 298 -61.09 -5.23 34.05
N LEU A 299 -59.91 -5.66 33.60
CA LEU A 299 -58.94 -6.30 34.49
C LEU A 299 -58.43 -5.33 35.55
N ILE A 300 -58.05 -4.11 35.12
CA ILE A 300 -57.53 -3.10 36.03
C ILE A 300 -58.62 -2.62 36.99
N GLU A 301 -59.82 -2.35 36.47
CA GLU A 301 -60.87 -1.81 37.33
C GLU A 301 -61.54 -2.87 38.20
N LYS A 302 -61.37 -4.16 37.88
CA LYS A 302 -61.99 -5.20 38.68
C LYS A 302 -61.06 -5.80 39.71
N HIS A 303 -59.83 -6.16 39.31
CA HIS A 303 -58.95 -6.85 40.25
C HIS A 303 -57.93 -5.94 40.90
N ALA A 304 -57.61 -4.81 40.30
CA ALA A 304 -56.58 -3.93 40.82
C ALA A 304 -57.14 -2.68 41.48
N GLY A 305 -58.45 -2.52 41.53
CA GLY A 305 -59.03 -1.32 42.11
C GLY A 305 -58.95 -0.09 41.23
N GLY A 306 -58.59 -0.25 39.96
CA GLY A 306 -58.52 0.87 39.06
C GLY A 306 -57.22 1.65 39.16
N VAL A 307 -57.04 2.57 38.23
CA VAL A 307 -55.88 3.45 38.22
C VAL A 307 -56.02 4.47 39.33
N THR A 308 -54.90 4.82 39.97
CA THR A 308 -54.90 5.86 41.01
C THR A 308 -55.30 7.20 40.41
N GLY A 309 -56.40 7.75 40.91
CA GLY A 309 -56.98 8.95 40.34
C GLY A 309 -58.06 8.70 39.33
N GLY A 310 -58.55 7.48 39.20
CA GLY A 310 -59.57 7.15 38.24
C GLY A 310 -58.98 6.71 36.91
N TRP A 311 -59.87 6.25 36.02
CA TRP A 311 -59.43 5.83 34.69
C TRP A 311 -59.01 7.02 33.85
N ASP A 312 -59.54 8.21 34.12
CA ASP A 312 -59.13 9.40 33.41
C ASP A 312 -57.72 9.86 33.78
N ASN A 313 -57.17 9.34 34.87
CA ASN A 313 -55.80 9.62 35.26
C ASN A 313 -54.80 8.70 34.55
N LEU A 314 -55.25 7.80 33.69
CA LEU A 314 -54.35 6.86 33.03
C LEU A 314 -53.58 7.56 31.92
N LEU A 315 -52.25 7.40 31.92
CA LEU A 315 -51.40 7.87 30.85
C LEU A 315 -51.01 6.75 29.90
N ALA A 316 -50.41 5.68 30.43
CA ALA A 316 -49.95 4.59 29.58
C ALA A 316 -49.95 3.29 30.35
N VAL A 317 -49.96 2.19 29.61
CA VAL A 317 -49.86 0.85 30.18
C VAL A 317 -48.83 0.08 29.38
N ILE A 318 -47.84 -0.46 30.07
CA ILE A 318 -46.99 -1.49 29.48
C ILE A 318 -47.72 -2.81 29.68
N PRO A 319 -48.24 -3.43 28.63
CA PRO A 319 -49.22 -4.50 28.81
C PRO A 319 -48.64 -5.79 29.34
N GLY A 320 -47.42 -6.14 28.95
CA GLY A 320 -46.91 -7.44 29.29
C GLY A 320 -45.51 -7.54 29.83
N GLY A 321 -45.14 -6.63 30.71
CA GLY A 321 -43.78 -6.55 31.17
C GLY A 321 -42.92 -5.73 30.22
N SER A 322 -41.68 -5.50 30.67
CA SER A 322 -40.85 -4.41 30.17
C SER A 322 -40.55 -4.50 28.68
N SER A 323 -40.51 -5.71 28.12
CA SER A 323 -40.16 -5.87 26.72
C SER A 323 -41.31 -5.53 25.78
N THR A 324 -42.52 -5.37 26.28
CA THR A 324 -43.57 -5.00 25.35
C THR A 324 -43.67 -3.49 25.25
N PRO A 325 -43.95 -2.96 24.06
CA PRO A 325 -44.12 -1.51 23.92
C PRO A 325 -45.35 -1.02 24.67
N LEU A 326 -45.25 0.19 25.20
CA LEU A 326 -46.37 0.79 25.91
C LEU A 326 -47.51 1.13 24.97
N ILE A 327 -48.71 1.18 25.51
CA ILE A 327 -49.87 1.67 24.76
C ILE A 327 -50.51 2.78 25.57
N PRO A 328 -50.98 3.86 24.93
CA PRO A 328 -51.56 4.98 25.66
C PRO A 328 -52.99 4.66 26.06
N LYS A 329 -53.63 5.65 26.71
CA LYS A 329 -54.96 5.48 27.28
C LYS A 329 -56.02 5.24 26.20
N SER A 330 -55.83 5.78 25.00
CA SER A 330 -56.80 5.60 23.93
C SER A 330 -56.81 4.16 23.41
N VAL A 331 -55.69 3.45 23.51
CA VAL A 331 -55.64 2.06 23.09
C VAL A 331 -56.15 1.16 24.20
N CYS A 332 -55.88 1.52 25.46
CA CYS A 332 -56.24 0.71 26.62
C CYS A 332 -57.74 0.65 26.89
N GLU A 333 -58.54 1.48 26.22
CA GLU A 333 -59.96 1.56 26.53
C GLU A 333 -60.71 0.31 26.05
N THR A 334 -60.32 -0.25 24.91
CA THR A 334 -61.05 -1.36 24.31
C THR A 334 -60.19 -2.59 24.05
N VAL A 335 -58.93 -2.60 24.44
CA VAL A 335 -58.02 -3.66 24.02
C VAL A 335 -58.21 -4.90 24.89
N LEU A 336 -58.04 -6.07 24.29
CA LEU A 336 -58.18 -7.34 24.98
C LEU A 336 -56.80 -7.90 25.33
N MET A 337 -56.72 -8.57 26.46
CA MET A 337 -55.42 -9.00 26.99
C MET A 337 -55.04 -10.41 26.58
N ASP A 338 -55.09 -10.71 25.28
CA ASP A 338 -54.51 -11.94 24.76
C ASP A 338 -53.39 -11.58 23.77
N PHE A 339 -52.88 -12.60 23.08
CA PHE A 339 -51.74 -12.40 22.18
C PHE A 339 -52.13 -11.58 20.95
N ASP A 340 -53.22 -11.96 20.29
CA ASP A 340 -53.54 -11.42 18.98
C ASP A 340 -54.04 -9.99 19.07
N ALA A 341 -54.84 -9.66 20.08
CA ALA A 341 -55.35 -8.29 20.18
C ALA A 341 -54.27 -7.31 20.61
N LEU A 342 -53.26 -7.78 21.33
CA LEU A 342 -52.15 -6.90 21.65
C LEU A 342 -51.14 -6.80 20.51
N ILE A 343 -51.03 -7.84 19.67
CA ILE A 343 -50.27 -7.70 18.43
C ILE A 343 -50.95 -6.70 17.50
N GLN A 344 -52.29 -6.72 17.45
CA GLN A 344 -53.01 -5.72 16.66
C GLN A 344 -52.92 -4.33 17.28
N ALA A 345 -52.66 -4.24 18.58
CA ALA A 345 -52.38 -2.97 19.24
C ALA A 345 -50.90 -2.58 19.16
N GLN A 346 -50.16 -3.19 18.22
CA GLN A 346 -48.72 -3.05 17.96
C GLN A 346 -47.89 -3.05 19.25
N THR A 347 -48.22 -4.01 20.11
CA THR A 347 -47.43 -4.34 21.30
C THR A 347 -47.45 -5.86 21.40
N GLY A 348 -47.10 -6.40 22.57
CA GLY A 348 -47.16 -7.82 22.78
C GLY A 348 -47.92 -8.15 24.04
N LEU A 349 -48.41 -9.40 24.11
CA LEU A 349 -48.95 -9.88 25.37
C LEU A 349 -47.85 -10.17 26.37
N GLY A 350 -46.78 -10.83 25.93
CA GLY A 350 -45.62 -11.03 26.76
C GLY A 350 -45.92 -11.91 27.96
N THR A 351 -45.46 -11.46 29.13
CA THR A 351 -45.66 -12.17 30.37
C THR A 351 -46.98 -11.81 31.04
N ALA A 352 -47.83 -11.03 30.36
CA ALA A 352 -49.09 -10.51 30.89
C ALA A 352 -48.88 -9.74 32.20
N ALA A 353 -47.85 -8.91 32.22
CA ALA A 353 -47.49 -8.11 33.37
C ALA A 353 -47.87 -6.67 33.07
N VAL A 354 -48.98 -6.23 33.66
CA VAL A 354 -49.58 -4.94 33.35
C VAL A 354 -48.95 -3.89 34.26
N ILE A 355 -48.13 -3.03 33.69
CA ILE A 355 -47.49 -1.94 34.42
C ILE A 355 -48.26 -0.67 34.08
N VAL A 356 -48.93 -0.09 35.07
CA VAL A 356 -49.85 1.03 34.86
C VAL A 356 -49.14 2.32 35.26
N MET A 357 -49.23 3.33 34.39
CA MET A 357 -48.51 4.58 34.55
C MET A 357 -49.52 5.71 34.42
N ASP A 358 -49.68 6.51 35.48
CA ASP A 358 -50.70 7.54 35.47
C ASP A 358 -50.14 8.85 34.92
N ARG A 359 -50.94 9.93 34.96
CA ARG A 359 -50.57 11.18 34.33
C ARG A 359 -49.42 11.90 35.03
N SER A 360 -49.14 11.55 36.29
CA SER A 360 -48.03 12.16 37.01
C SER A 360 -46.69 11.52 36.71
N THR A 361 -46.65 10.55 35.79
CA THR A 361 -45.43 9.83 35.49
C THR A 361 -44.59 10.60 34.47
N ASP A 362 -43.31 10.80 34.79
CA ASP A 362 -42.33 11.13 33.77
C ASP A 362 -42.11 9.86 32.96
N ILE A 363 -42.75 9.78 31.79
CA ILE A 363 -42.75 8.54 31.03
C ILE A 363 -41.40 8.32 30.34
N VAL A 364 -40.69 9.40 30.02
CA VAL A 364 -39.37 9.26 29.42
C VAL A 364 -38.38 8.73 30.47
N LYS A 365 -38.54 9.16 31.72
CA LYS A 365 -37.69 8.66 32.79
C LYS A 365 -37.96 7.18 33.06
N ALA A 366 -39.21 6.75 32.94
CA ALA A 366 -39.54 5.35 33.18
C ALA A 366 -39.04 4.46 32.06
N ILE A 367 -39.22 4.87 30.81
CA ILE A 367 -38.71 4.09 29.69
C ILE A 367 -37.18 4.13 29.67
N ALA A 368 -36.56 5.22 30.11
CA ALA A 368 -35.10 5.27 30.15
C ALA A 368 -34.55 4.42 31.28
N ARG A 369 -35.26 4.34 32.41
CA ARG A 369 -34.89 3.40 33.45
C ARG A 369 -35.02 1.97 32.97
N LEU A 370 -35.99 1.73 32.10
CA LEU A 370 -36.16 0.40 31.54
C LEU A 370 -35.03 0.06 30.58
N ILE A 371 -34.57 1.03 29.81
CA ILE A 371 -33.41 0.81 28.92
C ILE A 371 -32.13 0.69 29.75
N GLU A 372 -32.06 1.36 30.91
CA GLU A 372 -30.95 1.17 31.83
C GLU A 372 -30.94 -0.25 32.38
N PHE A 373 -32.12 -0.79 32.72
CA PHE A 373 -32.27 -2.21 33.05
C PHE A 373 -31.72 -3.10 31.94
N TYR A 374 -32.10 -2.81 30.70
CA TYR A 374 -31.66 -3.67 29.60
C TYR A 374 -30.18 -3.52 29.28
N LYS A 375 -29.51 -2.43 29.66
CA LYS A 375 -28.06 -2.49 29.49
C LYS A 375 -27.37 -3.09 30.70
N HIS A 376 -27.95 -3.02 31.89
CA HIS A 376 -27.38 -3.78 32.99
C HIS A 376 -27.68 -5.26 32.88
N GLU A 377 -28.72 -5.61 32.15
CA GLU A 377 -29.09 -7.00 31.91
C GLU A 377 -28.96 -7.23 30.42
N SER A 378 -27.74 -7.54 30.00
CA SER A 378 -27.36 -7.77 28.61
C SER A 378 -26.05 -8.52 28.71
N CYS A 379 -25.95 -9.69 28.09
CA CYS A 379 -24.79 -10.48 28.46
C CYS A 379 -23.54 -10.08 27.70
N GLY A 380 -23.66 -9.20 26.72
CA GLY A 380 -22.52 -8.67 26.02
C GLY A 380 -22.02 -9.52 24.89
N GLN A 381 -22.77 -10.54 24.48
CA GLN A 381 -22.26 -11.48 23.50
C GLN A 381 -22.22 -10.88 22.11
N CYS A 382 -23.36 -10.45 21.58
CA CYS A 382 -23.36 -9.99 20.20
C CYS A 382 -23.29 -8.47 20.13
N THR A 383 -22.73 -8.01 19.01
CA THR A 383 -22.46 -6.59 18.80
C THR A 383 -23.67 -5.66 18.89
N PRO A 384 -24.84 -5.92 18.25
CA PRO A 384 -25.90 -4.91 18.29
C PRO A 384 -26.47 -4.67 19.67
N CYS A 385 -26.61 -5.69 20.50
CA CYS A 385 -27.08 -5.44 21.86
C CYS A 385 -25.99 -4.83 22.73
N ARG A 386 -24.80 -5.45 22.74
CA ARG A 386 -23.67 -5.00 23.57
C ARG A 386 -23.32 -3.53 23.34
N GLU A 387 -23.38 -3.07 22.09
CA GLU A 387 -23.07 -1.69 21.81
C GLU A 387 -24.32 -0.81 21.77
N GLY A 388 -25.37 -1.24 21.05
CA GLY A 388 -26.51 -0.39 20.83
C GLY A 388 -27.44 -0.23 22.01
N VAL A 389 -27.49 -1.19 22.94
CA VAL A 389 -28.36 -1.01 24.09
C VAL A 389 -27.74 0.03 25.04
N ASP A 390 -26.42 0.03 25.17
CA ASP A 390 -25.75 1.08 25.92
C ASP A 390 -25.88 2.42 25.19
N TRP A 391 -25.82 2.42 23.86
CA TRP A 391 -25.94 3.67 23.13
C TRP A 391 -27.37 4.21 23.18
N MET A 392 -28.37 3.33 23.15
CA MET A 392 -29.74 3.76 23.40
C MET A 392 -29.93 4.26 24.82
N ASN A 393 -29.23 3.68 25.80
CA ASN A 393 -29.37 4.19 27.17
C ASN A 393 -28.77 5.57 27.30
N LYS A 394 -27.66 5.84 26.60
CA LYS A 394 -27.07 7.17 26.63
C LYS A 394 -27.98 8.20 25.95
N VAL A 395 -28.59 7.81 24.82
CA VAL A 395 -29.54 8.70 24.13
C VAL A 395 -30.80 8.93 24.98
N MET A 396 -31.28 7.89 25.66
CA MET A 396 -32.44 8.04 26.52
C MET A 396 -32.14 8.85 27.77
N ALA A 397 -30.91 8.74 28.30
CA ALA A 397 -30.51 9.56 29.43
C ALA A 397 -30.40 11.02 29.03
N ARG A 398 -30.05 11.30 27.77
CA ARG A 398 -30.15 12.69 27.32
C ARG A 398 -31.58 13.10 27.01
N PHE A 399 -32.44 12.15 26.62
CA PHE A 399 -33.83 12.51 26.33
C PHE A 399 -34.62 12.82 27.59
N VAL A 400 -34.24 12.24 28.73
CA VAL A 400 -34.89 12.58 30.00
C VAL A 400 -34.64 14.04 30.34
N ARG A 401 -33.39 14.47 30.25
CA ARG A 401 -33.06 15.87 30.52
C ARG A 401 -33.49 16.78 29.39
N GLY A 402 -33.74 16.25 28.20
CA GLY A 402 -33.96 17.07 27.03
C GLY A 402 -32.70 17.54 26.35
N ASP A 403 -31.54 17.01 26.75
CA ASP A 403 -30.24 17.47 26.25
C ASP A 403 -29.96 16.82 24.89
N ALA A 404 -30.76 17.22 23.90
CA ALA A 404 -30.75 16.61 22.58
C ALA A 404 -31.48 17.53 21.62
N ARG A 405 -31.57 17.09 20.37
CA ARG A 405 -32.29 17.80 19.33
C ARG A 405 -33.19 16.82 18.60
N PRO A 406 -34.32 17.27 18.04
CA PRO A 406 -35.35 16.33 17.55
C PRO A 406 -34.92 15.39 16.45
N ALA A 407 -33.88 15.72 15.67
CA ALA A 407 -33.35 14.80 14.68
C ALA A 407 -32.76 13.55 15.29
N GLU A 408 -32.43 13.58 16.58
CA GLU A 408 -31.96 12.39 17.27
C GLU A 408 -33.08 11.44 17.67
N ILE A 409 -34.35 11.83 17.51
CA ILE A 409 -35.43 10.88 17.81
C ILE A 409 -35.47 9.80 16.75
N ASP A 410 -35.61 10.19 15.48
CA ASP A 410 -35.67 9.24 14.38
C ASP A 410 -34.39 8.43 14.26
N SER A 411 -33.25 9.10 14.53
CA SER A 411 -31.96 8.43 14.69
C SER A 411 -32.04 7.29 15.68
N LEU A 412 -32.59 7.58 16.87
CA LEU A 412 -32.78 6.54 17.88
C LEU A 412 -33.69 5.44 17.38
N TRP A 413 -34.73 5.82 16.63
CA TRP A 413 -35.62 4.86 15.99
C TRP A 413 -34.83 3.90 15.12
N GLU A 414 -33.96 4.46 14.27
CA GLU A 414 -33.14 3.64 13.38
C GLU A 414 -32.18 2.77 14.17
N ILE A 415 -31.66 3.29 15.30
CA ILE A 415 -30.76 2.49 16.14
C ILE A 415 -31.51 1.29 16.69
N SER A 416 -32.77 1.49 17.09
CA SER A 416 -33.58 0.37 17.58
C SER A 416 -33.83 -0.63 16.45
N LYS A 417 -34.04 -0.13 15.23
CA LYS A 417 -34.25 -1.02 14.11
C LYS A 417 -32.96 -1.71 13.68
N GLN A 418 -31.81 -1.19 14.09
CA GLN A 418 -30.57 -1.90 13.84
C GLN A 418 -30.25 -2.91 14.91
N ILE A 419 -30.98 -2.92 16.01
CA ILE A 419 -30.83 -3.94 17.03
C ILE A 419 -31.87 -5.05 16.86
N GLU A 420 -33.09 -4.66 16.49
CA GLU A 420 -34.20 -5.59 16.34
C GLU A 420 -33.96 -6.54 15.18
N GLY A 421 -33.97 -7.83 15.46
CA GLY A 421 -33.79 -8.84 14.44
C GLY A 421 -32.36 -9.10 14.03
N HIS A 422 -31.39 -8.36 14.57
CA HIS A 422 -30.00 -8.52 14.21
C HIS A 422 -29.17 -9.15 15.31
N THR A 423 -29.80 -9.56 16.40
CA THR A 423 -29.12 -10.07 17.58
C THR A 423 -29.26 -11.58 17.67
N ILE A 424 -28.58 -12.17 18.65
CA ILE A 424 -28.65 -13.60 18.85
C ILE A 424 -29.99 -13.98 19.49
N CYS A 425 -30.35 -13.36 20.60
CA CYS A 425 -31.65 -13.62 21.20
C CYS A 425 -32.47 -12.35 21.23
N ALA A 426 -33.64 -12.45 21.83
CA ALA A 426 -34.65 -11.41 21.76
C ALA A 426 -34.54 -10.38 22.88
N LEU A 427 -33.43 -10.34 23.61
CA LEU A 427 -33.21 -9.23 24.52
C LEU A 427 -32.95 -7.94 23.76
N GLY A 428 -32.31 -8.04 22.60
CA GLY A 428 -32.17 -6.87 21.75
C GLY A 428 -33.50 -6.38 21.23
N ASP A 429 -34.39 -7.32 20.86
CA ASP A 429 -35.76 -6.97 20.50
C ASP A 429 -36.48 -6.35 21.69
N GLY A 430 -36.32 -6.95 22.87
CA GLY A 430 -36.98 -6.48 24.07
C GLY A 430 -36.42 -5.19 24.62
N ALA A 431 -35.26 -4.74 24.14
CA ALA A 431 -34.77 -3.41 24.45
C ALA A 431 -35.15 -2.41 23.38
N ALA A 432 -35.26 -2.83 22.12
CA ALA A 432 -35.63 -1.92 21.05
C ALA A 432 -37.11 -1.56 21.13
N TRP A 433 -37.95 -2.52 21.50
CA TRP A 433 -39.40 -2.29 21.54
C TRP A 433 -39.90 -1.22 22.52
N PRO A 434 -39.37 -1.05 23.75
CA PRO A 434 -39.87 0.07 24.56
C PRO A 434 -39.50 1.43 24.00
N VAL A 435 -38.31 1.55 23.41
CA VAL A 435 -37.90 2.75 22.70
C VAL A 435 -38.87 3.07 21.58
N GLN A 436 -39.25 2.04 20.81
CA GLN A 436 -40.13 2.24 19.67
C GLN A 436 -41.54 2.61 20.12
N GLY A 437 -42.02 1.99 21.20
CA GLY A 437 -43.33 2.35 21.73
C GLY A 437 -43.37 3.76 22.29
N LEU A 438 -42.30 4.17 22.98
CA LEU A 438 -42.23 5.52 23.53
C LEU A 438 -42.17 6.56 22.43
N ILE A 439 -41.36 6.33 21.40
CA ILE A 439 -41.28 7.27 20.27
C ILE A 439 -42.63 7.34 19.56
N ARG A 440 -43.21 6.18 19.27
CA ARG A 440 -44.45 6.09 18.48
C ARG A 440 -45.64 6.74 19.18
N HIS A 441 -45.71 6.66 20.50
CA HIS A 441 -46.87 7.23 21.18
C HIS A 441 -46.58 8.54 21.91
N PHE A 442 -45.32 8.95 22.07
CA PHE A 442 -45.00 10.13 22.85
C PHE A 442 -43.85 10.92 22.24
N ARG A 443 -43.73 10.93 20.91
CA ARG A 443 -42.84 11.89 20.26
C ARG A 443 -43.07 13.36 20.61
N PRO A 444 -44.32 13.89 20.69
CA PRO A 444 -44.44 15.33 21.07
C PRO A 444 -43.97 15.65 22.47
N GLU A 445 -44.05 14.71 23.40
CA GLU A 445 -43.59 14.99 24.75
C GLU A 445 -42.06 15.02 24.82
N LEU A 446 -41.42 14.14 24.07
CA LEU A 446 -39.97 14.20 23.86
C LEU A 446 -39.55 15.53 23.23
N GLU A 447 -40.31 15.98 22.23
CA GLU A 447 -39.96 17.21 21.52
C GLU A 447 -40.14 18.45 22.41
N GLU A 448 -41.20 18.48 23.23
CA GLU A 448 -41.37 19.64 24.10
C GLU A 448 -40.39 19.61 25.26
N ARG A 449 -39.98 18.42 25.71
CA ARG A 449 -38.88 18.29 26.66
C ARG A 449 -37.60 18.90 26.12
N MET A 450 -37.24 18.55 24.88
CA MET A 450 -36.00 19.04 24.29
C MET A 450 -36.08 20.53 24.00
N GLN A 451 -37.23 21.04 23.56
CA GLN A 451 -37.28 22.46 23.26
C GLN A 451 -37.34 23.30 24.53
N ARG A 452 -37.88 22.77 25.64
CA ARG A 452 -37.78 23.58 26.85
C ARG A 452 -36.38 23.52 27.45
N PHE A 453 -35.66 22.41 27.26
CA PHE A 453 -34.23 22.39 27.57
C PHE A 453 -33.48 23.43 26.76
N ALA A 454 -33.79 23.53 25.47
CA ALA A 454 -33.09 24.45 24.58
C ALA A 454 -33.41 25.91 24.92
N GLN A 455 -34.63 26.19 25.36
CA GLN A 455 -34.94 27.59 25.66
C GLN A 455 -34.52 28.00 27.07
N GLN A 456 -34.35 27.06 28.01
CA GLN A 456 -33.87 27.46 29.32
C GLN A 456 -32.38 27.19 29.53
N HIS A 457 -31.69 26.64 28.54
CA HIS A 457 -30.25 26.43 28.64
C HIS A 457 -29.47 27.11 27.53
N GLN A 458 -30.11 27.87 26.65
CA GLN A 458 -29.41 28.67 25.65
C GLN A 458 -29.98 30.07 25.58
N ALA B 34 -16.43 -2.54 41.19
CA ALA B 34 -17.03 -2.29 39.88
C ALA B 34 -16.07 -2.68 38.76
N LEU B 35 -14.94 -3.26 39.13
CA LEU B 35 -13.92 -3.65 38.17
C LEU B 35 -14.05 -5.13 37.85
N PHE B 36 -13.62 -5.51 36.65
CA PHE B 36 -13.67 -6.90 36.22
C PHE B 36 -12.29 -7.45 35.90
N VAL B 37 -11.24 -6.85 36.48
CA VAL B 37 -9.93 -7.45 36.57
C VAL B 37 -9.66 -7.66 38.06
N HIS B 38 -8.77 -8.60 38.35
CA HIS B 38 -8.32 -8.81 39.71
C HIS B 38 -6.89 -8.30 39.88
N ARG B 39 -6.66 -7.59 40.97
CA ARG B 39 -5.32 -7.23 41.41
C ARG B 39 -5.11 -7.83 42.79
N ASP B 40 -3.93 -8.44 42.99
CA ASP B 40 -3.65 -9.10 44.26
C ASP B 40 -3.43 -8.07 45.35
N THR B 41 -4.28 -8.10 46.35
CA THR B 41 -4.15 -7.35 47.59
C THR B 41 -3.79 -8.31 48.71
N PRO B 42 -3.28 -7.81 49.85
CA PRO B 42 -2.98 -8.74 50.97
C PRO B 42 -4.20 -9.42 51.57
N LYS B 43 -5.41 -8.91 51.35
CA LYS B 43 -6.61 -9.58 51.80
C LYS B 43 -7.37 -10.28 50.68
N ASN B 44 -6.87 -10.23 49.45
CA ASN B 44 -7.47 -10.95 48.34
C ASN B 44 -6.34 -11.32 47.38
N ASN B 45 -5.87 -12.56 47.49
CA ASN B 45 -4.78 -13.07 46.69
C ASN B 45 -4.94 -14.58 46.61
N PRO B 46 -4.22 -15.28 45.72
CA PRO B 46 -4.33 -16.74 45.69
C PRO B 46 -3.74 -17.47 46.89
N GLU B 47 -3.16 -16.77 47.87
CA GLU B 47 -2.76 -17.39 49.12
C GLU B 47 -3.65 -16.97 50.28
N THR B 48 -4.78 -16.32 50.00
CA THR B 48 -5.78 -16.06 51.01
C THR B 48 -6.36 -17.39 51.48
N PRO B 49 -6.44 -17.64 52.79
CA PRO B 49 -6.95 -18.94 53.25
C PRO B 49 -8.43 -19.16 53.00
N PHE B 50 -8.74 -20.10 52.12
CA PHE B 50 -10.09 -20.59 51.93
C PHE B 50 -10.06 -22.11 51.80
N ASP B 51 -11.00 -22.75 52.47
CA ASP B 51 -11.26 -24.18 52.29
C ASP B 51 -12.67 -24.45 52.80
N PHE B 52 -13.34 -25.40 52.16
CA PHE B 52 -14.69 -25.75 52.58
C PHE B 52 -14.65 -26.53 53.88
N THR B 53 -15.73 -26.43 54.64
CA THR B 53 -15.93 -27.31 55.78
C THR B 53 -16.34 -28.69 55.27
N PRO B 54 -16.15 -29.76 56.06
CA PRO B 54 -16.53 -31.11 55.58
C PRO B 54 -18.02 -31.29 55.30
N GLU B 55 -18.89 -30.61 56.05
CA GLU B 55 -20.31 -30.63 55.71
C GLU B 55 -20.55 -29.88 54.39
N ASN B 56 -19.75 -28.86 54.11
CA ASN B 56 -19.84 -28.23 52.79
C ASN B 56 -19.29 -29.14 51.70
N TYR B 57 -18.32 -30.00 52.01
CA TYR B 57 -17.90 -30.98 51.00
C TYR B 57 -18.98 -32.02 50.74
N LYS B 58 -19.74 -32.41 51.76
CA LYS B 58 -20.87 -33.31 51.52
C LYS B 58 -21.96 -32.63 50.70
N ARG B 59 -22.19 -31.33 50.94
CA ARG B 59 -23.13 -30.58 50.12
C ARG B 59 -22.64 -30.46 48.68
N ILE B 60 -21.32 -30.31 48.48
CA ILE B 60 -20.75 -30.24 47.13
C ILE B 60 -20.89 -31.57 46.42
N GLU B 61 -20.72 -32.69 47.13
CA GLU B 61 -20.94 -34.00 46.54
C GLU B 61 -22.39 -34.18 46.11
N ALA B 62 -23.33 -33.69 46.95
CA ALA B 62 -24.74 -33.72 46.57
C ALA B 62 -25.05 -32.84 45.36
N ILE B 63 -24.35 -31.71 45.23
CA ILE B 63 -24.53 -30.84 44.07
C ILE B 63 -24.03 -31.52 42.80
N VAL B 64 -22.82 -32.10 42.87
CA VAL B 64 -22.20 -32.73 41.71
C VAL B 64 -23.00 -33.95 41.26
N LYS B 65 -23.63 -34.67 42.18
CA LYS B 65 -24.46 -35.80 41.79
C LYS B 65 -25.77 -35.40 41.11
N ASN B 66 -26.11 -34.11 41.02
CA ASN B 66 -27.31 -33.73 40.28
C ASN B 66 -27.08 -33.65 38.77
N TYR B 67 -25.85 -33.81 38.31
CA TYR B 67 -25.52 -33.58 36.92
C TYR B 67 -24.94 -34.85 36.31
N PRO B 68 -25.04 -35.03 34.98
CA PRO B 68 -24.54 -36.26 34.36
C PRO B 68 -23.03 -36.40 34.45
N GLU B 69 -22.58 -37.65 34.37
CA GLU B 69 -21.17 -37.95 34.43
C GLU B 69 -20.47 -37.44 33.18
N GLY B 70 -19.41 -36.67 33.37
CA GLY B 70 -18.77 -35.98 32.26
C GLY B 70 -19.16 -34.53 32.13
N HIS B 71 -20.04 -34.04 33.00
CA HIS B 71 -20.48 -32.65 32.98
C HIS B 71 -20.45 -32.10 34.40
N LYS B 72 -19.31 -32.32 35.07
CA LYS B 72 -19.10 -31.80 36.41
C LYS B 72 -18.97 -30.29 36.43
N ALA B 73 -18.62 -29.68 35.29
CA ALA B 73 -18.55 -28.23 35.16
C ALA B 73 -19.90 -27.56 35.41
N ALA B 74 -20.99 -28.30 35.21
CA ALA B 74 -22.33 -27.81 35.51
C ALA B 74 -22.53 -27.49 36.98
N ALA B 75 -21.66 -27.98 37.87
CA ALA B 75 -21.71 -27.62 39.27
C ALA B 75 -20.87 -26.40 39.60
N VAL B 76 -20.49 -25.58 38.61
CA VAL B 76 -19.71 -24.38 38.93
C VAL B 76 -20.57 -23.35 39.65
N LEU B 77 -21.76 -23.05 39.12
CA LEU B 77 -22.59 -22.02 39.73
C LEU B 77 -23.11 -22.32 41.14
N PRO B 78 -23.57 -23.55 41.51
CA PRO B 78 -23.98 -23.74 42.92
C PRO B 78 -22.82 -23.74 43.89
N VAL B 79 -21.74 -24.48 43.56
CA VAL B 79 -20.63 -24.67 44.49
C VAL B 79 -19.92 -23.35 44.77
N LEU B 80 -19.74 -22.53 43.73
CA LEU B 80 -19.20 -21.19 43.92
C LEU B 80 -20.12 -20.34 44.78
N ASP B 81 -21.44 -20.48 44.57
CA ASP B 81 -22.40 -19.84 45.47
C ASP B 81 -22.32 -20.41 46.88
N LEU B 82 -22.04 -21.71 46.98
CA LEU B 82 -21.79 -22.31 48.28
C LEU B 82 -20.56 -21.69 48.92
N ALA B 83 -19.53 -21.39 48.11
CA ALA B 83 -18.35 -20.70 48.61
C ALA B 83 -18.67 -19.27 49.04
N GLN B 84 -19.73 -18.70 48.49
CA GLN B 84 -20.20 -17.41 48.97
C GLN B 84 -21.05 -17.54 50.22
N ARG B 85 -21.68 -18.69 50.43
CA ARG B 85 -22.51 -18.82 51.63
C ARG B 85 -21.69 -19.19 52.84
N GLN B 86 -20.53 -19.82 52.64
CA GLN B 86 -19.62 -20.08 53.74
C GLN B 86 -18.82 -18.84 54.13
N ASN B 87 -18.37 -18.07 53.15
CA ASN B 87 -17.42 -17.00 53.42
C ASN B 87 -18.05 -15.61 53.42
N GLY B 88 -19.22 -15.44 52.81
CA GLY B 88 -19.83 -14.15 52.66
C GLY B 88 -19.50 -13.46 51.34
N TRP B 89 -18.37 -13.82 50.73
CA TRP B 89 -17.91 -13.19 49.51
C TRP B 89 -16.90 -14.14 48.88
N LEU B 90 -16.39 -13.77 47.71
CA LEU B 90 -15.48 -14.64 46.96
C LEU B 90 -14.11 -14.01 46.78
N PRO B 91 -13.14 -14.33 47.62
CA PRO B 91 -11.75 -14.02 47.27
C PRO B 91 -11.29 -14.92 46.15
N ILE B 92 -10.11 -14.63 45.60
CA ILE B 92 -9.63 -15.55 44.58
C ILE B 92 -8.78 -16.62 45.26
N SER B 93 -9.45 -17.38 46.09
CA SER B 93 -9.08 -18.72 46.51
C SER B 93 -10.30 -19.60 46.57
N ALA B 94 -11.48 -19.01 46.73
CA ALA B 94 -12.72 -19.73 46.55
C ALA B 94 -12.93 -20.07 45.09
N MET B 95 -12.60 -19.13 44.20
CA MET B 95 -12.66 -19.40 42.77
C MET B 95 -11.67 -20.47 42.37
N ASN B 96 -10.46 -20.40 42.91
CA ASN B 96 -9.44 -21.40 42.62
C ASN B 96 -9.76 -22.74 43.25
N LYS B 97 -10.40 -22.76 44.42
CA LYS B 97 -10.78 -24.02 45.03
C LYS B 97 -11.94 -24.68 44.28
N VAL B 98 -12.90 -23.87 43.82
CA VAL B 98 -13.99 -24.39 43.00
C VAL B 98 -13.45 -24.92 41.67
N ALA B 99 -12.46 -24.23 41.09
CA ALA B 99 -11.82 -24.72 39.88
C ALA B 99 -11.03 -25.99 40.13
N GLU B 100 -10.44 -26.13 41.32
CA GLU B 100 -9.63 -27.30 41.63
C GLU B 100 -10.49 -28.52 41.90
N ILE B 101 -11.57 -28.38 42.68
CA ILE B 101 -12.35 -29.56 43.04
C ILE B 101 -13.31 -29.99 41.94
N LEU B 102 -13.58 -29.13 40.96
CA LEU B 102 -14.43 -29.49 39.84
C LEU B 102 -13.65 -29.80 38.57
N GLN B 103 -12.31 -29.66 38.62
CA GLN B 103 -11.39 -29.93 37.51
C GLN B 103 -11.75 -29.10 36.27
N VAL B 104 -12.12 -27.86 36.49
CA VAL B 104 -12.39 -26.92 35.41
C VAL B 104 -11.25 -25.90 35.44
N PRO B 105 -10.93 -25.24 34.32
CA PRO B 105 -9.88 -24.21 34.37
C PRO B 105 -10.31 -23.02 35.20
N PRO B 106 -9.38 -22.33 35.86
CA PRO B 106 -9.76 -21.22 36.73
C PRO B 106 -10.38 -20.05 36.00
N MET B 107 -10.03 -19.84 34.73
CA MET B 107 -10.65 -18.77 33.94
C MET B 107 -12.13 -19.01 33.73
N ARG B 108 -12.54 -20.28 33.63
CA ARG B 108 -13.95 -20.59 33.45
C ARG B 108 -14.75 -20.40 34.74
N VAL B 109 -14.09 -20.34 35.89
CA VAL B 109 -14.74 -19.94 37.12
C VAL B 109 -14.74 -18.42 37.27
N TYR B 110 -13.68 -17.76 36.77
CA TYR B 110 -13.60 -16.30 36.83
C TYR B 110 -14.67 -15.66 35.95
N GLU B 111 -14.95 -16.28 34.80
CA GLU B 111 -16.03 -15.85 33.92
C GLU B 111 -17.38 -15.89 34.62
N VAL B 112 -17.65 -16.98 35.34
CA VAL B 112 -18.91 -17.10 36.06
C VAL B 112 -18.98 -16.10 37.21
N ALA B 113 -17.88 -15.93 37.93
CA ALA B 113 -17.88 -15.04 39.09
C ALA B 113 -18.01 -13.58 38.70
N THR B 114 -17.54 -13.21 37.51
CA THR B 114 -17.73 -11.84 37.05
C THR B 114 -18.99 -11.65 36.22
N PHE B 115 -19.59 -12.72 35.71
CA PHE B 115 -20.78 -12.58 34.89
C PHE B 115 -22.01 -12.30 35.75
N TYR B 116 -22.13 -13.00 36.86
CA TYR B 116 -23.36 -13.03 37.64
C TYR B 116 -23.26 -12.05 38.79
N THR B 117 -24.32 -11.27 39.00
CA THR B 117 -24.27 -10.13 39.90
C THR B 117 -24.40 -10.47 41.37
N MET B 118 -24.62 -11.73 41.73
CA MET B 118 -24.68 -12.10 43.13
C MET B 118 -23.34 -12.43 43.74
N TYR B 119 -22.38 -12.84 42.93
CA TYR B 119 -21.10 -13.26 43.46
C TYR B 119 -20.34 -12.02 43.92
N ASN B 120 -20.21 -11.87 45.22
CA ASN B 120 -19.53 -10.72 45.80
C ASN B 120 -18.04 -10.96 45.70
N ARG B 121 -17.38 -10.27 44.77
CA ARG B 121 -15.95 -10.39 44.61
C ARG B 121 -15.18 -9.45 45.53
N LYS B 122 -15.89 -8.57 46.23
CA LYS B 122 -15.43 -7.76 47.34
C LYS B 122 -16.23 -8.12 48.59
N PRO B 123 -15.64 -8.01 49.78
CA PRO B 123 -16.38 -8.33 51.00
C PRO B 123 -17.47 -7.31 51.29
N VAL B 124 -18.72 -7.77 51.23
CA VAL B 124 -19.87 -6.95 51.55
C VAL B 124 -20.15 -7.03 53.05
N GLY B 125 -21.03 -6.16 53.55
CA GLY B 125 -21.42 -6.17 54.93
C GLY B 125 -22.25 -7.39 55.29
N LYS B 126 -22.62 -7.47 56.57
CA LYS B 126 -23.32 -8.63 57.06
C LYS B 126 -24.76 -8.68 56.56
N TYR B 127 -25.36 -7.50 56.34
CA TYR B 127 -26.70 -7.42 55.75
C TYR B 127 -26.58 -6.65 54.45
N HIS B 128 -26.78 -7.35 53.35
CA HIS B 128 -26.55 -6.81 52.01
C HIS B 128 -27.89 -6.33 51.47
N ILE B 129 -28.17 -5.04 51.66
CA ILE B 129 -29.45 -4.47 51.30
C ILE B 129 -29.47 -4.17 49.80
N GLN B 130 -30.44 -4.75 49.10
CA GLN B 130 -30.57 -4.62 47.66
C GLN B 130 -31.90 -3.94 47.38
N VAL B 131 -31.87 -2.69 46.97
CA VAL B 131 -33.08 -1.92 46.70
C VAL B 131 -33.37 -2.01 45.21
N CYS B 132 -34.55 -2.49 44.86
CA CYS B 132 -34.95 -2.52 43.46
C CYS B 132 -35.45 -1.16 43.01
N THR B 133 -34.89 -0.67 41.91
CA THR B 133 -35.25 0.64 41.38
C THR B 133 -35.63 0.58 39.91
N THR B 134 -36.08 -0.58 39.42
CA THR B 134 -36.65 -0.61 38.09
C THR B 134 -38.02 0.04 38.10
N THR B 135 -38.60 0.11 36.90
CA THR B 135 -39.79 0.95 36.68
C THR B 135 -41.02 0.57 37.51
N PRO B 136 -41.43 -0.71 37.67
CA PRO B 136 -42.54 -0.97 38.59
C PRO B 136 -42.27 -0.63 40.04
N CYS B 137 -41.03 -0.68 40.51
CA CYS B 137 -40.75 -0.20 41.86
C CYS B 137 -40.51 1.29 41.89
N MET B 138 -40.01 1.88 40.79
CA MET B 138 -39.79 3.32 40.76
C MET B 138 -41.11 4.07 40.69
N LEU B 139 -42.10 3.51 40.01
CA LEU B 139 -43.44 4.11 39.96
C LEU B 139 -44.10 4.12 41.32
N ARG B 140 -43.81 3.14 42.16
CA ARG B 140 -44.34 3.11 43.52
C ARG B 140 -43.32 3.62 44.53
N ASN B 141 -42.47 4.55 44.11
CA ASN B 141 -41.62 5.39 44.96
C ASN B 141 -40.61 4.55 45.75
N SER B 142 -39.73 3.87 45.02
CA SER B 142 -38.58 3.22 45.64
C SER B 142 -37.47 4.20 45.95
N ASP B 143 -37.50 5.40 45.35
CA ASP B 143 -36.48 6.39 45.62
C ASP B 143 -36.59 6.95 47.04
N SER B 144 -37.81 7.04 47.57
CA SER B 144 -37.99 7.50 48.95
C SER B 144 -37.39 6.50 49.93
N ILE B 145 -37.51 5.21 49.64
CA ILE B 145 -36.95 4.19 50.51
C ILE B 145 -35.44 4.08 50.36
N LEU B 146 -34.93 4.28 49.14
CA LEU B 146 -33.49 4.37 48.96
C LEU B 146 -32.90 5.55 49.72
N GLU B 147 -33.57 6.71 49.68
CA GLU B 147 -33.14 7.87 50.46
C GLU B 147 -33.29 7.64 51.95
N ALA B 148 -34.32 6.89 52.37
CA ALA B 148 -34.51 6.61 53.79
C ALA B 148 -33.42 5.70 54.33
N ILE B 149 -33.02 4.70 53.56
CA ILE B 149 -31.90 3.84 53.95
C ILE B 149 -30.60 4.63 53.96
N GLN B 150 -30.42 5.54 53.00
CA GLN B 150 -29.21 6.36 52.96
C GLN B 150 -29.10 7.30 54.16
N LYS B 151 -30.19 7.97 54.53
CA LYS B 151 -30.11 8.86 55.67
C LYS B 151 -30.23 8.13 57.00
N LYS B 152 -30.66 6.87 57.00
CA LYS B 152 -30.66 6.09 58.23
C LYS B 152 -29.28 5.51 58.52
N LEU B 153 -28.63 4.95 57.50
CA LEU B 153 -27.33 4.33 57.68
C LEU B 153 -26.18 5.29 57.50
N GLY B 154 -26.42 6.49 56.96
CA GLY B 154 -25.34 7.43 56.76
C GLY B 154 -24.41 7.11 55.63
N ILE B 155 -24.81 6.21 54.73
CA ILE B 155 -23.99 5.84 53.58
C ILE B 155 -24.77 6.13 52.31
N LYS B 156 -24.19 5.81 51.15
CA LYS B 156 -24.89 5.95 49.89
C LYS B 156 -24.87 4.63 49.14
N VAL B 157 -25.30 4.63 47.88
CA VAL B 157 -25.37 3.41 47.10
C VAL B 157 -23.96 2.92 46.78
N GLY B 158 -23.69 1.66 47.11
CA GLY B 158 -22.40 1.05 46.88
C GLY B 158 -21.50 1.03 48.09
N GLU B 159 -21.76 1.87 49.08
CA GLU B 159 -20.90 1.95 50.25
C GLU B 159 -21.31 0.93 51.31
N THR B 160 -20.44 0.80 52.31
CA THR B 160 -20.64 -0.09 53.44
C THR B 160 -20.51 0.73 54.71
N THR B 161 -21.38 0.46 55.69
CA THR B 161 -21.31 1.12 56.98
C THR B 161 -19.99 0.75 57.67
N PRO B 162 -19.43 1.66 58.50
CA PRO B 162 -18.10 1.41 59.07
C PRO B 162 -18.03 0.25 60.06
N ASP B 163 -19.16 -0.18 60.61
CA ASP B 163 -19.20 -1.37 61.46
C ASP B 163 -19.43 -2.65 60.68
N LYS B 164 -19.36 -2.58 59.34
CA LYS B 164 -19.41 -3.72 58.42
C LYS B 164 -20.71 -4.51 58.53
N LEU B 165 -21.80 -3.85 58.90
CA LEU B 165 -23.08 -4.52 59.04
C LEU B 165 -23.97 -4.38 57.83
N PHE B 166 -23.85 -3.30 57.07
CA PHE B 166 -24.78 -3.02 55.98
C PHE B 166 -24.03 -2.60 54.74
N THR B 167 -24.34 -3.25 53.62
CA THR B 167 -23.93 -2.81 52.30
C THR B 167 -25.17 -2.47 51.51
N LEU B 168 -25.25 -1.24 51.03
CA LEU B 168 -26.41 -0.77 50.28
C LEU B 168 -26.03 -0.69 48.80
N ILE B 169 -26.63 -1.54 47.98
CA ILE B 169 -26.51 -1.36 46.54
C ILE B 169 -27.90 -1.24 45.94
N GLU B 170 -27.95 -1.07 44.63
CA GLU B 170 -29.16 -0.74 43.90
C GLU B 170 -29.30 -1.74 42.76
N VAL B 171 -30.32 -2.59 42.84
CA VAL B 171 -30.40 -3.74 41.93
C VAL B 171 -31.54 -3.57 40.95
N GLU B 172 -31.65 -4.51 40.02
CA GLU B 172 -32.70 -4.52 39.02
C GLU B 172 -33.90 -5.26 39.58
N CYS B 173 -34.85 -5.62 38.72
CA CYS B 173 -36.12 -6.22 39.10
C CYS B 173 -35.95 -7.54 39.84
N LEU B 174 -36.41 -7.58 41.08
CA LEU B 174 -36.29 -8.74 41.94
C LEU B 174 -37.49 -9.68 41.82
N GLY B 175 -38.44 -9.38 40.94
CA GLY B 175 -39.57 -10.26 40.74
C GLY B 175 -40.60 -10.20 41.85
N ALA B 176 -40.79 -9.03 42.46
CA ALA B 176 -41.81 -8.79 43.46
C ALA B 176 -42.54 -7.50 43.14
N CYS B 177 -42.99 -7.40 41.90
CA CYS B 177 -43.39 -6.12 41.31
C CYS B 177 -44.74 -5.63 41.82
N VAL B 178 -45.66 -6.54 42.14
CA VAL B 178 -46.91 -6.09 42.72
C VAL B 178 -46.74 -5.76 44.20
N ASN B 179 -45.66 -6.25 44.81
CA ASN B 179 -45.29 -5.88 46.16
C ASN B 179 -44.29 -4.74 46.18
N ALA B 180 -44.24 -3.95 45.11
CA ALA B 180 -43.41 -2.77 45.08
C ALA B 180 -43.93 -1.73 46.07
N PRO B 181 -43.04 -0.96 46.70
CA PRO B 181 -41.57 -1.01 46.67
C PRO B 181 -41.00 -2.03 47.65
N MET B 182 -39.92 -2.70 47.27
CA MET B 182 -39.38 -3.79 48.07
C MET B 182 -37.87 -3.76 48.05
N VAL B 183 -37.27 -4.43 49.05
CA VAL B 183 -35.83 -4.63 49.12
C VAL B 183 -35.57 -6.11 49.35
N GLN B 184 -34.31 -6.49 49.23
CA GLN B 184 -33.85 -7.83 49.57
C GLN B 184 -32.70 -7.72 50.55
N ILE B 185 -32.78 -8.47 51.64
CA ILE B 185 -31.70 -8.53 52.63
C ILE B 185 -31.28 -9.99 52.75
N ASN B 186 -30.25 -10.34 51.98
CA ASN B 186 -29.40 -11.53 52.00
C ASN B 186 -30.05 -12.84 51.56
N ASP B 187 -31.34 -13.01 51.83
CA ASP B 187 -32.15 -14.08 51.27
C ASP B 187 -33.59 -13.60 51.16
N ASN B 188 -33.90 -12.54 51.88
CA ASN B 188 -35.27 -12.25 52.27
C ASN B 188 -35.81 -11.04 51.50
N TYR B 189 -37.06 -11.13 51.07
CA TYR B 189 -37.74 -9.99 50.48
C TYR B 189 -38.52 -9.25 51.55
N TYR B 190 -38.39 -7.92 51.57
CA TYR B 190 -39.15 -7.05 52.45
C TYR B 190 -39.95 -6.12 51.56
N GLU B 191 -41.27 -6.22 51.64
CA GLU B 191 -42.13 -5.79 50.56
C GLU B 191 -43.16 -4.77 51.05
N ASP B 192 -43.77 -4.08 50.08
CA ASP B 192 -44.79 -3.04 50.30
C ASP B 192 -44.31 -1.97 51.28
N LEU B 193 -43.07 -1.58 51.13
CA LEU B 193 -42.39 -0.82 52.16
C LEU B 193 -42.77 0.65 52.11
N THR B 194 -42.69 1.29 53.27
CA THR B 194 -42.73 2.73 53.44
C THR B 194 -41.35 3.09 53.97
N PRO B 195 -40.97 4.38 54.07
CA PRO B 195 -39.73 4.70 54.79
C PRO B 195 -39.74 4.29 56.25
N LYS B 196 -40.90 4.39 56.93
CA LYS B 196 -40.99 3.96 58.32
C LYS B 196 -40.77 2.46 58.48
N ASP B 197 -41.30 1.67 57.53
CA ASP B 197 -41.15 0.22 57.59
C ASP B 197 -39.70 -0.21 57.40
N ILE B 198 -39.00 0.40 56.44
CA ILE B 198 -37.61 0.02 56.23
C ILE B 198 -36.71 0.56 57.33
N GLU B 199 -37.07 1.68 57.96
CA GLU B 199 -36.36 2.13 59.15
C GLU B 199 -36.54 1.17 60.31
N GLU B 200 -37.75 0.62 60.46
CA GLU B 200 -38.01 -0.38 61.50
C GLU B 200 -37.23 -1.66 61.23
N ILE B 201 -37.15 -2.08 59.96
CA ILE B 201 -36.39 -3.28 59.60
C ILE B 201 -34.90 -3.08 59.87
N ILE B 202 -34.35 -1.91 59.54
CA ILE B 202 -32.95 -1.63 59.83
C ILE B 202 -32.71 -1.54 61.34
N ASP B 203 -33.68 -1.01 62.10
CA ASP B 203 -33.57 -0.97 63.56
C ASP B 203 -33.51 -2.36 64.17
N GLU B 204 -34.37 -3.27 63.72
CA GLU B 204 -34.31 -4.61 64.28
C GLU B 204 -33.26 -5.50 63.62
N LEU B 205 -32.59 -5.02 62.57
CA LEU B 205 -31.36 -5.67 62.13
C LEU B 205 -30.17 -5.24 62.98
N LYS B 206 -30.14 -3.96 63.38
CA LYS B 206 -29.07 -3.48 64.25
C LYS B 206 -29.21 -4.04 65.65
N ALA B 207 -30.42 -4.40 66.07
CA ALA B 207 -30.68 -4.93 67.39
C ALA B 207 -30.45 -6.43 67.49
N GLY B 208 -29.90 -7.05 66.45
CA GLY B 208 -29.57 -8.46 66.48
C GLY B 208 -30.70 -9.40 66.09
N LYS B 209 -31.95 -8.93 66.09
CA LYS B 209 -33.08 -9.75 65.73
C LYS B 209 -33.13 -9.95 64.22
N ILE B 210 -34.08 -10.78 63.78
CA ILE B 210 -34.32 -11.02 62.37
C ILE B 210 -35.74 -10.55 62.05
N PRO B 211 -35.93 -9.75 60.99
CA PRO B 211 -37.28 -9.31 60.64
C PRO B 211 -38.02 -10.37 59.86
N LYS B 212 -39.32 -10.20 59.76
CA LYS B 212 -40.16 -11.15 59.04
C LYS B 212 -40.13 -10.85 57.55
N PRO B 213 -39.71 -11.79 56.71
CA PRO B 213 -39.67 -11.53 55.27
C PRO B 213 -41.02 -11.53 54.58
N GLY B 214 -41.71 -10.39 54.58
CA GLY B 214 -42.95 -10.29 53.86
C GLY B 214 -43.35 -8.86 53.57
N PRO B 215 -44.55 -8.69 53.02
CA PRO B 215 -45.11 -7.34 52.87
C PRO B 215 -45.36 -6.68 54.22
N ARG B 216 -44.97 -5.41 54.32
CA ARG B 216 -45.16 -4.64 55.53
C ARG B 216 -46.47 -3.87 55.54
N SER B 217 -47.28 -4.01 54.50
CA SER B 217 -48.64 -3.50 54.49
C SER B 217 -49.55 -4.55 55.12
N GLY B 218 -50.86 -4.36 54.97
CA GLY B 218 -51.82 -5.27 55.59
C GLY B 218 -51.94 -6.62 54.93
N ARG B 219 -51.60 -6.72 53.64
CA ARG B 219 -51.82 -7.96 52.92
C ARG B 219 -50.72 -8.97 53.22
N PHE B 220 -50.93 -10.20 52.74
CA PHE B 220 -50.06 -11.32 53.12
C PHE B 220 -49.00 -11.62 52.07
N SER B 221 -49.38 -11.95 50.84
CA SER B 221 -48.38 -12.13 49.79
C SER B 221 -48.60 -11.23 48.58
N CYS B 222 -49.66 -11.44 47.81
CA CYS B 222 -49.82 -10.74 46.55
C CYS B 222 -51.27 -10.41 46.23
N GLU B 223 -52.19 -10.62 47.16
CA GLU B 223 -53.60 -10.40 46.93
C GLU B 223 -53.90 -8.91 46.81
N PRO B 224 -55.06 -8.54 46.25
CA PRO B 224 -55.48 -7.14 46.32
C PRO B 224 -55.69 -6.71 47.77
N ALA B 225 -55.24 -5.49 48.07
CA ALA B 225 -55.17 -5.03 49.45
C ALA B 225 -56.54 -4.74 50.04
N GLY B 226 -57.53 -4.44 49.21
CA GLY B 226 -58.86 -4.15 49.72
C GLY B 226 -59.76 -5.37 49.76
N GLY B 227 -59.19 -6.55 49.97
CA GLY B 227 -59.94 -7.77 49.99
C GLY B 227 -59.69 -8.60 48.75
N LEU B 228 -60.05 -9.89 48.85
CA LEU B 228 -59.86 -10.81 47.74
C LEU B 228 -60.87 -10.53 46.65
N THR B 229 -60.38 -10.21 45.45
CA THR B 229 -61.23 -10.11 44.27
C THR B 229 -61.40 -11.44 43.57
N SER B 230 -60.77 -12.49 44.09
CA SER B 230 -60.79 -13.80 43.46
C SER B 230 -60.40 -14.83 44.52
N LEU B 231 -60.67 -16.10 44.18
CA LEU B 231 -60.37 -17.27 45.04
C LEU B 231 -61.02 -17.16 46.41
N THR B 232 -62.23 -16.62 46.44
CA THR B 232 -62.99 -16.53 47.68
C THR B 232 -63.78 -17.81 47.96
N GLU B 233 -64.13 -18.55 46.92
CA GLU B 233 -64.77 -19.84 47.09
C GLU B 233 -63.75 -20.85 47.61
N PRO B 234 -64.20 -21.89 48.32
CA PRO B 234 -63.28 -22.97 48.69
C PRO B 234 -62.85 -23.75 47.47
N PRO B 235 -61.63 -24.30 47.46
CA PRO B 235 -61.20 -25.11 46.32
C PRO B 235 -61.95 -26.44 46.28
N LYS B 236 -62.14 -26.94 45.07
CA LYS B 236 -63.13 -28.00 44.84
C LYS B 236 -62.63 -29.36 45.29
N GLY B 237 -61.35 -29.63 45.16
CA GLY B 237 -60.79 -30.87 45.66
C GLY B 237 -60.50 -31.88 44.57
N PRO B 238 -60.10 -33.08 44.96
CA PRO B 238 -59.71 -34.09 43.96
C PRO B 238 -60.92 -34.68 43.26
N GLY B 239 -60.85 -34.73 41.93
CA GLY B 239 -61.88 -35.33 41.11
C GLY B 239 -62.81 -34.35 40.43
N PHE B 240 -62.69 -33.05 40.72
CA PHE B 240 -63.62 -32.08 40.17
C PHE B 240 -63.30 -31.80 38.70
N GLY B 241 -64.30 -31.97 37.85
CA GLY B 241 -64.15 -31.66 36.43
C GLY B 241 -63.28 -32.60 35.65
N VAL B 242 -62.93 -33.76 36.22
CA VAL B 242 -62.07 -34.71 35.52
C VAL B 242 -62.87 -35.37 34.40
N GLN B 243 -62.32 -35.34 33.20
CA GLN B 243 -63.01 -35.85 32.01
C GLN B 243 -63.13 -37.37 32.06
N ALA B 244 -64.05 -37.88 31.25
CA ALA B 244 -64.26 -39.31 31.16
C ALA B 244 -63.11 -39.99 30.44
N GLY B 245 -62.94 -41.28 30.68
CA GLY B 245 -61.83 -42.01 30.13
C GLY B 245 -60.52 -41.75 30.83
N LEU B 246 -60.57 -41.41 32.12
CA LEU B 246 -59.36 -41.13 32.88
C LEU B 246 -59.55 -41.53 34.33
N SER C 29 -24.90 -38.97 -4.98
CA SER C 29 -24.53 -38.07 -3.89
C SER C 29 -25.75 -37.51 -3.18
N ASN C 30 -25.54 -36.98 -1.99
CA ASN C 30 -26.61 -36.37 -1.19
C ASN C 30 -26.51 -34.85 -1.15
N LEU C 31 -25.97 -34.24 -2.20
CA LEU C 31 -25.83 -32.80 -2.26
C LEU C 31 -27.18 -32.13 -2.41
N ILE C 32 -27.38 -31.04 -1.68
CA ILE C 32 -28.60 -30.26 -1.79
C ILE C 32 -28.32 -29.04 -2.65
N GLU C 33 -29.36 -28.54 -3.30
CA GLU C 33 -29.26 -27.38 -4.17
C GLU C 33 -29.65 -26.14 -3.40
N VAL C 34 -28.75 -25.17 -3.34
CA VAL C 34 -29.08 -23.86 -2.78
C VAL C 34 -28.74 -22.81 -3.83
N PHE C 35 -29.12 -21.57 -3.55
CA PHE C 35 -28.94 -20.49 -4.49
C PHE C 35 -28.25 -19.33 -3.80
N VAL C 36 -27.21 -18.82 -4.43
CA VAL C 36 -26.56 -17.58 -4.01
C VAL C 36 -26.84 -16.57 -5.10
N ASP C 37 -27.69 -15.59 -4.77
CA ASP C 37 -28.12 -14.51 -5.68
C ASP C 37 -28.74 -15.06 -6.96
N GLY C 38 -29.47 -16.16 -6.83
CA GLY C 38 -30.07 -16.83 -7.96
C GLY C 38 -29.21 -17.90 -8.59
N GLN C 39 -27.90 -17.89 -8.35
CA GLN C 39 -27.02 -18.89 -8.95
C GLN C 39 -27.10 -20.19 -8.16
N SER C 40 -27.35 -21.29 -8.86
CA SER C 40 -27.43 -22.59 -8.23
C SER C 40 -26.06 -23.10 -7.82
N VAL C 41 -25.99 -23.76 -6.67
CA VAL C 41 -24.78 -24.43 -6.24
C VAL C 41 -25.17 -25.64 -5.39
N MET C 42 -24.48 -26.75 -5.61
CA MET C 42 -24.72 -28.01 -4.92
C MET C 42 -23.77 -28.11 -3.74
N VAL C 43 -24.32 -28.19 -2.54
CA VAL C 43 -23.50 -28.19 -1.33
C VAL C 43 -23.82 -29.45 -0.51
N GLU C 44 -22.85 -29.85 0.29
CA GLU C 44 -23.03 -30.95 1.23
C GLU C 44 -23.99 -30.51 2.33
N PRO C 45 -24.80 -31.43 2.87
CA PRO C 45 -25.62 -31.08 4.04
C PRO C 45 -24.77 -30.76 5.25
N GLY C 46 -25.12 -29.66 5.92
CA GLY C 46 -24.30 -29.10 6.97
C GLY C 46 -23.43 -27.94 6.54
N THR C 47 -23.45 -27.58 5.26
CA THR C 47 -22.74 -26.41 4.77
C THR C 47 -23.41 -25.16 5.30
N THR C 48 -22.62 -24.23 5.81
CA THR C 48 -23.20 -22.99 6.26
C THR C 48 -23.53 -22.09 5.07
N VAL C 49 -24.27 -21.02 5.35
CA VAL C 49 -24.59 -20.03 4.34
C VAL C 49 -23.32 -19.34 3.84
N LEU C 50 -22.38 -19.09 4.76
CA LEU C 50 -21.12 -18.44 4.41
C LEU C 50 -20.28 -19.32 3.48
N GLN C 51 -20.25 -20.63 3.74
CA GLN C 51 -19.48 -21.53 2.88
C GLN C 51 -20.14 -21.71 1.52
N ALA C 52 -21.48 -21.70 1.48
CA ALA C 52 -22.19 -21.78 0.21
C ALA C 52 -21.94 -20.54 -0.64
N CYS C 53 -21.85 -19.37 -0.01
CA CYS C 53 -21.48 -18.18 -0.76
C CYS C 53 -20.02 -18.17 -1.14
N GLU C 54 -19.17 -18.83 -0.34
CA GLU C 54 -17.77 -18.98 -0.67
C GLU C 54 -17.58 -19.87 -1.90
N LYS C 55 -18.49 -20.82 -2.13
CA LYS C 55 -18.36 -21.70 -3.29
C LYS C 55 -18.64 -21.00 -4.62
N VAL C 56 -19.31 -19.86 -4.61
CA VAL C 56 -19.48 -19.07 -5.83
C VAL C 56 -18.55 -17.86 -5.83
N GLY C 57 -17.55 -17.84 -4.96
CA GLY C 57 -16.56 -16.78 -4.97
C GLY C 57 -16.99 -15.49 -4.34
N MET C 58 -17.99 -15.52 -3.47
CA MET C 58 -18.42 -14.34 -2.72
C MET C 58 -17.97 -14.53 -1.28
N GLN C 59 -17.22 -13.57 -0.75
CA GLN C 59 -16.76 -13.63 0.63
C GLN C 59 -17.68 -12.75 1.47
N ILE C 60 -18.46 -13.38 2.33
CA ILE C 60 -19.32 -12.66 3.26
C ILE C 60 -18.45 -11.99 4.32
N PRO C 61 -18.70 -10.71 4.66
CA PRO C 61 -17.93 -10.06 5.72
C PRO C 61 -18.12 -10.72 7.07
N ARG C 62 -17.05 -10.71 7.86
CA ARG C 62 -17.05 -11.43 9.13
C ARG C 62 -16.04 -10.78 10.06
N PHE C 63 -16.25 -10.98 11.34
CA PHE C 63 -15.22 -10.67 12.31
C PHE C 63 -14.96 -11.81 13.28
N CYS C 64 -15.98 -12.51 13.73
CA CYS C 64 -15.76 -13.55 14.71
C CYS C 64 -15.57 -14.92 14.07
N TYR C 65 -16.10 -15.12 12.87
CA TYR C 65 -15.90 -16.39 12.19
C TYR C 65 -14.46 -16.53 11.74
N HIS C 66 -13.93 -17.71 11.95
CA HIS C 66 -12.65 -18.11 11.42
C HIS C 66 -12.78 -19.59 11.11
N GLU C 67 -12.33 -20.00 9.93
CA GLU C 67 -12.60 -21.36 9.46
C GLU C 67 -11.77 -22.42 10.18
N ARG C 68 -10.86 -22.06 11.07
CA ARG C 68 -10.12 -23.02 11.86
C ARG C 68 -10.47 -22.92 13.33
N LEU C 69 -11.37 -22.01 13.70
CA LEU C 69 -11.89 -21.90 15.04
C LEU C 69 -13.32 -22.39 15.05
N SER C 70 -13.85 -22.60 16.24
CA SER C 70 -15.25 -22.97 16.34
C SER C 70 -16.14 -21.77 16.03
N VAL C 71 -17.36 -22.06 15.63
CA VAL C 71 -18.29 -21.01 15.21
C VAL C 71 -18.81 -20.31 16.45
N ALA C 72 -18.71 -18.98 16.47
CA ALA C 72 -19.18 -18.18 17.58
C ALA C 72 -20.51 -17.49 17.29
N GLY C 73 -20.60 -16.83 16.13
CA GLY C 73 -21.84 -16.20 15.75
C GLY C 73 -22.19 -14.95 16.51
N ASN C 74 -21.20 -14.19 16.97
CA ASN C 74 -21.50 -13.04 17.81
C ASN C 74 -21.02 -11.69 17.29
N CYS C 75 -20.30 -11.61 16.18
CA CYS C 75 -20.03 -10.25 15.71
C CYS C 75 -21.20 -9.71 14.90
N ARG C 76 -22.03 -10.61 14.35
CA ARG C 76 -23.23 -10.35 13.57
C ARG C 76 -22.94 -9.60 12.27
N MET C 77 -21.69 -9.61 11.80
CA MET C 77 -21.36 -8.95 10.55
C MET C 77 -21.78 -9.78 9.35
N CYS C 78 -21.93 -11.08 9.51
CA CYS C 78 -22.26 -11.96 8.41
C CYS C 78 -23.75 -12.08 8.15
N LEU C 79 -24.57 -11.18 8.71
CA LEU C 79 -26.01 -11.27 8.56
C LEU C 79 -26.42 -11.04 7.11
N VAL C 80 -27.19 -11.98 6.58
CA VAL C 80 -27.52 -12.00 5.16
C VAL C 80 -28.99 -12.35 5.03
N GLU C 81 -29.64 -11.77 4.02
CA GLU C 81 -31.04 -12.08 3.75
C GLU C 81 -31.15 -13.40 2.99
N ILE C 82 -32.00 -14.28 3.49
CA ILE C 82 -32.56 -15.38 2.72
C ILE C 82 -33.90 -14.89 2.20
N GLU C 83 -34.18 -15.09 0.91
CA GLU C 83 -35.42 -14.51 0.42
C GLU C 83 -36.61 -15.35 0.86
N LYS C 84 -37.77 -14.69 0.90
CA LYS C 84 -39.01 -15.20 1.50
C LYS C 84 -38.82 -15.59 2.97
N ALA C 85 -37.96 -14.86 3.68
CA ALA C 85 -37.70 -15.03 5.10
C ALA C 85 -37.54 -13.65 5.72
N PRO C 86 -38.42 -13.25 6.64
CA PRO C 86 -38.37 -11.87 7.14
C PRO C 86 -37.40 -11.66 8.30
N LYS C 87 -36.22 -12.24 8.21
CA LYS C 87 -35.21 -12.10 9.26
C LYS C 87 -33.87 -12.52 8.68
N VAL C 88 -32.85 -11.70 8.89
CA VAL C 88 -31.51 -12.06 8.43
C VAL C 88 -30.95 -13.16 9.31
N VAL C 89 -30.11 -14.00 8.71
CA VAL C 89 -29.53 -15.13 9.41
C VAL C 89 -28.03 -14.91 9.51
N ALA C 90 -27.44 -15.45 10.57
CA ALA C 90 -25.98 -15.38 10.73
C ALA C 90 -25.37 -16.44 9.82
N ALA C 91 -24.72 -15.99 8.75
CA ALA C 91 -24.27 -16.88 7.70
C ALA C 91 -23.14 -17.80 8.14
N CYS C 92 -22.36 -17.41 9.15
CA CYS C 92 -21.27 -18.25 9.62
C CYS C 92 -21.78 -19.47 10.35
N ALA C 93 -22.97 -19.39 10.95
CA ALA C 93 -23.50 -20.46 11.79
C ALA C 93 -24.69 -21.18 11.20
N MET C 94 -25.46 -20.52 10.35
CA MET C 94 -26.71 -21.09 9.85
C MET C 94 -26.44 -22.12 8.77
N PRO C 95 -26.85 -23.37 8.94
CA PRO C 95 -26.78 -24.32 7.82
C PRO C 95 -27.78 -23.96 6.75
N VAL C 96 -27.43 -24.24 5.51
CA VAL C 96 -28.35 -23.98 4.40
C VAL C 96 -29.43 -25.06 4.39
N MET C 97 -30.64 -24.65 4.05
CA MET C 97 -31.71 -25.56 3.72
C MET C 97 -31.86 -25.62 2.20
N LYS C 98 -32.47 -26.69 1.72
CA LYS C 98 -32.59 -26.89 0.29
C LYS C 98 -33.54 -25.87 -0.32
N GLY C 99 -33.07 -25.15 -1.34
CA GLY C 99 -33.89 -24.20 -2.03
C GLY C 99 -33.77 -22.78 -1.55
N TRP C 100 -32.90 -22.49 -0.59
CA TRP C 100 -32.70 -21.12 -0.14
C TRP C 100 -32.00 -20.29 -1.22
N ASN C 101 -32.51 -19.10 -1.46
CA ASN C 101 -31.84 -18.12 -2.29
C ASN C 101 -31.19 -17.11 -1.36
N ILE C 102 -29.87 -17.19 -1.26
CA ILE C 102 -29.11 -16.31 -0.39
C ILE C 102 -28.88 -14.99 -1.12
N LEU C 103 -29.32 -13.89 -0.52
CA LEU C 103 -29.23 -12.58 -1.15
C LEU C 103 -28.08 -11.83 -0.49
N THR C 104 -26.89 -11.98 -1.06
CA THR C 104 -25.68 -11.41 -0.47
C THR C 104 -25.57 -9.91 -0.68
N ASN C 105 -26.30 -9.36 -1.64
CA ASN C 105 -26.14 -7.95 -2.01
C ASN C 105 -27.48 -7.22 -1.97
N SER C 106 -28.46 -7.77 -1.27
CA SER C 106 -29.78 -7.14 -1.23
C SER C 106 -29.74 -5.93 -0.29
N GLU C 107 -30.88 -5.24 -0.22
CA GLU C 107 -30.95 -3.99 0.52
C GLU C 107 -30.85 -4.23 2.02
N LYS C 108 -31.57 -5.22 2.55
CA LYS C 108 -31.54 -5.42 3.99
C LYS C 108 -30.28 -6.13 4.45
N THR C 109 -29.61 -6.88 3.58
CA THR C 109 -28.27 -7.39 3.89
C THR C 109 -27.29 -6.24 4.07
N LYS C 110 -27.33 -5.27 3.17
CA LYS C 110 -26.45 -4.11 3.26
C LYS C 110 -26.81 -3.23 4.44
N LYS C 111 -28.09 -3.11 4.77
CA LYS C 111 -28.49 -2.34 5.95
C LYS C 111 -28.06 -3.04 7.24
N ALA C 112 -28.12 -4.39 7.25
CA ALA C 112 -27.64 -5.14 8.40
C ALA C 112 -26.15 -4.96 8.59
N ARG C 113 -25.39 -5.00 7.50
CA ARG C 113 -23.94 -4.79 7.56
C ARG C 113 -23.61 -3.38 8.02
N GLU C 114 -24.34 -2.38 7.53
CA GLU C 114 -24.07 -1.00 7.95
C GLU C 114 -24.43 -0.76 9.40
N GLY C 115 -25.52 -1.35 9.88
CA GLY C 115 -25.88 -1.22 11.28
C GLY C 115 -24.89 -1.89 12.21
N VAL C 116 -24.45 -3.10 11.86
CA VAL C 116 -23.49 -3.82 12.68
C VAL C 116 -22.13 -3.12 12.67
N MET C 117 -21.72 -2.59 11.51
CA MET C 117 -20.49 -1.80 11.45
C MET C 117 -20.60 -0.52 12.26
N GLU C 118 -21.78 0.10 12.28
CA GLU C 118 -22.00 1.28 13.11
C GLU C 118 -21.86 0.95 14.59
N PHE C 119 -22.37 -0.21 15.02
CA PHE C 119 -22.20 -0.57 16.42
C PHE C 119 -20.77 -0.96 16.75
N LEU C 120 -20.05 -1.57 15.80
CA LEU C 120 -18.65 -1.89 16.02
C LEU C 120 -17.79 -0.63 16.10
N LEU C 121 -18.14 0.40 15.38
CA LEU C 121 -17.34 1.62 15.39
C LEU C 121 -17.84 2.66 16.37
N ALA C 122 -18.93 2.38 17.11
CA ALA C 122 -19.44 3.34 18.09
C ALA C 122 -18.44 3.58 19.22
N ASN C 123 -17.93 2.51 19.84
CA ASN C 123 -17.01 2.62 20.95
C ASN C 123 -15.56 2.39 20.55
N HIS C 124 -15.28 2.21 19.29
CA HIS C 124 -13.94 1.88 18.86
C HIS C 124 -13.07 3.14 18.88
N PRO C 125 -11.83 3.05 19.37
CA PRO C 125 -11.03 4.25 19.54
C PRO C 125 -10.44 4.77 18.24
N LEU C 126 -10.35 6.09 18.16
CA LEU C 126 -9.76 6.76 17.00
C LEU C 126 -8.24 6.64 17.04
N ASP C 127 -7.77 5.41 16.80
CA ASP C 127 -6.36 5.09 16.97
C ASP C 127 -5.65 4.70 15.70
N CYS C 128 -6.35 4.68 14.55
CA CYS C 128 -5.78 4.22 13.28
C CYS C 128 -4.40 4.78 12.91
N PRO C 129 -4.07 6.05 13.15
CA PRO C 129 -2.68 6.46 12.94
C PRO C 129 -1.70 5.88 13.94
N ILE C 130 -2.07 5.67 15.21
CA ILE C 130 -1.13 5.12 16.18
C ILE C 130 -1.24 3.61 16.32
N CYS C 131 -2.15 2.99 15.59
CA CYS C 131 -2.38 1.56 15.68
C CYS C 131 -1.59 0.83 14.62
N ASP C 132 -0.98 -0.30 15.01
CA ASP C 132 -0.19 -1.09 14.07
C ASP C 132 -1.03 -1.87 13.08
N GLN C 133 -2.34 -1.98 13.30
CA GLN C 133 -3.18 -2.74 12.40
C GLN C 133 -3.52 -1.97 11.14
N GLY C 134 -3.35 -0.65 11.13
CA GLY C 134 -3.75 0.21 10.04
C GLY C 134 -3.14 -0.08 8.69
N GLY C 135 -3.99 -0.25 7.67
CA GLY C 135 -3.58 -0.71 6.38
C GLY C 135 -3.80 -2.20 6.17
N GLU C 136 -3.75 -2.98 7.24
CA GLU C 136 -4.05 -4.41 7.22
C GLU C 136 -5.09 -4.73 8.27
N CYS C 137 -6.06 -3.84 8.41
CA CYS C 137 -7.10 -3.95 9.41
C CYS C 137 -8.38 -4.43 8.76
N ASP C 138 -8.92 -5.54 9.25
CA ASP C 138 -10.22 -5.99 8.79
C ASP C 138 -11.31 -4.98 9.12
N LEU C 139 -11.24 -4.35 10.28
CA LEU C 139 -12.28 -3.39 10.66
C LEU C 139 -12.27 -2.16 9.78
N GLN C 140 -11.08 -1.60 9.49
CA GLN C 140 -10.94 -0.53 8.51
C GLN C 140 -11.46 -0.94 7.14
N ASP C 141 -11.04 -2.11 6.66
CA ASP C 141 -11.31 -2.49 5.28
C ASP C 141 -12.79 -2.78 5.06
N GLN C 142 -13.43 -3.54 5.93
CA GLN C 142 -14.83 -3.77 5.66
C GLN C 142 -15.73 -2.72 6.31
N SER C 143 -15.18 -1.75 7.04
CA SER C 143 -15.87 -0.48 7.21
C SER C 143 -15.91 0.31 5.91
N MET C 144 -14.81 0.27 5.15
CA MET C 144 -14.81 0.91 3.83
C MET C 144 -15.74 0.18 2.86
N MET C 145 -15.77 -1.15 2.93
CA MET C 145 -16.48 -1.92 1.93
C MET C 145 -17.95 -2.10 2.25
N PHE C 146 -18.32 -2.23 3.52
CA PHE C 146 -19.69 -2.61 3.85
C PHE C 146 -20.37 -1.68 4.84
N GLY C 147 -19.64 -0.77 5.48
CA GLY C 147 -20.23 0.15 6.42
C GLY C 147 -20.57 1.49 5.80
N SER C 148 -21.10 2.38 6.62
CA SER C 148 -21.39 3.73 6.20
C SER C 148 -20.10 4.56 6.21
N ASP C 149 -20.21 5.79 5.72
CA ASP C 149 -19.05 6.65 5.58
C ASP C 149 -18.94 7.69 6.69
N ARG C 150 -19.80 7.64 7.69
CA ARG C 150 -19.83 8.68 8.72
C ARG C 150 -20.45 8.14 9.99
N SER C 151 -20.42 8.97 11.02
CA SER C 151 -20.84 8.59 12.36
C SER C 151 -22.12 9.30 12.76
N ARG C 152 -22.95 8.60 13.53
CA ARG C 152 -24.06 9.20 14.25
C ARG C 152 -23.86 9.13 15.75
N PHE C 153 -22.74 8.57 16.20
CA PHE C 153 -22.49 8.36 17.62
C PHE C 153 -22.05 9.68 18.23
N LEU C 154 -22.93 10.26 19.07
CA LEU C 154 -22.70 11.57 19.64
C LEU C 154 -22.36 11.50 21.12
N GLU C 155 -21.86 10.37 21.58
CA GLU C 155 -21.61 10.13 23.00
C GLU C 155 -20.13 9.97 23.25
N GLY C 156 -19.79 9.77 24.51
CA GLY C 156 -18.44 9.37 24.85
C GLY C 156 -18.26 7.86 24.71
N LYS C 157 -17.03 7.47 24.42
CA LYS C 157 -16.71 6.07 24.17
C LYS C 157 -16.26 5.40 25.46
N ARG C 158 -16.31 4.07 25.46
CA ARG C 158 -15.66 3.36 26.54
C ARG C 158 -14.16 3.36 26.34
N ALA C 159 -13.44 3.16 27.44
CA ALA C 159 -12.01 2.96 27.40
C ALA C 159 -11.70 1.80 28.34
N VAL C 160 -10.94 0.84 27.85
CA VAL C 160 -10.71 -0.42 28.54
C VAL C 160 -9.29 -0.44 29.05
N GLU C 161 -9.12 -0.94 30.27
CA GLU C 161 -7.81 -1.17 30.85
C GLU C 161 -7.01 -2.18 30.02
N ASP C 162 -5.76 -1.86 29.74
CA ASP C 162 -4.90 -2.77 29.02
C ASP C 162 -4.45 -3.90 29.92
N LYS C 163 -4.20 -5.05 29.30
CA LYS C 163 -3.77 -6.24 30.01
C LYS C 163 -2.30 -6.51 29.71
N ASN C 164 -1.69 -7.34 30.54
CA ASN C 164 -0.29 -7.73 30.39
C ASN C 164 -0.27 -9.24 30.26
N ILE C 165 -0.15 -9.74 29.03
CA ILE C 165 -0.14 -11.17 28.77
C ILE C 165 1.22 -11.63 28.25
N GLY C 166 2.25 -10.81 28.40
CA GLY C 166 3.59 -11.23 28.10
C GLY C 166 4.39 -10.30 27.21
N PRO C 167 5.64 -10.66 26.94
CA PRO C 167 6.50 -9.81 26.12
C PRO C 167 6.29 -9.93 24.63
N LEU C 168 5.37 -10.77 24.18
CA LEU C 168 5.15 -10.95 22.75
C LEU C 168 3.95 -10.20 22.23
N VAL C 169 2.83 -10.25 22.92
CA VAL C 169 1.58 -9.68 22.43
C VAL C 169 1.33 -8.39 23.19
N LYS C 170 1.52 -7.26 22.51
CA LYS C 170 1.06 -5.99 23.03
C LYS C 170 -0.47 -5.99 23.03
N THR C 171 -1.03 -5.51 24.13
CA THR C 171 -2.46 -5.55 24.39
C THR C 171 -2.97 -4.14 24.56
N ILE C 172 -3.86 -3.72 23.66
CA ILE C 172 -4.53 -2.43 23.75
C ILE C 172 -6.03 -2.75 23.60
N MET C 173 -6.70 -2.97 24.72
CA MET C 173 -8.02 -3.58 24.73
C MET C 173 -9.16 -2.62 24.46
N THR C 174 -8.90 -1.32 24.33
CA THR C 174 -9.96 -0.43 23.87
C THR C 174 -10.32 -0.74 22.42
N ARG C 175 -9.36 -1.22 21.64
CA ARG C 175 -9.56 -1.60 20.26
C ARG C 175 -10.30 -2.92 20.10
N CYS C 176 -10.47 -3.69 21.17
CA CYS C 176 -11.12 -4.99 21.09
C CYS C 176 -12.58 -4.86 20.69
N ILE C 177 -13.02 -5.70 19.76
CA ILE C 177 -14.41 -5.73 19.33
C ILE C 177 -15.11 -7.00 19.83
N GLN C 178 -14.48 -7.72 20.75
CA GLN C 178 -15.09 -8.85 21.49
C GLN C 178 -15.54 -9.98 20.57
N CYS C 179 -14.72 -10.30 19.57
CA CYS C 179 -15.08 -11.34 18.62
C CYS C 179 -14.76 -12.73 19.14
N THR C 180 -14.03 -12.83 20.26
CA THR C 180 -13.66 -14.07 20.95
C THR C 180 -12.83 -15.01 20.07
N ARG C 181 -12.06 -14.48 19.12
CA ARG C 181 -11.12 -15.35 18.42
C ARG C 181 -9.93 -15.70 19.30
N CYS C 182 -9.53 -14.79 20.19
CA CYS C 182 -8.64 -15.03 21.33
C CYS C 182 -8.89 -16.34 22.01
N ILE C 183 -10.11 -16.44 22.51
CA ILE C 183 -10.47 -17.43 23.50
C ILE C 183 -10.63 -18.76 22.82
N ARG C 184 -11.22 -18.75 21.62
CA ARG C 184 -11.38 -19.97 20.85
C ARG C 184 -10.04 -20.49 20.36
N PHE C 185 -9.10 -19.60 20.02
CA PHE C 185 -7.76 -20.07 19.66
C PHE C 185 -7.04 -20.68 20.85
N ALA C 186 -7.02 -19.96 21.97
CA ALA C 186 -6.29 -20.42 23.14
C ALA C 186 -6.92 -21.68 23.74
N SER C 187 -8.22 -21.87 23.55
CA SER C 187 -8.89 -23.04 24.07
C SER C 187 -8.72 -24.23 23.15
N GLU C 188 -8.87 -24.03 21.85
CA GLU C 188 -9.06 -25.13 20.91
C GLU C 188 -7.78 -25.53 20.20
N ILE C 189 -6.95 -24.58 19.82
CA ILE C 189 -5.72 -24.86 19.09
C ILE C 189 -4.51 -24.84 20.01
N ALA C 190 -4.40 -23.82 20.84
CA ALA C 190 -3.30 -23.75 21.78
C ALA C 190 -3.54 -24.60 23.03
N GLY C 191 -4.79 -24.91 23.34
CA GLY C 191 -5.14 -25.75 24.47
C GLY C 191 -4.75 -25.21 25.82
N VAL C 192 -5.09 -23.95 26.08
CA VAL C 192 -4.56 -23.21 27.21
C VAL C 192 -5.65 -22.87 28.22
N ASP C 193 -6.80 -22.37 27.75
CA ASP C 193 -7.98 -22.01 28.56
C ASP C 193 -7.66 -20.94 29.60
N ASP C 194 -6.82 -19.98 29.24
CA ASP C 194 -6.51 -18.88 30.14
C ASP C 194 -7.09 -17.55 29.70
N LEU C 195 -7.58 -17.46 28.47
CA LEU C 195 -8.29 -16.27 28.02
C LEU C 195 -9.79 -16.49 28.18
N GLY C 196 -10.50 -15.39 28.40
CA GLY C 196 -11.93 -15.45 28.55
C GLY C 196 -12.52 -14.06 28.57
N THR C 197 -13.82 -14.00 28.85
CA THR C 197 -14.52 -12.74 28.98
C THR C 197 -14.99 -12.57 30.41
N THR C 198 -14.60 -11.47 31.04
CA THR C 198 -15.09 -11.12 32.35
C THR C 198 -16.04 -9.95 32.24
N GLY C 199 -16.98 -9.87 33.16
CA GLY C 199 -17.97 -8.83 33.10
C GLY C 199 -19.14 -9.21 32.22
N ARG C 200 -19.90 -8.19 31.84
CA ARG C 200 -21.18 -8.41 31.21
C ARG C 200 -21.59 -7.13 30.52
N GLY C 201 -22.23 -7.26 29.36
CA GLY C 201 -22.71 -6.10 28.65
C GLY C 201 -21.64 -5.35 27.88
N ASN C 202 -21.73 -4.04 27.87
CA ASN C 202 -20.71 -3.23 27.21
C ASN C 202 -19.41 -3.23 28.01
N ASP C 203 -19.46 -3.56 29.30
CA ASP C 203 -18.28 -3.69 30.14
C ASP C 203 -17.63 -5.06 30.05
N MET C 204 -18.05 -5.91 29.12
CA MET C 204 -17.43 -7.22 28.97
C MET C 204 -16.04 -7.06 28.38
N GLN C 205 -15.05 -7.64 29.05
CA GLN C 205 -13.66 -7.45 28.71
C GLN C 205 -13.02 -8.81 28.44
N VAL C 206 -12.31 -8.91 27.32
CA VAL C 206 -11.51 -10.08 27.03
C VAL C 206 -10.19 -9.97 27.77
N GLY C 207 -9.84 -11.00 28.52
CA GLY C 207 -8.58 -10.99 29.23
C GLY C 207 -8.38 -12.28 30.01
N THR C 208 -7.52 -12.21 31.01
CA THR C 208 -7.20 -13.34 31.85
C THR C 208 -7.73 -13.21 33.27
N TYR C 209 -8.27 -12.03 33.61
CA TYR C 209 -8.86 -11.60 34.89
C TYR C 209 -7.81 -11.42 35.99
N ILE C 210 -6.62 -11.97 35.80
CA ILE C 210 -5.51 -11.85 36.73
C ILE C 210 -4.30 -11.45 35.92
N GLU C 211 -3.26 -11.03 36.63
CA GLU C 211 -2.00 -10.76 35.96
C GLU C 211 -1.37 -12.09 35.58
N LYS C 212 -1.75 -12.60 34.41
CA LYS C 212 -1.29 -13.91 33.97
C LYS C 212 -0.73 -13.77 32.56
N MET C 213 0.32 -14.52 32.30
CA MET C 213 1.18 -14.33 31.14
C MET C 213 0.89 -15.45 30.15
N PHE C 214 0.29 -15.12 29.01
CA PHE C 214 -0.11 -16.09 28.01
C PHE C 214 1.10 -16.42 27.15
N MET C 215 1.89 -17.38 27.60
CA MET C 215 3.11 -17.80 26.92
C MET C 215 2.94 -19.26 26.53
N SER C 216 2.32 -19.48 25.37
CA SER C 216 2.31 -20.77 24.74
C SER C 216 3.48 -20.85 23.77
N GLU C 217 3.61 -21.98 23.08
CA GLU C 217 4.48 -22.03 21.92
C GLU C 217 3.80 -21.47 20.69
N LEU C 218 2.47 -21.33 20.72
CA LEU C 218 1.68 -20.83 19.61
C LEU C 218 1.00 -19.51 19.95
N SER C 219 1.55 -18.76 20.91
CA SER C 219 0.84 -17.60 21.44
C SER C 219 0.83 -16.42 20.48
N GLY C 220 1.71 -16.41 19.48
CA GLY C 220 1.75 -15.29 18.57
C GLY C 220 0.71 -15.31 17.47
N ASN C 221 -0.03 -16.39 17.31
CA ASN C 221 -1.04 -16.45 16.27
C ASN C 221 -2.30 -15.67 16.64
N ILE C 222 -2.48 -15.32 17.91
CA ILE C 222 -3.57 -14.43 18.28
C ILE C 222 -3.31 -13.02 17.79
N ILE C 223 -2.07 -12.69 17.43
CA ILE C 223 -1.79 -11.45 16.71
C ILE C 223 -2.32 -11.54 15.29
N ASP C 224 -2.19 -12.71 14.65
CA ASP C 224 -2.72 -12.90 13.31
C ASP C 224 -4.23 -12.82 13.30
N ILE C 225 -4.89 -13.60 14.14
CA ILE C 225 -6.34 -13.72 14.03
C ILE C 225 -7.10 -12.61 14.74
N CYS C 226 -6.46 -11.77 15.53
CA CYS C 226 -7.16 -10.61 16.03
C CYS C 226 -7.46 -9.69 14.85
N PRO C 227 -8.74 -9.45 14.53
CA PRO C 227 -9.05 -8.67 13.33
C PRO C 227 -8.71 -7.20 13.47
N VAL C 228 -8.48 -6.74 14.70
CA VAL C 228 -8.27 -5.34 15.01
C VAL C 228 -6.89 -5.19 15.64
N GLY C 229 -6.52 -3.98 16.03
CA GLY C 229 -5.22 -3.76 16.64
C GLY C 229 -5.19 -3.96 18.14
N ALA C 230 -6.11 -4.76 18.67
CA ALA C 230 -6.14 -5.01 20.11
C ALA C 230 -4.99 -5.91 20.54
N LEU C 231 -4.64 -6.88 19.71
CA LEU C 231 -3.51 -7.77 19.96
C LEU C 231 -2.49 -7.53 18.86
N THR C 232 -1.38 -6.91 19.18
CA THR C 232 -0.36 -6.64 18.18
C THR C 232 0.95 -7.28 18.60
N SER C 233 1.89 -7.31 17.67
CA SER C 233 3.22 -7.81 17.94
C SER C 233 4.01 -6.73 18.67
N LYS C 234 4.45 -7.04 19.88
CA LYS C 234 5.30 -6.13 20.65
C LYS C 234 6.70 -5.95 20.05
N PRO C 235 7.38 -6.97 19.47
CA PRO C 235 8.63 -6.66 18.77
C PRO C 235 8.44 -5.87 17.47
N TYR C 236 7.39 -6.15 16.71
CA TYR C 236 7.15 -5.45 15.46
C TYR C 236 6.60 -4.05 15.66
N ALA C 237 6.20 -3.71 16.89
CA ALA C 237 5.44 -2.51 17.23
C ALA C 237 6.09 -1.24 16.72
N PHE C 238 5.32 -0.49 15.93
CA PHE C 238 5.52 0.87 15.46
C PHE C 238 6.52 0.94 14.31
N THR C 239 7.16 -0.16 13.93
CA THR C 239 8.34 -0.09 13.07
C THR C 239 7.98 0.04 11.60
N ALA C 240 6.97 -0.70 11.15
CA ALA C 240 6.61 -0.67 9.75
C ALA C 240 5.12 -0.55 9.60
N ARG C 241 4.65 -0.80 8.40
CA ARG C 241 3.29 -0.48 8.03
C ARG C 241 3.03 -1.29 6.77
N PRO C 242 1.87 -1.95 6.62
CA PRO C 242 1.79 -3.08 5.67
C PRO C 242 1.89 -2.72 4.21
N TRP C 243 1.54 -1.50 3.81
CA TRP C 243 1.58 -1.20 2.38
C TRP C 243 3.01 -1.06 1.86
N GLU C 244 3.95 -0.66 2.71
CA GLU C 244 5.33 -0.49 2.28
C GLU C 244 6.16 -1.75 2.46
N THR C 245 5.58 -2.85 2.90
CA THR C 245 6.33 -4.08 3.10
C THR C 245 6.33 -4.92 1.84
N ARG C 246 7.49 -5.43 1.48
CA ARG C 246 7.64 -6.42 0.44
C ARG C 246 7.49 -7.81 1.05
N LYS C 247 6.71 -8.65 0.39
CA LYS C 247 6.35 -9.96 0.93
C LYS C 247 7.12 -11.04 0.18
N THR C 248 8.09 -11.66 0.85
CA THR C 248 8.86 -12.77 0.30
C THR C 248 8.34 -14.07 0.89
N GLU C 249 7.87 -14.96 0.05
CA GLU C 249 7.35 -16.24 0.52
C GLU C 249 8.52 -17.21 0.73
N SER C 250 8.63 -17.76 1.92
CA SER C 250 9.82 -18.51 2.31
C SER C 250 9.42 -19.63 3.26
N ILE C 251 10.42 -20.28 3.84
CA ILE C 251 10.24 -21.48 4.67
C ILE C 251 10.86 -21.22 6.03
N ASP C 252 10.19 -21.66 7.09
CA ASP C 252 10.80 -21.72 8.41
C ASP C 252 11.91 -22.76 8.45
N VAL C 253 12.98 -22.45 9.19
CA VAL C 253 14.03 -23.41 9.49
C VAL C 253 14.23 -23.57 10.99
N MET C 254 13.35 -23.01 11.82
CA MET C 254 13.52 -23.12 13.26
C MET C 254 13.24 -24.52 13.79
N ASP C 255 12.58 -25.37 13.01
CA ASP C 255 12.43 -26.77 13.34
C ASP C 255 12.32 -27.55 12.03
N ALA C 256 11.99 -28.83 12.13
CA ALA C 256 11.85 -29.67 10.96
C ALA C 256 10.41 -29.79 10.49
N VAL C 257 9.56 -28.82 10.83
CA VAL C 257 8.19 -28.83 10.32
C VAL C 257 8.16 -28.24 8.92
N GLY C 258 8.97 -27.23 8.67
CA GLY C 258 8.98 -26.57 7.39
C GLY C 258 7.76 -25.70 7.22
N SER C 259 7.47 -24.87 8.22
CA SER C 259 6.32 -23.99 8.17
C SER C 259 6.51 -22.94 7.09
N ASN C 260 5.50 -22.79 6.22
CA ASN C 260 5.59 -21.79 5.18
C ASN C 260 5.31 -20.42 5.77
N ILE C 261 6.16 -19.46 5.46
CA ILE C 261 6.11 -18.13 6.06
C ILE C 261 6.15 -17.09 4.97
N VAL C 262 5.76 -15.88 5.35
CA VAL C 262 6.08 -14.66 4.62
C VAL C 262 7.09 -13.91 5.46
N VAL C 263 8.26 -13.65 4.89
CA VAL C 263 9.17 -12.67 5.43
C VAL C 263 8.76 -11.33 4.82
N SER C 264 8.26 -10.42 5.64
CA SER C 264 7.94 -9.10 5.15
C SER C 264 9.12 -8.21 5.48
N THR C 265 9.71 -7.63 4.44
CA THR C 265 10.84 -6.73 4.51
C THR C 265 10.41 -5.32 4.14
N ARG C 266 11.28 -4.36 4.42
CA ARG C 266 11.03 -2.98 4.04
C ARG C 266 12.37 -2.31 3.88
N THR C 267 12.66 -1.85 2.67
CA THR C 267 13.90 -1.16 2.28
C THR C 267 15.13 -1.99 2.63
N GLY C 268 15.07 -3.27 2.30
CA GLY C 268 16.19 -4.17 2.49
C GLY C 268 16.43 -4.63 3.92
N GLU C 269 15.40 -4.59 4.76
CA GLU C 269 15.53 -5.00 6.16
C GLU C 269 14.31 -5.83 6.54
N VAL C 270 14.54 -6.97 7.18
CA VAL C 270 13.46 -7.86 7.58
C VAL C 270 12.64 -7.22 8.68
N MET C 271 11.34 -7.01 8.41
CA MET C 271 10.44 -6.39 9.38
C MET C 271 9.76 -7.42 10.28
N ARG C 272 9.12 -8.43 9.69
CA ARG C 272 8.48 -9.45 10.51
C ARG C 272 8.33 -10.73 9.70
N ILE C 273 7.82 -11.76 10.36
CA ILE C 273 7.56 -13.06 9.76
C ILE C 273 6.12 -13.46 10.10
N LEU C 274 5.32 -13.63 9.06
CA LEU C 274 3.93 -14.05 9.12
C LEU C 274 3.80 -15.48 8.62
N PRO C 275 2.73 -16.19 8.94
CA PRO C 275 2.51 -17.49 8.32
C PRO C 275 2.03 -17.38 6.88
N ARG C 276 2.30 -18.43 6.12
CA ARG C 276 1.57 -18.73 4.90
C ARG C 276 0.66 -19.91 5.14
N MET C 277 -0.48 -19.90 4.47
CA MET C 277 -1.37 -21.04 4.55
C MET C 277 -0.79 -22.19 3.74
N HIS C 278 -0.41 -23.26 4.43
CA HIS C 278 -0.19 -24.55 3.80
C HIS C 278 -1.04 -25.54 4.58
N GLU C 279 -2.05 -26.11 3.92
CA GLU C 279 -3.02 -26.98 4.58
C GLU C 279 -2.41 -28.25 5.14
N ASP C 280 -1.29 -28.71 4.61
CA ASP C 280 -0.70 -29.96 5.01
C ASP C 280 0.47 -29.82 5.96
N ILE C 281 0.87 -28.59 6.32
CA ILE C 281 2.01 -28.41 7.19
C ILE C 281 1.65 -27.61 8.44
N ASN C 282 1.29 -26.35 8.26
CA ASN C 282 1.31 -25.40 9.37
C ASN C 282 0.04 -24.56 9.42
N GLU C 283 -1.12 -25.21 9.32
CA GLU C 283 -2.24 -24.80 8.48
C GLU C 283 -2.35 -23.32 8.14
N GLU C 284 -2.42 -22.45 9.15
CA GLU C 284 -2.05 -21.06 8.91
C GLU C 284 -1.37 -20.47 10.13
N TRP C 285 -0.68 -21.31 10.90
CA TRP C 285 -0.08 -20.89 12.15
C TRP C 285 1.43 -21.05 12.04
N ILE C 286 2.14 -20.41 12.95
CA ILE C 286 3.58 -20.61 13.13
C ILE C 286 3.86 -20.58 14.62
N SER C 287 4.97 -21.18 15.01
CA SER C 287 5.35 -21.14 16.41
C SER C 287 5.94 -19.77 16.75
N ASP C 288 6.06 -19.50 18.05
CA ASP C 288 6.56 -18.20 18.48
C ASP C 288 8.05 -18.04 18.20
N LYS C 289 8.79 -19.15 18.15
CA LYS C 289 10.17 -19.11 17.72
C LYS C 289 10.27 -18.67 16.26
N THR C 290 9.44 -19.28 15.41
CA THR C 290 9.33 -18.91 14.00
C THR C 290 8.92 -17.46 13.85
N ARG C 291 7.97 -17.00 14.67
CA ARG C 291 7.41 -15.67 14.49
C ARG C 291 8.37 -14.59 15.00
N PHE C 292 9.13 -14.86 16.05
CA PHE C 292 9.82 -13.80 16.75
C PHE C 292 11.33 -13.97 16.86
N ALA C 293 11.94 -15.01 16.30
CA ALA C 293 13.37 -15.17 16.43
C ALA C 293 14.15 -14.40 15.36
N TYR C 294 13.46 -13.62 14.51
CA TYR C 294 14.10 -12.89 13.43
C TYR C 294 14.94 -11.72 13.91
N ASP C 295 14.81 -11.28 15.16
CA ASP C 295 15.70 -10.22 15.61
C ASP C 295 17.06 -10.75 16.05
N GLY C 296 17.20 -12.07 16.21
CA GLY C 296 18.52 -12.67 16.31
C GLY C 296 19.29 -12.67 15.02
N LEU C 297 18.59 -12.43 13.92
CA LEU C 297 19.17 -12.44 12.59
C LEU C 297 19.87 -11.13 12.26
N LYS C 298 19.78 -10.13 13.14
CA LYS C 298 20.49 -8.87 13.00
C LYS C 298 21.41 -8.59 14.18
N ARG C 299 21.70 -9.58 15.00
CA ARG C 299 22.71 -9.51 16.03
C ARG C 299 23.69 -10.66 15.86
N GLN C 300 24.91 -10.44 16.37
CA GLN C 300 25.98 -11.45 16.44
C GLN C 300 26.35 -12.01 15.08
N ARG C 301 26.21 -11.20 14.03
CA ARG C 301 26.29 -11.70 12.67
C ARG C 301 27.73 -11.75 12.18
N LEU C 302 28.04 -12.80 11.43
CA LEU C 302 29.33 -12.91 10.76
C LEU C 302 29.23 -12.15 9.45
N THR C 303 29.95 -11.04 9.35
CA THR C 303 29.85 -10.19 8.18
C THR C 303 31.12 -10.14 7.34
N GLU C 304 32.26 -10.52 7.88
CA GLU C 304 33.52 -10.48 7.14
C GLU C 304 34.33 -11.73 7.43
N PRO C 305 35.14 -12.18 6.48
CA PRO C 305 36.04 -13.30 6.75
C PRO C 305 37.07 -12.96 7.80
N MET C 306 37.28 -13.88 8.73
CA MET C 306 38.22 -13.72 9.81
C MET C 306 39.26 -14.82 9.74
N VAL C 307 40.51 -14.48 10.02
CA VAL C 307 41.60 -15.44 10.16
C VAL C 307 42.35 -15.14 11.44
N ARG C 308 43.06 -16.14 11.94
CA ARG C 308 43.88 -15.95 13.13
C ARG C 308 45.17 -15.22 12.76
N ASN C 309 45.51 -14.20 13.54
CA ASN C 309 46.73 -13.44 13.31
C ASN C 309 47.90 -14.12 14.03
N GLU C 310 49.01 -13.40 14.16
CA GLU C 310 50.19 -13.94 14.82
C GLU C 310 50.00 -14.07 16.33
N LYS C 311 49.05 -13.34 16.91
CA LYS C 311 48.74 -13.44 18.33
C LYS C 311 47.67 -14.49 18.62
N GLY C 312 47.09 -15.09 17.59
CA GLY C 312 46.04 -16.08 17.79
C GLY C 312 44.66 -15.49 17.95
N LEU C 313 44.44 -14.28 17.43
CA LEU C 313 43.14 -13.62 17.53
C LEU C 313 42.51 -13.52 16.15
N LEU C 314 41.18 -13.63 16.11
CA LEU C 314 40.45 -13.52 14.86
C LEU C 314 40.43 -12.06 14.42
N THR C 315 41.04 -11.80 13.27
CA THR C 315 41.04 -10.48 12.66
C THR C 315 40.38 -10.56 11.30
N HIS C 316 39.81 -9.45 10.88
CA HIS C 316 39.11 -9.39 9.60
C HIS C 316 40.11 -9.49 8.45
N THR C 317 39.66 -10.10 7.36
CA THR C 317 40.49 -10.26 6.18
C THR C 317 39.58 -10.31 4.96
N THR C 318 40.19 -10.43 3.80
CA THR C 318 39.45 -10.49 2.55
C THR C 318 39.03 -11.93 2.26
N TRP C 319 38.18 -12.10 1.24
CA TRP C 319 37.80 -13.44 0.82
C TRP C 319 38.96 -14.18 0.18
N GLU C 320 39.84 -13.47 -0.54
CA GLU C 320 40.98 -14.10 -1.19
C GLU C 320 41.91 -14.74 -0.18
N ASP C 321 42.25 -14.00 0.88
CA ASP C 321 43.17 -14.50 1.90
C ASP C 321 42.56 -15.65 2.68
N ALA C 322 41.29 -15.53 3.07
CA ALA C 322 40.65 -16.56 3.88
C ALA C 322 40.46 -17.84 3.08
N LEU C 323 39.99 -17.74 1.82
CA LEU C 323 39.83 -18.93 1.01
C LEU C 323 41.16 -19.54 0.62
N SER C 324 42.21 -18.71 0.48
CA SER C 324 43.54 -19.26 0.21
C SER C 324 44.09 -20.01 1.42
N ARG C 325 43.85 -19.49 2.62
CA ARG C 325 44.36 -20.18 3.80
C ARG C 325 43.56 -21.44 4.12
N VAL C 326 42.29 -21.49 3.72
CA VAL C 326 41.56 -22.74 3.85
C VAL C 326 41.99 -23.74 2.78
N ALA C 327 42.18 -23.27 1.55
CA ALA C 327 42.49 -24.17 0.44
C ALA C 327 43.92 -24.69 0.50
N GLY C 328 44.84 -23.95 1.13
CA GLY C 328 46.18 -24.46 1.32
C GLY C 328 46.22 -25.60 2.31
N MET C 329 45.33 -25.58 3.30
CA MET C 329 45.23 -26.69 4.23
C MET C 329 44.43 -27.84 3.63
N LEU C 330 43.45 -27.54 2.78
CA LEU C 330 42.65 -28.58 2.14
C LEU C 330 43.47 -29.40 1.15
N GLN C 331 44.44 -28.79 0.48
CA GLN C 331 45.30 -29.52 -0.44
C GLN C 331 46.28 -30.43 0.28
N SER C 332 46.58 -30.15 1.55
CA SER C 332 47.47 -30.99 2.33
C SER C 332 46.73 -32.10 3.06
N CYS C 333 45.42 -32.24 2.85
CA CYS C 333 44.63 -33.29 3.46
C CYS C 333 44.26 -34.34 2.42
N GLN C 334 43.94 -35.53 2.90
CA GLN C 334 43.52 -36.67 2.10
C GLN C 334 42.95 -37.72 3.05
N GLY C 335 41.83 -38.30 2.66
CA GLY C 335 41.28 -39.41 3.43
C GLY C 335 40.58 -38.92 4.67
N ASN C 336 40.97 -39.47 5.82
CA ASN C 336 40.39 -39.07 7.09
C ASN C 336 41.05 -37.84 7.68
N ASP C 337 41.90 -37.16 6.93
CA ASP C 337 42.56 -35.96 7.41
C ASP C 337 41.62 -34.76 7.45
N VAL C 338 40.52 -34.81 6.71
CA VAL C 338 39.56 -33.72 6.67
C VAL C 338 38.17 -34.29 6.92
N ALA C 339 37.39 -33.59 7.74
CA ALA C 339 36.02 -33.98 8.04
C ALA C 339 35.15 -32.73 8.03
N ALA C 340 33.85 -32.94 8.24
CA ALA C 340 32.91 -31.84 8.19
C ALA C 340 31.72 -32.15 9.09
N ILE C 341 31.30 -31.15 9.85
CA ILE C 341 30.10 -31.25 10.66
C ILE C 341 29.08 -30.26 10.12
N ALA C 342 27.90 -30.76 9.78
CA ALA C 342 26.81 -29.91 9.37
C ALA C 342 25.98 -29.48 10.57
N GLY C 343 25.62 -28.20 10.61
CA GLY C 343 24.80 -27.67 11.67
C GLY C 343 23.32 -27.87 11.42
N GLY C 344 22.52 -27.17 12.19
CA GLY C 344 21.09 -27.36 12.16
C GLY C 344 20.35 -26.56 11.10
N LEU C 345 20.99 -25.54 10.56
CA LEU C 345 20.32 -24.57 9.69
C LEU C 345 20.89 -24.57 8.28
N VAL C 346 21.48 -25.67 7.85
CA VAL C 346 22.21 -25.71 6.60
C VAL C 346 21.30 -26.23 5.49
N ASP C 347 21.27 -25.53 4.37
CA ASP C 347 20.50 -25.96 3.23
C ASP C 347 21.19 -27.09 2.47
N ALA C 348 20.41 -27.78 1.64
CA ALA C 348 20.89 -28.95 0.92
C ALA C 348 21.92 -28.58 -0.15
N GLU C 349 21.89 -27.32 -0.63
CA GLU C 349 22.87 -26.87 -1.62
C GLU C 349 24.27 -26.83 -1.02
N ALA C 350 24.41 -26.24 0.16
CA ALA C 350 25.71 -26.23 0.83
C ALA C 350 26.11 -27.61 1.32
N LEU C 351 25.12 -28.44 1.66
CA LEU C 351 25.42 -29.81 2.08
C LEU C 351 26.04 -30.61 0.95
N ILE C 352 25.43 -30.57 -0.23
CA ILE C 352 26.02 -31.30 -1.34
C ILE C 352 27.26 -30.59 -1.88
N ALA C 353 27.37 -29.27 -1.66
CA ALA C 353 28.57 -28.54 -2.00
C ALA C 353 29.77 -29.06 -1.21
N LEU C 354 29.64 -29.08 0.11
CA LEU C 354 30.74 -29.53 0.95
C LEU C 354 30.95 -31.04 0.84
N LYS C 355 29.89 -31.79 0.49
CA LYS C 355 30.07 -33.22 0.27
C LYS C 355 30.90 -33.48 -0.98
N ASP C 356 30.60 -32.79 -2.07
CA ASP C 356 31.39 -32.95 -3.29
C ASP C 356 32.82 -32.44 -3.09
N LEU C 357 32.98 -31.36 -2.32
CA LEU C 357 34.31 -30.83 -2.05
C LEU C 357 35.16 -31.81 -1.25
N LEU C 358 34.62 -32.38 -0.18
CA LEU C 358 35.38 -33.36 0.56
C LEU C 358 35.51 -34.69 -0.16
N ASN C 359 34.60 -35.01 -1.09
CA ASN C 359 34.79 -36.22 -1.87
C ASN C 359 35.88 -36.05 -2.90
N ARG C 360 36.15 -34.82 -3.35
CA ARG C 360 37.32 -34.59 -4.20
C ARG C 360 38.63 -34.87 -3.47
N VAL C 361 38.63 -34.73 -2.13
CA VAL C 361 39.79 -35.05 -1.30
C VAL C 361 39.75 -36.52 -0.88
N ASP C 362 38.76 -37.28 -1.36
CA ASP C 362 38.46 -38.66 -0.95
C ASP C 362 38.21 -38.72 0.57
N SER C 363 37.28 -37.90 1.03
CA SER C 363 36.81 -37.95 2.40
C SER C 363 35.32 -38.20 2.39
N ASP C 364 34.89 -39.24 3.08
CA ASP C 364 33.47 -39.51 3.28
C ASP C 364 32.99 -39.08 4.66
N THR C 365 33.88 -38.52 5.49
CA THR C 365 33.53 -38.18 6.86
C THR C 365 32.81 -36.84 6.85
N LEU C 366 31.53 -36.87 6.48
CA LEU C 366 30.68 -35.70 6.58
C LEU C 366 29.56 -36.03 7.55
N CYS C 367 29.54 -35.32 8.67
CA CYS C 367 28.71 -35.66 9.80
C CYS C 367 27.70 -34.56 10.08
N THR C 368 26.66 -34.93 10.80
CA THR C 368 25.71 -33.99 11.36
C THR C 368 25.85 -33.98 12.86
N GLU C 369 25.29 -32.95 13.49
CA GLU C 369 25.28 -32.91 14.94
C GLU C 369 24.25 -33.84 15.53
N GLU C 370 23.11 -34.03 14.87
CA GLU C 370 22.03 -34.81 15.42
C GLU C 370 22.26 -36.28 15.07
N VAL C 371 22.23 -37.14 16.09
CA VAL C 371 22.56 -38.55 15.90
C VAL C 371 21.33 -39.30 15.43
N PHE C 372 21.45 -39.94 14.30
CA PHE C 372 20.53 -40.98 13.87
C PHE C 372 21.27 -42.31 13.82
N PRO C 373 20.68 -43.40 14.30
CA PRO C 373 21.41 -44.67 14.34
C PRO C 373 21.56 -45.29 12.97
N THR C 374 22.80 -45.63 12.62
CA THR C 374 23.13 -46.24 11.35
C THR C 374 23.08 -47.75 11.37
N ALA C 375 22.61 -48.35 12.47
CA ALA C 375 22.54 -49.80 12.56
C ALA C 375 21.41 -50.33 11.70
N GLY C 376 21.67 -51.43 11.01
CA GLY C 376 20.69 -52.03 10.13
C GLY C 376 20.66 -51.38 8.77
N ALA C 377 19.49 -50.85 8.37
CA ALA C 377 19.40 -50.15 7.11
C ALA C 377 20.08 -48.79 7.20
N GLY C 378 19.98 -48.13 8.35
CA GLY C 378 20.60 -46.83 8.50
C GLY C 378 19.83 -45.78 7.75
N THR C 379 20.54 -44.95 6.99
CA THR C 379 19.93 -43.93 6.17
C THR C 379 19.81 -44.35 4.72
N ASP C 380 19.89 -45.64 4.45
CA ASP C 380 19.81 -46.14 3.08
C ASP C 380 18.38 -46.05 2.56
N LEU C 381 17.43 -46.57 3.31
CA LEU C 381 16.03 -46.40 3.01
C LEU C 381 15.56 -45.10 3.63
N ARG C 382 14.76 -44.33 2.89
CA ARG C 382 14.28 -43.07 3.46
C ARG C 382 13.22 -43.29 4.53
N SER C 383 12.54 -44.44 4.50
CA SER C 383 11.37 -44.64 5.33
C SER C 383 11.71 -44.74 6.82
N ASN C 384 12.91 -45.18 7.17
CA ASN C 384 13.20 -45.33 8.58
C ASN C 384 13.75 -44.07 9.23
N TYR C 385 13.70 -42.92 8.55
CA TYR C 385 13.99 -41.65 9.22
C TYR C 385 13.02 -40.55 8.82
N LEU C 386 11.87 -40.88 8.24
CA LEU C 386 10.89 -39.88 7.88
C LEU C 386 9.68 -39.94 8.80
N LEU C 387 8.91 -38.86 8.78
CA LEU C 387 7.54 -38.86 9.28
C LEU C 387 6.70 -39.42 8.14
N ASN C 388 6.64 -40.75 8.08
CA ASN C 388 6.14 -41.45 6.89
C ASN C 388 4.65 -41.33 6.73
N THR C 389 3.92 -41.00 7.79
CA THR C 389 2.47 -40.97 7.66
C THR C 389 2.03 -39.74 6.89
N THR C 390 2.16 -38.56 7.52
CA THR C 390 2.46 -37.21 7.06
C THR C 390 2.17 -36.34 8.28
N ILE C 391 2.36 -35.03 8.17
CA ILE C 391 1.72 -34.13 9.12
C ILE C 391 0.21 -34.19 8.95
N ALA C 392 -0.26 -34.26 7.70
CA ALA C 392 -1.70 -34.32 7.45
C ALA C 392 -2.29 -35.69 7.82
N GLY C 393 -1.49 -36.75 7.76
CA GLY C 393 -1.95 -38.08 8.08
C GLY C 393 -2.34 -38.28 9.53
N VAL C 394 -1.92 -37.37 10.42
CA VAL C 394 -2.40 -37.35 11.80
C VAL C 394 -3.91 -37.19 11.85
N GLU C 395 -4.49 -36.46 10.89
CA GLU C 395 -5.94 -36.35 10.82
C GLU C 395 -6.61 -37.64 10.39
N GLU C 396 -5.87 -38.61 9.84
CA GLU C 396 -6.42 -39.88 9.45
C GLU C 396 -6.22 -40.97 10.50
N ALA C 397 -5.38 -40.74 11.49
CA ALA C 397 -5.06 -41.75 12.47
C ALA C 397 -6.14 -41.82 13.56
N ASP C 398 -6.17 -42.94 14.27
CA ASP C 398 -7.04 -43.09 15.42
C ASP C 398 -6.32 -43.39 16.72
N VAL C 399 -5.08 -43.88 16.66
CA VAL C 399 -4.22 -44.05 17.82
C VAL C 399 -2.85 -43.52 17.46
N VAL C 400 -2.30 -42.64 18.31
CA VAL C 400 -0.94 -42.13 18.16
C VAL C 400 -0.14 -42.52 19.38
N LEU C 401 1.00 -43.16 19.16
CA LEU C 401 1.96 -43.49 20.21
C LEU C 401 3.19 -42.60 20.04
N LEU C 402 3.42 -41.72 21.01
CA LEU C 402 4.57 -40.83 21.02
C LEU C 402 5.65 -41.45 21.91
N VAL C 403 6.83 -41.67 21.36
CA VAL C 403 7.90 -42.35 22.07
C VAL C 403 9.08 -41.42 22.19
N GLY C 404 9.43 -41.07 23.42
CA GLY C 404 10.66 -40.33 23.71
C GLY C 404 10.69 -38.93 23.16
N THR C 405 9.54 -38.29 23.00
CA THR C 405 9.47 -36.98 22.39
C THR C 405 8.60 -36.05 23.22
N ASN C 406 8.91 -34.76 23.11
CA ASN C 406 8.04 -33.68 23.58
C ASN C 406 7.67 -32.89 22.33
N PRO C 407 6.66 -33.33 21.58
CA PRO C 407 6.34 -32.66 20.30
C PRO C 407 5.75 -31.27 20.47
N ARG C 408 5.41 -30.86 21.68
CA ARG C 408 4.95 -29.49 21.91
C ARG C 408 6.06 -28.49 21.60
N PHE C 409 7.30 -28.83 21.95
CA PHE C 409 8.39 -27.90 21.74
C PHE C 409 9.36 -28.35 20.65
N GLU C 410 9.41 -29.64 20.35
CA GLU C 410 10.27 -30.12 19.26
C GLU C 410 9.68 -29.78 17.90
N ALA C 411 8.36 -29.91 17.76
CA ALA C 411 7.67 -29.64 16.50
C ALA C 411 6.28 -29.12 16.81
N PRO C 412 6.16 -27.83 17.16
CA PRO C 412 4.91 -27.33 17.77
C PRO C 412 3.68 -27.39 16.89
N LEU C 413 3.84 -27.30 15.57
CA LEU C 413 2.65 -27.42 14.74
C LEU C 413 2.31 -28.84 14.38
N PHE C 414 3.28 -29.76 14.48
CA PHE C 414 2.93 -31.17 14.51
C PHE C 414 2.10 -31.48 15.75
N ASN C 415 2.46 -30.90 16.90
CA ASN C 415 1.65 -31.06 18.11
C ASN C 415 0.29 -30.40 17.94
N ALA C 416 0.23 -29.28 17.23
CA ALA C 416 -1.05 -28.64 16.97
C ALA C 416 -1.94 -29.49 16.08
N ARG C 417 -1.34 -30.21 15.13
CA ARG C 417 -2.12 -31.14 14.31
C ARG C 417 -2.59 -32.33 15.13
N ILE C 418 -1.77 -32.79 16.07
CA ILE C 418 -2.21 -33.86 16.97
C ILE C 418 -3.36 -33.37 17.85
N ARG C 419 -3.30 -32.13 18.33
CA ARG C 419 -4.39 -31.60 19.13
C ARG C 419 -5.67 -31.42 18.30
N LYS C 420 -5.53 -31.05 17.03
CA LYS C 420 -6.72 -30.92 16.19
C LYS C 420 -7.35 -32.29 15.93
N SER C 421 -6.52 -33.32 15.75
CA SER C 421 -7.06 -34.67 15.62
C SER C 421 -7.64 -35.18 16.93
N TRP C 422 -7.04 -34.79 18.05
CA TRP C 422 -7.57 -35.11 19.38
C TRP C 422 -8.94 -34.51 19.58
N LEU C 423 -9.11 -33.26 19.15
CA LEU C 423 -10.32 -32.50 19.39
C LEU C 423 -11.44 -32.93 18.45
N HIS C 424 -11.14 -33.12 17.18
CA HIS C 424 -12.18 -33.31 16.18
C HIS C 424 -12.37 -34.76 15.78
N ASN C 425 -11.37 -35.61 15.92
CA ASN C 425 -11.47 -37.00 15.49
C ASN C 425 -11.45 -37.98 16.65
N ASP C 426 -11.43 -37.47 17.89
CA ASP C 426 -11.35 -38.25 19.13
C ASP C 426 -10.14 -39.17 19.13
N LEU C 427 -8.99 -38.58 18.79
CA LEU C 427 -7.73 -39.31 18.71
C LEU C 427 -7.27 -39.75 20.08
N LYS C 428 -6.83 -41.01 20.17
CA LYS C 428 -6.22 -41.53 21.39
C LYS C 428 -4.71 -41.35 21.28
N VAL C 429 -4.13 -40.61 22.21
CA VAL C 429 -2.70 -40.33 22.22
C VAL C 429 -2.10 -41.03 23.44
N ALA C 430 -1.00 -41.74 23.24
CA ALA C 430 -0.23 -42.28 24.33
C ALA C 430 1.22 -41.80 24.22
N LEU C 431 1.85 -41.64 25.38
CA LEU C 431 3.22 -41.13 25.46
C LEU C 431 4.07 -42.09 26.27
N ILE C 432 5.24 -42.43 25.72
CA ILE C 432 6.28 -43.14 26.46
C ILE C 432 7.43 -42.15 26.66
N GLY C 433 7.60 -41.70 27.89
CA GLY C 433 8.55 -40.65 28.19
C GLY C 433 8.13 -39.94 29.46
N SER C 434 8.75 -38.80 29.71
CA SER C 434 8.42 -38.03 30.90
C SER C 434 7.06 -37.36 30.71
N PRO C 435 6.26 -37.24 31.77
CA PRO C 435 4.90 -36.70 31.62
C PRO C 435 4.85 -35.21 31.36
N VAL C 436 5.20 -34.80 30.14
CA VAL C 436 5.18 -33.40 29.77
C VAL C 436 3.75 -32.96 29.48
N ASP C 437 3.52 -31.66 29.57
CA ASP C 437 2.24 -31.07 29.17
C ASP C 437 2.23 -30.96 27.65
N LEU C 438 1.23 -31.56 27.01
CA LEU C 438 1.11 -31.53 25.56
C LEU C 438 -0.06 -30.70 25.07
N THR C 439 -0.74 -29.98 25.99
CA THR C 439 -1.95 -29.17 25.82
C THR C 439 -3.18 -29.99 25.46
N TYR C 440 -3.11 -31.30 25.56
CA TYR C 440 -4.26 -32.19 25.51
C TYR C 440 -3.97 -33.35 26.47
N ARG C 441 -4.98 -34.17 26.73
CA ARG C 441 -4.81 -35.28 27.65
C ARG C 441 -4.44 -36.54 26.88
N TYR C 442 -3.43 -37.24 27.36
CA TYR C 442 -2.93 -38.46 26.76
C TYR C 442 -2.83 -39.55 27.82
N ASP C 443 -2.54 -40.76 27.37
CA ASP C 443 -2.31 -41.90 28.26
C ASP C 443 -0.81 -42.04 28.48
N HIS C 444 -0.33 -41.61 29.64
CA HIS C 444 1.08 -41.73 29.95
C HIS C 444 1.38 -43.17 30.36
N LEU C 445 2.08 -43.88 29.48
CA LEU C 445 2.38 -45.29 29.71
C LEU C 445 3.58 -45.49 30.62
N GLY C 446 4.40 -44.47 30.83
CA GLY C 446 5.60 -44.60 31.62
C GLY C 446 6.81 -44.16 30.84
N ASP C 447 7.93 -43.88 31.53
CA ASP C 447 9.10 -43.32 30.88
C ASP C 447 10.20 -44.35 30.60
N SER C 448 10.02 -45.60 30.98
CA SER C 448 11.07 -46.57 30.76
C SER C 448 10.99 -47.13 29.34
N PRO C 449 12.13 -47.36 28.69
CA PRO C 449 12.11 -47.94 27.34
C PRO C 449 11.70 -49.40 27.29
N LYS C 450 11.71 -50.11 28.43
CA LYS C 450 11.31 -51.52 28.47
C LYS C 450 9.83 -51.71 28.14
N ILE C 451 9.01 -50.66 28.28
CA ILE C 451 7.63 -50.68 27.83
C ILE C 451 7.56 -50.90 26.33
N LEU C 452 8.55 -50.41 25.58
CA LEU C 452 8.66 -50.72 24.16
C LEU C 452 8.86 -52.20 23.90
N GLN C 453 9.48 -52.92 24.83
CA GLN C 453 9.55 -54.36 24.74
C GLN C 453 8.29 -55.04 25.24
N ASP C 454 7.48 -54.35 26.05
CA ASP C 454 6.24 -54.94 26.53
C ASP C 454 5.10 -54.77 25.53
N ILE C 455 5.11 -53.68 24.76
CA ILE C 455 4.13 -53.50 23.70
C ILE C 455 4.42 -54.44 22.54
N ALA C 456 5.69 -54.65 22.24
CA ALA C 456 6.11 -55.54 21.17
C ALA C 456 5.94 -57.02 21.51
N SER C 457 5.59 -57.36 22.75
CA SER C 457 5.31 -58.73 23.13
C SER C 457 3.85 -58.98 23.48
N GLY C 458 3.03 -57.93 23.55
CA GLY C 458 1.63 -58.09 23.85
C GLY C 458 1.28 -58.18 25.32
N SER C 459 2.27 -58.12 26.21
CA SER C 459 2.01 -58.21 27.64
C SER C 459 1.46 -56.92 28.21
N HIS C 460 1.62 -55.80 27.51
CA HIS C 460 1.20 -54.46 27.91
C HIS C 460 -0.22 -54.20 27.39
N PRO C 461 -1.06 -53.50 28.16
CA PRO C 461 -2.45 -53.30 27.73
C PRO C 461 -2.61 -52.41 26.51
N PHE C 462 -1.67 -51.51 26.24
CA PHE C 462 -1.74 -50.65 25.06
C PHE C 462 -1.40 -51.41 23.77
N SER C 463 -0.81 -52.60 23.88
CA SER C 463 -0.56 -53.42 22.70
C SER C 463 -1.85 -53.86 22.04
N GLN C 464 -2.87 -54.20 22.83
CA GLN C 464 -4.17 -54.55 22.25
C GLN C 464 -4.86 -53.33 21.65
N VAL C 465 -4.62 -52.14 22.22
CA VAL C 465 -5.13 -50.91 21.65
C VAL C 465 -4.52 -50.65 20.28
N LEU C 466 -3.22 -50.92 20.15
CA LEU C 466 -2.57 -50.80 18.84
C LEU C 466 -3.03 -51.89 17.88
N GLN C 467 -3.35 -53.08 18.38
CA GLN C 467 -3.80 -54.15 17.48
C GLN C 467 -5.20 -53.88 16.94
N GLU C 468 -6.11 -53.41 17.79
CA GLU C 468 -7.46 -53.17 17.31
C GLU C 468 -7.63 -51.84 16.61
N ALA C 469 -6.58 -51.01 16.55
CA ALA C 469 -6.65 -49.74 15.85
C ALA C 469 -6.61 -49.96 14.35
N LYS C 470 -7.31 -49.09 13.62
CA LYS C 470 -7.38 -49.20 12.17
C LYS C 470 -6.29 -48.41 11.48
N LYS C 471 -6.01 -47.19 11.95
CA LYS C 471 -4.94 -46.36 11.43
C LYS C 471 -3.98 -45.98 12.56
N PRO C 472 -3.15 -46.90 13.03
CA PRO C 472 -2.25 -46.58 14.13
C PRO C 472 -1.05 -45.77 13.63
N MET C 473 -0.43 -45.08 14.58
CA MET C 473 0.66 -44.17 14.24
C MET C 473 1.65 -44.17 15.39
N VAL C 474 2.89 -44.53 15.10
CA VAL C 474 3.92 -44.60 16.12
C VAL C 474 4.99 -43.58 15.78
N VAL C 475 5.15 -42.57 16.63
CA VAL C 475 6.04 -41.45 16.37
C VAL C 475 7.19 -41.52 17.35
N LEU C 476 8.39 -41.77 16.84
CA LEU C 476 9.60 -41.79 17.63
C LEU C 476 10.31 -40.45 17.47
N GLY C 477 10.56 -39.76 18.58
CA GLY C 477 11.25 -38.50 18.51
C GLY C 477 12.72 -38.68 18.19
N SER C 478 13.25 -37.78 17.37
CA SER C 478 14.66 -37.83 17.02
C SER C 478 15.55 -37.36 18.16
N SER C 479 14.98 -36.70 19.17
CA SER C 479 15.74 -36.36 20.37
C SER C 479 15.96 -37.59 21.24
N ALA C 480 15.09 -38.60 21.14
CA ALA C 480 15.31 -39.86 21.84
C ALA C 480 16.39 -40.69 21.18
N LEU C 481 16.71 -40.43 19.92
CA LEU C 481 17.78 -41.10 19.22
C LEU C 481 19.15 -40.53 19.56
N GLN C 482 19.20 -39.46 20.33
CA GLN C 482 20.46 -38.90 20.80
C GLN C 482 21.07 -39.69 21.94
N ARG C 483 20.34 -40.66 22.49
CA ARG C 483 20.85 -41.50 23.54
C ARG C 483 21.84 -42.52 22.96
N ASN C 484 22.57 -43.17 23.86
CA ASN C 484 23.54 -44.18 23.44
C ASN C 484 22.86 -45.46 22.97
N ASP C 485 21.63 -45.73 23.42
CA ASP C 485 20.87 -46.87 22.96
C ASP C 485 19.84 -46.49 21.91
N GLY C 486 20.15 -45.50 21.06
CA GLY C 486 19.20 -45.04 20.06
C GLY C 486 18.92 -46.09 19.00
N ALA C 487 19.89 -46.96 18.70
CA ALA C 487 19.64 -48.06 17.78
C ALA C 487 18.69 -49.08 18.38
N ALA C 488 18.81 -49.34 19.68
CA ALA C 488 17.91 -50.26 20.36
C ALA C 488 16.50 -49.68 20.46
N ILE C 489 16.39 -48.37 20.70
CA ILE C 489 15.08 -47.73 20.73
C ILE C 489 14.43 -47.73 19.36
N LEU C 490 15.21 -47.45 18.31
CA LEU C 490 14.67 -47.50 16.95
C LEU C 490 14.27 -48.91 16.55
N ALA C 491 15.05 -49.91 16.98
CA ALA C 491 14.71 -51.30 16.69
C ALA C 491 13.44 -51.73 17.43
N ALA C 492 13.27 -51.28 18.67
CA ALA C 492 12.06 -51.63 19.42
C ALA C 492 10.82 -50.96 18.84
N VAL C 493 10.94 -49.68 18.46
CA VAL C 493 9.81 -48.95 17.90
C VAL C 493 9.44 -49.49 16.52
N SER C 494 10.45 -49.84 15.71
CA SER C 494 10.20 -50.46 14.42
C SER C 494 9.63 -51.87 14.57
N ASN C 495 10.02 -52.58 15.63
CA ASN C 495 9.45 -53.90 15.91
C ASN C 495 7.98 -53.78 16.28
N ILE C 496 7.62 -52.75 17.04
CA ILE C 496 6.21 -52.49 17.35
C ILE C 496 5.43 -52.18 16.08
N ALA C 497 5.98 -51.29 15.24
CA ALA C 497 5.29 -50.88 14.02
C ALA C 497 5.12 -52.03 13.02
N GLN C 498 6.09 -52.94 12.95
CA GLN C 498 5.96 -54.08 12.05
C GLN C 498 5.20 -55.23 12.66
N LYS C 499 5.10 -55.31 13.99
CA LYS C 499 4.15 -56.24 14.59
C LYS C 499 2.72 -55.79 14.31
N ILE C 500 2.50 -54.48 14.27
CA ILE C 500 1.16 -53.96 13.96
C ILE C 500 0.84 -54.15 12.49
N ARG C 501 1.69 -53.62 11.61
CA ARG C 501 1.31 -53.44 10.21
C ARG C 501 1.23 -54.76 9.45
N THR C 502 2.12 -55.70 9.77
CA THR C 502 2.10 -56.98 9.06
C THR C 502 1.02 -57.92 9.57
N SER C 503 0.44 -57.67 10.73
CA SER C 503 -0.51 -58.61 11.33
C SER C 503 -1.90 -58.02 11.49
N SER C 504 -2.02 -56.81 12.01
CA SER C 504 -3.32 -56.25 12.38
C SER C 504 -4.05 -55.72 11.14
N GLY C 505 -5.15 -55.01 11.37
CA GLY C 505 -5.99 -54.51 10.30
C GLY C 505 -5.52 -53.22 9.67
N VAL C 506 -4.26 -53.18 9.26
CA VAL C 506 -3.70 -52.06 8.50
C VAL C 506 -3.78 -52.41 7.03
N THR C 507 -4.18 -51.44 6.21
CA THR C 507 -4.46 -51.69 4.79
C THR C 507 -3.18 -52.02 4.02
N GLY C 508 -2.16 -51.17 4.13
CA GLY C 508 -0.95 -51.34 3.36
C GLY C 508 -0.51 -50.02 2.77
N ASP C 509 -1.49 -49.17 2.47
CA ASP C 509 -1.20 -47.79 2.12
C ASP C 509 -0.85 -46.98 3.36
N TRP C 510 -1.31 -47.42 4.53
CA TRP C 510 -1.09 -46.67 5.77
C TRP C 510 0.32 -46.91 6.30
N LYS C 511 0.98 -45.83 6.68
CA LYS C 511 2.33 -45.88 7.23
C LYS C 511 2.26 -45.73 8.74
N VAL C 512 2.86 -46.67 9.45
CA VAL C 512 2.81 -46.69 10.91
C VAL C 512 4.07 -46.10 11.52
N MET C 513 5.24 -46.51 11.03
CA MET C 513 6.50 -46.05 11.58
C MET C 513 6.78 -44.61 11.18
N ASN C 514 7.13 -43.77 12.16
CA ASN C 514 7.35 -42.36 11.95
C ASN C 514 8.47 -41.87 12.85
N ILE C 515 9.28 -40.95 12.33
CA ILE C 515 10.28 -40.27 13.14
C ILE C 515 10.08 -38.76 13.01
N LEU C 516 9.88 -38.12 14.14
CA LEU C 516 9.71 -36.68 14.21
C LEU C 516 11.09 -36.05 14.39
N HIS C 517 11.58 -35.37 13.35
CA HIS C 517 12.81 -34.65 13.48
C HIS C 517 12.57 -33.26 14.06
N ARG C 518 13.63 -32.69 14.61
CA ARG C 518 13.59 -31.37 15.20
C ARG C 518 14.56 -30.40 14.54
N ILE C 519 15.39 -30.88 13.62
CA ILE C 519 16.44 -30.10 12.99
C ILE C 519 16.09 -29.93 11.51
N ALA C 520 16.14 -28.69 11.02
CA ALA C 520 15.70 -28.40 9.66
C ALA C 520 16.66 -28.96 8.62
N SER C 521 17.93 -29.11 8.96
CA SER C 521 18.93 -29.58 8.02
C SER C 521 19.06 -31.10 7.98
N GLN C 522 18.37 -31.81 8.88
CA GLN C 522 18.69 -33.21 9.14
C GLN C 522 18.27 -34.12 7.99
N VAL C 523 17.06 -33.95 7.48
CA VAL C 523 16.53 -34.89 6.51
C VAL C 523 17.21 -34.71 5.15
N ALA C 524 17.53 -33.47 4.78
CA ALA C 524 18.30 -33.25 3.56
C ALA C 524 19.72 -33.79 3.68
N ALA C 525 20.30 -33.73 4.89
CA ALA C 525 21.62 -34.31 5.09
C ALA C 525 21.59 -35.83 5.06
N LEU C 526 20.50 -36.44 5.51
CA LEU C 526 20.40 -37.89 5.43
C LEU C 526 20.07 -38.38 4.02
N ASP C 527 19.31 -37.58 3.25
CA ASP C 527 19.04 -37.93 1.87
C ASP C 527 20.28 -37.81 1.01
N LEU C 528 21.15 -36.84 1.31
CA LEU C 528 22.39 -36.67 0.56
C LEU C 528 23.47 -37.65 0.96
N GLY C 529 23.26 -38.41 2.03
CA GLY C 529 24.20 -39.44 2.42
C GLY C 529 25.23 -39.04 3.44
N TYR C 530 24.92 -38.09 4.32
CA TYR C 530 25.84 -37.82 5.41
C TYR C 530 25.76 -38.93 6.45
N LYS C 531 26.80 -39.01 7.26
CA LYS C 531 26.83 -39.97 8.36
C LYS C 531 26.31 -39.26 9.61
N PRO C 532 25.12 -39.62 10.11
CA PRO C 532 24.52 -38.86 11.21
C PRO C 532 25.23 -39.10 12.53
N GLY C 533 25.48 -38.01 13.24
CA GLY C 533 26.29 -38.06 14.44
C GLY C 533 27.77 -37.91 14.13
N VAL C 534 28.52 -37.51 15.15
CA VAL C 534 29.93 -37.20 14.99
C VAL C 534 30.82 -38.33 15.49
N GLU C 535 30.31 -39.56 15.52
CA GLU C 535 31.13 -40.69 15.95
C GLU C 535 32.21 -41.04 14.94
N ALA C 536 32.02 -40.71 13.66
CA ALA C 536 33.06 -40.92 12.66
C ALA C 536 34.23 -39.96 12.84
N ILE C 537 34.04 -38.86 13.56
CA ILE C 537 35.11 -37.94 13.85
C ILE C 537 35.76 -38.26 15.20
N ARG C 538 34.98 -38.72 16.17
CA ARG C 538 35.55 -39.19 17.43
C ARG C 538 36.33 -40.48 17.25
N LYS C 539 36.01 -41.26 16.21
CA LYS C 539 36.72 -42.50 15.93
C LYS C 539 38.16 -42.23 15.49
N ASN C 540 38.32 -41.40 14.46
CA ASN C 540 39.65 -40.95 14.02
C ASN C 540 39.61 -39.45 13.74
N PRO C 541 40.18 -38.65 14.63
CA PRO C 541 40.03 -37.18 14.54
C PRO C 541 40.86 -36.60 13.41
N PRO C 542 40.29 -35.67 12.65
CA PRO C 542 41.00 -35.10 11.51
C PRO C 542 41.91 -33.95 11.91
N LYS C 543 42.83 -33.63 11.02
CA LYS C 543 43.65 -32.43 11.19
C LYS C 543 43.02 -31.20 10.55
N MET C 544 41.86 -31.36 9.93
CA MET C 544 41.11 -30.24 9.37
C MET C 544 39.63 -30.51 9.52
N LEU C 545 38.87 -29.53 9.98
CA LEU C 545 37.46 -29.72 10.27
C LEU C 545 36.66 -28.55 9.76
N PHE C 546 35.70 -28.82 8.89
CA PHE C 546 34.71 -27.83 8.48
C PHE C 546 33.53 -27.85 9.43
N LEU C 547 33.03 -26.66 9.76
CA LEU C 547 31.82 -26.53 10.57
C LEU C 547 30.83 -25.68 9.78
N LEU C 548 29.98 -26.32 8.99
CA LEU C 548 28.85 -25.60 8.40
C LEU C 548 27.81 -25.31 9.45
N GLY C 549 27.87 -24.13 10.05
CA GLY C 549 26.89 -23.71 11.04
C GLY C 549 26.81 -24.59 12.27
N ALA C 550 27.89 -25.29 12.59
CA ALA C 550 27.87 -26.29 13.66
C ALA C 550 28.06 -25.58 14.99
N ASP C 551 26.94 -25.28 15.66
CA ASP C 551 26.96 -24.55 16.92
C ASP C 551 26.45 -25.39 18.08
N GLY C 552 26.32 -26.71 17.89
CA GLY C 552 25.84 -27.55 18.96
C GLY C 552 26.87 -27.91 20.00
N GLY C 553 28.13 -27.56 19.76
CA GLY C 553 29.20 -27.91 20.69
C GLY C 553 29.47 -29.39 20.77
N CYS C 554 29.16 -30.14 19.71
CA CYS C 554 29.29 -31.59 19.75
C CYS C 554 30.75 -32.01 19.71
N VAL C 555 31.58 -31.27 18.99
CA VAL C 555 33.00 -31.56 18.86
C VAL C 555 33.76 -30.28 19.19
N THR C 556 34.51 -30.29 20.29
CA THR C 556 35.36 -29.19 20.68
C THR C 556 36.81 -29.59 20.53
N ARG C 557 37.71 -28.61 20.68
CA ARG C 557 39.15 -28.81 20.46
C ARG C 557 39.81 -29.77 21.43
N GLN C 558 39.13 -30.16 22.52
CA GLN C 558 39.63 -31.24 23.35
C GLN C 558 39.52 -32.59 22.66
N ASP C 559 38.64 -32.72 21.66
CA ASP C 559 38.50 -33.94 20.89
C ASP C 559 39.40 -33.99 19.67
N LEU C 560 39.88 -32.86 19.21
CA LEU C 560 40.73 -32.78 18.03
C LEU C 560 42.18 -33.04 18.41
N PRO C 561 43.08 -33.23 17.43
CA PRO C 561 44.52 -33.19 17.75
C PRO C 561 45.05 -31.81 18.08
N LYS C 562 46.38 -31.71 18.18
CA LYS C 562 47.05 -30.56 18.79
C LYS C 562 46.76 -29.26 18.06
N ASP C 563 46.93 -29.25 16.75
CA ASP C 563 46.61 -28.08 15.93
C ASP C 563 45.71 -28.51 14.78
N CYS C 564 44.41 -28.60 15.06
CA CYS C 564 43.43 -28.88 14.03
C CYS C 564 43.02 -27.59 13.37
N PHE C 565 42.84 -27.63 12.06
CA PHE C 565 42.49 -26.44 11.29
C PHE C 565 40.99 -26.42 11.15
N ILE C 566 40.34 -25.64 12.00
CA ILE C 566 38.88 -25.58 12.06
C ILE C 566 38.41 -24.41 11.20
N VAL C 567 37.50 -24.70 10.27
CA VAL C 567 36.89 -23.69 9.42
C VAL C 567 35.42 -23.63 9.79
N TYR C 568 34.98 -22.52 10.37
CA TYR C 568 33.57 -22.31 10.64
C TYR C 568 32.97 -21.52 9.49
N GLN C 569 31.94 -22.08 8.87
CA GLN C 569 31.14 -21.37 7.89
C GLN C 569 29.74 -21.22 8.43
N GLY C 570 29.30 -19.99 8.61
CA GLY C 570 27.98 -19.75 9.14
C GLY C 570 27.63 -18.28 9.10
N HIS C 571 26.56 -17.96 9.80
CA HIS C 571 26.04 -16.60 9.83
C HIS C 571 26.01 -15.98 11.22
N HIS C 572 26.18 -16.77 12.28
CA HIS C 572 26.30 -16.26 13.63
C HIS C 572 27.59 -16.74 14.27
N GLY C 573 28.20 -15.87 15.07
CA GLY C 573 29.29 -16.31 15.92
C GLY C 573 28.75 -16.70 17.27
N ASP C 574 28.49 -18.00 17.47
CA ASP C 574 27.91 -18.47 18.71
C ASP C 574 28.83 -19.43 19.46
N VAL C 575 29.13 -20.57 18.86
CA VAL C 575 29.86 -21.64 19.55
C VAL C 575 31.06 -22.06 18.72
N GLY C 576 30.82 -22.38 17.45
CA GLY C 576 31.89 -22.88 16.60
C GLY C 576 32.82 -21.82 16.08
N ALA C 577 32.34 -20.58 15.96
CA ALA C 577 33.18 -19.48 15.50
C ALA C 577 34.29 -19.02 16.45
N PRO C 578 34.14 -18.99 17.80
CA PRO C 578 35.31 -18.63 18.63
C PRO C 578 36.44 -19.63 18.61
N ILE C 579 36.20 -20.89 18.26
CA ILE C 579 37.27 -21.88 18.24
C ILE C 579 37.81 -22.11 16.84
N ALA C 580 37.31 -21.39 15.86
CA ALA C 580 37.72 -21.63 14.48
C ALA C 580 39.04 -20.92 14.18
N ASP C 581 39.73 -21.43 13.16
CA ASP C 581 40.92 -20.77 12.66
C ASP C 581 40.58 -19.77 11.56
N VAL C 582 39.67 -20.13 10.65
CA VAL C 582 39.19 -19.24 9.61
C VAL C 582 37.66 -19.24 9.67
N ILE C 583 37.06 -18.06 9.67
CA ILE C 583 35.61 -17.91 9.66
C ILE C 583 35.17 -17.48 8.27
N LEU C 584 34.21 -18.21 7.72
CA LEU C 584 33.63 -17.94 6.41
C LEU C 584 32.21 -17.43 6.60
N PRO C 585 31.95 -16.13 6.44
CA PRO C 585 30.61 -15.59 6.74
C PRO C 585 29.60 -16.01 5.69
N GLY C 586 28.56 -16.71 6.14
CA GLY C 586 27.57 -17.27 5.25
C GLY C 586 26.21 -16.57 5.32
N ALA C 587 25.32 -17.05 4.48
CA ALA C 587 23.97 -16.51 4.40
C ALA C 587 23.05 -17.23 5.37
N ALA C 588 22.08 -16.49 5.89
CA ALA C 588 21.02 -17.08 6.68
C ALA C 588 19.86 -17.48 5.77
N TYR C 589 18.81 -18.03 6.37
CA TYR C 589 17.72 -18.61 5.58
C TYR C 589 16.87 -17.55 4.89
N THR C 590 16.81 -16.35 5.46
CA THR C 590 16.15 -15.24 4.78
C THR C 590 17.03 -14.61 3.71
N GLU C 591 18.27 -15.06 3.57
CA GLU C 591 19.26 -14.38 2.75
C GLU C 591 19.69 -15.20 1.55
N LYS C 592 19.04 -16.34 1.29
CA LYS C 592 19.42 -17.20 0.19
C LYS C 592 18.22 -18.02 -0.25
N SER C 593 18.20 -18.38 -1.53
CA SER C 593 17.25 -19.34 -2.06
C SER C 593 17.83 -20.72 -1.81
N ALA C 594 17.17 -21.51 -0.98
CA ALA C 594 17.85 -22.58 -0.28
C ALA C 594 16.88 -23.73 0.00
N THR C 595 17.31 -24.95 -0.28
CA THR C 595 16.46 -26.12 -0.14
C THR C 595 16.58 -26.71 1.26
N TYR C 596 15.45 -26.82 1.95
CA TYR C 596 15.34 -27.48 3.24
C TYR C 596 14.27 -28.56 3.14
N VAL C 597 14.51 -29.70 3.77
CA VAL C 597 13.58 -30.81 3.72
C VAL C 597 13.07 -31.05 5.13
N ASN C 598 11.74 -31.07 5.29
CA ASN C 598 11.15 -31.16 6.62
C ASN C 598 11.15 -32.62 7.09
N THR C 599 10.51 -32.87 8.23
CA THR C 599 10.55 -34.20 8.84
C THR C 599 9.74 -35.23 8.07
N GLU C 600 8.85 -34.82 7.18
CA GLU C 600 8.05 -35.74 6.39
C GLU C 600 8.60 -35.95 4.99
N GLY C 601 9.78 -35.41 4.70
CA GLY C 601 10.42 -35.62 3.41
C GLY C 601 10.07 -34.61 2.34
N ARG C 602 9.24 -33.62 2.66
CA ARG C 602 8.84 -32.61 1.68
C ARG C 602 9.97 -31.61 1.52
N ALA C 603 10.56 -31.59 0.33
CA ALA C 603 11.56 -30.60 0.01
C ALA C 603 10.89 -29.26 -0.29
N GLN C 604 11.49 -28.19 0.21
CA GLN C 604 10.97 -26.85 0.05
C GLN C 604 12.14 -25.90 -0.15
N GLN C 605 11.86 -24.76 -0.75
CA GLN C 605 12.91 -23.78 -0.98
C GLN C 605 12.52 -22.44 -0.37
N THR C 606 13.50 -21.82 0.30
CA THR C 606 13.35 -20.44 0.70
C THR C 606 13.57 -19.53 -0.51
N LYS C 607 13.26 -18.26 -0.33
CA LYS C 607 13.58 -17.25 -1.32
C LYS C 607 14.39 -16.15 -0.64
N VAL C 608 15.14 -15.42 -1.45
CA VAL C 608 15.93 -14.31 -0.93
C VAL C 608 14.99 -13.19 -0.53
N ALA C 609 14.96 -12.86 0.76
CA ALA C 609 14.22 -11.70 1.22
C ALA C 609 15.11 -10.47 1.25
N VAL C 610 16.24 -10.56 1.93
CA VAL C 610 17.28 -9.55 1.91
C VAL C 610 18.58 -10.26 1.52
N MET C 611 19.58 -9.48 1.20
CA MET C 611 20.88 -10.06 0.92
C MET C 611 21.69 -10.21 2.21
N PRO C 612 22.72 -11.06 2.22
CA PRO C 612 23.53 -11.22 3.43
C PRO C 612 24.27 -9.94 3.77
N PRO C 613 24.51 -9.69 5.06
CA PRO C 613 25.14 -8.42 5.46
C PRO C 613 26.64 -8.43 5.24
N GLY C 614 27.15 -7.27 4.83
CA GLY C 614 28.58 -7.09 4.74
C GLY C 614 29.19 -7.88 3.59
N LEU C 615 30.26 -8.60 3.89
CA LEU C 615 30.93 -9.46 2.93
C LEU C 615 30.46 -10.90 2.99
N ALA C 616 29.38 -11.17 3.71
CA ALA C 616 28.88 -12.53 3.79
C ALA C 616 28.28 -12.95 2.45
N ARG C 617 28.40 -14.23 2.15
CA ARG C 617 28.01 -14.76 0.86
C ARG C 617 27.09 -15.96 1.06
N GLU C 618 26.46 -16.37 -0.03
CA GLU C 618 25.67 -17.59 -0.04
C GLU C 618 26.59 -18.80 0.15
N ASP C 619 26.08 -19.83 0.81
CA ASP C 619 26.94 -20.85 1.42
C ASP C 619 27.61 -21.75 0.37
N TRP C 620 26.83 -22.25 -0.58
CA TRP C 620 27.43 -23.07 -1.63
C TRP C 620 28.31 -22.25 -2.55
N LYS C 621 28.03 -20.95 -2.69
CA LYS C 621 28.92 -20.05 -3.41
C LYS C 621 30.30 -20.02 -2.75
N ILE C 622 30.32 -20.00 -1.42
CA ILE C 622 31.57 -20.01 -0.67
C ILE C 622 32.31 -21.33 -0.88
N ILE C 623 31.59 -22.45 -0.83
CA ILE C 623 32.24 -23.75 -0.99
C ILE C 623 32.73 -23.94 -2.42
N ARG C 624 31.99 -23.44 -3.40
CA ARG C 624 32.39 -23.52 -4.80
C ARG C 624 33.59 -22.62 -5.09
N ALA C 625 33.64 -21.43 -4.47
CA ALA C 625 34.80 -20.57 -4.60
C ALA C 625 36.03 -21.19 -3.96
N LEU C 626 35.84 -21.85 -2.81
CA LEU C 626 36.92 -22.59 -2.15
C LEU C 626 37.43 -23.73 -3.02
N SER C 627 36.51 -24.43 -3.70
CA SER C 627 36.90 -25.52 -4.59
C SER C 627 37.68 -24.99 -5.79
N GLU C 628 37.35 -23.80 -6.26
CA GLU C 628 38.11 -23.23 -7.36
C GLU C 628 39.49 -22.73 -6.89
N ILE C 629 39.60 -22.24 -5.66
CA ILE C 629 40.91 -21.85 -5.14
C ILE C 629 41.79 -23.08 -4.90
N ALA C 630 41.18 -24.18 -4.44
CA ALA C 630 41.92 -25.39 -4.11
C ALA C 630 42.30 -26.22 -5.32
N GLY C 631 41.91 -25.82 -6.54
CA GLY C 631 42.24 -26.60 -7.71
C GLY C 631 41.43 -27.85 -7.88
N MET C 632 40.25 -27.92 -7.29
CA MET C 632 39.35 -29.06 -7.35
C MET C 632 37.93 -28.59 -7.64
N THR C 633 37.82 -27.77 -8.70
CA THR C 633 36.61 -27.00 -9.00
C THR C 633 35.40 -27.89 -9.28
N LEU C 634 34.33 -27.63 -8.56
CA LEU C 634 33.10 -28.40 -8.61
C LEU C 634 32.30 -28.05 -9.85
N PRO C 635 31.59 -29.04 -10.45
CA PRO C 635 30.92 -28.82 -11.73
C PRO C 635 29.55 -28.13 -11.64
N TYR C 636 29.52 -26.98 -10.97
CA TYR C 636 28.33 -26.15 -10.97
C TYR C 636 28.74 -24.70 -10.81
N ASP C 637 27.96 -23.81 -11.40
CA ASP C 637 28.23 -22.38 -11.34
C ASP C 637 27.04 -21.58 -10.83
N THR C 638 25.83 -21.98 -11.17
CA THR C 638 24.62 -21.30 -10.76
C THR C 638 23.84 -22.20 -9.81
N LEU C 639 22.79 -21.61 -9.21
CA LEU C 639 21.95 -22.34 -8.26
C LEU C 639 21.21 -23.49 -8.93
N ASP C 640 20.81 -23.31 -10.19
CA ASP C 640 20.15 -24.38 -10.94
C ASP C 640 21.08 -25.56 -11.16
N GLN C 641 22.38 -25.31 -11.36
CA GLN C 641 23.31 -26.42 -11.55
C GLN C 641 23.58 -27.17 -10.25
N VAL C 642 23.57 -26.46 -9.11
CA VAL C 642 23.63 -27.11 -7.81
C VAL C 642 22.41 -27.99 -7.61
N ARG C 643 21.24 -27.50 -8.04
CA ARG C 643 20.04 -28.30 -7.90
C ARG C 643 20.00 -29.46 -8.89
N ASN C 644 20.70 -29.35 -10.01
CA ASN C 644 20.86 -30.52 -10.88
C ASN C 644 21.73 -31.59 -10.23
N ARG C 645 22.82 -31.16 -9.58
CA ARG C 645 23.64 -32.08 -8.79
C ARG C 645 22.82 -32.70 -7.65
N LEU C 646 21.99 -31.88 -7.03
CA LEU C 646 21.16 -32.29 -5.90
C LEU C 646 20.10 -33.28 -6.34
N GLU C 647 19.61 -33.14 -7.57
CA GLU C 647 18.74 -34.15 -8.17
C GLU C 647 19.50 -35.42 -8.52
N GLU C 648 20.77 -35.30 -8.92
CA GLU C 648 21.56 -36.49 -9.18
C GLU C 648 21.83 -37.30 -7.93
N VAL C 649 21.90 -36.67 -6.76
CA VAL C 649 22.19 -37.44 -5.56
C VAL C 649 20.92 -38.06 -4.98
N SER C 650 19.82 -37.31 -4.96
CA SER C 650 18.50 -37.87 -4.67
C SER C 650 17.46 -36.96 -5.30
N PRO C 651 16.67 -37.45 -6.26
CA PRO C 651 15.88 -36.57 -7.12
C PRO C 651 14.66 -35.97 -6.46
N ASN C 652 14.37 -36.30 -5.22
CA ASN C 652 13.25 -35.71 -4.50
C ASN C 652 13.59 -34.40 -3.82
N LEU C 653 14.85 -33.98 -3.87
CA LEU C 653 15.23 -32.71 -3.24
C LEU C 653 14.93 -31.52 -4.11
N VAL C 654 14.52 -31.73 -5.36
CA VAL C 654 14.17 -30.64 -6.26
C VAL C 654 12.73 -30.72 -6.71
N ARG C 655 11.93 -31.58 -6.09
CA ARG C 655 10.51 -31.64 -6.36
C ARG C 655 9.81 -31.01 -5.17
N TYR C 656 9.56 -29.72 -5.28
CA TYR C 656 9.20 -28.90 -4.15
C TYR C 656 7.70 -29.02 -3.87
N ASP C 657 7.36 -28.97 -2.58
CA ASP C 657 6.01 -29.19 -2.05
C ASP C 657 5.46 -30.55 -2.48
N ASP C 658 6.34 -31.56 -2.51
CA ASP C 658 5.97 -32.92 -2.84
C ASP C 658 6.49 -33.85 -1.76
N VAL C 659 5.60 -34.64 -1.18
CA VAL C 659 5.99 -35.70 -0.26
C VAL C 659 6.11 -36.98 -1.08
N GLU C 660 7.33 -37.46 -1.23
CA GLU C 660 7.58 -38.72 -1.92
C GLU C 660 7.44 -39.86 -0.92
N GLY C 661 6.55 -40.79 -1.21
CA GLY C 661 6.34 -41.92 -0.31
C GLY C 661 7.52 -42.86 -0.33
N ALA C 662 7.90 -43.35 0.84
CA ALA C 662 9.03 -44.25 0.99
C ALA C 662 8.53 -45.60 1.50
N ASN C 663 8.82 -46.64 0.73
CA ASN C 663 8.36 -47.99 0.99
C ASN C 663 9.41 -48.71 1.84
N TYR C 664 9.34 -50.06 1.90
CA TYR C 664 10.43 -50.95 2.31
C TYR C 664 10.68 -50.90 3.82
N PHE C 665 9.59 -50.86 4.58
CA PHE C 665 9.68 -50.99 6.03
C PHE C 665 10.07 -52.40 6.44
N GLN C 666 9.67 -53.39 5.64
CA GLN C 666 9.98 -54.78 5.96
C GLN C 666 11.47 -55.05 5.85
N GLN C 667 12.13 -54.48 4.86
CA GLN C 667 13.56 -54.70 4.67
C GLN C 667 14.39 -53.98 5.73
N ALA C 668 13.98 -52.76 6.10
CA ALA C 668 14.65 -52.07 7.20
C ALA C 668 14.40 -52.77 8.53
N SER C 669 13.23 -53.38 8.70
CA SER C 669 12.96 -54.14 9.90
C SER C 669 13.79 -55.42 9.96
N GLU C 670 13.97 -56.09 8.81
CA GLU C 670 14.82 -57.26 8.77
C GLU C 670 16.29 -56.92 8.99
N LEU C 671 16.72 -55.74 8.55
CA LEU C 671 18.08 -55.32 8.84
C LEU C 671 18.25 -54.88 10.29
N SER C 672 17.18 -54.40 10.91
CA SER C 672 17.27 -53.97 12.31
C SER C 672 17.29 -55.14 13.28
N LYS C 673 16.92 -56.34 12.85
CA LYS C 673 16.95 -57.52 13.72
C LYS C 673 18.31 -58.19 13.77
N LEU C 674 19.32 -57.65 13.07
CA LEU C 674 20.61 -58.31 13.00
C LEU C 674 21.38 -58.17 14.31
N VAL C 675 21.67 -56.93 14.70
CA VAL C 675 22.43 -56.65 15.92
C VAL C 675 21.43 -56.37 17.02
N ASN C 676 21.53 -57.11 18.11
CA ASN C 676 20.64 -56.94 19.27
C ASN C 676 21.29 -55.94 20.22
N GLN C 677 21.00 -54.65 19.99
CA GLN C 677 21.46 -53.61 20.88
C GLN C 677 20.58 -53.58 22.12
N GLN C 678 21.21 -53.34 23.27
CA GLN C 678 20.50 -53.38 24.54
C GLN C 678 19.95 -52.02 24.92
N LEU C 679 18.74 -52.00 25.45
CA LEU C 679 18.15 -50.77 25.97
C LEU C 679 18.78 -50.41 27.30
N LEU C 680 19.11 -49.12 27.45
CA LEU C 680 19.60 -48.64 28.73
C LEU C 680 18.45 -48.52 29.73
N ALA C 681 18.80 -48.53 31.01
CA ALA C 681 17.81 -48.39 32.07
C ALA C 681 17.44 -46.93 32.33
N ASP C 682 18.05 -45.99 31.63
CA ASP C 682 17.73 -44.59 31.82
C ASP C 682 16.37 -44.27 31.20
N PRO C 683 15.54 -43.50 31.89
CA PRO C 683 14.21 -43.19 31.35
C PRO C 683 14.28 -42.20 30.20
N LEU C 684 13.30 -42.31 29.30
CA LEU C 684 13.18 -41.42 28.15
C LEU C 684 12.82 -40.03 28.64
N VAL C 685 13.80 -39.13 28.62
CA VAL C 685 13.61 -37.74 29.04
C VAL C 685 13.89 -36.86 27.83
N PRO C 686 12.91 -36.10 27.34
CA PRO C 686 13.20 -35.14 26.28
C PRO C 686 14.00 -33.98 26.82
N PRO C 687 14.82 -33.35 25.99
CA PRO C 687 15.67 -32.24 26.48
C PRO C 687 14.90 -30.96 26.74
N GLN C 688 13.64 -30.88 26.33
CA GLN C 688 12.82 -29.68 26.49
C GLN C 688 11.58 -30.09 27.29
N LEU C 689 11.61 -29.83 28.59
CA LEU C 689 10.51 -30.22 29.45
C LEU C 689 9.45 -29.12 29.57
N THR C 690 9.87 -27.87 29.64
CA THR C 690 8.97 -26.74 29.85
C THR C 690 9.15 -25.72 28.73
N ILE C 691 8.37 -24.65 28.81
CA ILE C 691 8.43 -23.55 27.85
C ILE C 691 9.75 -22.80 27.94
N LYS C 692 10.43 -22.87 29.10
CA LYS C 692 11.74 -22.28 29.30
C LYS C 692 12.77 -22.79 28.29
N ASP C 693 12.75 -24.10 28.02
CA ASP C 693 13.74 -24.71 27.14
C ASP C 693 13.37 -24.60 25.67
N PHE C 694 12.25 -23.95 25.36
CA PHE C 694 11.79 -23.88 23.98
C PHE C 694 12.45 -22.75 23.21
N TYR C 695 12.63 -21.58 23.82
CA TYR C 695 12.89 -20.37 23.05
C TYR C 695 14.29 -20.28 22.48
N MET C 696 15.27 -21.01 23.02
CA MET C 696 16.64 -20.93 22.54
C MET C 696 17.16 -22.32 22.20
N THR C 697 17.21 -22.63 20.92
CA THR C 697 17.70 -23.93 20.45
C THR C 697 18.85 -23.81 19.46
N ASP C 698 18.80 -22.85 18.56
CA ASP C 698 19.86 -22.69 17.55
C ASP C 698 20.50 -21.31 17.70
N SER C 699 21.37 -20.98 16.75
CA SER C 699 22.19 -19.77 16.87
C SER C 699 21.38 -18.51 16.61
N ILE C 700 20.30 -18.59 15.83
CA ILE C 700 19.48 -17.41 15.59
C ILE C 700 18.63 -17.11 16.82
N SER C 701 18.09 -18.15 17.45
CA SER C 701 17.26 -17.95 18.65
C SER C 701 18.10 -17.52 19.85
N ARG C 702 19.33 -18.01 19.96
CA ARG C 702 20.18 -17.60 21.07
C ARG C 702 20.66 -16.16 20.92
N ALA C 703 20.73 -15.65 19.69
CA ALA C 703 21.09 -14.27 19.44
C ALA C 703 19.89 -13.34 19.48
N SER C 704 18.70 -13.85 19.79
CA SER C 704 17.48 -13.06 19.76
C SER C 704 17.23 -12.42 21.12
N GLN C 705 17.03 -11.10 21.12
CA GLN C 705 16.65 -10.41 22.34
C GLN C 705 15.20 -10.67 22.70
N THR C 706 14.36 -10.94 21.70
CA THR C 706 12.97 -11.29 21.96
C THR C 706 12.86 -12.65 22.65
N MET C 707 13.64 -13.64 22.18
CA MET C 707 13.66 -14.94 22.84
C MET C 707 14.26 -14.85 24.23
N ALA C 708 15.20 -13.91 24.44
CA ALA C 708 15.74 -13.69 25.78
C ALA C 708 14.71 -13.10 26.72
N LYS C 709 13.89 -12.17 26.21
CA LYS C 709 12.80 -11.65 27.03
C LYS C 709 11.73 -12.71 27.30
N CYS C 710 11.52 -13.62 26.35
CA CYS C 710 10.59 -14.73 26.58
C CYS C 710 11.09 -15.67 27.66
N VAL C 711 12.39 -16.02 27.62
CA VAL C 711 12.98 -16.86 28.64
C VAL C 711 12.92 -16.18 30.01
N LYS C 712 13.27 -14.90 30.07
CA LYS C 712 13.22 -14.16 31.33
C LYS C 712 11.79 -14.01 31.84
N ALA C 713 10.82 -13.94 30.93
CA ALA C 713 9.43 -13.82 31.34
C ALA C 713 8.87 -15.14 31.84
N VAL C 714 9.35 -16.27 31.33
CA VAL C 714 8.84 -17.55 31.81
C VAL C 714 9.63 -18.10 32.99
N THR C 715 10.85 -17.61 33.25
CA THR C 715 11.60 -18.06 34.41
C THR C 715 11.22 -17.34 35.69
N GLU C 716 10.66 -16.15 35.61
CA GLU C 716 10.25 -15.43 36.81
C GLU C 716 8.98 -16.02 37.39
N SER D 78 19.29 20.28 -55.48
CA SER D 78 19.43 20.17 -54.04
C SER D 78 18.76 21.34 -53.33
N ASN D 79 18.55 21.21 -52.03
CA ASN D 79 17.93 22.26 -51.24
C ASN D 79 18.45 22.19 -49.81
N LEU D 80 18.39 23.32 -49.12
CA LEU D 80 19.09 23.47 -47.85
C LEU D 80 18.39 22.72 -46.73
N THR D 81 19.17 22.12 -45.84
CA THR D 81 18.65 21.42 -44.67
C THR D 81 19.17 22.12 -43.43
N LEU D 82 18.27 22.73 -42.67
CA LEU D 82 18.63 23.44 -41.46
C LEU D 82 18.10 22.68 -40.24
N ASN D 83 19.01 22.34 -39.34
CA ASN D 83 18.66 21.63 -38.11
C ASN D 83 18.60 22.67 -37.00
N PHE D 84 17.40 23.22 -36.78
CA PHE D 84 17.19 24.16 -35.68
C PHE D 84 17.09 23.35 -34.40
N GLY D 85 18.20 23.30 -33.67
CA GLY D 85 18.30 22.47 -32.50
C GLY D 85 17.55 23.06 -31.32
N PRO D 86 17.57 22.33 -30.20
CA PRO D 86 16.87 22.70 -28.97
C PRO D 86 17.39 24.00 -28.34
N GLY D 93 8.80 26.75 -24.90
CA GLY D 93 9.34 25.44 -24.64
C GLY D 93 10.56 25.14 -25.49
N VAL D 94 10.85 23.86 -25.68
CA VAL D 94 12.02 23.42 -26.44
C VAL D 94 11.55 22.49 -27.55
N LEU D 95 12.12 22.66 -28.74
CA LEU D 95 11.69 21.95 -29.92
C LEU D 95 12.88 21.77 -30.83
N ARG D 96 12.99 20.60 -31.44
CA ARG D 96 13.96 20.43 -32.52
C ARG D 96 13.18 20.49 -33.82
N LEU D 97 13.70 21.23 -34.79
CA LEU D 97 13.07 21.34 -36.10
C LEU D 97 14.07 20.96 -37.17
N VAL D 98 13.64 20.15 -38.11
CA VAL D 98 14.44 19.79 -39.27
C VAL D 98 13.76 20.41 -40.47
N MET D 99 14.33 21.50 -40.98
CA MET D 99 13.78 22.22 -42.11
C MET D 99 14.47 21.78 -43.38
N GLU D 100 13.68 21.52 -44.40
CA GLU D 100 14.14 21.45 -45.76
C GLU D 100 13.61 22.72 -46.42
N LEU D 101 14.51 23.68 -46.63
CA LEU D 101 14.20 24.96 -47.25
C LEU D 101 14.66 24.97 -48.70
N SER D 102 13.99 25.77 -49.52
CA SER D 102 14.36 25.97 -50.91
C SER D 102 14.63 27.43 -51.17
N GLY D 103 15.43 28.06 -50.32
CA GLY D 103 15.67 29.48 -50.40
C GLY D 103 15.01 30.19 -49.25
N GLU D 104 13.97 30.96 -49.55
CA GLU D 104 13.13 31.51 -48.49
C GLU D 104 12.00 30.57 -48.10
N MET D 105 11.56 29.73 -49.04
CA MET D 105 10.39 28.91 -48.84
C MET D 105 10.70 27.69 -47.98
N VAL D 106 9.67 27.18 -47.33
CA VAL D 106 9.76 25.96 -46.53
C VAL D 106 9.20 24.82 -47.36
N ARG D 107 10.03 23.82 -47.64
CA ARG D 107 9.55 22.64 -48.33
C ARG D 107 9.12 21.55 -47.37
N LYS D 108 9.87 21.33 -46.30
CA LYS D 108 9.52 20.30 -45.34
C LYS D 108 9.85 20.76 -43.93
N CYS D 109 8.95 20.50 -43.00
CA CYS D 109 9.14 20.83 -41.59
C CYS D 109 8.95 19.55 -40.79
N ASP D 110 10.02 19.07 -40.17
CA ASP D 110 9.99 17.83 -39.38
C ASP D 110 10.26 18.19 -37.93
N PRO D 111 9.23 18.30 -37.08
CA PRO D 111 9.47 18.60 -35.67
C PRO D 111 9.86 17.35 -34.89
N HIS D 112 11.09 17.34 -34.40
CA HIS D 112 11.57 16.33 -33.47
C HIS D 112 11.25 16.75 -32.04
N ILE D 113 10.50 15.89 -31.36
CA ILE D 113 9.97 16.11 -30.02
C ILE D 113 10.46 14.99 -29.11
N GLY D 114 9.95 14.96 -27.89
CA GLY D 114 10.45 14.06 -26.87
C GLY D 114 11.48 14.69 -25.98
N LEU D 115 11.80 15.96 -26.20
CA LEU D 115 12.74 16.67 -25.35
C LEU D 115 12.17 16.95 -23.98
N LEU D 116 10.86 16.84 -23.81
CA LEU D 116 10.24 16.89 -22.49
C LEU D 116 9.38 15.64 -22.28
N HIS D 117 9.73 14.52 -22.92
CA HIS D 117 9.02 13.29 -22.60
C HIS D 117 9.53 12.74 -21.29
N GLY D 119 7.66 10.42 -19.38
CA GLY D 119 6.98 9.18 -19.06
C GLY D 119 5.94 9.35 -17.99
N THR D 120 5.17 10.46 -18.11
CA THR D 120 4.16 10.82 -17.12
C THR D 120 3.13 9.71 -16.96
N GLU D 121 2.63 9.20 -18.06
CA GLU D 121 1.53 8.28 -18.00
C GLU D 121 1.96 6.83 -17.78
N LYS D 122 3.26 6.57 -17.67
CA LYS D 122 3.72 5.33 -17.04
C LYS D 122 3.85 5.51 -15.53
N LEU D 123 4.27 6.70 -15.10
CA LEU D 123 4.32 7.03 -13.68
C LEU D 123 2.93 7.04 -13.04
N ILE D 124 1.90 7.38 -13.82
CA ILE D 124 0.53 7.39 -13.31
C ILE D 124 0.07 5.99 -12.94
N GLU D 125 0.55 4.97 -13.64
CA GLU D 125 0.15 3.58 -13.37
C GLU D 125 0.66 3.05 -12.03
N TYR D 126 1.66 3.70 -11.43
CA TYR D 126 2.22 3.26 -10.16
C TYR D 126 1.78 4.15 -9.00
N LYS D 127 0.76 4.98 -9.20
CA LYS D 127 0.30 5.94 -8.21
C LYS D 127 -1.21 5.86 -8.13
N THR D 128 -1.77 6.31 -7.01
CA THR D 128 -3.22 6.32 -6.86
C THR D 128 -3.81 7.45 -7.70
N TYR D 129 -5.14 7.53 -7.70
CA TYR D 129 -5.83 8.55 -8.48
C TYR D 129 -5.56 9.94 -7.95
N LEU D 130 -5.60 10.09 -6.63
CA LEU D 130 -5.21 11.34 -5.99
C LEU D 130 -3.73 11.65 -6.24
N GLN D 131 -2.87 10.62 -6.18
CA GLN D 131 -1.46 10.82 -6.49
C GLN D 131 -1.21 11.11 -7.96
N ALA D 132 -2.09 10.65 -8.84
CA ALA D 132 -1.93 10.91 -10.26
C ALA D 132 -2.40 12.29 -10.66
N LEU D 133 -3.32 12.89 -9.89
CA LEU D 133 -3.80 14.24 -10.15
C LEU D 133 -2.74 15.33 -10.36
N PRO D 134 -1.68 15.47 -9.54
CA PRO D 134 -0.73 16.57 -9.79
C PRO D 134 0.13 16.41 -11.04
N TYR D 135 0.14 15.24 -11.69
CA TYR D 135 0.75 15.14 -13.00
C TYR D 135 0.00 15.93 -14.05
N PHE D 136 -1.28 16.20 -13.85
CA PHE D 136 -2.08 16.88 -14.85
C PHE D 136 -1.87 18.38 -14.81
N ASP D 137 -1.50 18.93 -13.65
CA ASP D 137 -1.03 20.31 -13.56
C ASP D 137 0.17 20.57 -14.46
N ARG D 138 0.99 19.56 -14.67
CA ARG D 138 2.31 19.71 -15.26
C ARG D 138 2.34 19.28 -16.72
N LEU D 139 1.19 18.97 -17.30
CA LEU D 139 1.11 18.66 -18.74
C LEU D 139 0.98 19.95 -19.55
N ASP D 140 -0.18 20.58 -19.48
CA ASP D 140 -0.34 21.92 -20.04
C ASP D 140 -0.15 22.85 -18.87
N TYR D 141 1.09 23.26 -18.67
CA TYR D 141 1.46 24.02 -17.49
C TYR D 141 1.17 25.50 -17.59
N VAL D 142 0.32 25.91 -18.52
CA VAL D 142 -0.33 27.20 -18.44
C VAL D 142 -1.83 27.04 -18.32
N SER D 143 -2.32 25.81 -18.22
CA SER D 143 -3.73 25.49 -18.14
C SER D 143 -4.00 24.47 -17.05
N MET D 144 -3.48 24.73 -15.84
CA MET D 144 -3.36 23.71 -14.79
C MET D 144 -4.71 23.18 -14.32
N MET D 145 -5.60 24.08 -13.88
CA MET D 145 -6.86 23.62 -13.34
C MET D 145 -7.81 23.08 -14.41
N CYS D 146 -7.62 23.44 -15.68
CA CYS D 146 -8.38 22.79 -16.74
C CYS D 146 -8.02 21.33 -16.89
N ASN D 147 -6.72 21.00 -16.84
CA ASN D 147 -6.34 19.59 -16.94
C ASN D 147 -6.73 18.83 -15.68
N GLU D 148 -6.64 19.51 -14.51
CA GLU D 148 -7.23 18.99 -13.28
C GLU D 148 -8.70 18.66 -13.47
N GLN D 149 -9.44 19.55 -14.13
CA GLN D 149 -10.86 19.35 -14.33
C GLN D 149 -11.13 18.16 -15.26
N ALA D 150 -10.33 18.01 -16.31
CA ALA D 150 -10.53 16.89 -17.24
C ALA D 150 -10.26 15.55 -16.58
N TYR D 151 -9.16 15.46 -15.82
CA TYR D 151 -8.87 14.23 -15.09
C TYR D 151 -9.91 13.95 -14.01
N SER D 152 -10.36 15.01 -13.32
CA SER D 152 -11.37 14.85 -12.29
C SER D 152 -12.70 14.38 -12.88
N LEU D 153 -13.08 14.92 -14.04
CA LEU D 153 -14.29 14.47 -14.72
C LEU D 153 -14.18 13.03 -15.18
N ALA D 154 -13.00 12.60 -15.61
CA ALA D 154 -12.81 11.20 -16.00
C ALA D 154 -12.97 10.27 -14.80
N VAL D 155 -12.34 10.62 -13.67
CA VAL D 155 -12.41 9.76 -12.50
C VAL D 155 -13.81 9.76 -11.91
N GLU D 156 -14.48 10.92 -11.89
CA GLU D 156 -15.86 11.00 -11.40
C GLU D 156 -16.84 10.28 -12.31
N LYS D 157 -16.55 10.21 -13.60
CA LYS D 157 -17.38 9.43 -14.49
C LYS D 157 -17.21 7.94 -14.23
N LEU D 158 -15.97 7.50 -13.98
CA LEU D 158 -15.77 6.09 -13.68
C LEU D 158 -16.25 5.72 -12.28
N LEU D 159 -16.27 6.67 -11.35
CA LEU D 159 -16.73 6.43 -9.99
C LEU D 159 -18.25 6.49 -9.86
N ASN D 160 -18.94 6.95 -10.91
CA ASN D 160 -20.40 7.11 -10.94
C ASN D 160 -20.87 8.03 -9.82
N ILE D 161 -20.12 9.10 -9.58
CA ILE D 161 -20.49 10.11 -8.60
C ILE D 161 -20.44 11.47 -9.29
N GLN D 162 -21.11 12.45 -8.68
CA GLN D 162 -21.07 13.79 -9.24
C GLN D 162 -20.62 14.80 -8.19
N PRO D 163 -19.91 15.86 -8.59
CA PRO D 163 -19.50 16.89 -7.65
C PRO D 163 -20.69 17.70 -7.18
N PRO D 164 -20.59 18.37 -6.04
CA PRO D 164 -21.66 19.26 -5.61
C PRO D 164 -21.73 20.49 -6.48
N PRO D 165 -22.88 21.22 -6.50
CA PRO D 165 -23.03 22.33 -7.44
C PRO D 165 -22.05 23.48 -7.24
N ARG D 166 -21.70 23.82 -6.00
CA ARG D 166 -20.74 24.89 -5.75
C ARG D 166 -19.36 24.51 -6.26
N ALA D 167 -18.99 23.24 -6.13
CA ALA D 167 -17.74 22.76 -6.71
C ALA D 167 -17.73 22.91 -8.21
N GLN D 168 -18.86 22.64 -8.87
CA GLN D 168 -18.93 22.77 -10.32
C GLN D 168 -18.84 24.23 -10.75
N TRP D 169 -19.45 25.14 -9.98
CA TRP D 169 -19.33 26.55 -10.30
C TRP D 169 -17.93 27.09 -10.05
N ILE D 170 -17.26 26.60 -9.01
CA ILE D 170 -15.86 26.96 -8.76
C ILE D 170 -14.98 26.43 -9.88
N ARG D 171 -15.26 25.21 -10.36
CA ARG D 171 -14.50 24.64 -11.47
C ARG D 171 -14.68 25.44 -12.75
N VAL D 172 -15.89 25.92 -13.02
CA VAL D 172 -16.09 26.71 -14.23
C VAL D 172 -15.48 28.11 -14.09
N LEU D 173 -15.57 28.70 -12.90
CA LEU D 173 -14.93 29.99 -12.61
C LEU D 173 -13.43 29.92 -12.80
N PHE D 174 -12.78 28.97 -12.15
CA PHE D 174 -11.34 28.83 -12.28
C PHE D 174 -10.92 28.24 -13.61
N GLY D 175 -11.80 27.51 -14.31
CA GLY D 175 -11.48 27.10 -15.66
C GLY D 175 -11.44 28.27 -16.62
N GLU D 176 -12.30 29.27 -16.40
CA GLU D 176 -12.24 30.43 -17.28
C GLU D 176 -11.15 31.41 -16.88
N ILE D 177 -10.83 31.51 -15.58
CA ILE D 177 -9.60 32.20 -15.16
C ILE D 177 -8.38 31.53 -15.78
N THR D 178 -8.38 30.20 -15.80
CA THR D 178 -7.32 29.43 -16.43
C THR D 178 -7.25 29.68 -17.93
N ARG D 179 -8.42 29.86 -18.56
CA ARG D 179 -8.47 30.14 -19.98
C ARG D 179 -7.91 31.52 -20.28
N LEU D 180 -8.15 32.49 -19.39
CA LEU D 180 -7.51 33.79 -19.49
C LEU D 180 -5.99 33.68 -19.37
N LEU D 181 -5.52 32.89 -18.40
CA LEU D 181 -4.09 32.64 -18.21
C LEU D 181 -3.45 32.08 -19.49
N ASN D 182 -4.08 31.05 -20.06
CA ASN D 182 -3.51 30.41 -21.24
C ASN D 182 -3.59 31.30 -22.46
N HIS D 183 -4.67 32.07 -22.62
CA HIS D 183 -4.70 32.89 -23.83
C HIS D 183 -3.83 34.12 -23.73
N ILE D 184 -3.59 34.64 -22.51
CA ILE D 184 -2.55 35.64 -22.33
C ILE D 184 -1.20 35.09 -22.72
N MET D 185 -0.87 33.89 -22.21
CA MET D 185 0.39 33.22 -22.56
C MET D 185 0.51 33.01 -24.06
N ALA D 186 -0.57 32.53 -24.69
CA ALA D 186 -0.61 32.22 -26.11
C ALA D 186 -0.39 33.47 -26.96
N VAL D 187 -1.25 34.47 -26.77
CA VAL D 187 -1.22 35.68 -27.58
C VAL D 187 0.06 36.47 -27.34
N THR D 188 0.47 36.63 -26.08
CA THR D 188 1.62 37.47 -25.80
C THR D 188 2.94 36.81 -26.16
N THR D 189 3.10 35.49 -26.00
CA THR D 189 4.33 34.88 -26.49
C THR D 189 4.33 34.73 -28.01
N HIS D 190 3.15 34.58 -28.63
CA HIS D 190 3.06 34.59 -30.08
C HIS D 190 3.40 35.97 -30.64
N ALA D 191 3.10 37.04 -29.91
CA ALA D 191 3.52 38.37 -30.32
C ALA D 191 5.00 38.60 -30.01
N LEU D 192 5.49 38.02 -28.90
CA LEU D 192 6.89 38.18 -28.52
C LEU D 192 7.83 37.49 -29.49
N ASP D 193 7.43 36.32 -30.00
CA ASP D 193 8.26 35.60 -30.96
C ASP D 193 8.28 36.28 -32.32
N ILE D 194 7.25 37.05 -32.65
CA ILE D 194 7.23 37.82 -33.89
C ILE D 194 7.97 39.14 -33.73
N GLY D 195 7.98 39.72 -32.54
CA GLY D 195 8.78 40.91 -32.30
C GLY D 195 8.11 41.94 -31.41
N ALA D 196 6.82 41.78 -31.17
CA ALA D 196 6.07 42.69 -30.31
C ALA D 196 6.24 42.23 -28.88
N MET D 197 7.20 42.84 -28.18
CA MET D 197 7.61 42.36 -26.87
C MET D 197 6.87 43.01 -25.72
N THR D 198 6.25 44.15 -25.93
CA THR D 198 5.66 44.98 -24.88
C THR D 198 4.31 44.48 -24.31
N PRO D 199 3.33 43.98 -25.10
CA PRO D 199 2.10 43.49 -24.45
C PRO D 199 2.29 42.22 -23.65
N PHE D 200 3.38 41.49 -23.87
CA PHE D 200 3.84 40.46 -22.95
C PHE D 200 3.95 40.98 -21.53
N PHE D 201 4.73 42.05 -21.35
CA PHE D 201 4.91 42.65 -20.05
C PHE D 201 3.64 43.29 -19.55
N TRP D 202 2.78 43.78 -20.44
CA TRP D 202 1.55 44.39 -19.97
C TRP D 202 0.59 43.34 -19.42
N MET D 203 0.47 42.20 -20.08
CA MET D 203 -0.50 41.20 -19.70
C MET D 203 0.02 40.23 -18.64
N PHE D 204 1.34 40.12 -18.45
CA PHE D 204 1.76 39.23 -17.38
C PHE D 204 1.58 39.80 -15.98
N GLU D 205 1.30 41.10 -15.82
CA GLU D 205 0.90 41.57 -14.50
C GLU D 205 -0.52 41.11 -14.16
N GLU D 206 -1.41 41.11 -15.16
CA GLU D 206 -2.74 40.54 -14.97
C GLU D 206 -2.65 39.05 -14.71
N ARG D 207 -1.71 38.39 -15.39
CA ARG D 207 -1.46 36.98 -15.17
C ARG D 207 -0.90 36.72 -13.77
N GLU D 208 -0.12 37.66 -13.25
CA GLU D 208 0.38 37.58 -11.88
C GLU D 208 -0.75 37.72 -10.87
N LYS D 209 -1.74 38.57 -11.17
CA LYS D 209 -2.90 38.67 -10.29
C LYS D 209 -3.77 37.41 -10.31
N MET D 210 -3.90 36.78 -11.47
CA MET D 210 -4.61 35.50 -11.49
C MET D 210 -3.82 34.39 -10.80
N PHE D 211 -2.50 34.45 -10.83
CA PHE D 211 -1.73 33.50 -10.03
C PHE D 211 -1.88 33.77 -8.54
N GLU D 212 -2.11 35.02 -8.16
CA GLU D 212 -2.50 35.30 -6.79
C GLU D 212 -3.85 34.67 -6.45
N PHE D 213 -4.77 34.63 -7.42
CA PHE D 213 -6.05 33.94 -7.18
C PHE D 213 -5.86 32.44 -6.97
N TYR D 214 -5.01 31.82 -7.79
CA TYR D 214 -4.66 30.41 -7.56
C TYR D 214 -4.01 30.19 -6.21
N GLU D 215 -3.10 31.08 -5.82
CA GLU D 215 -2.40 30.91 -4.56
C GLU D 215 -3.33 31.12 -3.38
N ARG D 216 -4.30 32.02 -3.50
CA ARG D 216 -5.25 32.22 -2.41
C ARG D 216 -6.22 31.07 -2.29
N VAL D 217 -6.53 30.40 -3.40
CA VAL D 217 -7.48 29.31 -3.30
C VAL D 217 -6.82 27.97 -2.98
N SER D 218 -5.53 27.80 -3.27
CA SER D 218 -4.92 26.48 -3.12
C SER D 218 -3.61 26.50 -2.35
N GLY D 219 -2.90 27.62 -2.38
CA GLY D 219 -1.59 27.70 -1.79
C GLY D 219 -0.45 27.67 -2.78
N ALA D 220 -0.73 27.44 -4.05
CA ALA D 220 0.29 27.42 -5.08
C ALA D 220 -0.10 28.34 -6.20
N ARG D 221 0.90 29.01 -6.78
CA ARG D 221 0.62 29.96 -7.84
C ARG D 221 0.28 29.26 -9.15
N MET D 222 0.93 28.13 -9.44
CA MET D 222 0.67 27.41 -10.68
C MET D 222 0.03 26.04 -10.48
N HIS D 223 0.72 25.11 -9.82
CA HIS D 223 0.24 23.74 -9.78
C HIS D 223 -0.56 23.60 -8.51
N ALA D 224 -1.85 23.88 -8.64
CA ALA D 224 -2.71 24.07 -7.48
C ALA D 224 -3.07 22.74 -6.82
N ALA D 225 -3.22 21.67 -7.63
CA ALA D 225 -3.77 20.38 -7.20
C ALA D 225 -5.13 20.55 -6.52
N TYR D 226 -5.93 21.47 -7.06
CA TYR D 226 -7.10 22.00 -6.39
C TYR D 226 -8.40 21.34 -6.85
N VAL D 227 -8.61 21.25 -8.16
CA VAL D 227 -9.76 20.54 -8.69
C VAL D 227 -9.48 19.05 -8.62
N ARG D 228 -10.26 18.33 -7.84
CA ARG D 228 -10.02 16.94 -7.55
C ARG D 228 -11.22 16.11 -7.96
N PRO D 229 -11.07 14.81 -8.16
CA PRO D 229 -12.23 13.94 -8.31
C PRO D 229 -13.10 13.97 -7.07
N GLY D 230 -14.33 14.42 -7.23
CA GLY D 230 -15.24 14.67 -6.15
C GLY D 230 -15.62 16.12 -5.96
N GLY D 231 -14.88 17.04 -6.58
CA GLY D 231 -15.15 18.45 -6.42
C GLY D 231 -13.91 19.31 -6.48
N VAL D 232 -13.69 20.12 -5.45
CA VAL D 232 -12.43 20.83 -5.25
C VAL D 232 -11.95 20.50 -3.85
N HIS D 233 -10.67 20.81 -3.60
CA HIS D 233 -10.05 20.41 -2.33
C HIS D 233 -10.55 21.26 -1.16
N GLN D 234 -10.77 22.54 -1.38
CA GLN D 234 -11.00 23.43 -0.27
C GLN D 234 -11.91 24.55 -0.75
N ASP D 235 -12.72 25.08 0.15
CA ASP D 235 -13.66 26.10 -0.26
C ASP D 235 -12.92 27.42 -0.48
N LEU D 236 -13.58 28.33 -1.19
CA LEU D 236 -13.03 29.64 -1.46
C LEU D 236 -12.82 30.40 -0.16
N PRO D 237 -11.68 31.06 0.03
CA PRO D 237 -11.51 31.93 1.19
C PRO D 237 -12.42 33.14 1.07
N LEU D 238 -12.74 33.72 2.23
CA LEU D 238 -13.60 34.89 2.27
C LEU D 238 -12.89 36.08 1.64
N GLY D 239 -13.62 36.81 0.80
CA GLY D 239 -13.07 37.94 0.10
C GLY D 239 -12.41 37.63 -1.22
N LEU D 240 -12.35 36.37 -1.63
CA LEU D 240 -11.72 36.04 -2.91
C LEU D 240 -12.58 36.46 -4.08
N MET D 241 -13.90 36.27 -3.97
CA MET D 241 -14.80 36.59 -5.09
C MET D 241 -14.88 38.09 -5.34
N ASP D 242 -14.75 38.91 -4.29
CA ASP D 242 -14.66 40.35 -4.47
C ASP D 242 -13.42 40.74 -5.25
N ASP D 243 -12.30 40.07 -4.99
CA ASP D 243 -11.07 40.39 -5.72
C ASP D 243 -11.10 39.87 -7.15
N ILE D 244 -11.77 38.74 -7.38
CA ILE D 244 -11.98 38.27 -8.74
C ILE D 244 -12.87 39.23 -9.51
N TYR D 245 -13.88 39.81 -8.82
CA TYR D 245 -14.70 40.86 -9.42
C TYR D 245 -13.88 42.10 -9.76
N GLU D 246 -12.98 42.51 -8.85
CA GLU D 246 -12.16 43.69 -9.11
C GLU D 246 -11.16 43.47 -10.22
N PHE D 247 -10.69 42.23 -10.40
CA PHE D 247 -9.88 41.90 -11.56
C PHE D 247 -10.69 41.94 -12.84
N SER D 248 -11.85 41.28 -12.83
CA SER D 248 -12.64 41.09 -14.03
C SER D 248 -13.24 42.39 -14.52
N LYS D 249 -13.51 43.33 -13.61
CA LYS D 249 -14.05 44.62 -13.98
C LYS D 249 -13.06 45.44 -14.79
N ASN D 250 -11.76 45.20 -14.60
CA ASN D 250 -10.73 45.97 -15.28
C ASN D 250 -10.05 45.23 -16.41
N PHE D 251 -10.24 43.91 -16.53
CA PHE D 251 -9.44 43.14 -17.49
C PHE D 251 -9.80 43.40 -18.96
N SER D 252 -11.02 43.87 -19.24
CA SER D 252 -11.39 44.11 -20.63
C SER D 252 -10.66 45.31 -21.21
N LEU D 253 -10.30 46.30 -20.38
CA LEU D 253 -9.44 47.38 -20.85
C LEU D 253 -8.04 46.89 -21.18
N ARG D 254 -7.55 45.89 -20.46
CA ARG D 254 -6.25 45.29 -20.79
C ARG D 254 -6.31 44.56 -22.11
N ILE D 255 -7.41 43.85 -22.36
CA ILE D 255 -7.62 43.23 -23.68
C ILE D 255 -7.73 44.29 -24.75
N ASP D 256 -8.36 45.43 -24.43
CA ASP D 256 -8.52 46.52 -25.39
C ASP D 256 -7.19 47.14 -25.77
N GLU D 257 -6.26 47.27 -24.82
CA GLU D 257 -4.99 47.87 -25.20
C GLU D 257 -4.02 46.87 -25.83
N LEU D 258 -4.12 45.58 -25.49
CA LEU D 258 -3.50 44.53 -26.31
C LEU D 258 -4.00 44.58 -27.75
N GLU D 259 -5.31 44.69 -27.92
CA GLU D 259 -5.93 44.75 -29.23
C GLU D 259 -5.67 46.08 -29.93
N GLU D 260 -5.35 47.12 -29.17
CA GLU D 260 -4.88 48.37 -29.76
C GLU D 260 -3.46 48.22 -30.29
N MET D 261 -2.64 47.43 -29.60
CA MET D 261 -1.27 47.23 -30.07
C MET D 261 -1.19 46.31 -31.28
N LEU D 262 -2.05 45.30 -31.37
CA LEU D 262 -1.82 44.26 -32.38
C LEU D 262 -2.83 44.24 -33.51
N THR D 263 -4.13 44.37 -33.24
CA THR D 263 -5.16 43.91 -34.17
C THR D 263 -5.21 44.74 -35.46
N ASN D 264 -5.19 46.05 -35.35
CA ASN D 264 -5.22 46.88 -36.54
C ASN D 264 -3.83 47.22 -37.05
N ASN D 265 -2.79 46.78 -36.35
CA ASN D 265 -1.40 47.06 -36.72
C ASN D 265 -1.08 46.32 -38.02
N ARG D 266 -0.59 47.07 -39.01
CA ARG D 266 -0.32 46.49 -40.32
C ARG D 266 0.87 45.54 -40.30
N ILE D 267 1.80 45.74 -39.36
CA ILE D 267 2.93 44.83 -39.24
C ILE D 267 2.48 43.50 -38.67
N TRP D 268 1.59 43.55 -37.67
CA TRP D 268 1.01 42.33 -37.12
C TRP D 268 0.11 41.63 -38.12
N ARG D 269 -0.60 42.38 -38.95
CA ARG D 269 -1.43 41.77 -39.98
C ARG D 269 -0.58 41.16 -41.09
N ASN D 270 0.56 41.76 -41.43
CA ASN D 270 1.41 41.16 -42.46
C ASN D 270 2.06 39.87 -42.00
N ARG D 271 2.16 39.64 -40.69
CA ARG D 271 2.75 38.41 -40.19
C ARG D 271 1.73 37.31 -39.94
N THR D 272 0.43 37.58 -40.06
CA THR D 272 -0.60 36.64 -39.65
C THR D 272 -1.72 36.40 -40.67
N VAL D 273 -1.97 37.29 -41.63
CA VAL D 273 -3.21 37.24 -42.41
C VAL D 273 -3.17 36.14 -43.48
N ASP D 274 -2.07 35.97 -44.19
CA ASP D 274 -2.05 34.90 -45.18
C ASP D 274 -1.28 33.68 -44.71
N ILE D 275 -1.13 33.52 -43.40
CA ILE D 275 -0.16 32.60 -42.83
C ILE D 275 -0.90 31.45 -42.17
N GLY D 276 -0.50 30.23 -42.50
CA GLY D 276 -1.02 29.02 -41.87
C GLY D 276 -2.48 28.76 -42.12
N VAL D 277 -2.91 28.84 -43.37
CA VAL D 277 -4.32 28.67 -43.70
C VAL D 277 -4.65 27.18 -43.67
N VAL D 278 -5.63 26.81 -42.86
CA VAL D 278 -6.09 25.44 -42.73
C VAL D 278 -7.52 25.37 -43.20
N THR D 279 -7.82 24.45 -44.10
CA THR D 279 -9.20 24.24 -44.50
C THR D 279 -9.93 23.49 -43.38
N ALA D 280 -11.26 23.53 -43.45
CA ALA D 280 -12.07 22.89 -42.42
C ALA D 280 -11.96 21.37 -42.49
N GLU D 281 -11.91 20.82 -43.71
CA GLU D 281 -11.84 19.37 -43.87
C GLU D 281 -10.49 18.84 -43.44
N ASP D 282 -9.40 19.57 -43.73
CA ASP D 282 -8.09 19.15 -43.26
C ASP D 282 -7.94 19.31 -41.76
N ALA D 283 -8.58 20.33 -41.17
CA ALA D 283 -8.53 20.50 -39.73
C ALA D 283 -9.27 19.38 -39.01
N LEU D 284 -10.41 18.94 -39.58
CA LEU D 284 -11.09 17.78 -39.02
C LEU D 284 -10.27 16.51 -39.22
N ASN D 285 -9.67 16.36 -40.40
CA ASN D 285 -8.95 15.14 -40.70
C ASN D 285 -7.64 15.05 -39.94
N TYR D 286 -6.99 16.18 -39.64
CA TYR D 286 -5.72 16.13 -38.94
C TYR D 286 -5.89 16.15 -37.43
N GLY D 287 -7.11 15.97 -36.93
CA GLY D 287 -7.33 15.89 -35.51
C GLY D 287 -7.18 17.19 -34.78
N PHE D 288 -7.36 18.32 -35.46
CA PHE D 288 -7.28 19.60 -34.79
C PHE D 288 -8.49 19.80 -33.90
N SER D 289 -8.35 20.68 -32.92
CA SER D 289 -9.43 20.95 -31.99
C SER D 289 -9.31 22.38 -31.49
N GLY D 290 -10.40 22.87 -30.91
CA GLY D 290 -10.40 24.20 -30.35
C GLY D 290 -10.37 25.27 -31.42
N VAL D 291 -9.54 26.30 -31.20
CA VAL D 291 -9.41 27.44 -32.08
C VAL D 291 -8.91 27.01 -33.45
N MET D 292 -8.07 25.96 -33.50
CA MET D 292 -7.59 25.38 -34.75
C MET D 292 -8.73 24.86 -35.62
N LEU D 293 -9.85 24.47 -35.03
CA LEU D 293 -11.03 24.23 -35.85
C LEU D 293 -11.79 25.52 -36.09
N ARG D 294 -11.95 26.33 -35.05
CA ARG D 294 -12.86 27.46 -35.10
C ARG D 294 -12.32 28.61 -35.92
N GLY D 295 -11.01 28.68 -36.09
CA GLY D 295 -10.45 29.63 -37.04
C GLY D 295 -10.82 29.30 -38.47
N SER D 296 -11.04 28.03 -38.77
CA SER D 296 -11.42 27.60 -40.10
C SER D 296 -12.92 27.64 -40.33
N GLY D 297 -13.70 28.15 -39.37
CA GLY D 297 -15.12 28.29 -39.55
C GLY D 297 -15.95 27.14 -39.01
N ILE D 298 -15.32 26.14 -38.40
CA ILE D 298 -16.05 25.00 -37.85
C ILE D 298 -16.71 25.42 -36.54
N GLN D 299 -18.03 25.29 -36.49
CA GLN D 299 -18.80 25.73 -35.34
C GLN D 299 -18.82 24.59 -34.32
N TRP D 300 -17.74 24.48 -33.56
CA TRP D 300 -17.56 23.38 -32.62
C TRP D 300 -16.89 23.91 -31.36
N ASP D 301 -17.54 23.72 -30.22
CA ASP D 301 -16.95 24.04 -28.93
C ASP D 301 -17.55 23.07 -27.92
N LEU D 302 -16.69 22.35 -27.20
CA LEU D 302 -17.15 21.29 -26.31
C LEU D 302 -17.91 21.81 -25.10
N ARG D 303 -17.71 23.08 -24.73
CA ARG D 303 -18.54 23.65 -23.67
C ARG D 303 -19.98 23.87 -24.11
N LYS D 304 -20.21 23.95 -25.43
CA LYS D 304 -21.54 24.08 -26.01
C LYS D 304 -22.12 22.72 -26.42
N THR D 305 -21.32 21.92 -27.11
CA THR D 305 -21.87 20.73 -27.76
C THR D 305 -21.94 19.55 -26.80
N GLN D 306 -20.89 19.31 -26.02
CA GLN D 306 -20.83 18.22 -25.06
C GLN D 306 -20.57 18.79 -23.69
N PRO D 307 -21.54 19.48 -23.09
CA PRO D 307 -21.24 20.35 -21.95
C PRO D 307 -20.96 19.57 -20.68
N TYR D 308 -20.09 20.15 -19.87
CA TYR D 308 -19.67 19.61 -18.59
C TYR D 308 -19.94 20.74 -17.61
N ASP D 309 -19.35 20.65 -16.42
CA ASP D 309 -20.02 20.82 -15.11
C ASP D 309 -21.25 21.72 -15.06
N VAL D 310 -21.11 23.03 -15.23
CA VAL D 310 -22.29 23.89 -15.32
C VAL D 310 -22.18 24.83 -16.51
N TYR D 311 -21.47 24.40 -17.57
CA TYR D 311 -21.36 25.25 -18.76
C TYR D 311 -22.66 25.37 -19.54
N ASP D 312 -23.63 24.49 -19.31
CA ASP D 312 -24.94 24.71 -19.92
C ASP D 312 -25.76 25.76 -19.19
N GLN D 313 -25.30 26.24 -18.04
CA GLN D 313 -26.01 27.26 -17.28
C GLN D 313 -25.39 28.64 -17.42
N VAL D 314 -24.27 28.76 -18.11
CA VAL D 314 -23.66 30.05 -18.38
C VAL D 314 -23.88 30.41 -19.85
N GLU D 315 -23.95 31.70 -20.11
CA GLU D 315 -24.25 32.24 -21.42
C GLU D 315 -23.00 32.88 -21.99
N PHE D 316 -22.56 32.39 -23.14
CA PHE D 316 -21.38 32.96 -23.80
C PHE D 316 -21.46 32.67 -25.28
N ASP D 317 -20.65 33.37 -26.05
CA ASP D 317 -20.56 33.19 -27.48
C ASP D 317 -19.29 32.46 -27.84
N VAL D 318 -19.29 31.87 -29.03
CA VAL D 318 -18.17 31.11 -29.56
C VAL D 318 -17.61 31.89 -30.74
N PRO D 319 -16.40 32.43 -30.66
CA PRO D 319 -15.86 33.17 -31.80
C PRO D 319 -15.45 32.23 -32.92
N ILE D 320 -15.86 32.57 -34.13
CA ILE D 320 -15.68 31.73 -35.31
C ILE D 320 -14.88 32.53 -36.33
N GLY D 321 -13.79 31.93 -36.81
CA GLY D 321 -13.01 32.55 -37.85
C GLY D 321 -13.61 32.33 -39.23
N SER D 322 -13.00 32.99 -40.22
CA SER D 322 -13.47 32.92 -41.59
C SER D 322 -12.42 32.52 -42.60
N ARG D 323 -11.13 32.68 -42.31
CA ARG D 323 -10.10 32.41 -43.28
C ARG D 323 -9.11 31.34 -42.87
N GLY D 324 -9.19 30.82 -41.64
CA GLY D 324 -8.35 29.71 -41.25
C GLY D 324 -6.90 30.06 -41.03
N ASP D 325 -6.58 31.33 -40.90
CA ASP D 325 -5.22 31.82 -40.83
C ASP D 325 -4.80 32.09 -39.39
N CYS D 326 -3.58 32.59 -39.23
CA CYS D 326 -3.07 32.96 -37.91
C CYS D 326 -3.83 34.15 -37.33
N TYR D 327 -4.32 35.04 -38.19
CA TYR D 327 -4.95 36.26 -37.71
C TYR D 327 -6.35 36.01 -37.18
N ASP D 328 -7.13 35.15 -37.84
CA ASP D 328 -8.44 34.82 -37.30
C ASP D 328 -8.33 33.98 -36.04
N ARG D 329 -7.31 33.15 -35.92
CA ARG D 329 -7.10 32.40 -34.69
C ARG D 329 -6.65 33.32 -33.55
N TYR D 330 -5.85 34.34 -33.87
CA TYR D 330 -5.55 35.40 -32.91
C TYR D 330 -6.82 36.10 -32.44
N LEU D 331 -7.69 36.47 -33.37
CA LEU D 331 -8.93 37.16 -33.01
C LEU D 331 -9.87 36.25 -32.23
N CYS D 332 -9.87 34.95 -32.54
CA CYS D 332 -10.65 34.00 -31.77
C CYS D 332 -10.13 33.88 -30.33
N ARG D 333 -8.82 33.92 -30.14
CA ARG D 333 -8.30 33.86 -28.77
C ARG D 333 -8.58 35.13 -27.99
N VAL D 334 -8.50 36.28 -28.65
CA VAL D 334 -8.85 37.55 -27.99
C VAL D 334 -10.33 37.57 -27.61
N GLU D 335 -11.19 37.12 -28.52
CA GLU D 335 -12.61 37.10 -28.21
C GLU D 335 -12.96 36.01 -27.21
N GLU D 336 -12.18 34.92 -27.14
CA GLU D 336 -12.38 33.97 -26.05
C GLU D 336 -11.96 34.53 -24.71
N MET D 337 -10.99 35.44 -24.67
CA MET D 337 -10.73 36.15 -23.41
C MET D 337 -11.91 37.04 -23.02
N ARG D 338 -12.52 37.70 -24.02
CA ARG D 338 -13.73 38.49 -23.77
C ARG D 338 -14.85 37.62 -23.20
N GLN D 339 -15.10 36.47 -23.83
CA GLN D 339 -16.18 35.60 -23.39
C GLN D 339 -15.86 34.90 -22.09
N SER D 340 -14.58 34.69 -21.78
CA SER D 340 -14.20 34.17 -20.47
C SER D 340 -14.50 35.18 -19.37
N ILE D 341 -14.25 36.46 -19.63
CA ILE D 341 -14.66 37.52 -18.69
C ILE D 341 -16.18 37.52 -18.48
N ARG D 342 -16.93 37.31 -19.58
CA ARG D 342 -18.38 37.19 -19.49
C ARG D 342 -18.82 36.02 -18.61
N ILE D 343 -18.21 34.85 -18.82
CA ILE D 343 -18.53 33.66 -18.03
C ILE D 343 -18.14 33.87 -16.56
N ILE D 344 -17.01 34.53 -16.32
CA ILE D 344 -16.56 34.77 -14.94
C ILE D 344 -17.52 35.71 -14.21
N SER D 345 -18.07 36.70 -14.91
CA SER D 345 -19.10 37.55 -14.30
C SER D 345 -20.34 36.74 -13.96
N GLN D 346 -20.75 35.85 -14.86
CA GLN D 346 -21.91 35.00 -14.56
C GLN D 346 -21.64 34.00 -13.44
N CYS D 347 -20.39 33.53 -13.31
CA CYS D 347 -20.06 32.60 -12.23
C CYS D 347 -20.00 33.30 -10.89
N LEU D 348 -19.51 34.55 -10.88
CA LEU D 348 -19.49 35.32 -9.65
C LEU D 348 -20.89 35.68 -9.20
N ASN D 349 -21.81 35.92 -10.13
CA ASN D 349 -23.16 36.25 -9.71
C ASN D 349 -24.00 35.02 -9.35
N LYS D 350 -23.67 33.84 -9.87
CA LYS D 350 -24.50 32.67 -9.69
C LYS D 350 -23.84 31.59 -8.85
N MET D 351 -22.86 31.95 -8.04
CA MET D 351 -22.20 30.99 -7.15
C MET D 351 -23.16 30.55 -6.06
N PRO D 352 -23.47 29.26 -5.95
CA PRO D 352 -24.42 28.81 -4.95
C PRO D 352 -23.73 28.54 -3.63
N PRO D 353 -24.47 28.47 -2.53
CA PRO D 353 -23.88 27.97 -1.27
C PRO D 353 -23.77 26.46 -1.30
N GLY D 354 -23.12 25.93 -0.28
CA GLY D 354 -23.08 24.50 -0.08
C GLY D 354 -21.66 23.99 0.03
N GLU D 355 -21.56 22.67 0.05
CA GLU D 355 -20.30 21.97 0.19
C GLU D 355 -19.52 22.00 -1.12
N ILE D 356 -18.23 21.64 -1.05
CA ILE D 356 -17.35 21.70 -2.19
C ILE D 356 -16.73 20.37 -2.56
N LYS D 357 -16.86 19.35 -1.72
CA LYS D 357 -16.52 17.99 -2.06
C LYS D 357 -17.82 17.20 -2.15
N VAL D 358 -17.78 16.07 -2.85
CA VAL D 358 -18.91 15.17 -2.80
C VAL D 358 -19.01 14.59 -1.39
N ASP D 359 -20.23 14.47 -0.88
CA ASP D 359 -20.42 14.07 0.51
C ASP D 359 -20.42 12.55 0.67
N ASP D 360 -19.84 11.85 -0.30
CA ASP D 360 -19.46 10.45 -0.19
C ASP D 360 -18.05 10.41 0.38
N ALA D 361 -17.92 10.02 1.64
CA ALA D 361 -16.61 10.00 2.27
C ALA D 361 -15.79 8.77 1.95
N LYS D 362 -16.29 7.89 1.08
CA LYS D 362 -15.48 6.84 0.50
C LYS D 362 -14.78 7.29 -0.77
N VAL D 363 -15.00 8.54 -1.18
CA VAL D 363 -14.38 9.12 -2.36
C VAL D 363 -13.59 10.35 -1.93
N SER D 364 -14.28 11.35 -1.40
CA SER D 364 -13.64 12.57 -0.93
C SER D 364 -13.35 12.46 0.56
N PRO D 365 -12.21 12.99 1.01
CA PRO D 365 -11.86 12.91 2.43
C PRO D 365 -12.80 13.76 3.26
N PRO D 366 -13.13 13.30 4.46
CA PRO D 366 -13.96 14.12 5.36
C PRO D 366 -13.20 15.33 5.85
N LYS D 367 -13.95 16.25 6.46
CA LYS D 367 -13.35 17.42 7.08
C LYS D 367 -12.46 17.01 8.25
N ARG D 368 -11.48 17.86 8.56
CA ARG D 368 -10.49 17.51 9.57
C ARG D 368 -11.09 17.52 10.97
N ALA D 369 -12.13 18.31 11.20
CA ALA D 369 -12.76 18.33 12.52
C ALA D 369 -13.53 17.05 12.79
N GLU D 370 -14.15 16.47 11.77
CA GLU D 370 -14.84 15.20 11.94
C GLU D 370 -13.93 14.00 11.78
N MET D 371 -12.81 14.16 11.07
CA MET D 371 -11.75 13.16 11.05
C MET D 371 -11.18 12.94 12.45
N LYS D 372 -11.06 14.01 13.22
CA LYS D 372 -10.51 13.94 14.57
C LYS D 372 -11.58 13.66 15.63
N THR D 373 -12.80 13.39 15.22
CA THR D 373 -13.88 13.12 16.16
C THR D 373 -14.61 11.82 15.87
N SER D 374 -14.85 11.49 14.62
CA SER D 374 -15.65 10.33 14.24
C SER D 374 -14.76 9.17 13.83
N MET D 375 -15.17 7.96 14.21
CA MET D 375 -14.37 6.78 13.91
C MET D 375 -14.42 6.45 12.42
N GLU D 376 -15.61 6.49 11.82
CA GLU D 376 -15.76 6.25 10.38
C GLU D 376 -14.99 7.28 9.57
N SER D 377 -14.99 8.53 10.02
CA SER D 377 -14.30 9.58 9.29
C SER D 377 -12.79 9.40 9.37
N LEU D 378 -12.28 8.95 10.52
CA LEU D 378 -10.85 8.69 10.63
C LEU D 378 -10.43 7.49 9.78
N ILE D 379 -11.24 6.42 9.79
CA ILE D 379 -10.97 5.26 8.94
C ILE D 379 -10.96 5.65 7.47
N HIS D 380 -11.94 6.46 7.05
CA HIS D 380 -12.05 6.87 5.66
C HIS D 380 -10.92 7.80 5.26
N HIS D 381 -10.51 8.69 6.17
CA HIS D 381 -9.34 9.53 5.95
C HIS D 381 -8.09 8.70 5.75
N PHE D 382 -7.86 7.75 6.67
CA PHE D 382 -6.74 6.82 6.62
C PHE D 382 -6.70 6.09 5.28
N LYS D 383 -7.81 5.49 4.88
CA LYS D 383 -7.82 4.66 3.70
C LYS D 383 -7.78 5.48 2.41
N LEU D 384 -8.37 6.67 2.39
CA LEU D 384 -8.29 7.49 1.19
C LEU D 384 -6.91 8.09 1.00
N TYR D 385 -6.19 8.37 2.09
CA TYR D 385 -4.85 8.90 1.93
C TYR D 385 -3.76 7.84 1.91
N THR D 386 -4.08 6.56 2.12
CA THR D 386 -3.08 5.53 1.95
C THR D 386 -3.39 4.59 0.79
N GLU D 387 -4.53 3.92 0.83
CA GLU D 387 -4.93 3.13 -0.32
C GLU D 387 -5.49 4.00 -1.44
N GLY D 388 -6.32 4.96 -1.09
CA GLY D 388 -7.12 5.66 -2.07
C GLY D 388 -8.42 4.91 -2.34
N TYR D 389 -9.36 5.62 -2.95
CA TYR D 389 -10.62 5.02 -3.33
C TYR D 389 -10.44 4.02 -4.48
N GLN D 390 -11.15 2.90 -4.39
CA GLN D 390 -11.24 2.00 -5.52
C GLN D 390 -12.15 2.59 -6.57
N VAL D 391 -11.73 2.53 -7.82
CA VAL D 391 -12.53 2.96 -8.95
C VAL D 391 -13.07 1.71 -9.64
N PRO D 392 -14.36 1.65 -9.97
CA PRO D 392 -14.90 0.46 -10.63
C PRO D 392 -14.26 0.25 -11.99
N PRO D 393 -14.14 -1.01 -12.43
CA PRO D 393 -13.40 -1.30 -13.67
C PRO D 393 -14.10 -0.76 -14.89
N GLY D 394 -13.30 -0.32 -15.84
CA GLY D 394 -13.85 0.23 -17.07
C GLY D 394 -12.95 1.29 -17.63
N ALA D 395 -13.30 1.73 -18.83
CA ALA D 395 -12.50 2.70 -19.56
C ALA D 395 -13.39 3.83 -20.01
N THR D 396 -12.94 5.06 -19.77
CA THR D 396 -13.62 6.22 -20.32
C THR D 396 -12.66 7.04 -21.17
N TYR D 397 -13.23 7.73 -22.14
CA TYR D 397 -12.56 8.84 -22.81
C TYR D 397 -13.34 10.09 -22.44
N THR D 398 -12.77 10.90 -21.57
CA THR D 398 -13.39 12.12 -21.09
C THR D 398 -12.61 13.30 -21.63
N ALA D 399 -13.30 14.18 -22.33
CA ALA D 399 -12.66 15.33 -22.97
C ALA D 399 -13.30 16.62 -22.47
N ILE D 400 -12.48 17.66 -22.39
CA ILE D 400 -12.95 19.01 -22.12
C ILE D 400 -12.49 19.93 -23.23
N GLU D 401 -13.10 21.11 -23.27
CA GLU D 401 -12.62 22.22 -24.08
C GLU D 401 -11.61 22.99 -23.23
N ALA D 402 -10.39 22.47 -23.22
CA ALA D 402 -9.25 23.17 -22.67
C ALA D 402 -8.93 24.39 -23.55
N PRO D 403 -8.18 25.36 -23.02
CA PRO D 403 -7.87 26.56 -23.84
C PRO D 403 -7.00 26.30 -25.05
N LYS D 404 -6.32 25.16 -25.12
CA LYS D 404 -5.61 24.76 -26.32
C LYS D 404 -6.45 23.88 -27.25
N GLY D 405 -7.61 23.41 -26.80
CA GLY D 405 -8.43 22.57 -27.63
C GLY D 405 -9.03 21.43 -26.84
N GLU D 406 -9.33 20.32 -27.51
CA GLU D 406 -9.88 19.17 -26.81
C GLU D 406 -8.80 18.48 -26.00
N PHE D 407 -8.91 18.54 -24.68
CA PHE D 407 -7.99 17.81 -23.81
C PHE D 407 -8.71 16.59 -23.29
N GLY D 408 -8.16 15.42 -23.58
CA GLY D 408 -8.82 14.17 -23.28
C GLY D 408 -8.01 13.30 -22.35
N VAL D 409 -8.70 12.46 -21.60
CA VAL D 409 -8.08 11.40 -20.83
C VAL D 409 -8.80 10.12 -21.22
N TYR D 410 -8.05 9.15 -21.72
CA TYR D 410 -8.54 7.78 -21.84
C TYR D 410 -8.03 7.03 -20.62
N LEU D 411 -8.91 6.87 -19.65
CA LEU D 411 -8.56 6.32 -18.35
C LEU D 411 -9.15 4.93 -18.23
N VAL D 412 -8.30 3.95 -17.94
CA VAL D 412 -8.67 2.56 -17.79
C VAL D 412 -8.40 2.17 -16.35
N SER D 413 -9.46 1.78 -15.64
CA SER D 413 -9.39 1.26 -14.28
C SER D 413 -9.62 -0.24 -14.30
N ASP D 414 -8.82 -0.96 -13.52
CA ASP D 414 -8.94 -2.40 -13.38
C ASP D 414 -9.74 -2.82 -12.16
N GLY D 415 -10.30 -1.88 -11.41
CA GLY D 415 -10.96 -2.15 -10.16
C GLY D 415 -10.17 -1.73 -8.94
N SER D 416 -8.86 -1.55 -9.09
CA SER D 416 -8.02 -1.19 -7.97
C SER D 416 -8.07 0.30 -7.72
N SER D 417 -7.28 0.76 -6.75
CA SER D 417 -7.17 2.17 -6.41
C SER D 417 -6.08 2.88 -7.21
N ARG D 418 -5.51 2.23 -8.21
CA ARG D 418 -4.55 2.86 -9.09
C ARG D 418 -5.00 2.69 -10.54
N PRO D 419 -4.78 3.70 -11.39
CA PRO D 419 -5.14 3.58 -12.81
C PRO D 419 -4.34 2.49 -13.49
N TYR D 420 -5.03 1.64 -14.24
CA TYR D 420 -4.33 0.67 -15.06
C TYR D 420 -3.67 1.36 -16.24
N ARG D 421 -4.37 2.31 -16.86
CA ARG D 421 -3.83 3.00 -18.03
C ARG D 421 -4.39 4.42 -18.02
N CYS D 422 -3.56 5.39 -18.40
CA CYS D 422 -4.06 6.76 -18.51
C CYS D 422 -3.43 7.41 -19.74
N LYS D 423 -4.07 7.23 -20.88
CA LYS D 423 -3.62 7.94 -22.08
C LYS D 423 -4.08 9.39 -22.02
N ILE D 424 -3.16 10.30 -22.26
CA ILE D 424 -3.45 11.73 -22.22
C ILE D 424 -3.50 12.23 -23.65
N LYS D 425 -4.67 12.66 -24.08
CA LYS D 425 -4.85 13.31 -25.37
C LYS D 425 -4.63 14.81 -25.19
N ALA D 426 -3.63 15.32 -25.83
CA ALA D 426 -3.36 16.73 -25.83
C ALA D 426 -3.67 17.34 -27.18
N PRO D 427 -4.17 18.57 -27.23
CA PRO D 427 -4.44 19.20 -28.53
C PRO D 427 -3.18 19.51 -29.30
N GLY D 428 -2.14 19.93 -28.58
CA GLY D 428 -0.88 20.34 -29.19
C GLY D 428 -0.16 19.23 -29.91
N PHE D 429 -0.46 17.97 -29.58
CA PHE D 429 0.15 16.84 -30.26
C PHE D 429 -0.28 16.77 -31.72
N ALA D 430 -1.60 16.76 -31.96
CA ALA D 430 -2.11 16.76 -33.33
C ALA D 430 -1.85 18.09 -34.03
N HIS D 431 -1.83 19.20 -33.29
CA HIS D 431 -1.55 20.50 -33.91
C HIS D 431 -0.11 20.56 -34.41
N LEU D 432 0.85 20.11 -33.60
CA LEU D 432 2.24 20.08 -34.02
C LEU D 432 2.49 19.01 -35.07
N ALA D 433 1.64 17.97 -35.12
CA ALA D 433 1.70 17.06 -36.25
C ALA D 433 1.24 17.73 -37.53
N GLY D 434 0.26 18.62 -37.44
CA GLY D 434 -0.20 19.35 -38.62
C GLY D 434 0.66 20.53 -39.04
N LEU D 435 1.65 20.87 -38.20
CA LEU D 435 2.64 21.91 -38.53
C LEU D 435 3.29 21.73 -39.90
N ASP D 436 3.52 20.49 -40.34
CA ASP D 436 4.18 20.28 -41.64
C ASP D 436 3.28 20.68 -42.80
N LYS D 437 1.98 20.41 -42.73
CA LYS D 437 1.09 20.88 -43.78
C LYS D 437 0.89 22.39 -43.68
N MET D 438 0.81 22.92 -42.45
CA MET D 438 0.53 24.35 -42.28
C MET D 438 1.68 25.23 -42.73
N SER D 439 2.90 24.73 -42.78
CA SER D 439 4.06 25.55 -43.10
C SER D 439 4.49 25.45 -44.55
N LYS D 440 3.85 24.62 -45.36
CA LYS D 440 4.24 24.48 -46.76
C LYS D 440 3.88 25.73 -47.56
N GLY D 441 4.84 26.20 -48.34
CA GLY D 441 4.64 27.40 -49.13
C GLY D 441 4.87 28.69 -48.39
N HIS D 442 5.36 28.64 -47.17
CA HIS D 442 5.61 29.82 -46.37
C HIS D 442 7.11 30.02 -46.18
N MET D 443 7.45 31.12 -45.53
CA MET D 443 8.84 31.45 -45.28
C MET D 443 9.27 30.91 -43.92
N LEU D 444 10.57 31.03 -43.65
CA LEU D 444 11.12 30.57 -42.38
C LEU D 444 10.65 31.43 -41.22
N ALA D 445 10.44 32.72 -41.45
CA ALA D 445 9.89 33.59 -40.42
C ALA D 445 8.41 33.34 -40.18
N ASP D 446 7.73 32.70 -41.13
CA ASP D 446 6.34 32.34 -40.93
C ASP D 446 6.18 31.11 -40.04
N VAL D 447 7.23 30.30 -39.91
CA VAL D 447 7.12 29.06 -39.15
C VAL D 447 7.01 29.36 -37.65
N VAL D 448 7.71 30.40 -37.18
CA VAL D 448 7.60 30.75 -35.77
C VAL D 448 6.21 31.35 -35.49
N ALA D 449 5.59 31.97 -36.50
CA ALA D 449 4.22 32.44 -36.34
C ALA D 449 3.22 31.29 -36.33
N ILE D 450 3.49 30.24 -37.12
CA ILE D 450 2.59 29.10 -37.14
C ILE D 450 2.75 28.26 -35.87
N ILE D 451 3.97 28.16 -35.34
CA ILE D 451 4.18 27.54 -34.04
C ILE D 451 3.61 28.42 -32.93
N GLY D 452 3.46 29.72 -33.16
CA GLY D 452 2.71 30.52 -32.23
C GLY D 452 1.20 30.35 -32.29
N THR D 453 0.63 30.21 -33.50
CA THR D 453 -0.83 30.14 -33.62
C THR D 453 -1.37 28.78 -33.22
N GLN D 454 -0.58 27.73 -33.37
CA GLN D 454 -0.84 26.46 -32.71
C GLN D 454 -0.32 26.64 -31.31
N ASP D 455 -1.19 26.73 -30.32
CA ASP D 455 -0.68 27.04 -29.00
C ASP D 455 -0.06 25.77 -28.45
N ILE D 456 1.27 25.68 -28.54
CA ILE D 456 2.02 24.47 -28.26
C ILE D 456 2.76 24.64 -26.96
N VAL D 457 2.39 23.83 -25.96
CA VAL D 457 3.19 23.62 -24.77
C VAL D 457 3.67 22.18 -24.82
N PHE D 458 4.98 21.99 -24.73
CA PHE D 458 5.57 20.67 -24.98
C PHE D 458 5.45 19.73 -23.80
N GLY D 459 5.01 20.23 -22.65
CA GLY D 459 4.66 19.33 -21.56
C GLY D 459 3.50 18.43 -21.92
N GLU D 460 2.45 19.01 -22.51
CA GLU D 460 1.35 18.17 -22.94
C GLU D 460 1.65 17.45 -24.25
N VAL D 461 2.54 17.99 -25.08
CA VAL D 461 2.89 17.33 -26.33
C VAL D 461 3.67 16.06 -26.07
N ASP D 462 4.61 16.11 -25.14
CA ASP D 462 5.51 15.00 -24.92
C ASP D 462 5.12 14.08 -23.76
N ARG D 463 4.30 14.56 -22.81
CA ARG D 463 3.95 13.87 -21.56
C ARG D 463 5.18 13.39 -20.78
N THR E 45 -31.00 8.57 -4.35
CA THR E 45 -29.67 8.61 -4.93
C THR E 45 -29.46 9.91 -5.69
N ARG E 46 -30.07 10.99 -5.22
CA ARG E 46 -30.00 12.21 -6.03
C ARG E 46 -28.67 12.95 -5.93
N PRO E 47 -28.21 13.43 -4.76
CA PRO E 47 -27.16 14.47 -4.80
C PRO E 47 -25.76 13.96 -5.14
N THR E 48 -25.32 12.84 -4.58
CA THR E 48 -23.94 12.43 -4.73
C THR E 48 -23.71 11.47 -5.89
N VAL E 49 -24.76 10.93 -6.47
CA VAL E 49 -24.65 9.91 -7.51
C VAL E 49 -24.73 10.59 -8.88
N ARG E 50 -23.86 10.18 -9.80
CA ARG E 50 -23.92 10.64 -11.17
C ARG E 50 -25.23 10.21 -11.81
N PRO E 51 -25.98 11.13 -12.44
CA PRO E 51 -27.25 10.75 -13.05
C PRO E 51 -27.04 9.95 -14.33
N ARG E 52 -27.84 8.90 -14.48
CA ARG E 52 -27.75 8.04 -15.65
C ARG E 52 -28.48 8.65 -16.83
N ASN E 53 -27.88 8.54 -18.01
CA ASN E 53 -28.43 9.08 -19.25
C ASN E 53 -28.93 7.89 -20.07
N ASP E 54 -30.23 7.58 -19.92
CA ASP E 54 -30.80 6.42 -20.60
C ASP E 54 -31.07 6.68 -22.07
N VAL E 55 -31.30 7.94 -22.45
CA VAL E 55 -31.56 8.27 -23.85
C VAL E 55 -30.32 8.03 -24.70
N ALA E 56 -29.18 8.55 -24.25
CA ALA E 56 -27.92 8.33 -24.95
C ALA E 56 -27.51 6.87 -24.93
N HIS E 57 -27.84 6.16 -23.84
CA HIS E 57 -27.56 4.73 -23.77
C HIS E 57 -28.33 3.95 -24.81
N LYS E 58 -29.62 4.26 -24.97
CA LYS E 58 -30.45 3.60 -25.96
C LYS E 58 -30.03 3.95 -27.38
N GLN E 59 -29.68 5.22 -27.62
CA GLN E 59 -29.22 5.64 -28.94
C GLN E 59 -27.89 4.99 -29.33
N LEU E 60 -26.94 4.92 -28.39
CA LEU E 60 -25.66 4.30 -28.70
C LEU E 60 -25.78 2.79 -28.82
N SER E 61 -26.73 2.17 -28.12
CA SER E 61 -26.98 0.74 -28.31
C SER E 61 -27.57 0.46 -29.68
N ALA E 62 -28.49 1.31 -30.14
CA ALA E 62 -29.05 1.14 -31.47
C ALA E 62 -28.01 1.37 -32.56
N PHE E 63 -27.14 2.36 -32.38
CA PHE E 63 -26.09 2.59 -33.36
C PHE E 63 -25.03 1.49 -33.32
N GLY E 64 -24.81 0.89 -32.15
CA GLY E 64 -23.90 -0.23 -32.10
C GLY E 64 -24.44 -1.46 -32.79
N GLU E 65 -25.75 -1.71 -32.66
CA GLU E 65 -26.41 -2.74 -33.48
C GLU E 65 -26.27 -2.44 -34.96
N TYR E 66 -26.45 -1.17 -35.34
CA TYR E 66 -26.32 -0.70 -36.71
C TYR E 66 -24.94 -1.01 -37.29
N VAL E 67 -23.89 -0.65 -36.55
CA VAL E 67 -22.53 -0.90 -37.00
C VAL E 67 -22.22 -2.39 -37.03
N ALA E 68 -22.71 -3.15 -36.04
CA ALA E 68 -22.44 -4.58 -35.98
C ALA E 68 -23.12 -5.34 -37.12
N GLU E 69 -24.26 -4.87 -37.60
CA GLU E 69 -24.92 -5.58 -38.68
C GLU E 69 -24.55 -5.06 -40.07
N ILE E 70 -24.06 -3.81 -40.18
CA ILE E 70 -23.51 -3.37 -41.46
C ILE E 70 -22.16 -4.03 -41.71
N LEU E 71 -21.36 -4.20 -40.66
CA LEU E 71 -20.01 -4.75 -40.78
C LEU E 71 -19.81 -6.04 -39.98
N PRO E 72 -20.54 -7.13 -40.29
CA PRO E 72 -20.32 -8.36 -39.50
C PRO E 72 -19.03 -9.08 -39.83
N LYS E 73 -18.32 -8.68 -40.88
CA LYS E 73 -17.07 -9.33 -41.25
C LYS E 73 -15.97 -9.07 -40.22
N TYR E 74 -16.05 -7.95 -39.51
CA TYR E 74 -14.97 -7.57 -38.62
C TYR E 74 -15.40 -7.31 -37.19
N VAL E 75 -16.66 -6.95 -36.95
CA VAL E 75 -17.11 -6.58 -35.61
C VAL E 75 -17.25 -7.84 -34.76
N GLN E 76 -16.54 -7.86 -33.63
CA GLN E 76 -16.54 -8.98 -32.70
C GLN E 76 -17.41 -8.75 -31.48
N GLN E 77 -17.28 -7.59 -30.84
CA GLN E 77 -18.20 -7.20 -29.77
C GLN E 77 -18.66 -5.78 -29.96
N VAL E 78 -19.84 -5.50 -29.41
CA VAL E 78 -20.35 -4.15 -29.28
C VAL E 78 -20.86 -4.00 -27.86
N GLN E 79 -20.36 -3.00 -27.14
CA GLN E 79 -20.81 -2.80 -25.78
C GLN E 79 -20.99 -1.32 -25.50
N VAL E 80 -21.89 -1.02 -24.57
CA VAL E 80 -22.15 0.35 -24.14
C VAL E 80 -21.98 0.38 -22.62
N SER E 81 -21.12 1.26 -22.14
CA SER E 81 -20.85 1.34 -20.71
C SER E 81 -22.00 2.03 -19.99
N CYS E 82 -21.98 1.93 -18.66
CA CYS E 82 -23.05 2.50 -17.83
C CYS E 82 -23.03 4.02 -17.81
N PHE E 83 -21.91 4.62 -18.18
CA PHE E 83 -21.82 6.06 -18.41
C PHE E 83 -21.91 6.40 -19.90
N SER E 84 -22.51 5.50 -20.70
CA SER E 84 -22.96 5.73 -22.07
C SER E 84 -21.82 6.10 -23.02
N GLU E 85 -20.89 5.17 -23.17
CA GLU E 85 -19.85 5.25 -24.19
C GLU E 85 -19.86 3.95 -24.99
N LEU E 86 -19.86 4.07 -26.31
CA LEU E 86 -19.98 2.94 -27.22
C LEU E 86 -18.61 2.42 -27.63
N GLU E 87 -18.40 1.12 -27.48
CA GLU E 87 -17.17 0.45 -27.88
C GLU E 87 -17.50 -0.61 -28.92
N ILE E 88 -16.80 -0.53 -30.05
CA ILE E 88 -16.89 -1.50 -31.12
C ILE E 88 -15.56 -2.25 -31.13
N CYS E 89 -15.58 -3.49 -30.67
CA CYS E 89 -14.39 -4.33 -30.63
C CYS E 89 -14.33 -5.14 -31.92
N ILE E 90 -13.29 -4.92 -32.72
CA ILE E 90 -13.23 -5.45 -34.08
C ILE E 90 -12.02 -6.37 -34.23
N HIS E 91 -12.03 -7.12 -35.33
CA HIS E 91 -10.87 -7.87 -35.75
C HIS E 91 -9.85 -6.93 -36.38
N PRO E 92 -8.55 -7.15 -36.19
CA PRO E 92 -7.55 -6.21 -36.73
C PRO E 92 -7.43 -6.16 -38.24
N ASP E 93 -8.02 -7.10 -38.98
CA ASP E 93 -8.05 -6.95 -40.43
C ASP E 93 -9.01 -5.85 -40.86
N GLY E 94 -9.93 -5.45 -40.00
CA GLY E 94 -10.88 -4.41 -40.34
C GLY E 94 -10.59 -3.07 -39.73
N VAL E 95 -9.32 -2.71 -39.56
CA VAL E 95 -9.00 -1.36 -39.10
C VAL E 95 -9.41 -0.35 -40.16
N ILE E 96 -8.97 -0.54 -41.40
CA ILE E 96 -9.31 0.37 -42.49
C ILE E 96 -10.80 0.30 -42.88
N PRO E 97 -11.45 -0.86 -43.07
CA PRO E 97 -12.88 -0.81 -43.47
C PRO E 97 -13.83 -0.27 -42.41
N VAL E 98 -13.58 -0.49 -41.12
CA VAL E 98 -14.48 0.04 -40.10
C VAL E 98 -14.30 1.54 -39.95
N LEU E 99 -13.05 1.99 -39.81
CA LEU E 99 -12.77 3.40 -39.62
C LEU E 99 -13.12 4.24 -40.84
N THR E 100 -12.99 3.69 -42.04
CA THR E 100 -13.45 4.42 -43.23
C THR E 100 -14.97 4.48 -43.26
N PHE E 101 -15.63 3.44 -42.73
CA PHE E 101 -17.08 3.47 -42.64
C PHE E 101 -17.54 4.59 -41.72
N LEU E 102 -17.03 4.59 -40.50
CA LEU E 102 -17.42 5.59 -39.49
C LEU E 102 -17.02 6.99 -39.90
N ARG E 103 -15.95 7.14 -40.68
CA ARG E 103 -15.57 8.45 -41.18
C ARG E 103 -16.52 8.90 -42.28
N ASP E 104 -16.96 7.98 -43.15
CA ASP E 104 -17.62 8.38 -44.39
C ASP E 104 -19.10 8.05 -44.47
N HIS E 105 -19.65 7.20 -43.60
CA HIS E 105 -21.06 6.88 -43.70
C HIS E 105 -21.90 8.05 -43.24
N SER E 106 -23.03 8.27 -43.92
CA SER E 106 -23.85 9.45 -43.68
C SER E 106 -24.53 9.42 -42.32
N ASN E 107 -24.76 8.23 -41.76
CA ASN E 107 -25.26 8.13 -40.41
C ASN E 107 -24.17 8.02 -39.36
N ALA E 108 -22.90 8.07 -39.74
CA ALA E 108 -21.84 8.05 -38.74
C ALA E 108 -21.04 9.35 -38.73
N GLN E 109 -20.37 9.69 -39.84
CA GLN E 109 -19.59 10.91 -40.05
C GLN E 109 -18.62 11.20 -38.89
N PHE E 110 -17.93 10.17 -38.40
CA PHE E 110 -16.92 10.35 -37.35
C PHE E 110 -15.66 10.91 -38.01
N LYS E 111 -15.70 12.21 -38.28
CA LYS E 111 -14.65 12.87 -39.03
C LYS E 111 -13.40 13.11 -38.20
N SER E 112 -13.52 13.21 -36.89
CA SER E 112 -12.38 13.56 -36.06
C SER E 112 -11.83 12.31 -35.38
N LEU E 113 -10.52 12.11 -35.50
CA LEU E 113 -9.81 11.16 -34.65
C LEU E 113 -9.34 11.92 -33.42
N ALA E 114 -10.07 11.76 -32.32
CA ALA E 114 -9.66 12.38 -31.07
C ALA E 114 -8.35 11.78 -30.56
N ASP E 115 -8.29 10.47 -30.43
CA ASP E 115 -7.10 9.87 -29.85
C ASP E 115 -6.93 8.46 -30.38
N LEU E 116 -5.68 8.03 -30.48
CA LEU E 116 -5.32 6.66 -30.80
C LEU E 116 -4.33 6.16 -29.76
N THR E 117 -4.60 4.97 -29.22
CA THR E 117 -4.07 4.51 -27.95
C THR E 117 -3.79 3.01 -28.04
N ALA E 118 -2.70 2.56 -27.43
CA ALA E 118 -2.53 1.15 -27.11
C ALA E 118 -2.60 0.96 -25.61
N VAL E 119 -3.04 -0.23 -25.20
CA VAL E 119 -3.03 -0.65 -23.80
C VAL E 119 -2.33 -2.00 -23.76
N ASP E 120 -1.34 -2.14 -22.88
CA ASP E 120 -0.65 -3.41 -22.70
C ASP E 120 -1.34 -4.21 -21.62
N ILE E 121 -1.83 -5.40 -21.99
CA ILE E 121 -2.43 -6.33 -21.04
C ILE E 121 -1.68 -7.65 -21.21
N PRO E 122 -0.66 -7.92 -20.39
CA PRO E 122 0.24 -9.06 -20.64
C PRO E 122 -0.38 -10.44 -20.47
N THR E 123 -1.55 -10.55 -19.82
CA THR E 123 -2.16 -11.86 -19.65
C THR E 123 -2.91 -12.32 -20.90
N ARG E 124 -3.04 -11.47 -21.90
CA ARG E 124 -3.66 -11.86 -23.16
C ARG E 124 -2.55 -12.27 -24.13
N GLN E 125 -2.85 -13.24 -24.99
CA GLN E 125 -1.86 -13.63 -25.99
C GLN E 125 -1.74 -12.59 -27.09
N ASN E 126 -2.75 -11.75 -27.27
CA ASN E 126 -2.66 -10.54 -28.06
C ASN E 126 -2.66 -9.40 -27.05
N ARG E 127 -1.47 -9.08 -26.55
CA ARG E 127 -1.35 -8.27 -25.34
C ARG E 127 -1.67 -6.80 -25.57
N PHE E 128 -1.61 -6.32 -26.80
CA PHE E 128 -1.78 -4.90 -27.07
C PHE E 128 -3.20 -4.66 -27.57
N GLU E 129 -3.86 -3.68 -26.96
CA GLU E 129 -5.24 -3.34 -27.27
C GLU E 129 -5.22 -1.94 -27.89
N ILE E 130 -5.40 -1.88 -29.20
CA ILE E 130 -5.32 -0.64 -29.94
C ILE E 130 -6.68 0.04 -29.87
N VAL E 131 -6.70 1.29 -29.41
CA VAL E 131 -7.93 2.00 -29.09
C VAL E 131 -8.01 3.26 -29.92
N TYR E 132 -9.08 3.37 -30.71
CA TYR E 132 -9.39 4.54 -31.53
C TYR E 132 -10.55 5.27 -30.88
N ASN E 133 -10.38 6.56 -30.61
CA ASN E 133 -11.46 7.38 -30.09
C ASN E 133 -11.86 8.36 -31.19
N LEU E 134 -13.11 8.26 -31.62
CA LEU E 134 -13.58 9.02 -32.77
C LEU E 134 -14.69 9.98 -32.34
N LEU E 135 -14.72 11.14 -32.98
CA LEU E 135 -15.69 12.19 -32.73
C LEU E 135 -16.44 12.47 -34.02
N SER E 136 -17.77 12.36 -33.96
CA SER E 136 -18.67 12.86 -34.98
C SER E 136 -19.21 14.19 -34.53
N LEU E 137 -18.86 15.24 -35.28
CA LEU E 137 -19.36 16.57 -34.99
C LEU E 137 -20.77 16.75 -35.53
N ARG E 138 -21.14 15.98 -36.56
CA ARG E 138 -22.47 16.06 -37.13
C ARG E 138 -23.52 15.53 -36.16
N PHE E 139 -23.24 14.38 -35.54
CA PHE E 139 -24.21 13.77 -34.64
C PHE E 139 -23.81 13.94 -33.18
N ASN E 140 -22.77 14.75 -32.92
CA ASN E 140 -22.37 15.19 -31.58
C ASN E 140 -22.03 14.00 -30.69
N SER E 141 -21.35 13.02 -31.26
CA SER E 141 -21.20 11.74 -30.60
C SER E 141 -19.76 11.25 -30.64
N ARG E 142 -19.45 10.33 -29.76
CA ARG E 142 -18.14 9.72 -29.71
C ARG E 142 -18.29 8.21 -29.79
N ILE E 143 -17.32 7.56 -30.41
CA ILE E 143 -17.30 6.12 -30.51
C ILE E 143 -15.88 5.64 -30.23
N ARG E 144 -15.77 4.43 -29.70
CA ARG E 144 -14.48 3.81 -29.44
C ARG E 144 -14.39 2.55 -30.27
N VAL E 145 -13.30 2.42 -31.03
CA VAL E 145 -13.05 1.24 -31.84
C VAL E 145 -11.82 0.55 -31.28
N LYS E 146 -11.97 -0.70 -30.87
CA LYS E 146 -10.91 -1.40 -30.19
C LYS E 146 -10.51 -2.62 -31.01
N THR E 147 -9.21 -2.84 -31.12
CA THR E 147 -8.71 -4.06 -31.73
C THR E 147 -7.49 -4.51 -30.95
N TYR E 148 -6.77 -5.49 -31.49
CA TYR E 148 -5.72 -6.15 -30.72
C TYR E 148 -4.59 -6.59 -31.63
N THR E 149 -3.41 -6.69 -31.05
CA THR E 149 -2.27 -7.31 -31.70
C THR E 149 -1.30 -7.81 -30.64
N ASP E 150 -0.43 -8.71 -31.03
CA ASP E 150 0.71 -9.10 -30.22
C ASP E 150 1.95 -8.34 -30.70
N GLU E 151 3.13 -8.77 -30.22
CA GLU E 151 4.38 -8.08 -30.54
C GLU E 151 4.75 -8.17 -32.01
N LEU E 152 4.31 -9.22 -32.71
CA LEU E 152 4.83 -9.53 -34.03
C LEU E 152 3.85 -9.30 -35.17
N THR E 153 2.55 -9.20 -34.90
CA THR E 153 1.60 -9.01 -35.97
C THR E 153 1.45 -7.52 -36.26
N PRO E 154 1.69 -7.07 -37.49
CA PRO E 154 1.50 -5.65 -37.78
C PRO E 154 0.03 -5.29 -37.88
N VAL E 155 -0.29 -4.09 -37.44
CA VAL E 155 -1.61 -3.50 -37.61
C VAL E 155 -1.53 -2.60 -38.82
N GLU E 156 -2.57 -2.57 -39.63
CA GLU E 156 -2.58 -1.67 -40.78
C GLU E 156 -2.70 -0.23 -40.30
N SER E 157 -1.81 0.63 -40.79
CA SER E 157 -1.85 2.05 -40.43
C SER E 157 -3.09 2.71 -40.99
N SER E 158 -3.66 3.61 -40.21
CA SER E 158 -4.90 4.29 -40.56
C SER E 158 -4.65 5.74 -40.98
N VAL E 159 -3.46 6.02 -41.52
CA VAL E 159 -3.16 7.36 -42.00
C VAL E 159 -3.96 7.69 -43.26
N SER E 160 -4.35 6.67 -44.02
CA SER E 160 -5.20 6.90 -45.18
C SER E 160 -6.63 7.22 -44.81
N VAL E 161 -7.03 6.98 -43.57
CA VAL E 161 -8.36 7.33 -43.10
C VAL E 161 -8.28 8.65 -42.35
N TYR E 162 -7.47 8.68 -41.30
CA TYR E 162 -7.22 9.89 -40.52
C TYR E 162 -5.74 10.19 -40.58
N LYS E 163 -5.37 11.36 -41.12
CA LYS E 163 -3.98 11.78 -41.09
C LYS E 163 -3.50 12.11 -39.68
N ALA E 164 -4.45 12.42 -38.78
CA ALA E 164 -4.19 12.59 -37.35
C ALA E 164 -3.47 11.40 -36.75
N ALA E 165 -3.73 10.19 -37.26
CA ALA E 165 -3.11 8.98 -36.76
C ALA E 165 -1.59 8.95 -36.94
N ASN E 166 -1.05 9.81 -37.83
CA ASN E 166 0.35 9.76 -38.26
C ASN E 166 1.32 9.77 -37.09
N TRP E 167 1.12 10.65 -36.13
CA TRP E 167 1.99 10.61 -34.96
C TRP E 167 1.54 9.61 -33.92
N TYR E 168 0.22 9.40 -33.77
CA TYR E 168 -0.30 8.62 -32.64
C TYR E 168 0.16 7.19 -32.69
N GLU E 169 -0.02 6.53 -33.83
CA GLU E 169 0.45 5.17 -33.97
C GLU E 169 1.98 5.12 -34.02
N ARG E 170 2.59 6.22 -34.45
CA ARG E 170 4.03 6.38 -34.30
C ARG E 170 4.43 6.35 -32.83
N GLU E 171 3.64 7.02 -31.98
CA GLU E 171 3.82 6.90 -30.53
C GLU E 171 3.58 5.48 -30.06
N ILE E 172 2.62 4.78 -30.67
CA ILE E 172 2.36 3.40 -30.30
C ILE E 172 3.52 2.52 -30.72
N TRP E 173 4.24 2.89 -31.78
CA TRP E 173 5.48 2.19 -32.08
C TRP E 173 6.54 2.46 -31.02
N ASP E 174 6.62 3.70 -30.55
CA ASP E 174 7.71 4.05 -29.65
C ASP E 174 7.48 3.48 -28.25
N MET E 175 6.25 3.54 -27.79
CA MET E 175 5.92 3.20 -26.41
C MET E 175 5.60 1.73 -26.21
N PHE E 176 5.07 1.07 -27.23
CA PHE E 176 4.60 -0.29 -27.08
C PHE E 176 5.26 -1.29 -28.01
N GLY E 177 5.84 -0.85 -29.11
CA GLY E 177 6.46 -1.76 -30.05
C GLY E 177 5.55 -2.33 -31.10
N VAL E 178 4.34 -1.81 -31.22
CA VAL E 178 3.40 -2.26 -32.25
C VAL E 178 3.82 -1.67 -33.59
N PHE E 179 4.14 -2.53 -34.54
CA PHE E 179 4.49 -2.08 -35.87
C PHE E 179 3.23 -1.79 -36.66
N PHE E 180 3.23 -0.66 -37.37
CA PHE E 180 2.13 -0.27 -38.22
C PHE E 180 2.57 -0.35 -39.67
N ALA E 181 1.95 -1.25 -40.42
CA ALA E 181 2.30 -1.47 -41.81
C ALA E 181 1.75 -0.35 -42.67
N ASN E 182 2.52 0.01 -43.71
CA ASN E 182 2.20 1.07 -44.67
C ASN E 182 2.06 2.43 -44.00
N HIS E 183 2.83 2.65 -42.96
CA HIS E 183 2.96 3.96 -42.35
C HIS E 183 3.94 4.79 -43.17
N PRO E 184 3.72 6.11 -43.32
CA PRO E 184 4.61 6.93 -44.15
C PRO E 184 6.01 7.08 -43.60
N ASP E 185 6.13 7.49 -42.34
CA ASP E 185 7.43 7.65 -41.67
C ASP E 185 7.26 7.10 -40.25
N LEU E 186 7.47 5.81 -40.10
CA LEU E 186 7.34 5.16 -38.80
C LEU E 186 8.71 5.09 -38.17
N ARG E 187 8.86 5.73 -37.01
CA ARG E 187 10.10 5.78 -36.26
C ARG E 187 9.74 6.23 -34.85
N ARG E 188 10.74 6.41 -34.00
CA ARG E 188 10.46 6.84 -32.65
C ARG E 188 10.08 8.31 -32.64
N ILE E 189 9.30 8.70 -31.63
CA ILE E 189 8.82 10.07 -31.57
C ILE E 189 9.06 10.69 -30.19
N LEU E 190 9.14 9.86 -29.16
CA LEU E 190 9.23 10.39 -27.80
C LEU E 190 10.47 9.95 -27.04
N THR E 191 10.94 8.73 -27.24
CA THR E 191 12.14 8.30 -26.54
C THR E 191 13.39 8.92 -27.14
N ASP E 192 14.49 8.79 -26.41
CA ASP E 192 15.81 9.17 -26.87
C ASP E 192 16.20 8.32 -28.07
N TYR E 193 17.19 8.80 -28.84
CA TYR E 193 17.46 8.24 -30.16
C TYR E 193 18.00 6.82 -30.10
N GLY E 194 18.85 6.51 -29.15
CA GLY E 194 19.33 5.14 -29.10
C GLY E 194 18.60 4.28 -28.08
N PHE E 195 17.32 4.55 -27.85
CA PHE E 195 16.63 3.94 -26.73
C PHE E 195 16.23 2.51 -27.06
N GLU E 196 16.57 1.59 -26.18
CA GLU E 196 16.26 0.18 -26.36
C GLU E 196 15.02 -0.14 -25.54
N GLY E 197 14.08 -0.84 -26.16
CA GLY E 197 12.87 -1.24 -25.47
C GLY E 197 11.73 -0.28 -25.69
N HIS E 198 10.56 -0.70 -25.22
CA HIS E 198 9.34 0.06 -25.41
C HIS E 198 8.74 0.34 -24.05
N PRO E 199 8.72 1.60 -23.61
CA PRO E 199 8.61 1.88 -22.17
C PRO E 199 7.24 1.65 -21.60
N PHE E 200 6.17 1.79 -22.36
CA PHE E 200 4.85 1.65 -21.78
C PHE E 200 4.37 0.21 -21.77
N ARG E 201 5.20 -0.73 -22.18
CA ARG E 201 4.95 -2.13 -21.87
C ARG E 201 5.04 -2.33 -20.37
N LYS E 202 4.14 -3.15 -19.84
CA LYS E 202 4.07 -3.31 -18.40
C LYS E 202 5.18 -4.17 -17.82
N ASP E 203 5.92 -4.91 -18.64
CA ASP E 203 7.14 -5.54 -18.17
C ASP E 203 8.37 -4.66 -18.31
N PHE E 204 8.23 -3.47 -18.88
CA PHE E 204 9.32 -2.52 -18.85
C PHE E 204 9.31 -1.82 -17.49
N PRO E 205 10.45 -1.72 -16.82
CA PRO E 205 10.46 -1.15 -15.46
C PRO E 205 10.30 0.37 -15.48
N LEU E 206 9.95 0.92 -14.32
CA LEU E 206 9.59 2.33 -14.20
C LEU E 206 10.78 3.24 -14.48
N SER E 207 11.81 3.14 -13.66
CA SER E 207 13.12 3.57 -14.10
C SER E 207 13.57 2.57 -15.16
N GLY E 208 14.37 3.03 -16.11
CA GLY E 208 14.65 2.14 -17.22
C GLY E 208 15.71 1.11 -16.94
N TYR E 209 16.56 0.85 -17.93
CA TYR E 209 17.73 0.04 -17.72
C TYR E 209 19.01 0.87 -17.74
N VAL E 210 18.97 2.05 -18.34
CA VAL E 210 20.14 2.92 -18.42
C VAL E 210 19.75 4.30 -17.92
N GLU E 211 20.76 5.04 -17.50
CA GLU E 211 20.63 6.43 -17.08
C GLU E 211 21.82 7.19 -17.63
N LEU E 212 21.65 8.50 -17.77
CA LEU E 212 22.67 9.34 -18.37
C LEU E 212 23.39 10.17 -17.31
N ARG E 213 24.65 10.47 -17.59
CA ARG E 213 25.38 11.46 -16.82
C ARG E 213 26.45 12.06 -17.72
N TYR E 214 26.94 13.22 -17.35
CA TYR E 214 28.09 13.74 -18.05
C TYR E 214 29.36 13.10 -17.52
N ASP E 215 30.16 12.53 -18.41
CA ASP E 215 31.47 12.02 -18.05
C ASP E 215 32.53 12.94 -18.63
N ASP E 216 33.42 13.40 -17.77
CA ASP E 216 34.41 14.40 -18.14
C ASP E 216 35.65 13.79 -18.76
N GLU E 217 35.91 12.50 -18.52
CA GLU E 217 36.99 11.80 -19.21
C GLU E 217 36.77 11.77 -20.71
N VAL E 218 35.60 11.31 -21.15
CA VAL E 218 35.29 11.25 -22.57
C VAL E 218 34.65 12.54 -23.08
N LYS E 219 34.41 13.51 -22.19
CA LYS E 219 33.81 14.83 -22.51
C LYS E 219 32.45 14.67 -23.18
N ARG E 220 31.60 13.85 -22.58
CA ARG E 220 30.43 13.38 -23.31
C ARG E 220 29.38 12.91 -22.32
N VAL E 221 28.11 13.08 -22.68
CA VAL E 221 27.04 12.44 -21.91
C VAL E 221 27.04 10.95 -22.22
N VAL E 222 27.08 10.13 -21.19
CA VAL E 222 27.20 8.69 -21.34
C VAL E 222 25.99 8.01 -20.69
N ALA E 223 25.72 6.80 -21.18
CA ALA E 223 24.66 5.94 -20.67
C ALA E 223 25.30 4.79 -19.90
N GLU E 224 24.80 4.55 -18.70
CA GLU E 224 25.29 3.53 -17.80
C GLU E 224 24.09 2.76 -17.27
N PRO E 225 24.30 1.54 -16.74
CA PRO E 225 23.18 0.85 -16.08
C PRO E 225 22.68 1.62 -14.87
N VAL E 226 21.37 1.61 -14.68
CA VAL E 226 20.74 2.50 -13.72
C VAL E 226 21.01 2.00 -12.30
N GLU E 227 21.51 2.90 -11.46
CA GLU E 227 21.54 2.71 -10.02
C GLU E 227 20.81 3.87 -9.39
N LEU E 228 19.88 3.55 -8.50
CA LEU E 228 19.11 4.56 -7.79
C LEU E 228 19.67 4.70 -6.39
N ALA E 229 19.88 5.93 -5.95
CA ALA E 229 20.29 6.17 -4.56
C ALA E 229 19.18 5.76 -3.60
N GLN E 230 17.93 5.97 -4.00
CA GLN E 230 16.79 5.44 -3.28
C GLN E 230 15.97 4.64 -4.27
N GLU E 231 15.77 3.36 -3.99
CA GLU E 231 14.87 2.53 -4.78
C GLU E 231 13.45 3.09 -4.68
N PHE E 232 12.72 3.04 -5.80
CA PHE E 232 11.29 3.28 -5.76
C PHE E 232 10.63 2.27 -4.85
N ARG E 233 9.87 2.76 -3.88
CA ARG E 233 9.25 1.91 -2.87
C ARG E 233 7.91 1.42 -3.40
N LYS E 234 7.85 0.11 -3.67
CA LYS E 234 6.62 -0.50 -4.15
C LYS E 234 5.61 -0.57 -3.03
N PHE E 235 4.43 -0.02 -3.26
CA PHE E 235 3.36 -0.08 -2.28
C PHE E 235 2.33 -1.11 -2.72
N ASP E 236 2.05 -2.06 -1.83
CA ASP E 236 0.96 -3.01 -2.02
C ASP E 236 -0.28 -2.40 -1.39
N LEU E 237 -1.13 -1.80 -2.23
CA LEU E 237 -2.22 -0.99 -1.74
C LEU E 237 -3.56 -1.68 -1.76
N ASN E 238 -3.70 -2.78 -2.50
CA ASN E 238 -5.00 -3.40 -2.72
C ASN E 238 -5.56 -4.01 -1.44
N SER E 239 -6.78 -3.62 -1.09
CA SER E 239 -7.48 -4.26 -0.01
C SER E 239 -7.80 -5.71 -0.38
N PRO E 240 -7.74 -6.64 0.56
CA PRO E 240 -8.16 -8.01 0.29
C PRO E 240 -9.66 -8.24 0.36
N TRP E 241 -10.46 -7.19 0.48
CA TRP E 241 -11.90 -7.30 0.47
C TRP E 241 -12.44 -6.82 -0.87
N GLU E 242 -13.49 -7.48 -1.35
CA GLU E 242 -14.07 -7.14 -2.64
C GLU E 242 -14.75 -5.78 -2.58
N ALA E 243 -14.47 -4.96 -3.58
CA ALA E 243 -15.05 -3.63 -3.61
C ALA E 243 -16.36 -3.56 -4.38
N PHE E 244 -16.46 -4.26 -5.50
CA PHE E 244 -17.59 -4.09 -6.41
C PHE E 244 -18.16 -5.47 -6.74
N PRO E 245 -19.26 -5.87 -6.10
CA PRO E 245 -19.86 -7.17 -6.42
C PRO E 245 -20.44 -7.28 -7.81
N ALA E 246 -20.76 -6.15 -8.45
CA ALA E 246 -21.28 -6.19 -9.81
C ALA E 246 -20.23 -6.62 -10.82
N TYR E 247 -18.94 -6.48 -10.49
CA TYR E 247 -17.85 -6.84 -11.38
C TYR E 247 -17.18 -8.15 -10.97
N ARG E 248 -17.87 -8.98 -10.20
CA ARG E 248 -17.28 -10.22 -9.72
C ARG E 248 -17.14 -11.21 -10.86
N GLN E 249 -15.96 -11.74 -11.02
CA GLN E 249 -15.70 -12.74 -12.04
C GLN E 249 -16.16 -14.10 -11.52
N PRO E 250 -16.71 -14.95 -12.39
CA PRO E 250 -17.13 -16.28 -11.95
C PRO E 250 -15.93 -17.16 -11.64
N PRO E 251 -16.00 -17.96 -10.59
CA PRO E 251 -14.83 -18.72 -10.13
C PRO E 251 -14.55 -19.92 -11.01
N GLU E 252 -13.45 -20.60 -10.72
CA GLU E 252 -13.03 -21.79 -11.44
C GLU E 252 -13.96 -22.97 -11.17
N SER F 68 49.92 44.15 3.21
CA SER F 68 50.85 44.70 2.22
C SER F 68 50.10 45.57 1.21
N ARG F 69 50.87 46.19 0.31
CA ARG F 69 50.26 47.08 -0.68
C ARG F 69 49.57 46.31 -1.79
N GLY F 70 50.21 45.26 -2.31
CA GLY F 70 49.63 44.49 -3.39
C GLY F 70 48.41 43.69 -2.99
N GLU F 71 48.34 43.28 -1.72
CA GLU F 71 47.16 42.58 -1.21
C GLU F 71 45.95 43.50 -1.20
N TYR F 72 46.14 44.76 -0.81
CA TYR F 72 45.05 45.73 -0.85
C TYR F 72 44.60 46.02 -2.27
N VAL F 73 45.55 46.09 -3.21
CA VAL F 73 45.22 46.36 -4.60
C VAL F 73 44.44 45.20 -5.22
N VAL F 74 44.86 43.96 -4.95
CA VAL F 74 44.11 42.84 -5.51
C VAL F 74 42.78 42.65 -4.78
N ALA F 75 42.66 43.10 -3.53
CA ALA F 75 41.37 43.07 -2.86
C ALA F 75 40.39 44.06 -3.47
N LYS F 76 40.85 45.28 -3.74
CA LYS F 76 39.98 46.27 -4.39
C LYS F 76 39.64 45.88 -5.82
N LEU F 77 40.58 45.27 -6.54
CA LEU F 77 40.28 44.82 -7.89
C LEU F 77 39.33 43.63 -7.91
N ASP F 78 39.45 42.71 -6.92
CA ASP F 78 38.43 41.67 -6.76
C ASP F 78 37.07 42.25 -6.48
N ASP F 79 37.00 43.27 -5.61
CA ASP F 79 35.72 43.91 -5.32
C ASP F 79 35.14 44.57 -6.56
N LEU F 80 35.99 45.17 -7.39
CA LEU F 80 35.54 45.81 -8.62
C LEU F 80 35.01 44.80 -9.63
N ILE F 81 35.77 43.74 -9.90
CA ILE F 81 35.34 42.80 -10.94
C ILE F 81 34.16 41.97 -10.44
N ASN F 82 34.08 41.70 -9.14
CA ASN F 82 32.91 41.01 -8.61
C ASN F 82 31.68 41.89 -8.65
N TRP F 83 31.85 43.21 -8.44
CA TRP F 83 30.75 44.15 -8.57
C TRP F 83 30.21 44.17 -10.00
N ALA F 84 31.12 44.25 -10.98
CA ALA F 84 30.71 44.31 -12.38
C ALA F 84 30.03 43.01 -12.81
N ARG F 85 30.57 41.87 -12.37
CA ARG F 85 30.01 40.59 -12.78
C ARG F 85 28.69 40.28 -12.08
N ARG F 86 28.51 40.70 -10.83
CA ARG F 86 27.22 40.42 -10.20
C ARG F 86 26.16 41.46 -10.56
N SER F 87 26.55 42.66 -10.97
CA SER F 87 25.58 43.66 -11.35
C SER F 87 25.35 43.69 -12.85
N SER F 88 26.02 42.83 -13.61
CA SER F 88 25.71 42.66 -15.02
C SER F 88 25.60 41.18 -15.37
N LEU F 89 24.84 40.43 -14.58
CA LEU F 89 24.56 39.03 -14.89
C LEU F 89 23.61 38.93 -16.08
N TRP F 90 24.04 38.22 -17.12
CA TRP F 90 23.16 38.00 -18.26
C TRP F 90 22.77 36.53 -18.30
N PRO F 91 21.50 36.19 -18.12
CA PRO F 91 21.09 34.78 -18.11
C PRO F 91 20.66 34.24 -19.46
N MET F 92 21.08 33.01 -19.72
CA MET F 92 20.47 32.18 -20.73
C MET F 92 19.55 31.21 -20.01
N THR F 93 18.25 31.30 -20.30
CA THR F 93 17.25 30.48 -19.62
C THR F 93 16.89 29.31 -20.51
N PHE F 94 17.22 28.11 -20.04
CA PHE F 94 16.64 26.91 -20.65
C PHE F 94 15.20 26.78 -20.24
N GLY F 95 14.32 27.18 -21.14
CA GLY F 95 12.90 27.07 -20.92
C GLY F 95 12.38 25.68 -21.20
N LEU F 96 12.63 24.74 -20.28
CA LEU F 96 12.32 23.35 -20.55
C LEU F 96 10.84 23.06 -20.30
N ALA F 97 10.33 23.50 -19.16
CA ALA F 97 9.02 23.08 -18.66
C ALA F 97 8.39 24.21 -17.85
N CYS F 98 7.53 23.85 -16.88
CA CYS F 98 6.68 24.81 -16.16
C CYS F 98 7.46 25.92 -15.48
N CYS F 99 8.66 25.60 -14.97
CA CYS F 99 9.54 26.59 -14.33
C CYS F 99 9.86 27.77 -15.21
N ALA F 100 9.95 27.57 -16.53
CA ALA F 100 10.17 28.66 -17.47
C ALA F 100 9.11 29.72 -17.35
N VAL F 101 7.85 29.29 -17.19
CA VAL F 101 6.72 30.19 -17.01
C VAL F 101 6.95 31.07 -15.80
N GLU F 102 7.49 30.49 -14.74
CA GLU F 102 7.76 31.26 -13.54
C GLU F 102 8.96 32.18 -13.73
N MET F 103 9.94 31.75 -14.53
CA MET F 103 11.01 32.65 -14.94
C MET F 103 10.46 33.83 -15.72
N MET F 104 9.41 33.59 -16.51
CA MET F 104 8.75 34.67 -17.23
C MET F 104 8.03 35.61 -16.27
N HIS F 105 7.64 35.11 -15.09
CA HIS F 105 7.11 36.01 -14.08
C HIS F 105 8.20 36.74 -13.31
N MET F 106 9.43 36.26 -13.37
CA MET F 106 10.51 37.00 -12.72
C MET F 106 11.02 38.10 -13.63
N ALA F 107 10.74 38.01 -14.93
CA ALA F 107 10.95 39.10 -15.87
C ALA F 107 9.74 40.01 -16.04
N ALA F 108 8.56 39.54 -15.61
CA ALA F 108 7.34 40.31 -15.65
C ALA F 108 7.47 41.55 -14.76
N PRO F 109 6.68 42.61 -15.01
CA PRO F 109 6.94 43.90 -14.35
C PRO F 109 6.88 43.92 -12.84
N ARG F 110 6.23 42.96 -12.17
CA ARG F 110 6.22 42.97 -10.71
C ARG F 110 7.61 42.75 -10.13
N TYR F 111 8.35 41.79 -10.65
CA TYR F 111 9.67 41.50 -10.11
C TYR F 111 10.78 42.15 -10.93
N ASP F 112 10.69 42.08 -12.26
CA ASP F 112 11.46 42.92 -13.19
C ASP F 112 12.97 42.74 -13.00
N MET F 113 13.45 41.56 -13.42
CA MET F 113 14.88 41.21 -13.30
C MET F 113 15.81 42.23 -13.94
N ASP F 114 15.33 42.95 -14.98
CA ASP F 114 16.15 43.90 -15.71
C ASP F 114 16.59 45.08 -14.85
N ARG F 115 15.87 45.41 -13.78
CA ARG F 115 16.34 46.49 -12.92
C ARG F 115 17.49 46.05 -12.03
N PHE F 116 17.74 44.76 -11.92
CA PHE F 116 18.91 44.27 -11.20
C PHE F 116 20.14 44.19 -12.09
N GLY F 117 20.02 44.55 -13.36
CA GLY F 117 21.05 44.28 -14.34
C GLY F 117 20.94 42.92 -14.98
N VAL F 118 19.91 42.15 -14.63
CA VAL F 118 19.72 40.80 -15.12
C VAL F 118 18.84 40.91 -16.36
N VAL F 119 19.46 40.85 -17.54
CA VAL F 119 18.71 41.12 -18.77
C VAL F 119 17.79 39.95 -19.09
N PHE F 120 16.75 40.24 -19.85
CA PHE F 120 15.81 39.21 -20.27
C PHE F 120 16.27 38.59 -21.58
N ARG F 121 16.57 37.29 -21.53
CA ARG F 121 16.91 36.45 -22.70
C ARG F 121 18.16 36.95 -23.42
N ALA F 122 19.28 36.83 -22.73
CA ALA F 122 20.57 36.97 -23.39
C ALA F 122 20.85 35.74 -24.25
N SER F 123 21.61 35.94 -25.33
CA SER F 123 21.97 34.84 -26.20
C SER F 123 23.00 33.95 -25.50
N PRO F 124 23.06 32.65 -25.84
CA PRO F 124 23.92 31.73 -25.08
C PRO F 124 25.41 32.00 -25.17
N ARG F 125 25.89 32.68 -26.20
CA ARG F 125 27.32 32.93 -26.34
C ARG F 125 27.75 34.24 -25.72
N GLN F 126 26.84 34.96 -25.06
CA GLN F 126 27.20 36.14 -24.30
C GLN F 126 26.60 36.12 -22.90
N SER F 127 26.01 35.00 -22.50
CA SER F 127 25.36 34.91 -21.20
C SER F 127 26.37 34.54 -20.12
N ASP F 128 25.99 34.85 -18.88
CA ASP F 128 26.83 34.61 -17.72
C ASP F 128 26.31 33.52 -16.81
N VAL F 129 25.02 33.25 -16.82
CA VAL F 129 24.44 32.20 -16.01
C VAL F 129 23.44 31.42 -16.86
N MET F 130 23.47 30.10 -16.73
CA MET F 130 22.48 29.23 -17.34
C MET F 130 21.44 28.88 -16.29
N ILE F 131 20.20 29.30 -16.51
CA ILE F 131 19.10 28.94 -15.63
C ILE F 131 18.44 27.71 -16.23
N VAL F 132 18.60 26.57 -15.57
CA VAL F 132 17.97 25.32 -16.00
C VAL F 132 16.59 25.31 -15.34
N ALA F 133 15.57 25.69 -16.11
CA ALA F 133 14.23 25.89 -15.58
C ALA F 133 13.31 24.85 -16.21
N GLY F 134 13.29 23.67 -15.62
CA GLY F 134 12.42 22.64 -16.13
C GLY F 134 13.02 21.25 -16.09
N THR F 135 12.26 20.27 -16.53
CA THR F 135 12.71 18.89 -16.46
C THR F 135 13.73 18.63 -17.54
N LEU F 136 14.88 18.10 -17.14
CA LEU F 136 15.93 17.71 -18.07
C LEU F 136 15.74 16.25 -18.43
N THR F 137 15.27 15.99 -19.64
CA THR F 137 15.12 14.61 -20.07
C THR F 137 16.44 14.09 -20.62
N ASN F 138 16.48 12.77 -20.83
CA ASN F 138 17.66 12.13 -21.41
C ASN F 138 17.89 12.57 -22.85
N LYS F 139 16.82 12.89 -23.58
CA LYS F 139 16.96 13.25 -24.97
C LYS F 139 17.52 14.67 -25.13
N MET F 140 17.48 15.48 -24.07
CA MET F 140 17.95 16.86 -24.18
C MET F 140 19.22 17.15 -23.39
N ALA F 141 19.61 16.26 -22.48
CA ALA F 141 20.84 16.43 -21.70
C ALA F 141 22.13 16.67 -22.50
N PRO F 142 22.38 16.04 -23.66
CA PRO F 142 23.53 16.49 -24.45
C PRO F 142 23.39 17.89 -25.02
N ALA F 143 22.17 18.35 -25.32
CA ALA F 143 22.00 19.72 -25.80
C ALA F 143 22.24 20.72 -24.69
N LEU F 144 21.81 20.39 -23.47
CA LEU F 144 22.13 21.18 -22.29
C LEU F 144 23.64 21.28 -22.09
N ARG F 145 24.33 20.14 -22.17
CA ARG F 145 25.77 20.13 -21.96
C ARG F 145 26.50 20.89 -23.06
N LYS F 146 26.00 20.81 -24.29
CA LYS F 146 26.61 21.54 -25.40
C LYS F 146 26.47 23.05 -25.21
N VAL F 147 25.30 23.52 -24.80
CA VAL F 147 25.11 24.95 -24.58
C VAL F 147 25.92 25.42 -23.37
N TYR F 148 26.06 24.57 -22.35
CA TYR F 148 26.93 24.88 -21.22
C TYR F 148 28.39 24.99 -21.65
N ASP F 149 28.84 24.09 -22.52
CA ASP F 149 30.21 24.12 -23.00
C ASP F 149 30.48 25.30 -23.93
N GLN F 150 29.44 25.84 -24.56
CA GLN F 150 29.61 27.01 -25.41
C GLN F 150 29.53 28.32 -24.64
N MET F 151 29.19 28.30 -23.36
CA MET F 151 29.14 29.53 -22.59
C MET F 151 30.54 29.99 -22.22
N PRO F 152 30.87 31.27 -22.41
CA PRO F 152 32.18 31.75 -22.00
C PRO F 152 32.27 31.91 -20.50
N GLU F 153 33.49 31.78 -19.99
CA GLU F 153 33.72 31.94 -18.57
C GLU F 153 33.80 33.42 -18.19
N PRO F 154 33.35 33.79 -16.98
CA PRO F 154 32.73 32.97 -15.93
C PRO F 154 31.27 32.60 -16.20
N ARG F 155 30.98 31.32 -16.25
CA ARG F 155 29.62 30.83 -16.40
C ARG F 155 29.15 30.23 -15.09
N TYR F 156 27.87 30.42 -14.79
CA TYR F 156 27.25 29.89 -13.58
C TYR F 156 26.01 29.14 -13.99
N VAL F 157 25.55 28.24 -13.13
CA VAL F 157 24.34 27.48 -13.41
C VAL F 157 23.42 27.59 -12.21
N VAL F 158 22.22 28.10 -12.43
CA VAL F 158 21.15 28.04 -11.46
C VAL F 158 20.23 26.89 -11.85
N SER F 159 20.06 25.94 -10.94
CA SER F 159 19.08 24.89 -11.11
C SER F 159 17.77 25.35 -10.49
N MET F 160 16.71 25.38 -11.28
CA MET F 160 15.43 25.92 -10.86
C MET F 160 14.41 24.81 -10.81
N GLY F 161 13.85 24.56 -9.64
CA GLY F 161 12.74 23.65 -9.51
C GLY F 161 13.19 22.21 -9.29
N SER F 162 12.22 21.40 -8.86
CA SER F 162 12.51 20.06 -8.35
C SER F 162 13.04 19.12 -9.42
N CYS F 163 12.55 19.22 -10.66
CA CYS F 163 13.03 18.30 -11.69
C CYS F 163 14.44 18.63 -12.10
N ALA F 164 14.78 19.91 -12.20
CA ALA F 164 16.14 20.29 -12.47
C ALA F 164 17.05 19.98 -11.29
N ASN F 165 16.52 20.09 -10.06
CA ASN F 165 17.35 19.89 -8.88
C ASN F 165 17.67 18.42 -8.68
N GLY F 166 16.66 17.57 -8.65
CA GLY F 166 16.88 16.17 -8.36
C GLY F 166 15.98 15.18 -9.07
N GLY F 167 15.28 15.63 -10.11
CA GLY F 167 14.39 14.75 -10.83
C GLY F 167 12.93 15.03 -10.52
N GLY F 168 12.64 15.32 -9.26
CA GLY F 168 11.34 15.86 -8.91
C GLY F 168 10.25 14.81 -8.96
N TYR F 169 9.17 15.16 -9.64
CA TYR F 169 8.01 14.30 -9.76
C TYR F 169 8.26 13.19 -10.77
N TYR F 170 9.27 13.35 -11.60
CA TYR F 170 9.63 12.41 -12.63
C TYR F 170 10.96 11.75 -12.31
N HIS F 171 11.31 11.70 -11.03
CA HIS F 171 12.62 11.20 -10.58
C HIS F 171 12.82 9.74 -10.94
N TYR F 172 11.79 8.92 -10.81
CA TYR F 172 11.89 7.51 -11.08
C TYR F 172 11.58 7.16 -12.53
N SER F 173 11.62 8.13 -13.42
CA SER F 173 11.30 7.87 -14.81
C SER F 173 12.52 7.34 -15.58
N TYR F 174 12.22 6.52 -16.57
CA TYR F 174 13.21 5.98 -17.50
C TYR F 174 13.86 7.06 -18.35
N SER F 175 13.20 8.20 -18.54
CA SER F 175 13.61 9.18 -19.54
C SER F 175 14.11 10.49 -18.93
N VAL F 176 14.26 10.58 -17.62
CA VAL F 176 14.52 11.84 -16.94
C VAL F 176 15.89 11.76 -16.26
N VAL F 177 16.71 12.77 -16.48
CA VAL F 177 17.95 12.92 -15.73
C VAL F 177 17.61 13.33 -14.31
N ARG F 178 18.16 12.61 -13.34
CA ARG F 178 17.83 12.83 -11.93
C ARG F 178 18.66 13.99 -11.40
N GLY F 179 18.23 15.19 -11.77
CA GLY F 179 18.93 16.41 -11.43
C GLY F 179 19.90 16.80 -12.52
N CYS F 180 19.90 18.08 -12.89
CA CYS F 180 20.83 18.57 -13.90
C CYS F 180 22.27 18.67 -13.40
N ASP F 181 22.51 18.41 -12.11
CA ASP F 181 23.87 18.35 -11.58
C ASP F 181 24.62 17.10 -12.00
N ARG F 182 23.93 16.11 -12.59
CA ARG F 182 24.61 15.01 -13.26
C ARG F 182 25.24 15.44 -14.58
N ILE F 183 24.80 16.56 -15.13
CA ILE F 183 25.23 17.01 -16.44
C ILE F 183 26.13 18.24 -16.34
N VAL F 184 25.71 19.24 -15.58
CA VAL F 184 26.47 20.48 -15.44
C VAL F 184 26.77 20.74 -13.98
N PRO F 185 27.86 21.44 -13.64
CA PRO F 185 28.04 21.88 -12.25
C PRO F 185 27.05 22.96 -11.91
N VAL F 186 26.46 22.88 -10.72
CA VAL F 186 25.38 23.78 -10.32
C VAL F 186 25.85 24.61 -9.15
N ASP F 187 25.62 25.93 -9.24
CA ASP F 187 25.94 26.90 -8.21
C ASP F 187 24.79 27.15 -7.24
N ILE F 188 23.58 27.34 -7.74
CA ILE F 188 22.42 27.65 -6.91
C ILE F 188 21.31 26.66 -7.24
N TYR F 189 20.79 26.01 -6.21
CA TYR F 189 19.64 25.14 -6.33
C TYR F 189 18.43 25.90 -5.80
N VAL F 190 17.45 26.17 -6.66
CA VAL F 190 16.26 26.89 -6.28
C VAL F 190 15.13 25.86 -6.11
N PRO F 191 14.66 25.60 -4.90
CA PRO F 191 13.67 24.56 -4.68
C PRO F 191 12.24 25.08 -4.81
N GLY F 192 11.36 24.18 -5.19
CA GLY F 192 9.97 24.49 -5.43
C GLY F 192 9.49 23.73 -6.65
N CYS F 193 8.18 23.63 -6.79
CA CYS F 193 7.57 22.96 -7.92
C CYS F 193 6.30 23.68 -8.36
N PRO F 194 6.43 24.83 -9.06
CA PRO F 194 7.64 25.59 -9.36
C PRO F 194 7.99 26.43 -8.14
N PRO F 195 9.25 26.81 -7.98
CA PRO F 195 9.54 27.89 -7.04
C PRO F 195 8.87 29.14 -7.55
N THR F 196 8.45 30.01 -6.63
CA THR F 196 7.83 31.25 -7.07
C THR F 196 8.87 32.13 -7.76
N ALA F 197 8.37 33.09 -8.54
CA ALA F 197 9.25 34.03 -9.23
C ALA F 197 10.05 34.83 -8.23
N GLU F 198 9.47 35.10 -7.07
CA GLU F 198 10.18 35.73 -5.97
C GLU F 198 11.25 34.80 -5.39
N ALA F 199 11.00 33.49 -5.37
CA ALA F 199 12.01 32.55 -4.90
C ALA F 199 13.14 32.39 -5.91
N LEU F 200 12.81 32.44 -7.21
CA LEU F 200 13.84 32.44 -8.23
C LEU F 200 14.68 33.71 -8.16
N LEU F 201 14.04 34.85 -7.92
CA LEU F 201 14.77 36.11 -7.75
C LEU F 201 15.63 36.08 -6.50
N TYR F 202 15.16 35.41 -5.44
CA TYR F 202 15.97 35.15 -4.27
C TYR F 202 17.22 34.34 -4.62
N GLY F 203 17.05 33.29 -5.44
CA GLY F 203 18.19 32.49 -5.84
C GLY F 203 19.18 33.25 -6.72
N ILE F 204 18.68 34.16 -7.56
CA ILE F 204 19.57 34.99 -8.38
C ILE F 204 20.33 35.98 -7.50
N LEU F 205 19.67 36.55 -6.49
CA LEU F 205 20.39 37.45 -5.58
C LEU F 205 21.38 36.69 -4.69
N GLN F 206 21.08 35.43 -4.38
CA GLN F 206 22.03 34.60 -3.67
C GLN F 206 23.23 34.25 -4.56
N LEU F 207 23.00 34.07 -5.86
CA LEU F 207 24.11 33.92 -6.80
C LEU F 207 24.95 35.19 -6.88
N GLN F 208 24.31 36.36 -6.83
CA GLN F 208 25.06 37.62 -6.79
C GLN F 208 25.90 37.74 -5.54
N LYS F 209 25.38 37.28 -4.40
CA LYS F 209 26.17 37.28 -3.17
C LYS F 209 27.30 36.27 -3.24
N LYS F 210 27.10 35.16 -3.95
CA LYS F 210 28.17 34.18 -4.13
C LYS F 210 29.28 34.73 -5.02
N ILE F 211 28.91 35.50 -6.04
CA ILE F 211 29.90 36.17 -6.88
C ILE F 211 30.62 37.27 -6.10
N LYS F 212 29.91 37.92 -5.17
CA LYS F 212 30.48 39.04 -4.41
C LYS F 212 31.63 38.61 -3.51
N ARG F 213 31.59 37.38 -3.00
CA ARG F 213 32.67 36.89 -2.14
C ARG F 213 33.69 36.03 -2.88
N GLU F 214 33.77 36.15 -4.20
CA GLU F 214 34.81 35.46 -4.93
C GLU F 214 36.15 36.13 -4.71
N LYS F 215 37.20 35.32 -4.70
CA LYS F 215 38.54 35.73 -4.33
C LYS F 215 39.54 35.34 -5.41
N ARG F 216 39.22 35.70 -6.66
CA ARG F 216 40.02 35.25 -7.79
C ARG F 216 41.42 35.87 -7.79
N LEU F 217 41.50 37.19 -7.68
CA LEU F 217 42.81 37.84 -7.72
C LEU F 217 43.57 37.70 -6.41
N ARG F 218 42.86 37.51 -5.29
CA ARG F 218 43.56 37.27 -4.02
C ARG F 218 44.22 35.90 -4.02
N ILE F 219 43.53 34.89 -4.55
CA ILE F 219 44.12 33.55 -4.66
C ILE F 219 45.21 33.54 -5.74
N TRP F 220 45.03 34.31 -6.82
CA TRP F 220 46.08 34.47 -7.81
C TRP F 220 47.33 35.12 -7.21
N TYR F 221 47.14 36.12 -6.35
CA TYR F 221 48.27 36.80 -5.73
C TYR F 221 48.93 35.91 -4.67
N ARG F 222 48.16 35.00 -4.07
CA ARG F 222 48.73 34.09 -3.09
C ARG F 222 49.28 32.80 -3.69
N ARG F 223 49.01 32.50 -4.96
CA ARG F 223 49.59 31.32 -5.57
C ARG F 223 50.92 31.68 -6.22
N THR G 42 -25.32 32.31 -30.45
CA THR G 42 -24.45 31.56 -29.54
C THR G 42 -23.05 31.46 -30.13
N TYR G 43 -22.87 31.99 -31.33
CA TYR G 43 -21.55 32.15 -31.91
C TYR G 43 -21.49 33.51 -32.58
N LYS G 44 -20.27 34.02 -32.74
CA LYS G 44 -20.06 35.26 -33.46
C LYS G 44 -18.92 35.09 -34.45
N TYR G 45 -18.93 35.92 -35.49
CA TYR G 45 -17.94 35.87 -36.56
C TYR G 45 -16.88 36.93 -36.32
N VAL G 46 -15.72 36.54 -35.79
CA VAL G 46 -14.59 37.46 -35.84
C VAL G 46 -14.13 37.57 -37.29
N ASN G 47 -13.88 38.81 -37.73
CA ASN G 47 -13.34 39.15 -39.05
C ASN G 47 -14.24 38.65 -40.19
N LEU G 48 -15.48 39.14 -40.20
CA LEU G 48 -16.39 38.97 -41.33
C LEU G 48 -17.06 40.30 -41.64
N ARG G 49 -16.24 41.34 -41.75
CA ARG G 49 -16.70 42.67 -42.09
C ARG G 49 -16.25 42.99 -43.50
N GLU G 50 -17.21 43.35 -44.35
CA GLU G 50 -16.89 43.83 -45.68
C GLU G 50 -16.68 45.34 -45.62
N PRO G 51 -15.52 45.85 -46.03
CA PRO G 51 -15.28 47.30 -45.91
C PRO G 51 -16.10 48.10 -46.90
N SER G 52 -16.49 49.30 -46.47
CA SER G 52 -17.29 50.18 -47.30
C SER G 52 -16.46 50.71 -48.45
N MET G 53 -17.08 50.79 -49.64
CA MET G 53 -16.37 51.16 -50.85
C MET G 53 -16.81 52.50 -51.41
N ASP G 54 -17.43 53.34 -50.60
CA ASP G 54 -17.62 54.72 -51.01
C ASP G 54 -16.30 55.48 -50.88
N MET G 55 -16.26 56.67 -51.47
CA MET G 55 -15.02 57.45 -51.53
C MET G 55 -14.59 57.92 -50.15
N LYS G 56 -15.53 58.08 -49.23
CA LYS G 56 -15.23 58.44 -47.84
C LYS G 56 -14.40 57.34 -47.16
N SER G 57 -14.86 56.10 -47.20
CA SER G 57 -14.16 55.02 -46.52
C SER G 57 -12.88 54.62 -47.25
N VAL G 58 -12.88 54.68 -48.58
CA VAL G 58 -11.66 54.39 -49.34
C VAL G 58 -10.61 55.45 -49.05
N THR G 59 -11.03 56.70 -48.92
CA THR G 59 -10.08 57.76 -48.55
C THR G 59 -9.62 57.61 -47.10
N ASP G 60 -10.49 57.12 -46.21
CA ASP G 60 -10.08 56.84 -44.84
C ASP G 60 -9.01 55.75 -44.78
N ARG G 61 -9.20 54.68 -45.55
CA ARG G 61 -8.21 53.61 -45.56
C ARG G 61 -6.93 54.04 -46.27
N ALA G 62 -7.04 54.91 -47.29
CA ALA G 62 -5.84 55.41 -47.95
C ALA G 62 -5.07 56.36 -47.05
N ALA G 63 -5.77 57.14 -46.23
CA ALA G 63 -5.10 58.00 -45.27
C ALA G 63 -4.46 57.20 -44.14
N GLN G 64 -5.10 56.09 -43.75
CA GLN G 64 -4.48 55.20 -42.77
C GLN G 64 -3.24 54.53 -43.36
N THR G 65 -3.27 54.19 -44.65
CA THR G 65 -2.12 53.56 -45.28
C THR G 65 -0.97 54.54 -45.43
N LEU G 66 -1.24 55.74 -45.98
CA LEU G 66 -0.19 56.67 -46.30
C LEU G 66 0.28 57.50 -45.11
N LEU G 67 -0.56 57.69 -44.10
CA LEU G 67 -0.24 58.58 -43.00
C LEU G 67 -0.03 57.83 -41.68
N TRP G 68 -0.09 56.50 -41.70
CA TRP G 68 0.42 55.62 -40.64
C TRP G 68 -0.35 55.79 -39.34
N THR G 69 -1.69 55.79 -39.43
CA THR G 69 -2.54 56.21 -38.33
C THR G 69 -2.54 55.20 -37.18
N GLU G 70 -2.67 53.90 -37.50
CA GLU G 70 -2.68 52.89 -36.45
C GLU G 70 -1.31 52.71 -35.81
N LEU G 71 -0.25 53.08 -36.52
CA LEU G 71 1.09 53.05 -35.93
C LEU G 71 1.25 54.15 -34.89
N ILE G 72 0.68 55.32 -35.16
CA ILE G 72 0.65 56.40 -34.18
C ILE G 72 -0.26 56.04 -33.01
N ARG G 73 -1.31 55.26 -33.26
CA ARG G 73 -2.15 54.75 -32.17
C ARG G 73 -1.36 53.81 -31.25
N GLY G 74 -0.56 52.91 -31.84
CA GLY G 74 0.27 52.02 -31.02
C GLY G 74 1.34 52.77 -30.25
N LEU G 75 1.95 53.78 -30.88
CA LEU G 75 2.90 54.64 -30.17
C LEU G 75 2.22 55.40 -29.04
N GLY G 76 0.96 55.79 -29.23
CA GLY G 76 0.23 56.45 -28.16
C GLY G 76 -0.04 55.53 -26.99
N MET G 77 -0.31 54.26 -27.26
CA MET G 77 -0.54 53.33 -26.16
C MET G 77 0.75 53.02 -25.39
N THR G 78 1.87 52.90 -26.11
CA THR G 78 3.15 52.71 -25.43
C THR G 78 3.57 53.96 -24.64
N LEU G 79 3.32 55.15 -25.20
CA LEU G 79 3.53 56.39 -24.48
C LEU G 79 2.62 56.51 -23.26
N SER G 80 1.42 55.96 -23.34
CA SER G 80 0.53 55.96 -22.18
C SER G 80 1.08 55.09 -21.07
N TYR G 81 1.66 53.92 -21.39
CA TYR G 81 2.29 53.19 -20.30
C TYR G 81 3.59 53.81 -19.82
N LEU G 82 4.25 54.65 -20.62
CA LEU G 82 5.44 55.35 -20.14
C LEU G 82 5.14 56.24 -18.94
N PHE G 83 3.96 56.85 -18.90
CA PHE G 83 3.58 57.75 -17.82
C PHE G 83 2.70 57.08 -16.78
N ARG G 84 2.68 55.76 -16.71
CA ARG G 84 2.03 55.07 -15.62
C ARG G 84 3.06 54.70 -14.57
N GLU G 85 2.61 54.59 -13.34
CA GLU G 85 3.44 54.00 -12.31
C GLU G 85 3.66 52.53 -12.61
N PRO G 86 4.89 52.05 -12.65
CA PRO G 86 5.13 50.63 -12.97
C PRO G 86 4.70 49.73 -11.82
N ALA G 87 4.49 48.46 -12.15
CA ALA G 87 4.05 47.48 -11.18
C ALA G 87 5.18 46.88 -10.37
N THR G 88 6.38 47.45 -10.42
CA THR G 88 7.56 46.83 -9.84
C THR G 88 7.60 47.06 -8.34
N ILE G 89 7.63 45.97 -7.60
CA ILE G 89 7.87 46.03 -6.17
C ILE G 89 9.37 45.96 -5.93
N ASN G 90 9.81 46.47 -4.79
CA ASN G 90 11.22 46.61 -4.49
C ASN G 90 11.69 45.40 -3.68
N TYR G 91 11.84 44.27 -4.36
CA TYR G 91 12.41 43.09 -3.73
C TYR G 91 13.90 43.33 -3.50
N PRO G 92 14.45 42.90 -2.35
CA PRO G 92 13.91 42.17 -1.19
C PRO G 92 13.25 43.02 -0.13
N PHE G 93 13.12 44.32 -0.36
CA PHE G 93 12.57 45.13 0.72
C PHE G 93 11.06 45.07 0.70
N GLU G 94 10.48 44.83 -0.47
CA GLU G 94 9.05 44.59 -0.62
C GLU G 94 8.84 43.16 -1.10
N LYS G 95 7.72 42.58 -0.70
CA LYS G 95 7.49 41.18 -0.95
C LYS G 95 6.18 40.99 -1.70
N GLY G 96 6.15 39.94 -2.53
CA GLY G 96 4.94 39.55 -3.19
C GLY G 96 3.91 39.04 -2.20
N PRO G 97 2.66 39.42 -2.40
CA PRO G 97 1.61 39.05 -1.44
C PRO G 97 1.29 37.57 -1.49
N LEU G 98 1.10 36.98 -0.33
CA LEU G 98 0.79 35.56 -0.22
C LEU G 98 -0.40 35.37 0.70
N SER G 99 -0.95 34.17 0.68
CA SER G 99 -2.08 33.76 1.49
C SER G 99 -1.59 32.86 2.62
N PRO G 100 -2.39 32.66 3.68
CA PRO G 100 -2.01 31.66 4.70
C PRO G 100 -2.07 30.22 4.23
N ARG G 101 -2.60 29.95 3.03
CA ARG G 101 -2.59 28.60 2.49
C ARG G 101 -1.27 28.24 1.80
N PHE G 102 -0.31 29.17 1.75
CA PHE G 102 0.84 29.06 0.85
C PHE G 102 1.70 27.85 1.18
N ARG G 103 2.10 27.14 0.14
CA ARG G 103 2.82 25.88 0.26
C ARG G 103 4.30 26.16 -0.01
N GLY G 104 5.08 26.28 1.06
CA GLY G 104 6.49 26.58 0.94
C GLY G 104 7.41 25.51 1.51
N GLU G 105 8.19 25.86 2.52
CA GLU G 105 9.16 24.94 3.08
C GLU G 105 8.51 24.08 4.16
N HIS G 106 8.85 22.81 4.18
CA HIS G 106 8.26 21.85 5.10
C HIS G 106 8.76 22.06 6.53
N ALA G 107 7.94 21.65 7.49
CA ALA G 107 8.30 21.71 8.90
C ALA G 107 7.55 20.64 9.67
N LEU G 108 8.20 20.10 10.69
CA LEU G 108 7.58 19.21 11.64
C LEU G 108 7.21 20.00 12.89
N ARG G 109 5.97 19.89 13.32
CA ARG G 109 5.44 20.72 14.40
C ARG G 109 5.41 19.97 15.72
N ARG G 110 5.07 20.71 16.77
CA ARG G 110 4.98 20.19 18.12
C ARG G 110 3.62 20.54 18.70
N TYR G 111 3.27 19.86 19.78
CA TYR G 111 2.16 20.26 20.63
C TYR G 111 2.57 21.46 21.46
N PRO G 112 1.61 22.14 22.14
CA PRO G 112 2.04 23.19 23.09
C PRO G 112 2.58 22.68 24.42
N SER G 113 3.41 21.66 24.37
CA SER G 113 4.15 21.16 25.50
C SER G 113 5.57 20.82 25.12
N GLY G 114 5.94 20.97 23.85
CA GLY G 114 7.21 20.55 23.35
C GLY G 114 7.23 19.16 22.75
N GLU G 115 6.21 18.36 23.04
CA GLU G 115 6.10 17.05 22.42
C GLU G 115 5.79 17.20 20.94
N GLU G 116 6.56 16.50 20.11
CA GLU G 116 6.35 16.55 18.67
C GLU G 116 5.04 15.86 18.30
N ARG G 117 4.39 16.40 17.27
CA ARG G 117 3.08 15.91 16.90
C ARG G 117 3.14 14.60 16.14
N CYS G 118 4.25 14.31 15.45
CA CYS G 118 4.34 13.16 14.57
C CYS G 118 4.33 11.86 15.36
N ILE G 119 3.34 11.05 15.09
CA ILE G 119 3.20 9.74 15.72
C ILE G 119 3.42 8.64 14.71
N ALA G 120 4.20 8.94 13.66
CA ALA G 120 4.83 7.93 12.81
C ALA G 120 3.83 7.07 12.06
N CYS G 121 2.74 7.67 11.62
CA CYS G 121 1.70 6.87 11.02
C CYS G 121 1.93 6.56 9.55
N LYS G 122 2.87 7.26 8.92
CA LYS G 122 3.31 7.06 7.54
C LYS G 122 2.21 7.33 6.52
N LEU G 123 1.20 8.13 6.89
CA LEU G 123 0.19 8.55 5.91
C LEU G 123 0.77 9.54 4.93
N CYS G 124 1.67 10.41 5.39
CA CYS G 124 2.28 11.40 4.53
C CYS G 124 3.18 10.76 3.49
N GLU G 125 3.90 9.71 3.85
CA GLU G 125 4.72 9.05 2.83
C GLU G 125 3.92 8.09 1.98
N ALA G 126 2.76 7.63 2.45
CA ALA G 126 1.88 6.85 1.60
C ALA G 126 1.24 7.72 0.52
N VAL G 127 0.83 8.93 0.89
CA VAL G 127 0.13 9.79 -0.05
C VAL G 127 1.09 10.58 -0.93
N CYS G 128 2.38 10.65 -0.57
CA CYS G 128 3.36 11.51 -1.22
C CYS G 128 3.51 11.13 -2.69
N PRO G 129 3.08 12.01 -3.60
CA PRO G 129 3.06 11.64 -5.01
C PRO G 129 4.44 11.50 -5.60
N ALA G 130 5.45 12.10 -4.99
CA ALA G 130 6.81 12.02 -5.46
C ALA G 130 7.63 10.95 -4.75
N GLN G 131 7.05 10.29 -3.74
CA GLN G 131 7.77 9.48 -2.75
C GLN G 131 8.97 10.24 -2.18
N ALA G 132 8.73 11.49 -1.82
CA ALA G 132 9.78 12.32 -1.26
C ALA G 132 10.00 12.07 0.22
N ILE G 133 9.09 11.38 0.90
CA ILE G 133 9.14 11.19 2.35
C ILE G 133 9.59 9.77 2.65
N THR G 134 10.55 9.65 3.56
CA THR G 134 11.07 8.35 4.00
C THR G 134 11.01 8.31 5.51
N ILE G 135 10.29 7.36 6.07
CA ILE G 135 10.01 7.31 7.49
C ILE G 135 10.47 5.97 8.03
N GLU G 136 11.21 6.00 9.13
CA GLU G 136 11.42 4.82 9.96
C GLU G 136 11.04 5.17 11.39
N ALA G 137 10.52 4.18 12.11
CA ALA G 137 10.00 4.44 13.44
C ALA G 137 10.28 3.27 14.36
N GLU G 138 10.11 3.55 15.65
CA GLU G 138 10.22 2.55 16.71
C GLU G 138 9.59 3.16 17.96
N PRO G 139 9.27 2.34 18.97
CA PRO G 139 8.95 2.93 20.27
C PRO G 139 10.20 3.52 20.89
N ARG G 140 10.09 4.75 21.38
CA ARG G 140 11.23 5.35 22.06
C ARG G 140 11.20 4.94 23.52
N ALA G 141 12.02 5.58 24.35
CA ALA G 141 12.32 5.09 25.69
C ALA G 141 11.13 5.17 26.64
N ASP G 142 10.14 6.02 26.36
CA ASP G 142 8.92 6.05 27.16
C ASP G 142 7.74 5.36 26.46
N GLY G 143 8.04 4.53 25.45
CA GLY G 143 7.02 3.76 24.78
C GLY G 143 6.20 4.50 23.75
N SER G 144 6.56 5.74 23.43
CA SER G 144 5.77 6.54 22.52
C SER G 144 6.09 6.18 21.08
N ARG G 145 5.07 6.19 20.23
CA ARG G 145 5.21 5.87 18.81
C ARG G 145 5.78 7.08 18.09
N ARG G 146 7.09 7.10 17.87
CA ARG G 146 7.77 8.25 17.32
C ARG G 146 8.73 7.83 16.22
N THR G 147 9.02 8.74 15.30
CA THR G 147 9.92 8.46 14.19
C THR G 147 11.37 8.50 14.62
N THR G 148 12.17 7.60 14.03
CA THR G 148 13.61 7.71 14.06
C THR G 148 14.18 8.26 12.77
N ARG G 149 13.43 8.18 11.69
CA ARG G 149 13.78 8.77 10.40
C ARG G 149 12.57 9.48 9.85
N TYR G 150 12.71 10.77 9.56
CA TYR G 150 11.68 11.50 8.80
C TYR G 150 12.46 12.34 7.79
N ASP G 151 12.63 11.80 6.60
CA ASP G 151 13.38 12.47 5.54
C ASP G 151 12.41 13.00 4.51
N ILE G 152 12.61 14.24 4.08
CA ILE G 152 11.94 14.77 2.90
C ILE G 152 13.01 15.23 1.93
N ASP G 153 13.10 14.54 0.80
CA ASP G 153 13.91 15.00 -0.31
C ASP G 153 13.18 16.17 -0.95
N MET G 154 13.65 17.38 -0.68
CA MET G 154 13.04 18.59 -1.22
C MET G 154 13.26 18.75 -2.71
N THR G 155 14.14 17.96 -3.31
CA THR G 155 14.33 17.95 -4.74
C THR G 155 13.53 16.87 -5.45
N LYS G 156 12.94 15.93 -4.71
CA LYS G 156 11.86 15.12 -5.27
C LYS G 156 10.51 15.77 -5.07
N CYS G 157 10.37 16.49 -3.95
CA CYS G 157 9.10 17.06 -3.49
C CYS G 157 8.45 17.95 -4.54
N ILE G 158 7.13 17.78 -4.71
CA ILE G 158 6.40 18.55 -5.70
C ILE G 158 5.60 19.66 -5.07
N TYR G 159 5.71 19.82 -3.75
CA TYR G 159 5.22 20.98 -3.01
C TYR G 159 3.71 21.13 -3.12
N CYS G 160 3.02 19.99 -3.21
CA CYS G 160 1.59 19.96 -3.43
C CYS G 160 0.80 19.88 -2.13
N GLY G 161 1.46 19.64 -1.01
CA GLY G 161 0.80 19.67 0.27
C GLY G 161 -0.12 18.52 0.56
N PHE G 162 0.04 17.38 -0.10
CA PHE G 162 -0.79 16.23 0.23
C PHE G 162 -0.40 15.65 1.57
N CYS G 163 0.85 15.84 1.99
CA CYS G 163 1.31 15.35 3.28
C CYS G 163 0.66 16.09 4.42
N GLN G 164 0.50 17.41 4.31
CA GLN G 164 -0.08 18.15 5.41
C GLN G 164 -1.58 17.94 5.52
N GLU G 165 -2.25 17.59 4.41
CA GLU G 165 -3.67 17.28 4.48
C GLU G 165 -3.93 15.83 4.83
N ALA G 166 -2.95 14.95 4.60
CA ALA G 166 -3.05 13.57 5.05
C ALA G 166 -2.69 13.43 6.52
N CYS G 167 -1.97 14.39 7.08
CA CYS G 167 -1.48 14.27 8.43
C CYS G 167 -2.62 14.38 9.42
N PRO G 168 -2.85 13.37 10.25
CA PRO G 168 -3.99 13.40 11.16
C PRO G 168 -3.80 14.28 12.38
N VAL G 169 -2.58 14.75 12.63
CA VAL G 169 -2.27 15.43 13.89
C VAL G 169 -1.61 16.77 13.61
N ASP G 170 -1.64 17.21 12.35
CA ASP G 170 -1.01 18.47 11.88
C ASP G 170 0.48 18.50 12.19
N ALA G 171 1.17 17.38 12.00
CA ALA G 171 2.59 17.32 12.31
C ALA G 171 3.43 17.87 11.18
N ILE G 172 3.36 17.25 10.00
CA ILE G 172 4.03 17.81 8.84
C ILE G 172 3.17 18.92 8.29
N VAL G 173 3.78 20.07 8.06
CA VAL G 173 3.11 21.17 7.38
C VAL G 173 4.05 21.67 6.31
N GLU G 174 3.47 22.30 5.34
CA GLU G 174 4.23 22.96 4.31
C GLU G 174 4.11 24.44 4.64
N GLY G 175 5.15 24.99 5.26
CA GLY G 175 5.07 26.29 5.86
C GLY G 175 5.15 27.44 4.87
N PRO G 176 5.47 28.63 5.37
CA PRO G 176 5.42 29.84 4.55
C PRO G 176 6.73 30.24 3.89
N ASN G 177 7.84 29.60 4.23
CA ASN G 177 9.14 29.99 3.70
C ASN G 177 9.28 29.49 2.26
N PHE G 178 9.65 30.39 1.38
CA PHE G 178 10.02 30.04 0.01
C PHE G 178 11.45 30.49 -0.31
N GLU G 179 12.11 31.19 0.59
CA GLU G 179 13.45 31.70 0.37
C GLU G 179 14.47 30.83 1.11
N PHE G 180 14.69 29.65 0.54
CA PHE G 180 15.58 28.67 1.15
C PHE G 180 16.42 27.97 0.08
N SER G 181 16.82 28.73 -0.95
CA SER G 181 17.72 28.22 -1.97
C SER G 181 19.09 27.91 -1.38
N THR G 182 19.71 26.87 -1.90
CA THR G 182 20.97 26.37 -1.39
C THR G 182 22.04 26.41 -2.48
N GLU G 183 23.28 26.22 -2.06
CA GLU G 183 24.39 26.18 -2.97
C GLU G 183 24.79 24.76 -3.33
N THR G 184 24.22 23.76 -2.67
CA THR G 184 24.59 22.37 -2.87
C THR G 184 23.30 21.55 -2.86
N HIS G 185 23.31 20.45 -3.63
CA HIS G 185 22.12 19.62 -3.78
C HIS G 185 21.76 18.94 -2.46
N GLU G 186 22.74 18.44 -1.71
CA GLU G 186 22.40 17.68 -0.51
C GLU G 186 21.93 18.56 0.64
N GLU G 187 22.06 19.87 0.56
CA GLU G 187 21.43 20.73 1.56
C GLU G 187 19.90 20.76 1.44
N LEU G 188 19.35 20.24 0.35
CA LEU G 188 17.91 20.10 0.17
C LEU G 188 17.44 18.67 0.41
N LEU G 189 18.20 17.88 1.16
CA LEU G 189 17.78 16.54 1.53
C LEU G 189 17.58 16.55 3.04
N TYR G 190 16.38 16.96 3.45
CA TYR G 190 16.12 17.29 4.85
C TYR G 190 15.91 16.02 5.66
N ASN G 191 16.59 15.91 6.78
CA ASN G 191 16.29 14.83 7.71
C ASN G 191 15.32 15.35 8.78
N LYS G 192 15.10 14.55 9.81
CA LYS G 192 14.15 14.92 10.86
C LYS G 192 14.66 16.11 11.67
N GLU G 193 15.97 16.22 11.86
CA GLU G 193 16.53 17.32 12.65
C GLU G 193 16.32 18.65 11.96
N LYS G 194 16.51 18.68 10.64
CA LYS G 194 16.26 19.88 9.86
C LYS G 194 14.78 20.26 9.87
N LEU G 195 13.89 19.28 9.76
CA LEU G 195 12.46 19.59 9.71
C LEU G 195 11.92 20.01 11.08
N LEU G 196 12.44 19.43 12.15
CA LEU G 196 12.09 19.89 13.49
C LEU G 196 12.67 21.27 13.78
N ASN G 197 13.86 21.57 13.26
CA ASN G 197 14.37 22.92 13.42
C ASN G 197 13.61 23.93 12.57
N ASN G 198 13.09 23.51 11.42
CA ASN G 198 12.20 24.38 10.65
C ASN G 198 10.89 24.63 11.40
N GLY G 199 10.39 23.60 12.08
CA GLY G 199 9.21 23.77 12.91
C GLY G 199 9.44 24.73 14.06
N ASP G 200 10.55 24.55 14.78
CA ASP G 200 10.91 25.45 15.89
C ASP G 200 11.24 26.85 15.39
N LYS G 201 11.73 26.97 14.17
CA LYS G 201 12.05 28.26 13.57
C LYS G 201 10.81 29.02 13.14
N TRP G 202 9.84 28.34 12.52
CA TRP G 202 8.73 29.00 11.86
C TRP G 202 7.39 28.80 12.55
N GLU G 203 7.36 28.21 13.75
CA GLU G 203 6.10 27.84 14.41
C GLU G 203 5.22 29.05 14.72
N ALA G 204 5.82 30.19 15.06
CA ALA G 204 5.03 31.39 15.37
C ALA G 204 4.24 31.88 14.16
N GLU G 205 4.71 31.59 12.96
CA GLU G 205 4.02 31.91 11.73
C GLU G 205 3.12 30.78 11.25
N ILE G 206 3.58 29.54 11.41
CA ILE G 206 2.83 28.37 10.96
C ILE G 206 1.54 28.21 11.74
N ALA G 207 1.59 28.41 13.07
CA ALA G 207 0.41 28.26 13.90
C ALA G 207 -0.62 29.33 13.59
N ALA G 208 -0.17 30.54 13.28
CA ALA G 208 -1.11 31.59 12.92
C ALA G 208 -1.68 31.42 11.51
N ASN G 209 -0.91 30.82 10.60
CA ASN G 209 -1.47 30.49 9.28
C ASN G 209 -2.47 29.36 9.36
N ILE G 210 -2.20 28.36 10.21
CA ILE G 210 -3.16 27.28 10.43
C ILE G 210 -4.41 27.79 11.11
N GLN G 211 -4.25 28.72 12.05
CA GLN G 211 -5.37 29.36 12.73
C GLN G 211 -6.26 30.13 11.74
N ALA G 212 -5.67 30.71 10.72
CA ALA G 212 -6.43 31.43 9.71
C ALA G 212 -7.13 30.52 8.71
N ASP G 213 -6.74 29.25 8.60
CA ASP G 213 -7.22 28.43 7.50
C ASP G 213 -7.88 27.11 7.92
N TYR G 214 -7.74 26.67 9.17
CA TYR G 214 -8.19 25.33 9.56
C TYR G 214 -9.69 25.15 9.48
N LEU G 215 -10.46 26.23 9.53
CA LEU G 215 -11.90 26.12 9.36
C LEU G 215 -12.29 25.89 7.91
N TYR G 216 -11.39 26.11 6.96
CA TYR G 216 -11.60 25.70 5.58
C TYR G 216 -11.18 24.26 5.33
N ARG G 217 -10.56 23.60 6.30
CA ARG G 217 -10.01 22.27 6.10
C ARG G 217 -10.88 21.21 6.76
N PRO H 66 -62.72 -27.10 59.64
CA PRO H 66 -63.18 -25.74 59.38
C PRO H 66 -62.44 -25.09 58.22
N PHE H 67 -63.17 -24.38 57.36
CA PHE H 67 -62.54 -23.71 56.22
C PHE H 67 -61.95 -22.38 56.66
N ASP H 68 -60.66 -22.21 56.41
CA ASP H 68 -59.96 -20.98 56.71
C ASP H 68 -59.43 -20.37 55.43
N ASN H 69 -59.74 -19.09 55.21
CA ASN H 69 -59.27 -18.36 54.04
C ASN H 69 -58.67 -17.02 54.45
N THR H 70 -58.41 -16.83 55.74
CA THR H 70 -58.00 -15.53 56.26
C THR H 70 -56.56 -15.49 56.76
N THR H 71 -55.91 -16.63 56.92
CA THR H 71 -54.54 -16.68 57.41
C THR H 71 -53.60 -17.10 56.28
N TYR H 72 -52.35 -16.67 56.40
CA TYR H 72 -51.32 -16.99 55.42
C TYR H 72 -50.60 -18.24 55.88
N LYS H 73 -50.82 -19.35 55.18
CA LYS H 73 -50.33 -20.65 55.61
C LYS H 73 -48.87 -20.89 55.30
N ASN H 74 -48.22 -20.00 54.56
CA ASN H 74 -46.84 -20.20 54.13
C ASN H 74 -45.90 -19.45 55.08
N LEU H 75 -45.82 -19.97 56.31
CA LEU H 75 -44.97 -19.36 57.33
C LEU H 75 -43.69 -20.11 57.56
N GLN H 76 -43.37 -21.10 56.72
CA GLN H 76 -42.18 -21.91 56.94
C GLN H 76 -40.91 -21.17 56.56
N HIS H 77 -40.97 -20.30 55.54
CA HIS H 77 -39.77 -19.64 55.05
C HIS H 77 -39.30 -18.51 55.97
N HIS H 78 -40.00 -18.24 57.06
CA HIS H 78 -39.46 -17.40 58.11
C HIS H 78 -38.35 -18.10 58.88
N ASP H 79 -38.24 -19.43 58.76
CA ASP H 79 -37.27 -20.20 59.53
C ASP H 79 -36.19 -20.83 58.66
N TYR H 80 -36.04 -20.39 57.42
CA TYR H 80 -35.02 -20.94 56.53
C TYR H 80 -33.70 -20.23 56.78
N SER H 81 -32.63 -21.02 56.90
CA SER H 81 -31.29 -20.51 57.12
C SER H 81 -30.56 -20.41 55.79
N THR H 82 -29.25 -20.16 55.85
CA THR H 82 -28.46 -19.98 54.65
C THR H 82 -28.14 -21.29 53.94
N TYR H 83 -28.27 -22.43 54.61
CA TYR H 83 -27.98 -23.72 54.01
C TYR H 83 -29.22 -24.58 53.83
N THR H 84 -30.40 -23.97 53.78
CA THR H 84 -31.64 -24.75 53.72
C THR H 84 -31.78 -25.48 52.39
N PHE H 85 -31.53 -24.76 51.29
CA PHE H 85 -31.61 -25.33 49.94
C PHE H 85 -30.61 -26.47 49.76
N LEU H 86 -29.38 -26.27 50.22
CA LEU H 86 -28.34 -27.25 50.00
C LEU H 86 -28.48 -28.46 50.92
N ASP H 87 -29.01 -28.26 52.14
CA ASP H 87 -29.33 -29.41 52.99
C ASP H 87 -30.50 -30.18 52.44
N LEU H 88 -31.47 -29.51 51.82
CA LEU H 88 -32.55 -30.21 51.14
C LEU H 88 -32.04 -31.00 49.94
N ASN H 89 -31.07 -30.45 49.21
CA ASN H 89 -30.48 -31.18 48.09
C ASN H 89 -29.69 -32.39 48.59
N LEU H 90 -28.99 -32.24 49.71
CA LEU H 90 -28.28 -33.36 50.32
C LEU H 90 -29.23 -34.43 50.83
N ASP H 91 -30.40 -34.04 51.31
CA ASP H 91 -31.41 -35.00 51.72
C ASP H 91 -32.01 -35.70 50.50
N LEU H 92 -32.19 -34.97 49.40
CA LEU H 92 -32.75 -35.53 48.19
C LEU H 92 -31.77 -36.36 47.38
N SER H 93 -30.47 -36.31 47.70
CA SER H 93 -29.46 -37.06 46.94
C SER H 93 -29.68 -38.57 46.98
N LYS H 94 -30.35 -39.09 48.00
CA LYS H 94 -30.55 -40.53 48.11
C LYS H 94 -31.76 -41.04 47.33
N PHE H 95 -32.67 -40.16 46.94
CA PHE H 95 -33.91 -40.55 46.28
C PHE H 95 -33.78 -40.64 44.77
N ARG H 96 -32.63 -40.31 44.21
CA ARG H 96 -32.54 -40.00 42.79
C ARG H 96 -31.97 -41.16 41.99
N MET H 97 -32.29 -41.13 40.69
CA MET H 97 -31.84 -42.16 39.78
C MET H 97 -30.35 -41.98 39.49
N PRO H 98 -29.64 -43.04 39.11
CA PRO H 98 -28.22 -42.90 38.74
C PRO H 98 -28.07 -42.11 37.45
N GLN H 99 -27.15 -41.13 37.49
CA GLN H 99 -26.97 -40.19 36.40
C GLN H 99 -26.49 -40.87 35.12
N PRO H 100 -26.84 -40.34 33.96
CA PRO H 100 -26.26 -40.85 32.72
C PRO H 100 -24.81 -40.40 32.58
N SER H 101 -24.08 -41.13 31.78
CA SER H 101 -22.66 -40.84 31.56
C SER H 101 -22.43 -40.56 30.09
N SER H 102 -21.55 -39.59 29.82
CA SER H 102 -21.12 -39.34 28.46
C SER H 102 -20.01 -40.29 28.02
N GLY H 103 -19.48 -41.10 28.93
CA GLY H 103 -18.42 -42.03 28.60
C GLY H 103 -17.03 -41.50 28.83
N ARG H 104 -16.88 -40.23 29.15
CA ARG H 104 -15.60 -39.62 29.46
C ARG H 104 -15.76 -38.76 30.70
N GLU H 105 -14.63 -38.46 31.35
CA GLU H 105 -14.68 -37.79 32.64
C GLU H 105 -15.02 -36.31 32.49
N SER H 106 -14.59 -35.70 31.40
CA SER H 106 -14.91 -34.32 31.05
C SER H 106 -14.66 -34.15 29.56
N PRO H 107 -15.18 -33.09 28.94
CA PRO H 107 -14.82 -32.84 27.53
C PRO H 107 -13.36 -32.47 27.29
N ARG H 108 -12.54 -32.30 28.32
CA ARG H 108 -11.10 -32.17 28.17
C ARG H 108 -10.36 -33.48 28.44
N HIS H 109 -11.10 -34.57 28.62
CA HIS H 109 -10.51 -35.90 28.76
C HIS H 109 -10.58 -36.66 27.43
N GLY I 29 17.93 17.93 26.01
CA GLY I 29 18.70 16.92 26.72
C GLY I 29 19.78 16.29 25.86
N VAL I 30 20.44 17.13 25.06
CA VAL I 30 21.49 16.65 24.17
C VAL I 30 22.73 16.30 24.99
N ARG I 31 23.47 15.28 24.54
CA ARG I 31 24.74 14.90 25.12
C ARG I 31 25.77 14.80 24.01
N THR I 32 26.99 14.40 24.37
CA THR I 32 28.11 14.44 23.44
C THR I 32 28.87 13.14 23.53
N SER I 33 29.22 12.58 22.36
CA SER I 33 30.06 11.42 22.28
C SER I 33 31.51 11.78 22.65
N PRO I 34 32.35 10.78 22.94
CA PRO I 34 33.79 11.07 23.13
C PRO I 34 34.51 11.58 21.88
N THR I 35 33.91 11.48 20.70
CA THR I 35 34.45 12.12 19.51
C THR I 35 34.18 13.61 19.46
N GLY I 36 33.30 14.12 20.32
CA GLY I 36 32.88 15.50 20.25
C GLY I 36 31.62 15.73 19.45
N GLU I 37 31.02 14.68 18.91
CA GLU I 37 29.82 14.79 18.10
C GLU I 37 28.58 14.71 18.98
N LYS I 38 27.60 15.56 18.67
CA LYS I 38 26.36 15.58 19.44
C LYS I 38 25.48 14.39 19.08
N VAL I 39 24.84 13.82 20.08
CA VAL I 39 23.94 12.70 19.91
C VAL I 39 22.52 13.23 19.75
N THR I 40 21.83 12.80 18.70
CA THR I 40 20.48 13.27 18.43
C THR I 40 19.49 12.65 19.39
N HIS I 41 18.23 13.08 19.31
CA HIS I 41 17.19 12.52 20.17
C HIS I 41 16.85 11.09 19.80
N THR I 42 17.14 10.67 18.57
CA THR I 42 17.05 9.26 18.23
C THR I 42 18.13 8.46 18.95
N GLY I 43 19.31 9.04 19.13
CA GLY I 43 20.47 8.31 19.58
C GLY I 43 21.49 8.11 18.49
N GLN I 44 21.37 8.81 17.38
CA GLN I 44 22.32 8.68 16.29
C GLN I 44 23.58 9.46 16.61
N VAL I 45 24.71 8.79 16.52
CA VAL I 45 26.01 9.42 16.48
C VAL I 45 26.89 8.50 15.66
N TYR I 46 27.77 9.07 14.85
CA TYR I 46 28.69 8.21 14.12
C TYR I 46 29.77 7.68 15.06
N ASP I 47 30.30 6.51 14.71
CA ASP I 47 31.42 5.94 15.43
C ASP I 47 32.68 6.78 15.21
N ASP I 48 33.70 6.51 16.03
CA ASP I 48 34.97 7.22 15.89
C ASP I 48 35.67 6.85 14.58
N GLU I 49 35.61 5.58 14.20
CA GLU I 49 36.27 5.09 13.01
C GLU I 49 35.39 5.16 11.77
N ASP I 50 34.21 5.77 11.89
CA ASP I 50 33.32 5.91 10.74
C ASP I 50 33.78 7.09 9.90
N TYR I 51 33.93 6.86 8.59
CA TYR I 51 34.45 7.90 7.71
C TYR I 51 33.45 9.02 7.51
N ARG I 52 32.16 8.73 7.67
CA ARG I 52 31.07 9.65 7.36
C ARG I 52 31.00 10.85 8.30
N ARG I 53 31.88 10.96 9.30
CA ARG I 53 32.04 12.20 10.03
C ARG I 53 32.68 13.30 9.20
N VAL I 54 33.32 12.95 8.08
CA VAL I 54 34.01 13.92 7.25
C VAL I 54 33.03 14.89 6.59
N ARG I 55 31.75 14.55 6.52
CA ARG I 55 30.75 15.49 6.01
C ARG I 55 30.52 16.64 6.96
N PHE I 56 30.90 16.53 8.23
CA PHE I 56 30.72 17.64 9.15
C PHE I 56 31.99 18.45 9.34
N VAL I 57 33.06 18.07 8.65
CA VAL I 57 34.35 18.75 8.78
C VAL I 57 34.27 20.10 8.08
N GLY I 58 34.51 21.17 8.85
CA GLY I 58 34.33 22.52 8.36
C GLY I 58 32.89 22.98 8.30
N ARG I 59 31.96 22.13 8.72
CA ARG I 59 30.53 22.40 8.66
C ARG I 59 29.99 21.98 10.02
N GLN I 60 28.68 21.80 10.13
CA GLN I 60 28.09 21.46 11.40
C GLN I 60 27.12 20.29 11.26
N LYS I 61 26.95 19.54 12.34
CA LYS I 61 25.93 18.53 12.44
C LYS I 61 24.68 19.17 13.03
N GLU I 62 23.65 19.32 12.23
CA GLU I 62 22.44 19.98 12.68
C GLU I 62 21.63 19.03 13.53
N VAL I 63 21.50 19.36 14.81
CA VAL I 63 20.66 18.62 15.73
C VAL I 63 19.63 19.59 16.29
N ASN I 64 18.48 19.07 16.68
CA ASN I 64 17.51 19.86 17.42
C ASN I 64 17.70 19.56 18.89
N GLU I 65 17.84 20.61 19.69
CA GLU I 65 18.17 20.48 21.10
C GLU I 65 16.95 20.52 21.99
N ASN I 66 15.75 20.51 21.41
CA ASN I 66 14.50 20.44 22.17
C ASN I 66 14.00 19.00 22.05
N PHE I 67 14.47 18.14 22.95
CA PHE I 67 14.11 16.73 22.88
C PHE I 67 12.68 16.57 23.38
N ALA I 68 11.82 15.98 22.54
CA ALA I 68 10.41 15.84 22.88
C ALA I 68 10.19 14.86 24.02
N ILE I 69 11.10 13.89 24.20
CA ILE I 69 10.97 12.94 25.29
C ILE I 69 11.22 13.62 26.63
N ASP I 70 12.03 14.68 26.65
CA ASP I 70 12.30 15.39 27.89
C ASP I 70 11.23 16.43 28.17
N LEU I 71 10.65 17.01 27.12
CA LEU I 71 9.66 18.07 27.29
C LEU I 71 8.31 17.53 27.72
N ILE I 72 7.94 16.32 27.29
CA ILE I 72 6.67 15.75 27.74
C ILE I 72 6.80 15.16 29.14
N ALA I 73 8.01 14.85 29.59
CA ALA I 73 8.21 14.46 30.97
C ALA I 73 8.12 15.65 31.92
N GLU I 74 8.28 16.87 31.41
CA GLU I 74 8.13 18.07 32.21
C GLU I 74 6.68 18.43 32.49
N GLN I 75 5.73 17.85 31.76
CA GLN I 75 4.34 18.18 31.97
C GLN I 75 3.82 17.47 33.22
N PRO I 76 3.03 18.16 34.05
CA PRO I 76 2.48 17.52 35.24
C PRO I 76 1.32 16.59 34.89
N VAL I 77 1.14 15.58 35.74
CA VAL I 77 0.07 14.62 35.54
C VAL I 77 -1.26 15.25 35.92
N SER I 78 -2.23 15.19 35.02
CA SER I 78 -3.53 15.83 35.23
C SER I 78 -4.37 14.97 36.15
N GLN I 79 -4.72 15.51 37.32
CA GLN I 79 -5.59 14.82 38.27
C GLN I 79 -7.03 15.09 37.89
N VAL I 80 -7.76 14.04 37.50
CA VAL I 80 -9.17 14.21 37.15
C VAL I 80 -10.01 13.29 38.03
N GLY I 81 -11.27 13.67 38.19
CA GLY I 81 -12.20 12.94 39.03
C GLY I 81 -13.04 11.93 38.29
N SER I 82 -12.70 11.61 37.05
CA SER I 82 -13.44 10.65 36.25
C SER I 82 -12.67 9.34 36.12
N ARG I 83 -13.40 8.31 35.72
CA ARG I 83 -12.82 7.01 35.47
C ARG I 83 -12.22 6.92 34.07
N VAL I 84 -12.88 7.58 33.11
CA VAL I 84 -12.42 7.65 31.73
C VAL I 84 -12.27 9.13 31.37
N ILE I 85 -11.12 9.49 30.80
CA ILE I 85 -10.88 10.86 30.39
C ILE I 85 -10.75 10.88 28.88
N SER I 86 -11.01 12.03 28.27
CA SER I 86 -10.79 12.21 26.84
C SER I 86 -9.66 13.20 26.62
N CYS I 87 -8.83 12.93 25.63
CA CYS I 87 -7.78 13.85 25.22
C CYS I 87 -7.87 14.05 23.72
N ASP I 88 -7.83 15.31 23.30
CA ASP I 88 -7.66 15.66 21.90
C ASP I 88 -6.41 16.47 21.64
N GLY I 89 -5.58 16.69 22.66
CA GLY I 89 -4.35 17.43 22.52
C GLY I 89 -4.46 18.93 22.63
N GLY I 90 -5.65 19.44 22.94
CA GLY I 90 -5.85 20.87 23.00
C GLY I 90 -6.15 21.49 21.66
N GLY I 91 -6.83 22.63 21.65
CA GLY I 91 -7.15 23.31 20.43
C GLY I 91 -8.30 22.73 19.64
N GLY I 92 -8.95 21.68 20.13
CA GLY I 92 -10.07 21.06 19.45
C GLY I 92 -9.67 20.35 18.17
N ALA I 93 -10.04 20.92 17.03
CA ALA I 93 -9.66 20.37 15.74
C ALA I 93 -8.21 20.65 15.37
N LEU I 94 -7.51 21.46 16.14
CA LEU I 94 -6.09 21.72 15.93
C LEU I 94 -5.20 20.70 16.62
N GLY I 95 -5.78 19.77 17.37
CA GLY I 95 -4.99 18.78 18.08
C GLY I 95 -4.88 17.47 17.35
N HIS I 96 -5.22 16.38 18.02
CA HIS I 96 -5.16 15.05 17.43
C HIS I 96 -6.56 14.45 17.47
N PRO I 97 -6.81 13.26 16.88
CA PRO I 97 -8.10 12.61 17.10
C PRO I 97 -8.38 12.32 18.57
N ARG I 98 -9.62 12.59 18.97
CA ARG I 98 -10.00 12.51 20.37
C ARG I 98 -10.06 11.05 20.82
N VAL I 99 -9.23 10.71 21.79
CA VAL I 99 -9.20 9.35 22.31
C VAL I 99 -9.62 9.35 23.76
N TYR I 100 -10.03 8.17 24.22
CA TYR I 100 -10.55 7.97 25.55
C TYR I 100 -9.60 7.05 26.30
N ILE I 101 -9.21 7.47 27.49
CA ILE I 101 -8.16 6.83 28.28
C ILE I 101 -8.80 6.32 29.55
N ASN I 102 -8.60 5.03 29.83
CA ASN I 102 -9.08 4.47 31.07
C ASN I 102 -8.06 4.71 32.17
N LEU I 103 -8.57 4.91 33.38
CA LEU I 103 -7.73 5.27 34.52
C LEU I 103 -7.95 4.33 35.69
N ASP I 104 -8.26 3.07 35.40
CA ASP I 104 -8.55 2.11 36.46
C ASP I 104 -7.29 1.62 37.15
N LYS I 105 -6.16 1.59 36.46
CA LYS I 105 -4.89 1.25 37.11
C LYS I 105 -4.44 2.42 37.98
N GLU I 106 -4.28 2.17 39.27
CA GLU I 106 -3.69 3.16 40.16
C GLU I 106 -2.18 3.06 40.24
N THR I 107 -1.61 1.97 39.72
CA THR I 107 -0.16 1.83 39.67
C THR I 107 0.44 2.74 38.60
N LYS I 108 -0.23 2.84 37.47
CA LYS I 108 0.28 3.53 36.29
C LYS I 108 -0.67 4.66 35.92
N THR I 109 -0.11 5.75 35.41
CA THR I 109 -0.95 6.81 34.86
C THR I 109 -1.47 6.41 33.49
N GLY I 110 -2.51 7.11 33.04
CA GLY I 110 -3.08 6.91 31.73
C GLY I 110 -2.51 7.90 30.75
N THR I 111 -1.74 7.39 29.78
CA THR I 111 -1.00 8.22 28.84
C THR I 111 -1.75 8.30 27.52
N CYS I 112 -1.86 9.50 26.97
CA CYS I 112 -2.38 9.67 25.62
C CYS I 112 -1.40 9.12 24.60
N GLY I 113 -1.91 8.28 23.69
CA GLY I 113 -1.07 7.68 22.67
C GLY I 113 -0.59 8.64 21.61
N TYR I 114 -1.25 9.79 21.48
CA TYR I 114 -0.87 10.80 20.50
C TYR I 114 0.08 11.85 21.07
N CYS I 115 -0.33 12.53 22.12
CA CYS I 115 0.41 13.69 22.60
C CYS I 115 1.25 13.42 23.83
N GLY I 116 1.11 12.26 24.45
CA GLY I 116 1.92 11.92 25.59
C GLY I 116 1.53 12.57 26.90
N LEU I 117 0.48 13.38 26.93
CA LEU I 117 -0.03 13.90 28.19
C LEU I 117 -0.63 12.76 28.99
N GLN I 118 -0.39 12.77 30.29
CA GLN I 118 -0.77 11.66 31.13
C GLN I 118 -1.71 12.11 32.24
N PHE I 119 -2.55 11.19 32.68
CA PHE I 119 -3.72 11.48 33.48
C PHE I 119 -3.77 10.51 34.65
N ARG I 120 -4.35 10.96 35.76
CA ARG I 120 -4.51 10.10 36.92
C ARG I 120 -5.87 10.37 37.53
N GLN I 121 -6.58 9.30 37.86
CA GLN I 121 -7.82 9.42 38.63
C GLN I 121 -7.46 9.78 40.06
N GLN I 122 -8.03 10.88 40.56
CA GLN I 122 -7.60 11.45 41.83
C GLN I 122 -8.04 10.64 43.04
N HIS I 123 -8.97 9.69 42.87
CA HIS I 123 -9.37 8.83 43.97
C HIS I 123 -8.49 7.59 44.05
N THR J 45 -2.56 -16.23 -50.30
CA THR J 45 -2.26 -16.95 -49.08
C THR J 45 -2.34 -16.03 -47.87
N GLN J 46 -1.57 -14.93 -47.95
CA GLN J 46 -1.48 -13.80 -46.99
C GLN J 46 -1.30 -14.22 -45.53
N LEU J 47 -0.81 -15.43 -45.28
CA LEU J 47 -0.45 -15.90 -43.95
C LEU J 47 0.72 -16.86 -44.10
N ILE J 48 1.71 -16.73 -43.23
CA ILE J 48 2.87 -17.60 -43.25
C ILE J 48 2.79 -18.55 -42.07
N THR J 49 3.55 -19.63 -42.17
CA THR J 49 3.58 -20.68 -41.15
C THR J 49 4.92 -20.62 -40.44
N VAL J 50 4.92 -20.21 -39.18
CA VAL J 50 6.11 -20.17 -38.35
C VAL J 50 5.94 -21.24 -37.29
N ASP J 51 6.72 -22.31 -37.40
CA ASP J 51 6.69 -23.39 -36.42
C ASP J 51 7.69 -23.20 -35.30
N GLU J 52 8.40 -22.07 -35.27
CA GLU J 52 9.43 -21.84 -34.28
C GLU J 52 8.81 -21.46 -32.93
N LYS J 53 9.62 -21.58 -31.88
CA LYS J 53 9.20 -21.17 -30.56
C LYS J 53 9.18 -19.64 -30.49
N LEU J 54 8.13 -19.11 -29.86
CA LEU J 54 7.96 -17.67 -29.74
C LEU J 54 8.98 -17.08 -28.78
N ASP J 55 9.82 -16.19 -29.29
CA ASP J 55 10.91 -15.63 -28.50
C ASP J 55 11.13 -14.19 -28.96
N ILE J 56 10.90 -13.24 -28.08
CA ILE J 56 10.96 -11.83 -28.41
C ILE J 56 12.09 -11.13 -27.66
N THR J 57 13.07 -11.88 -27.15
CA THR J 57 14.10 -11.34 -26.27
C THR J 57 14.99 -10.32 -26.96
N THR J 58 15.19 -10.46 -28.28
CA THR J 58 16.00 -9.50 -29.03
C THR J 58 15.23 -8.23 -29.37
N LEU J 59 13.94 -8.18 -29.09
CA LEU J 59 13.13 -7.02 -29.41
C LEU J 59 12.77 -6.18 -28.20
N THR J 60 12.83 -6.75 -26.98
CA THR J 60 12.37 -6.05 -25.79
C THR J 60 13.36 -5.04 -25.26
N GLY J 61 14.59 -5.00 -25.77
CA GLY J 61 15.59 -4.06 -25.29
C GLY J 61 16.13 -4.35 -23.91
N VAL J 62 15.81 -5.50 -23.33
CA VAL J 62 16.30 -5.84 -22.00
C VAL J 62 17.76 -6.30 -22.13
N PRO J 63 18.67 -5.77 -21.31
CA PRO J 63 20.05 -6.27 -21.35
C PRO J 63 20.12 -7.71 -20.89
N GLU J 64 21.15 -8.41 -21.37
CA GLU J 64 21.23 -9.86 -21.28
C GLU J 64 21.34 -10.35 -19.85
N GLU J 65 22.02 -9.58 -18.99
CA GLU J 65 22.15 -9.90 -17.57
C GLU J 65 20.79 -10.01 -16.88
N HIS J 66 19.81 -9.21 -17.31
CA HIS J 66 18.47 -9.28 -16.74
C HIS J 66 17.53 -10.12 -17.59
N ILE J 67 18.06 -11.03 -18.40
CA ILE J 67 17.27 -12.08 -19.01
C ILE J 67 17.69 -13.45 -18.48
N LYS J 68 18.98 -13.75 -18.56
CA LYS J 68 19.44 -15.11 -18.32
C LYS J 68 19.90 -15.36 -16.89
N THR J 69 20.01 -14.35 -16.05
CA THR J 69 20.35 -14.55 -14.65
C THR J 69 19.18 -14.30 -13.72
N ARG J 70 18.01 -13.95 -14.23
CA ARG J 70 16.86 -13.68 -13.38
C ARG J 70 15.99 -14.92 -13.29
N LYS J 71 15.38 -15.12 -12.13
CA LYS J 71 14.45 -16.21 -11.89
C LYS J 71 13.08 -15.58 -11.62
N ALA J 72 12.20 -15.65 -12.62
CA ALA J 72 10.82 -15.25 -12.42
C ALA J 72 10.11 -16.26 -11.56
N ARG J 73 9.31 -15.78 -10.63
CA ARG J 73 8.49 -16.61 -9.76
C ARG J 73 7.03 -16.35 -10.11
N ILE J 74 6.34 -17.43 -10.51
CA ILE J 74 4.95 -17.39 -10.91
C ILE J 74 4.14 -18.05 -9.81
N PHE J 75 3.20 -17.31 -9.23
CA PHE J 75 2.60 -17.76 -7.98
C PHE J 75 1.31 -16.99 -7.76
N VAL J 76 0.33 -17.65 -7.14
CA VAL J 76 -0.76 -16.91 -6.54
C VAL J 76 -0.29 -16.40 -5.17
N PRO J 77 -0.38 -15.10 -4.91
CA PRO J 77 0.14 -14.57 -3.64
C PRO J 77 -0.64 -15.07 -2.45
N ALA J 78 0.09 -15.40 -1.40
CA ALA J 78 -0.50 -15.89 -0.17
C ALA J 78 -1.34 -14.79 0.47
N ARG J 79 -2.40 -15.19 1.15
CA ARG J 79 -3.23 -14.25 1.89
C ARG J 79 -2.42 -13.69 3.05
N ASN J 80 -2.48 -12.37 3.21
CA ASN J 80 -2.03 -11.72 4.42
C ASN J 80 -2.81 -12.27 5.60
N ASN J 81 -2.14 -12.98 6.50
CA ASN J 81 -2.81 -13.57 7.65
C ASN J 81 -3.21 -12.55 8.71
N MET J 82 -2.86 -11.29 8.55
CA MET J 82 -3.43 -10.21 9.34
C MET J 82 -4.91 -10.00 9.04
N GLN J 83 -5.39 -10.48 7.90
CA GLN J 83 -6.74 -10.21 7.42
C GLN J 83 -7.41 -11.45 6.87
N SER J 84 -8.73 -11.48 6.98
CA SER J 84 -9.51 -12.60 6.49
C SER J 84 -9.94 -12.45 5.05
N GLY J 85 -9.75 -11.29 4.45
CA GLY J 85 -10.16 -11.09 3.07
C GLY J 85 -9.28 -11.84 2.10
N VAL J 86 -9.89 -12.33 1.01
CA VAL J 86 -9.23 -13.21 0.06
C VAL J 86 -9.17 -12.61 -1.34
N ASN J 87 -9.46 -11.32 -1.51
CA ASN J 87 -9.52 -10.76 -2.86
C ASN J 87 -8.13 -10.54 -3.45
N ASN J 88 -7.08 -10.56 -2.63
CA ASN J 88 -5.72 -10.49 -3.15
C ASN J 88 -5.15 -11.85 -3.50
N THR J 89 -5.92 -12.92 -3.37
CA THR J 89 -5.48 -14.26 -3.77
C THR J 89 -6.17 -14.75 -5.02
N LYS J 90 -6.66 -13.84 -5.86
CA LYS J 90 -7.46 -14.24 -7.00
C LYS J 90 -6.64 -14.40 -8.28
N LYS J 91 -5.58 -13.62 -8.44
CA LYS J 91 -4.83 -13.59 -9.68
C LYS J 91 -3.43 -14.13 -9.49
N TRP J 92 -2.84 -14.57 -10.59
CA TRP J 92 -1.46 -14.99 -10.62
C TRP J 92 -0.54 -13.77 -10.71
N LYS J 93 0.63 -13.90 -10.13
CA LYS J 93 1.63 -12.84 -10.14
C LYS J 93 2.94 -13.43 -10.61
N MET J 94 3.69 -12.59 -11.31
CA MET J 94 5.07 -12.86 -11.69
C MET J 94 5.95 -11.81 -11.04
N GLU J 95 6.87 -12.24 -10.19
CA GLU J 95 7.87 -11.35 -9.64
C GLU J 95 9.25 -11.90 -10.00
N PHE J 96 10.29 -11.20 -9.60
CA PHE J 96 11.64 -11.67 -9.85
C PHE J 96 12.38 -11.83 -8.53
N ASP J 97 13.55 -12.47 -8.63
CA ASP J 97 14.38 -12.67 -7.45
C ASP J 97 14.91 -11.34 -6.93
N THR J 98 14.84 -11.16 -5.62
CA THR J 98 15.29 -9.90 -5.04
C THR J 98 16.81 -9.82 -5.08
N ARG J 99 17.32 -8.72 -5.59
CA ARG J 99 18.74 -8.46 -5.67
C ARG J 99 19.16 -7.58 -4.48
N GLU J 100 20.38 -7.07 -4.56
CA GLU J 100 20.97 -6.37 -3.42
C GLU J 100 20.34 -5.00 -3.21
N ARG J 101 19.97 -4.73 -1.97
CA ARG J 101 19.61 -3.40 -1.52
C ARG J 101 20.64 -2.99 -0.47
N TRP J 102 21.25 -1.83 -0.65
CA TRP J 102 22.29 -1.39 0.26
C TRP J 102 21.97 -0.01 0.78
N GLU J 103 22.78 0.43 1.74
CA GLU J 103 22.56 1.71 2.39
C GLU J 103 23.20 2.83 1.60
N ASN J 104 22.41 3.85 1.29
CA ASN J 104 22.92 5.07 0.71
C ASN J 104 23.87 5.73 1.72
N PRO J 105 25.10 6.08 1.32
CA PRO J 105 26.03 6.70 2.28
C PRO J 105 25.59 8.07 2.78
N LEU J 106 24.85 8.82 1.98
CA LEU J 106 24.44 10.15 2.39
C LEU J 106 23.28 10.13 3.36
N MET J 107 22.20 9.42 3.01
CA MET J 107 20.95 9.50 3.74
C MET J 107 20.53 8.22 4.44
N GLY J 108 21.18 7.09 4.16
CA GLY J 108 20.72 5.83 4.69
C GLY J 108 19.59 5.19 3.91
N TRP J 109 19.26 5.73 2.74
CA TRP J 109 18.20 5.21 1.91
C TRP J 109 18.59 3.85 1.32
N ALA J 110 17.58 3.12 0.87
CA ALA J 110 17.79 1.81 0.26
C ALA J 110 18.10 2.02 -1.22
N SER J 111 19.36 1.87 -1.58
CA SER J 111 19.81 1.94 -2.95
C SER J 111 19.76 0.56 -3.57
N THR J 112 19.39 0.51 -4.85
CA THR J 112 19.41 -0.74 -5.59
C THR J 112 20.03 -0.49 -6.95
N ALA J 113 20.52 -1.59 -7.55
CA ALA J 113 20.95 -1.59 -8.93
C ALA J 113 20.11 -2.56 -9.76
N ASP J 114 19.04 -3.09 -9.18
CA ASP J 114 18.16 -4.01 -9.89
C ASP J 114 17.06 -3.23 -10.57
N PRO J 115 16.98 -3.22 -11.90
CA PRO J 115 15.85 -2.56 -12.56
C PRO J 115 14.55 -3.32 -12.38
N LEU J 116 14.60 -4.64 -12.20
CA LEU J 116 13.40 -5.45 -12.10
C LEU J 116 12.94 -5.64 -10.66
N SER J 117 13.42 -4.81 -9.72
CA SER J 117 13.13 -5.02 -8.32
C SER J 117 11.69 -4.67 -7.95
N ASN J 118 11.01 -3.87 -8.76
CA ASN J 118 9.63 -3.48 -8.48
C ASN J 118 8.66 -4.01 -9.52
N LEU J 119 9.12 -4.86 -10.42
CA LEU J 119 8.30 -5.34 -11.52
C LEU J 119 7.44 -6.51 -11.04
N VAL J 120 6.14 -6.29 -10.90
CA VAL J 120 5.20 -7.33 -10.54
C VAL J 120 4.11 -7.38 -11.61
N LEU J 121 4.00 -8.51 -12.29
CA LEU J 121 3.04 -8.64 -13.39
C LEU J 121 1.86 -9.49 -12.93
N THR J 122 0.69 -9.18 -13.46
CA THR J 122 -0.56 -9.82 -13.07
C THR J 122 -1.09 -10.64 -14.23
N PHE J 123 -1.53 -11.86 -13.94
CA PHE J 123 -2.01 -12.79 -14.95
C PHE J 123 -3.28 -13.45 -14.45
N SER J 124 -4.17 -13.77 -15.40
CA SER J 124 -5.42 -14.39 -15.02
C SER J 124 -5.25 -15.87 -14.71
N THR J 125 -4.42 -16.55 -15.48
CA THR J 125 -4.16 -17.97 -15.27
C THR J 125 -2.66 -18.22 -15.15
N LYS J 126 -2.34 -19.43 -14.73
CA LYS J 126 -0.96 -19.88 -14.66
C LYS J 126 -0.33 -19.98 -16.04
N GLU J 127 -1.11 -20.43 -17.03
CA GLU J 127 -0.58 -20.67 -18.37
C GLU J 127 -0.27 -19.37 -19.09
N ASP J 128 -1.02 -18.29 -18.82
CA ASP J 128 -0.70 -16.99 -19.38
C ASP J 128 0.62 -16.47 -18.84
N ALA J 129 0.87 -16.67 -17.55
CA ALA J 129 2.13 -16.25 -16.94
C ALA J 129 3.30 -17.08 -17.48
N ILE J 130 3.10 -18.39 -17.64
CA ILE J 130 4.14 -19.25 -18.19
C ILE J 130 4.45 -18.86 -19.64
N ALA J 131 3.42 -18.57 -20.43
CA ALA J 131 3.62 -18.17 -21.82
C ALA J 131 4.33 -16.83 -21.90
N PHE J 132 4.04 -15.92 -20.97
CA PHE J 132 4.68 -14.63 -20.99
C PHE J 132 6.14 -14.73 -20.54
N ALA J 133 6.44 -15.63 -19.61
CA ALA J 133 7.82 -15.82 -19.17
C ALA J 133 8.65 -16.51 -20.23
N GLU J 134 8.07 -17.52 -20.90
CA GLU J 134 8.79 -18.21 -21.97
C GLU J 134 8.97 -17.33 -23.19
N LYS J 135 8.02 -16.43 -23.44
CA LYS J 135 8.13 -15.51 -24.56
C LYS J 135 9.27 -14.52 -24.37
N ASN J 136 9.56 -14.15 -23.12
CA ASN J 136 10.59 -13.18 -22.80
C ASN J 136 11.90 -13.80 -22.37
N GLY J 137 12.04 -15.12 -22.48
CA GLY J 137 13.29 -15.77 -22.16
C GLY J 137 13.61 -15.85 -20.68
N TRP J 138 12.66 -15.58 -19.82
CA TRP J 138 12.86 -15.64 -18.38
C TRP J 138 12.77 -17.08 -17.89
N SER J 139 13.80 -17.53 -17.20
CA SER J 139 13.71 -18.78 -16.47
C SER J 139 12.79 -18.58 -15.27
N TYR J 140 11.83 -19.48 -15.10
CA TYR J 140 10.77 -19.29 -14.12
C TYR J 140 10.62 -20.53 -13.27
N ASP J 141 10.03 -20.33 -12.10
CA ASP J 141 9.52 -21.43 -11.29
C ASP J 141 8.09 -21.13 -10.86
N VAL J 142 7.25 -22.15 -10.90
CA VAL J 142 5.82 -22.02 -10.69
C VAL J 142 5.45 -22.72 -9.40
N GLU J 143 4.82 -21.98 -8.48
CA GLU J 143 4.15 -22.56 -7.33
C GLU J 143 2.67 -22.71 -7.65
N GLU J 144 2.10 -23.85 -7.27
CA GLU J 144 0.69 -24.09 -7.52
C GLU J 144 -0.17 -23.25 -6.60
N ARG J 145 -1.40 -22.99 -7.04
CA ARG J 145 -2.38 -22.29 -6.24
C ARG J 145 -2.75 -23.12 -5.01
N LYS J 146 -2.62 -22.52 -3.83
CA LYS J 146 -3.02 -23.17 -2.59
C LYS J 146 -4.38 -22.63 -2.20
N VAL J 147 -5.41 -23.43 -2.39
CA VAL J 147 -6.75 -23.07 -1.96
C VAL J 147 -6.97 -23.64 -0.55
N PRO J 148 -7.73 -22.97 0.30
CA PRO J 148 -8.11 -23.58 1.58
C PRO J 148 -9.12 -24.69 1.34
N LYS J 149 -8.86 -25.85 1.95
CA LYS J 149 -9.74 -27.00 1.76
C LYS J 149 -11.06 -26.75 2.49
N PRO J 150 -12.16 -27.37 2.03
CA PRO J 150 -13.45 -27.13 2.67
C PRO J 150 -13.50 -27.68 4.08
N LYS J 151 -13.95 -26.83 5.01
CA LYS J 151 -14.05 -27.19 6.41
C LYS J 151 -15.46 -27.66 6.72
N SER J 152 -15.57 -28.57 7.69
CA SER J 152 -16.86 -29.02 8.19
C SER J 152 -17.19 -28.18 9.42
N LYS J 153 -18.12 -27.24 9.26
CA LYS J 153 -18.52 -26.35 10.34
C LYS J 153 -19.91 -26.69 10.86
N SER J 154 -20.01 -26.84 12.17
CA SER J 154 -21.29 -27.10 12.82
C SER J 154 -21.29 -26.34 14.14
N TYR J 155 -22.23 -25.42 14.30
CA TYR J 155 -22.34 -24.68 15.54
C TYR J 155 -22.81 -25.56 16.69
N GLY J 156 -23.60 -26.60 16.38
CA GLY J 156 -24.05 -27.53 17.40
C GLY J 156 -22.95 -28.37 18.00
N ALA J 157 -21.85 -28.55 17.28
CA ALA J 157 -20.69 -29.28 17.78
C ALA J 157 -20.04 -28.58 18.97
N ASN J 158 -20.30 -27.28 19.16
CA ASN J 158 -19.86 -26.58 20.36
C ASN J 158 -20.50 -27.13 21.63
N PHE J 159 -21.60 -27.86 21.52
CA PHE J 159 -22.35 -28.30 22.68
C PHE J 159 -22.64 -29.78 22.57
N SER J 160 -21.62 -30.59 22.31
CA SER J 160 -21.86 -32.01 22.13
C SER J 160 -22.10 -32.70 23.47
N TRP J 161 -22.74 -33.87 23.40
CA TRP J 161 -22.96 -34.65 24.62
C TRP J 161 -21.71 -35.36 25.08
N ASN J 162 -20.94 -35.92 24.15
CA ASN J 162 -19.87 -36.83 24.54
C ASN J 162 -18.57 -36.60 23.80
N LYS J 163 -18.45 -35.55 23.00
CA LYS J 163 -17.23 -35.31 22.25
C LYS J 163 -16.40 -34.21 22.90
N ARG J 164 -15.13 -34.19 22.54
CA ARG J 164 -14.18 -33.21 23.07
C ARG J 164 -14.37 -31.83 22.48
N THR J 165 -15.16 -31.70 21.42
CA THR J 165 -15.38 -30.43 20.74
C THR J 165 -16.36 -29.51 21.46
N ARG J 166 -16.77 -29.82 22.69
CA ARG J 166 -17.47 -28.85 23.51
C ARG J 166 -16.58 -27.67 23.82
N VAL J 167 -17.13 -26.48 23.64
CA VAL J 167 -16.43 -25.28 24.10
C VAL J 167 -16.62 -25.15 25.60
N SER J 168 -15.57 -24.76 26.29
CA SER J 168 -15.67 -24.53 27.73
C SER J 168 -16.22 -23.15 28.04
N THR J 169 -16.28 -22.27 27.06
CA THR J 169 -16.86 -20.95 27.20
C THR J 169 -17.33 -20.45 25.84
N LYS J 170 -18.00 -19.32 25.85
CA LYS J 170 -18.64 -18.82 24.65
C LYS J 170 -18.77 -17.31 24.70
N LEU K 36 37.46 -3.97 9.65
CA LEU K 36 36.92 -3.16 8.57
C LEU K 36 35.51 -2.70 8.95
N HIS K 37 35.34 -1.38 9.04
CA HIS K 37 34.09 -0.79 9.52
C HIS K 37 32.96 -1.06 8.54
N HIS K 38 31.73 -1.08 9.07
CA HIS K 38 30.58 -1.52 8.28
C HIS K 38 30.20 -0.52 7.19
N ALA K 39 30.47 0.77 7.42
CA ALA K 39 30.14 1.78 6.43
C ALA K 39 31.08 1.78 5.24
N VAL K 40 32.23 1.12 5.35
CA VAL K 40 33.24 1.11 4.30
C VAL K 40 33.35 -0.28 3.65
N ILE K 41 32.41 -1.17 3.95
CA ILE K 41 32.28 -2.42 3.18
C ILE K 41 31.72 -2.09 1.80
N PRO K 42 32.30 -2.62 0.72
CA PRO K 42 31.79 -2.33 -0.62
C PRO K 42 30.42 -2.93 -0.87
N HIS K 43 29.58 -2.17 -1.56
CA HIS K 43 28.23 -2.60 -1.93
C HIS K 43 27.90 -2.08 -3.32
N GLY K 44 26.85 -2.62 -3.89
CA GLY K 44 26.42 -2.20 -5.21
C GLY K 44 27.15 -2.93 -6.32
N LYS K 45 26.89 -2.47 -7.54
CA LYS K 45 27.51 -3.04 -8.72
C LYS K 45 28.62 -2.17 -9.29
N GLY K 46 29.22 -1.32 -8.46
CA GLY K 46 30.33 -0.52 -8.91
C GLY K 46 29.96 0.69 -9.72
N GLY K 47 28.71 1.15 -9.63
CA GLY K 47 28.26 2.33 -10.33
C GLY K 47 28.29 3.56 -9.46
N ARG K 48 27.53 4.57 -9.89
CA ARG K 48 27.59 5.90 -9.28
C ARG K 48 27.02 5.90 -7.86
N SER K 49 25.91 5.21 -7.65
CA SER K 49 25.28 5.15 -6.35
C SER K 49 25.82 4.02 -5.47
N SER K 50 26.81 3.29 -5.95
CA SER K 50 27.37 2.19 -5.18
C SER K 50 28.32 2.69 -4.11
N VAL K 51 28.80 1.76 -3.29
CA VAL K 51 29.82 2.04 -2.29
C VAL K 51 31.05 1.24 -2.69
N SER K 52 32.14 1.93 -2.96
CA SER K 52 33.35 1.21 -3.34
C SER K 52 34.20 0.84 -2.13
N GLY K 53 33.95 1.44 -0.98
CA GLY K 53 34.81 1.24 0.17
C GLY K 53 36.11 2.02 0.11
N ILE K 54 36.25 2.94 -0.82
CA ILE K 54 37.44 3.77 -0.94
C ILE K 54 37.11 5.15 -0.41
N VAL K 55 37.82 5.58 0.61
CA VAL K 55 37.70 6.94 1.13
C VAL K 55 39.03 7.61 0.82
N ALA K 56 39.03 8.45 -0.20
CA ALA K 56 40.25 8.98 -0.78
C ALA K 56 40.34 10.48 -0.52
N THR K 57 41.50 10.92 -0.04
CA THR K 57 41.83 12.32 0.01
C THR K 57 42.83 12.58 -1.10
N VAL K 58 42.43 13.36 -2.10
CA VAL K 58 43.25 13.59 -3.27
C VAL K 58 43.75 15.03 -3.19
N PHE K 59 45.01 15.19 -2.79
CA PHE K 59 45.65 16.49 -2.83
C PHE K 59 46.04 16.80 -4.26
N GLY K 60 45.78 18.02 -4.68
CA GLY K 60 46.02 18.37 -6.06
C GLY K 60 44.99 17.82 -7.02
N ALA K 61 43.73 17.72 -6.58
CA ALA K 61 42.67 17.18 -7.40
C ALA K 61 42.14 18.17 -8.44
N THR K 62 42.51 19.44 -8.33
CA THR K 62 42.04 20.47 -9.24
C THR K 62 42.91 20.62 -10.47
N GLY K 63 43.87 19.72 -10.67
CA GLY K 63 44.77 19.77 -11.80
C GLY K 63 44.41 18.79 -12.89
N PHE K 64 45.40 18.39 -13.68
CA PHE K 64 45.17 17.53 -14.83
C PHE K 64 44.96 16.08 -14.41
N LEU K 65 45.80 15.55 -13.54
CA LEU K 65 45.63 14.17 -13.10
C LEU K 65 44.47 14.03 -12.14
N GLY K 66 44.23 15.05 -11.31
CA GLY K 66 43.19 14.98 -10.31
C GLY K 66 41.80 14.97 -10.91
N ARG K 67 41.63 15.65 -12.04
CA ARG K 67 40.39 15.62 -12.82
C ARG K 67 39.97 14.19 -13.13
N TYR K 68 40.84 13.43 -13.77
CA TYR K 68 40.45 12.09 -14.20
C TYR K 68 40.52 11.10 -13.05
N LEU K 69 41.32 11.37 -12.01
CA LEU K 69 41.32 10.50 -10.85
C LEU K 69 40.03 10.62 -10.05
N VAL K 70 39.54 11.85 -9.84
CA VAL K 70 38.26 12.03 -9.16
C VAL K 70 37.11 11.54 -10.03
N ASN K 71 37.26 11.61 -11.37
CA ASN K 71 36.28 10.99 -12.27
C ASN K 71 36.20 9.48 -12.05
N HIS K 72 37.35 8.81 -12.09
CA HIS K 72 37.34 7.35 -11.99
C HIS K 72 37.03 6.87 -10.58
N LEU K 73 37.32 7.67 -9.56
CA LEU K 73 36.90 7.31 -8.21
C LEU K 73 35.40 7.53 -8.01
N GLY K 74 34.87 8.63 -8.52
CA GLY K 74 33.48 8.95 -8.30
C GLY K 74 32.51 8.07 -9.05
N ARG K 75 32.94 7.51 -10.19
CA ARG K 75 32.07 6.61 -10.91
C ARG K 75 31.98 5.23 -10.26
N MET K 76 32.90 4.90 -9.35
CA MET K 76 32.77 3.69 -8.55
C MET K 76 31.87 3.89 -7.33
N GLY K 77 31.67 5.14 -6.92
CA GLY K 77 30.96 5.40 -5.69
C GLY K 77 31.90 5.50 -4.51
N SER K 78 33.04 6.15 -4.72
CA SER K 78 33.99 6.38 -3.65
C SER K 78 33.69 7.70 -2.95
N GLN K 79 34.00 7.74 -1.66
CA GLN K 79 34.06 9.00 -0.94
C GLN K 79 35.37 9.68 -1.30
N VAL K 80 35.28 10.85 -1.91
CA VAL K 80 36.46 11.57 -2.38
C VAL K 80 36.52 12.89 -1.63
N ILE K 81 37.58 13.09 -0.87
CA ILE K 81 37.84 14.36 -0.22
C ILE K 81 38.77 15.16 -1.12
N VAL K 82 38.31 16.32 -1.54
CA VAL K 82 39.10 17.24 -2.37
C VAL K 82 39.50 18.42 -1.51
N PRO K 83 40.73 18.45 -1.01
CA PRO K 83 41.25 19.71 -0.45
C PRO K 83 41.68 20.61 -1.60
N TYR K 84 41.21 21.84 -1.57
CA TYR K 84 41.46 22.79 -2.64
C TYR K 84 42.08 24.06 -2.08
N ARG K 85 43.03 24.59 -2.84
CA ARG K 85 43.70 25.84 -2.55
C ARG K 85 43.09 27.00 -3.30
N CYS K 86 42.43 26.73 -4.42
CA CYS K 86 42.05 27.72 -5.40
C CYS K 86 40.67 28.29 -5.09
N GLU K 87 40.15 29.07 -6.03
CA GLU K 87 38.78 29.54 -5.98
C GLU K 87 37.84 28.35 -6.10
N PRO K 88 36.75 28.31 -5.32
CA PRO K 88 35.79 27.19 -5.44
C PRO K 88 35.14 27.06 -6.82
N TYR K 89 35.04 28.16 -7.56
CA TYR K 89 34.64 28.13 -8.96
C TYR K 89 35.50 27.18 -9.77
N ASP K 90 36.81 27.20 -9.54
CA ASP K 90 37.75 26.32 -10.23
C ASP K 90 37.62 24.86 -9.79
N THR K 91 36.78 24.54 -8.82
CA THR K 91 36.49 23.16 -8.48
C THR K 91 35.16 22.67 -9.03
N MET K 92 34.42 23.52 -9.78
CA MET K 92 33.05 23.19 -10.19
C MET K 92 33.00 21.94 -11.04
N HIS K 93 33.98 21.74 -11.92
CA HIS K 93 34.02 20.57 -12.78
C HIS K 93 34.22 19.26 -12.02
N LEU K 94 34.64 19.32 -10.75
CA LEU K 94 34.73 18.10 -9.97
C LEU K 94 33.38 17.69 -9.39
N ARG K 95 32.39 18.56 -9.39
CA ARG K 95 31.12 18.26 -8.74
C ARG K 95 30.19 17.27 -9.45
N PRO K 96 30.07 17.20 -10.78
CA PRO K 96 29.25 16.11 -11.36
C PRO K 96 29.90 14.74 -11.31
N MET K 97 31.12 14.60 -10.81
CA MET K 97 31.87 13.36 -10.96
C MET K 97 31.41 12.25 -10.02
N GLY K 98 30.62 12.54 -8.99
CA GLY K 98 30.15 11.50 -8.10
C GLY K 98 28.73 11.76 -7.63
N ASP K 99 28.23 10.81 -6.85
CA ASP K 99 26.89 10.87 -6.29
C ASP K 99 26.87 11.92 -5.17
N LEU K 100 25.69 12.14 -4.60
CA LEU K 100 25.49 13.20 -3.63
C LEU K 100 26.22 12.91 -2.33
N GLY K 101 27.05 13.87 -1.90
CA GLY K 101 27.87 13.70 -0.73
C GLY K 101 29.13 12.90 -0.94
N GLN K 102 29.41 12.46 -2.15
CA GLN K 102 30.57 11.63 -2.40
C GLN K 102 31.84 12.42 -2.70
N ILE K 103 31.74 13.72 -2.94
CA ILE K 103 32.91 14.59 -3.02
C ILE K 103 32.74 15.68 -1.97
N ILE K 104 33.65 15.71 -1.01
CA ILE K 104 33.68 16.69 0.06
C ILE K 104 34.82 17.66 -0.24
N PHE K 105 34.49 18.91 -0.51
CA PHE K 105 35.49 19.94 -0.75
C PHE K 105 35.86 20.61 0.56
N MET K 106 37.15 20.83 0.77
CA MET K 106 37.56 21.59 1.94
C MET K 106 38.85 22.36 1.65
N ASP K 107 38.95 23.52 2.30
CA ASP K 107 40.12 24.37 2.17
C ASP K 107 41.35 23.70 2.79
N TRP K 108 42.51 23.95 2.19
CA TRP K 108 43.75 23.49 2.78
C TRP K 108 44.86 24.44 2.35
N ASN K 109 45.93 24.43 3.12
CA ASN K 109 47.15 25.18 2.82
C ASN K 109 48.30 24.20 2.90
N GLY K 110 49.27 24.33 1.99
CA GLY K 110 50.38 23.41 1.96
C GLY K 110 51.32 23.54 3.15
N ARG K 111 51.37 24.72 3.75
CA ARG K 111 52.21 24.96 4.91
C ARG K 111 51.43 24.89 6.22
N ASP K 112 50.27 24.25 6.20
CA ASP K 112 49.39 24.14 7.36
C ASP K 112 49.13 22.66 7.56
N LYS K 113 49.77 22.06 8.57
CA LYS K 113 49.55 20.64 8.87
C LYS K 113 48.19 20.40 9.49
N ASP K 114 47.58 21.43 10.09
CA ASP K 114 46.24 21.27 10.67
C ASP K 114 45.20 21.04 9.58
N SER K 115 45.33 21.74 8.45
CA SER K 115 44.39 21.52 7.34
C SER K 115 44.62 20.18 6.67
N ILE K 116 45.87 19.72 6.62
CA ILE K 116 46.17 18.40 6.07
C ILE K 116 45.56 17.31 6.95
N ARG K 117 45.73 17.44 8.27
CA ARG K 117 45.12 16.50 9.21
C ARG K 117 43.61 16.56 9.18
N ARG K 118 43.07 17.75 8.94
CA ARG K 118 41.64 17.93 8.80
C ARG K 118 41.13 17.25 7.54
N ALA K 119 41.97 17.12 6.52
CA ALA K 119 41.57 16.47 5.27
C ALA K 119 41.80 14.97 5.23
N VAL K 120 42.77 14.43 5.98
CA VAL K 120 43.15 13.03 5.82
C VAL K 120 42.65 12.11 6.91
N GLU K 121 42.11 12.64 8.01
CA GLU K 121 41.91 11.83 9.20
C GLU K 121 40.72 10.87 9.09
N HIS K 122 39.91 10.97 8.04
CA HIS K 122 38.81 10.04 7.83
C HIS K 122 39.04 9.14 6.62
N SER K 123 40.16 9.31 5.92
CA SER K 123 40.41 8.62 4.67
C SER K 123 41.18 7.33 4.89
N ASN K 124 40.95 6.37 4.01
CA ASN K 124 41.76 5.15 3.99
C ASN K 124 42.77 5.12 2.86
N VAL K 125 42.76 6.11 1.97
CA VAL K 125 43.84 6.30 1.01
C VAL K 125 44.03 7.80 0.77
N VAL K 126 45.29 8.22 0.73
CA VAL K 126 45.65 9.60 0.42
C VAL K 126 46.52 9.58 -0.83
N ILE K 127 46.07 10.29 -1.86
CA ILE K 127 46.82 10.43 -3.11
C ILE K 127 47.37 11.85 -3.15
N ASN K 128 48.64 11.98 -3.52
CA ASN K 128 49.32 13.25 -3.67
C ASN K 128 49.51 13.54 -5.15
N LEU K 129 48.92 14.63 -5.63
CA LEU K 129 49.06 15.07 -7.01
C LEU K 129 49.49 16.52 -7.07
N VAL K 130 50.14 17.02 -6.02
CA VAL K 130 50.53 18.41 -5.94
C VAL K 130 51.76 18.64 -6.81
N GLY K 131 51.67 19.57 -7.75
CA GLY K 131 52.78 19.84 -8.65
C GLY K 131 52.65 21.17 -9.33
N ARG K 132 53.80 21.70 -9.74
CA ARG K 132 53.85 22.87 -10.59
C ARG K 132 54.98 22.69 -11.59
N GLU K 133 54.72 23.06 -12.85
CA GLU K 133 55.77 23.04 -13.85
C GLU K 133 56.75 24.20 -13.68
N TRP K 134 56.35 25.23 -12.95
CA TRP K 134 57.15 26.43 -12.73
C TRP K 134 57.15 26.76 -11.26
N GLU K 135 58.17 27.45 -10.80
CA GLU K 135 58.21 27.90 -9.43
C GLU K 135 57.69 29.33 -9.33
N THR K 136 56.94 29.60 -8.27
CA THR K 136 56.25 30.87 -8.11
C THR K 136 56.95 31.70 -7.04
N LYS K 137 56.34 32.85 -6.72
CA LYS K 137 56.89 33.73 -5.70
C LYS K 137 56.78 33.12 -4.31
N ASN K 138 55.69 32.40 -4.05
CA ASN K 138 55.44 31.82 -2.73
C ASN K 138 55.85 30.37 -2.62
N PHE K 139 56.01 29.67 -3.74
CA PHE K 139 56.29 28.24 -3.73
C PHE K 139 57.35 27.93 -4.76
N ASP K 140 58.51 27.46 -4.32
CA ASP K 140 59.52 26.98 -5.25
C ASP K 140 59.32 25.48 -5.45
N PHE K 141 60.28 24.83 -6.13
CA PHE K 141 60.18 23.40 -6.36
C PHE K 141 60.39 22.61 -5.07
N GLU K 142 61.15 23.16 -4.11
CA GLU K 142 61.34 22.48 -2.83
C GLU K 142 60.08 22.52 -1.99
N ASP K 143 59.30 23.60 -2.06
CA ASP K 143 58.03 23.64 -1.34
C ASP K 143 57.02 22.67 -1.95
N VAL K 144 56.91 22.66 -3.27
CA VAL K 144 55.88 21.88 -3.94
C VAL K 144 56.24 20.40 -3.96
N PHE K 145 57.52 20.04 -4.07
CA PHE K 145 57.91 18.66 -4.29
C PHE K 145 58.57 17.99 -3.10
N VAL K 146 59.06 18.74 -2.12
CA VAL K 146 59.71 18.17 -0.94
C VAL K 146 58.90 18.46 0.32
N LYS K 147 58.58 19.73 0.57
CA LYS K 147 58.00 20.12 1.85
C LYS K 147 56.55 19.65 1.98
N ILE K 148 55.72 19.98 1.01
CA ILE K 148 54.31 19.58 0.97
C ILE K 148 54.13 18.06 0.86
N PRO K 149 54.85 17.30 0.00
CA PRO K 149 54.67 15.84 0.04
C PRO K 149 55.12 15.18 1.33
N GLN K 150 56.22 15.64 1.94
CA GLN K 150 56.63 15.08 3.21
C GLN K 150 55.65 15.45 4.32
N ALA K 151 55.06 16.65 4.25
CA ALA K 151 54.05 17.03 5.24
C ALA K 151 52.80 16.19 5.11
N ILE K 152 52.33 15.97 3.88
CA ILE K 152 51.14 15.15 3.65
C ILE K 152 51.41 13.70 4.06
N ALA K 153 52.59 13.17 3.75
CA ALA K 153 52.89 11.79 4.09
C ALA K 153 53.07 11.59 5.58
N GLN K 154 53.71 12.55 6.27
CA GLN K 154 53.91 12.44 7.70
C GLN K 154 52.59 12.57 8.45
N VAL K 155 51.74 13.52 8.05
CA VAL K 155 50.46 13.69 8.70
C VAL K 155 49.53 12.52 8.40
N SER K 156 49.62 11.94 7.20
CA SER K 156 48.83 10.76 6.89
C SER K 156 49.33 9.53 7.63
N LYS K 157 50.64 9.44 7.89
CA LYS K 157 51.16 8.36 8.71
C LYS K 157 50.69 8.49 10.16
N GLU K 158 50.73 9.69 10.72
CA GLU K 158 50.32 9.85 12.11
C GLU K 158 48.81 10.00 12.27
N ALA K 159 48.04 9.96 11.19
CA ALA K 159 46.58 9.89 11.27
C ALA K 159 46.06 8.49 11.05
N GLY K 160 46.93 7.51 10.79
CA GLY K 160 46.48 6.15 10.60
C GLY K 160 45.92 5.85 9.24
N VAL K 161 46.31 6.60 8.21
CA VAL K 161 45.88 6.30 6.86
C VAL K 161 46.59 5.04 6.39
N GLU K 162 45.82 4.10 5.84
CA GLU K 162 46.38 2.83 5.40
C GLU K 162 47.28 3.00 4.18
N LYS K 163 46.76 3.64 3.14
CA LYS K 163 47.43 3.68 1.85
C LYS K 163 47.79 5.11 1.48
N PHE K 164 49.01 5.28 0.98
CA PHE K 164 49.48 6.58 0.52
C PHE K 164 50.09 6.40 -0.86
N ILE K 165 49.63 7.19 -1.81
CA ILE K 165 50.14 7.15 -3.18
C ILE K 165 50.77 8.50 -3.49
N HIS K 166 52.03 8.47 -3.91
CA HIS K 166 52.78 9.65 -4.26
C HIS K 166 53.18 9.57 -5.73
N ILE K 167 53.16 10.70 -6.41
CA ILE K 167 53.47 10.76 -7.83
C ILE K 167 54.79 11.51 -7.98
N SER K 168 55.83 10.77 -8.34
CA SER K 168 57.12 11.34 -8.72
C SER K 168 57.14 11.51 -10.24
N HIS K 169 58.31 11.70 -10.82
CA HIS K 169 58.50 11.69 -12.26
C HIS K 169 59.48 10.58 -12.59
N LEU K 170 59.37 10.04 -13.80
CA LEU K 170 60.25 8.95 -14.23
C LEU K 170 61.71 9.37 -14.24
N ASN K 171 61.98 10.61 -14.63
CA ASN K 171 63.33 11.13 -14.76
C ASN K 171 63.82 11.83 -13.51
N ALA K 172 63.26 11.50 -12.36
CA ALA K 172 63.69 12.10 -11.10
C ALA K 172 65.07 11.59 -10.74
N ASP K 173 66.02 12.51 -10.59
CA ASP K 173 67.40 12.15 -10.28
C ASP K 173 68.00 13.26 -9.44
N ILE K 174 68.87 12.89 -8.50
CA ILE K 174 69.55 13.87 -7.66
C ILE K 174 70.50 14.71 -8.49
N LYS K 175 71.21 14.09 -9.43
CA LYS K 175 72.17 14.77 -10.29
C LYS K 175 71.55 15.22 -11.61
N SER K 176 70.25 15.50 -11.62
CA SER K 176 69.59 15.96 -12.83
C SER K 176 69.93 17.42 -13.11
N SER K 177 69.80 17.80 -14.37
CA SER K 177 70.11 19.18 -14.77
C SER K 177 68.98 20.15 -14.44
N SER K 178 67.77 19.64 -14.20
CA SER K 178 66.62 20.49 -13.92
C SER K 178 66.30 20.47 -12.43
N LYS K 179 65.88 21.61 -11.91
CA LYS K 179 65.56 21.74 -10.49
C LYS K 179 64.30 20.96 -10.14
N TYR K 180 63.38 20.86 -11.10
CA TYR K 180 62.17 20.04 -11.00
C TYR K 180 62.49 18.61 -10.60
N LEU K 181 63.33 17.96 -11.40
CA LEU K 181 63.60 16.54 -11.22
C LEU K 181 64.48 16.29 -10.00
N ARG K 182 65.36 17.24 -9.66
CA ARG K 182 66.16 17.12 -8.45
C ARG K 182 65.28 17.17 -7.20
N ASN K 183 64.42 18.19 -7.11
CA ASN K 183 63.54 18.29 -5.95
C ASN K 183 62.51 17.17 -5.93
N LYS K 184 62.13 16.65 -7.09
CA LYS K 184 61.16 15.56 -7.08
C LYS K 184 61.80 14.24 -6.67
N ALA K 185 63.10 14.05 -6.96
CA ALA K 185 63.81 12.89 -6.44
C ALA K 185 64.02 13.00 -4.93
N VAL K 186 64.33 14.21 -4.44
CA VAL K 186 64.47 14.42 -3.00
C VAL K 186 63.14 14.18 -2.28
N GLY K 187 62.04 14.64 -2.89
CA GLY K 187 60.74 14.43 -2.29
C GLY K 187 60.28 12.99 -2.33
N GLU K 188 60.64 12.26 -3.40
CA GLU K 188 60.42 10.81 -3.44
C GLU K 188 61.16 10.11 -2.31
N LYS K 189 62.42 10.49 -2.08
CA LYS K 189 63.20 9.88 -0.99
C LYS K 189 62.58 10.18 0.37
N GLU K 190 62.12 11.42 0.58
CA GLU K 190 61.55 11.76 1.88
C GLU K 190 60.18 11.12 2.10
N VAL K 191 59.37 11.01 1.04
CA VAL K 191 58.09 10.30 1.13
C VAL K 191 58.31 8.82 1.44
N ARG K 192 59.31 8.21 0.80
CA ARG K 192 59.63 6.81 1.06
C ARG K 192 60.12 6.60 2.49
N GLU K 193 60.89 7.55 3.03
CA GLU K 193 61.40 7.34 4.37
C GLU K 193 60.44 7.74 5.48
N THR K 194 59.44 8.59 5.21
CA THR K 194 58.47 8.90 6.27
C THR K 194 57.17 8.13 6.16
N PHE K 195 56.85 7.56 4.99
CA PHE K 195 55.72 6.64 4.83
C PHE K 195 56.32 5.44 4.13
N PRO K 196 56.80 4.45 4.88
CA PRO K 196 57.53 3.34 4.24
C PRO K 196 56.67 2.42 3.40
N GLU K 197 55.35 2.46 3.56
CA GLU K 197 54.44 1.66 2.74
C GLU K 197 53.78 2.49 1.65
N ALA K 198 54.40 3.58 1.23
CA ALA K 198 53.83 4.41 0.19
C ALA K 198 54.04 3.80 -1.18
N THR K 199 53.03 3.91 -2.02
CA THR K 199 53.14 3.54 -3.43
C THR K 199 53.60 4.76 -4.20
N ILE K 200 54.83 4.73 -4.70
CA ILE K 200 55.39 5.83 -5.48
C ILE K 200 55.27 5.46 -6.94
N ILE K 201 54.78 6.40 -7.75
CA ILE K 201 54.49 6.15 -9.16
C ILE K 201 55.31 7.12 -9.99
N LYS K 202 55.97 6.60 -11.03
CA LYS K 202 56.80 7.36 -11.95
C LYS K 202 56.13 7.44 -13.31
N PRO K 203 55.35 8.47 -13.60
CA PRO K 203 54.91 8.67 -14.98
C PRO K 203 55.98 9.33 -15.81
N ALA K 204 56.00 9.00 -17.10
CA ALA K 204 57.04 9.54 -17.98
C ALA K 204 56.69 10.95 -18.46
N ASP K 205 55.65 11.05 -19.27
CA ASP K 205 55.18 12.31 -19.84
C ASP K 205 53.71 12.08 -20.18
N ILE K 206 52.82 12.67 -19.43
CA ILE K 206 51.42 12.30 -19.52
C ILE K 206 50.72 13.15 -20.57
N PHE K 207 50.10 12.50 -21.54
CA PHE K 207 49.34 13.21 -22.56
C PHE K 207 47.84 12.95 -22.41
N GLY K 208 47.08 13.98 -22.73
CA GLY K 208 45.63 13.95 -22.59
C GLY K 208 45.07 15.24 -23.13
N ARG K 209 43.78 15.48 -22.90
CA ARG K 209 43.17 16.70 -23.43
C ARG K 209 43.68 17.95 -22.72
N GLU K 210 43.94 17.87 -21.43
CA GLU K 210 44.42 19.02 -20.67
C GLU K 210 45.89 18.86 -20.28
N ASP K 211 46.66 18.17 -21.11
CA ASP K 211 48.06 17.98 -20.78
C ASP K 211 48.86 19.25 -21.05
N ARG K 212 50.13 19.20 -20.69
CA ARG K 212 51.10 20.20 -21.08
C ARG K 212 52.27 19.54 -21.80
N PHE K 213 51.97 18.46 -22.52
CA PHE K 213 52.96 17.75 -23.32
C PHE K 213 52.64 17.83 -24.80
N LEU K 214 51.46 17.39 -25.23
CA LEU K 214 51.08 17.55 -26.63
C LEU K 214 50.55 18.94 -26.89
N ASN K 215 49.88 19.55 -25.92
CA ASN K 215 49.42 20.92 -26.06
C ASN K 215 50.59 21.89 -26.02
N TYR K 216 51.69 21.51 -25.35
CA TYR K 216 52.89 22.34 -25.39
C TYR K 216 53.54 22.30 -26.76
N PHE K 217 53.61 21.12 -27.38
CA PHE K 217 54.23 20.98 -28.68
C PHE K 217 53.35 21.57 -29.78
N ALA K 218 52.03 21.53 -29.61
CA ALA K 218 51.14 22.05 -30.62
C ALA K 218 51.05 23.57 -30.60
N ASN K 219 51.37 24.21 -29.48
CA ASN K 219 51.30 25.66 -29.37
C ASN K 219 52.69 26.30 -29.37
N ILE K 220 53.75 25.54 -29.60
CA ILE K 220 55.08 26.13 -29.63
C ILE K 220 55.43 26.61 -31.04
N ARG K 221 54.75 26.10 -32.07
CA ARG K 221 54.85 26.54 -33.47
C ARG K 221 56.27 26.53 -34.04
N SER K 230 61.49 22.51 -27.88
CA SER K 230 61.71 23.71 -28.66
C SER K 230 62.34 23.39 -30.00
N LEU K 231 63.19 22.36 -30.02
CA LEU K 231 63.88 21.92 -31.23
C LEU K 231 64.01 20.40 -31.19
N GLY K 232 64.77 19.85 -32.13
CA GLY K 232 64.96 18.42 -32.24
C GLY K 232 66.39 18.03 -31.88
N LYS K 233 66.50 17.07 -30.96
CA LYS K 233 67.79 16.59 -30.47
C LYS K 233 67.69 15.07 -30.34
N LYS K 234 68.65 14.48 -29.61
CA LYS K 234 68.73 13.04 -29.43
C LYS K 234 67.94 12.55 -28.22
N THR K 235 66.88 13.26 -27.83
CA THR K 235 66.08 12.91 -26.67
C THR K 235 65.07 11.83 -27.04
N VAL K 236 65.03 10.77 -26.25
CA VAL K 236 64.10 9.65 -26.44
C VAL K 236 63.02 9.74 -25.37
N LYS K 237 61.75 9.67 -25.78
CA LYS K 237 60.63 9.72 -24.86
C LYS K 237 59.64 8.61 -25.14
N GLN K 238 59.02 8.09 -24.09
CA GLN K 238 57.86 7.21 -24.19
C GLN K 238 56.71 7.79 -23.38
N PRO K 239 55.88 8.63 -23.97
CA PRO K 239 54.79 9.26 -23.23
C PRO K 239 53.66 8.28 -22.92
N VAL K 240 53.05 8.46 -21.76
CA VAL K 240 52.01 7.58 -21.25
C VAL K 240 50.69 8.34 -21.26
N TYR K 241 49.60 7.61 -21.52
CA TYR K 241 48.28 8.22 -21.62
C TYR K 241 47.67 8.36 -20.23
N ILE K 242 46.84 9.41 -20.08
CA ILE K 242 46.35 9.82 -18.76
C ILE K 242 45.35 8.83 -18.17
N VAL K 243 44.55 8.18 -19.01
CA VAL K 243 43.61 7.20 -18.49
C VAL K 243 44.35 5.94 -18.07
N ASP K 244 45.48 5.64 -18.73
CA ASP K 244 46.34 4.55 -18.27
C ASP K 244 46.93 4.85 -16.91
N VAL K 245 47.36 6.10 -16.70
CA VAL K 245 47.89 6.52 -15.40
C VAL K 245 46.81 6.44 -14.32
N THR K 246 45.59 6.85 -14.67
CA THR K 246 44.50 6.86 -13.70
C THR K 246 44.08 5.44 -13.33
N LYS K 247 43.99 4.56 -14.33
CA LYS K 247 43.71 3.14 -14.07
C LYS K 247 44.83 2.49 -13.27
N GLY K 248 46.08 2.91 -13.51
CA GLY K 248 47.17 2.39 -12.71
C GLY K 248 47.12 2.84 -11.27
N ILE K 249 46.74 4.10 -11.03
CA ILE K 249 46.61 4.61 -9.66
C ILE K 249 45.48 3.90 -8.94
N ILE K 250 44.35 3.70 -9.60
CA ILE K 250 43.23 3.07 -8.91
C ILE K 250 43.44 1.56 -8.74
N ASN K 251 44.15 0.91 -9.66
CA ASN K 251 44.55 -0.46 -9.41
C ASN K 251 45.61 -0.54 -8.31
N ALA K 252 46.41 0.51 -8.13
CA ALA K 252 47.35 0.55 -7.02
C ALA K 252 46.63 0.77 -5.69
N ILE K 253 45.47 1.42 -5.72
CA ILE K 253 44.64 1.51 -4.51
C ILE K 253 44.11 0.14 -4.13
N LYS K 254 43.64 -0.63 -5.11
CA LYS K 254 42.96 -1.88 -4.82
C LYS K 254 43.92 -3.04 -4.59
N ASP K 255 45.13 -2.98 -5.15
CA ASP K 255 46.10 -4.05 -4.98
C ASP K 255 46.79 -3.91 -3.62
N PRO K 256 46.71 -4.91 -2.74
CA PRO K 256 47.53 -4.85 -1.51
C PRO K 256 49.00 -5.11 -1.76
N ASP K 257 49.37 -5.64 -2.93
CA ASP K 257 50.77 -5.85 -3.27
C ASP K 257 51.47 -4.59 -3.73
N ALA K 258 50.74 -3.50 -3.95
CA ALA K 258 51.32 -2.25 -4.41
C ALA K 258 51.85 -1.39 -3.27
N ARG K 259 51.66 -1.83 -2.02
CA ARG K 259 52.19 -1.08 -0.89
C ARG K 259 53.70 -1.23 -0.81
N GLY K 260 54.39 -0.11 -0.65
CA GLY K 260 55.84 -0.10 -0.58
C GLY K 260 56.55 -0.22 -1.90
N LYS K 261 55.83 -0.29 -3.02
CA LYS K 261 56.44 -0.47 -4.32
C LYS K 261 56.73 0.88 -4.97
N THR K 262 57.51 0.83 -6.04
CA THR K 262 57.77 1.98 -6.89
C THR K 262 57.46 1.58 -8.32
N PHE K 263 56.41 2.17 -8.88
CA PHE K 263 55.97 1.86 -10.23
C PHE K 263 56.46 2.93 -11.20
N ALA K 264 56.72 2.51 -12.44
CA ALA K 264 57.13 3.41 -13.50
C ALA K 264 56.09 3.30 -14.62
N PHE K 265 55.26 4.34 -14.77
CA PHE K 265 54.18 4.32 -15.76
C PHE K 265 54.73 4.92 -17.05
N VAL K 266 54.96 4.06 -18.04
CA VAL K 266 55.50 4.50 -19.32
C VAL K 266 54.56 4.05 -20.43
N GLY K 267 54.64 4.73 -21.55
CA GLY K 267 53.91 4.33 -22.73
C GLY K 267 54.52 3.12 -23.38
N PRO K 268 53.79 2.53 -24.33
CA PRO K 268 54.28 1.32 -24.99
C PRO K 268 55.36 1.58 -26.01
N ASN K 269 55.50 2.81 -26.51
CA ASN K 269 56.38 3.10 -27.63
C ASN K 269 57.32 4.23 -27.25
N ARG K 270 58.62 3.99 -27.39
CA ARG K 270 59.62 5.03 -27.20
C ARG K 270 59.80 5.79 -28.51
N TYR K 271 59.80 7.11 -28.43
CA TYR K 271 59.96 7.96 -29.59
C TYR K 271 61.16 8.86 -29.41
N LEU K 272 61.83 9.17 -30.50
CA LEU K 272 62.75 10.31 -30.50
C LEU K 272 61.95 11.59 -30.33
N LEU K 273 62.60 12.64 -29.84
CA LEU K 273 61.88 13.89 -29.61
C LEU K 273 61.53 14.57 -30.92
N PHE K 274 62.41 14.47 -31.93
CA PHE K 274 62.22 15.22 -33.17
C PHE K 274 61.02 14.71 -33.96
N ASP K 275 60.96 13.41 -34.22
CA ASP K 275 59.83 12.89 -34.99
C ASP K 275 58.55 12.83 -34.16
N LEU K 276 58.65 12.86 -32.83
CA LEU K 276 57.46 13.05 -32.00
C LEU K 276 56.87 14.43 -32.20
N VAL K 277 57.72 15.46 -32.16
CA VAL K 277 57.24 16.83 -32.37
C VAL K 277 56.74 17.01 -33.81
N GLN K 278 57.38 16.36 -34.77
CA GLN K 278 56.89 16.42 -36.14
C GLN K 278 55.57 15.67 -36.31
N TYR K 279 55.37 14.59 -35.56
CA TYR K 279 54.08 13.90 -35.57
C TYR K 279 52.99 14.77 -34.94
N VAL K 280 53.34 15.54 -33.92
CA VAL K 280 52.37 16.45 -33.31
C VAL K 280 51.99 17.56 -34.27
N PHE K 281 52.97 18.14 -34.97
CA PHE K 281 52.65 19.14 -35.98
C PHE K 281 51.95 18.55 -37.20
N ALA K 282 52.10 17.24 -37.44
CA ALA K 282 51.38 16.61 -38.56
C ALA K 282 49.93 16.32 -38.20
N VAL K 283 49.66 15.88 -36.97
CA VAL K 283 48.29 15.58 -36.56
C VAL K 283 47.50 16.87 -36.38
N ALA K 284 48.13 17.90 -35.82
CA ALA K 284 47.46 19.17 -35.59
C ALA K 284 47.34 20.04 -36.83
N HIS K 285 47.73 19.52 -38.00
CA HIS K 285 47.63 20.19 -39.31
C HIS K 285 48.39 21.51 -39.31
N ARG K 286 49.68 21.43 -38.98
CA ARG K 286 50.54 22.58 -38.90
C ARG K 286 51.77 22.38 -39.79
N PRO K 287 52.24 23.44 -40.47
CA PRO K 287 53.43 23.33 -41.31
C PRO K 287 54.72 23.21 -40.50
N TRP K 313 53.80 30.49 -22.73
CA TRP K 313 54.35 30.26 -21.39
C TRP K 313 55.37 29.13 -21.39
N THR K 314 56.63 29.46 -21.14
CA THR K 314 57.68 28.47 -21.06
C THR K 314 58.78 28.99 -20.15
N THR K 315 59.68 28.09 -19.75
CA THR K 315 60.82 28.42 -18.91
C THR K 315 61.97 27.51 -19.29
N ARG K 316 63.17 27.85 -18.84
CA ARG K 316 64.35 27.07 -19.19
C ARG K 316 64.38 25.72 -18.48
N ASP K 317 63.69 25.60 -17.35
CA ASP K 317 63.57 24.31 -16.68
C ASP K 317 62.72 23.34 -17.49
N LYS K 318 61.65 23.87 -18.09
CA LYS K 318 60.83 23.06 -18.99
C LYS K 318 61.62 22.65 -20.23
N VAL K 319 62.52 23.51 -20.71
CA VAL K 319 63.36 23.16 -21.84
C VAL K 319 64.37 22.08 -21.45
N GLU K 320 64.91 22.15 -20.24
CA GLU K 320 65.79 21.10 -19.74
C GLU K 320 65.05 19.77 -19.57
N ARG K 321 63.76 19.82 -19.26
CA ARG K 321 63.01 18.58 -19.10
C ARG K 321 62.52 18.00 -20.42
N ILE K 322 62.23 18.84 -21.41
CA ILE K 322 61.91 18.33 -22.74
C ILE K 322 63.15 17.69 -23.37
N HIS K 323 64.32 18.26 -23.11
CA HIS K 323 65.55 17.68 -23.63
C HIS K 323 66.20 16.72 -22.63
N THR K 324 65.41 16.13 -21.74
CA THR K 324 65.84 15.05 -20.87
C THR K 324 65.19 13.76 -21.36
N THR K 325 66.01 12.75 -21.65
CA THR K 325 65.48 11.50 -22.18
C THR K 325 64.77 10.72 -21.10
N ASP K 326 63.68 10.04 -21.48
CA ASP K 326 62.94 9.21 -20.54
C ASP K 326 63.72 7.93 -20.31
N ARG K 327 64.21 7.75 -19.08
CA ARG K 327 65.07 6.64 -18.75
C ARG K 327 64.29 5.33 -18.74
N THR K 328 65.02 4.24 -18.94
CA THR K 328 64.44 2.91 -18.94
C THR K 328 64.77 2.24 -17.61
N LEU K 329 63.74 1.86 -16.86
CA LEU K 329 63.90 1.23 -15.55
C LEU K 329 63.19 -0.12 -15.59
N PRO K 330 63.86 -1.16 -16.08
CA PRO K 330 63.21 -2.47 -16.17
C PRO K 330 63.00 -3.14 -14.83
N HIS K 331 63.78 -2.76 -13.82
CA HIS K 331 63.63 -3.35 -12.50
C HIS K 331 62.39 -2.84 -11.78
N LEU K 332 61.85 -1.70 -12.20
CA LEU K 332 60.62 -1.26 -11.56
C LEU K 332 59.40 -1.83 -12.30
N PRO K 333 58.35 -2.20 -11.56
CA PRO K 333 57.11 -2.60 -12.21
C PRO K 333 56.44 -1.43 -12.91
N GLY K 334 55.53 -1.75 -13.82
CA GLY K 334 54.88 -0.77 -14.65
C GLY K 334 53.37 -0.92 -14.64
N LEU K 335 52.76 -0.46 -15.74
CA LEU K 335 51.31 -0.54 -15.86
C LEU K 335 50.82 -1.96 -16.07
N GLU K 336 51.64 -2.82 -16.67
CA GLU K 336 51.23 -4.20 -16.91
C GLU K 336 51.17 -5.01 -15.63
N ASP K 337 51.98 -4.64 -14.64
CA ASP K 337 51.96 -5.29 -13.34
C ASP K 337 50.81 -4.82 -12.46
N LEU K 338 50.07 -3.79 -12.89
CA LEU K 338 48.83 -3.39 -12.26
C LEU K 338 47.62 -3.71 -13.13
N GLY K 339 47.81 -4.46 -14.20
CA GLY K 339 46.70 -4.86 -15.05
C GLY K 339 46.21 -3.77 -15.98
N VAL K 340 47.08 -2.88 -16.43
CA VAL K 340 46.72 -1.78 -17.31
C VAL K 340 47.47 -1.94 -18.63
N GLN K 341 46.73 -1.96 -19.73
CA GLN K 341 47.32 -1.95 -21.05
C GLN K 341 47.62 -0.51 -21.45
N ALA K 342 48.88 -0.22 -21.73
CA ALA K 342 49.31 1.14 -22.04
C ALA K 342 48.87 1.51 -23.45
N THR K 343 48.04 2.54 -23.54
CA THR K 343 47.48 2.97 -24.82
C THR K 343 48.54 3.72 -25.63
N PRO K 344 48.76 3.36 -26.88
CA PRO K 344 49.73 4.10 -27.70
C PRO K 344 49.23 5.49 -28.06
N LEU K 345 50.18 6.33 -28.47
CA LEU K 345 49.87 7.72 -28.79
C LEU K 345 49.00 7.84 -30.02
N GLU K 346 49.19 6.97 -31.01
CA GLU K 346 48.51 7.08 -32.29
C GLU K 346 47.02 6.83 -32.20
N LEU K 347 46.57 6.13 -31.15
CA LEU K 347 45.14 5.99 -30.92
C LEU K 347 44.53 7.22 -30.27
N LYS K 348 45.32 8.03 -29.57
CA LYS K 348 44.80 9.11 -28.77
C LYS K 348 45.31 10.49 -29.14
N ALA K 349 46.27 10.61 -30.07
CA ALA K 349 46.78 11.92 -30.42
C ALA K 349 45.77 12.73 -31.21
N ILE K 350 44.89 12.07 -31.97
CA ILE K 350 43.83 12.78 -32.67
C ILE K 350 42.82 13.34 -31.69
N GLU K 351 42.52 12.60 -30.62
CA GLU K 351 41.57 13.03 -29.61
C GLU K 351 42.10 14.24 -28.83
N VAL K 352 43.41 14.33 -28.66
CA VAL K 352 44.01 15.50 -28.03
C VAL K 352 44.06 16.67 -29.01
N LEU K 353 44.60 16.43 -30.21
CA LEU K 353 44.99 17.49 -31.11
C LEU K 353 43.90 17.88 -32.11
N ARG K 354 42.68 17.37 -31.94
CA ARG K 354 41.57 17.83 -32.79
C ARG K 354 41.23 19.30 -32.51
N ARG K 355 41.50 19.76 -31.29
CA ARG K 355 41.25 21.15 -30.92
C ARG K 355 42.15 22.12 -31.69
N HIS K 356 43.35 21.68 -32.08
CA HIS K 356 44.33 22.56 -32.68
C HIS K 356 44.19 22.69 -34.19
N ARG K 357 43.24 21.98 -34.80
CA ARG K 357 42.99 22.10 -36.22
C ARG K 357 42.07 23.29 -36.47
N THR K 358 42.55 24.26 -37.23
CA THR K 358 41.77 25.46 -37.53
C THR K 358 40.62 25.16 -38.49
N VAL K 369 47.71 10.62 -41.60
CA VAL K 369 48.96 11.02 -40.98
C VAL K 369 49.81 9.78 -40.70
N GLN K 370 51.02 9.78 -41.25
CA GLN K 370 51.93 8.65 -41.05
C GLN K 370 52.45 8.68 -39.61
N PRO K 371 52.46 7.53 -38.91
CA PRO K 371 52.82 7.54 -37.49
C PRO K 371 54.31 7.79 -37.27
N ALA K 372 54.63 8.23 -36.06
CA ALA K 372 56.00 8.52 -35.70
C ALA K 372 56.81 7.23 -35.57
N LYS K 373 58.08 7.31 -35.94
CA LYS K 373 58.95 6.16 -35.91
C LYS K 373 59.42 5.89 -34.48
N THR K 374 59.27 4.65 -34.04
CA THR K 374 59.70 4.25 -32.72
C THR K 374 61.17 3.82 -32.75
N VAL K 375 61.75 3.67 -31.55
CA VAL K 375 63.14 3.25 -31.45
C VAL K 375 63.22 1.93 -30.69
N LEU L 14 40.24 -45.97 -6.87
CA LEU L 14 40.84 -46.75 -5.79
C LEU L 14 39.82 -47.76 -5.25
N GLY L 15 38.57 -47.33 -5.17
CA GLY L 15 37.53 -48.22 -4.68
C GLY L 15 36.18 -47.52 -4.67
N LEU L 16 35.14 -48.33 -4.51
CA LEU L 16 33.78 -47.84 -4.43
C LEU L 16 33.53 -47.22 -3.07
N ARG L 17 32.81 -46.09 -3.06
CA ARG L 17 32.51 -45.37 -1.83
C ARG L 17 31.03 -45.38 -1.48
N GLU L 18 30.14 -45.19 -2.45
CA GLU L 18 28.71 -45.35 -2.19
C GLU L 18 28.00 -45.79 -3.46
N ILE L 19 26.81 -46.35 -3.28
CA ILE L 19 25.92 -46.73 -4.36
C ILE L 19 24.62 -45.97 -4.15
N ARG L 20 24.06 -45.41 -5.22
CA ARG L 20 22.77 -44.75 -5.17
C ARG L 20 21.85 -45.38 -6.20
N ILE L 21 20.69 -45.84 -5.75
CA ILE L 21 19.70 -46.48 -6.62
C ILE L 21 18.47 -45.59 -6.62
N HIS L 22 18.20 -44.92 -7.72
CA HIS L 22 16.99 -44.12 -7.84
C HIS L 22 15.94 -44.94 -8.57
N LEU L 23 14.69 -44.82 -8.12
CA LEU L 23 13.63 -45.60 -8.73
C LEU L 23 12.31 -44.91 -8.47
N CYS L 24 11.29 -45.36 -9.19
CA CYS L 24 9.92 -44.92 -9.00
C CYS L 24 9.17 -45.86 -8.07
N GLN L 25 8.13 -45.34 -7.44
CA GLN L 25 7.27 -46.19 -6.62
C GLN L 25 6.28 -46.97 -7.47
N ARG L 26 5.87 -46.43 -8.61
CA ARG L 26 4.73 -46.94 -9.35
C ARG L 26 4.99 -47.28 -10.81
N SER L 27 6.04 -46.76 -11.43
CA SER L 27 6.25 -46.97 -12.85
C SER L 27 6.68 -48.40 -13.13
N PRO L 28 6.26 -48.97 -14.27
CA PRO L 28 6.65 -50.35 -14.58
C PRO L 28 8.12 -50.50 -14.93
N GLY L 29 8.75 -49.44 -15.47
CA GLY L 29 10.17 -49.47 -15.74
C GLY L 29 11.04 -49.61 -14.51
N SER L 30 10.53 -49.21 -13.35
CA SER L 30 11.23 -49.41 -12.08
C SER L 30 10.89 -50.73 -11.43
N GLN L 31 10.02 -51.54 -12.07
CA GLN L 31 9.42 -52.70 -11.42
C GLN L 31 10.45 -53.74 -11.02
N GLY L 32 11.33 -54.10 -11.96
CA GLY L 32 12.42 -55.01 -11.64
C GLY L 32 13.34 -54.46 -10.57
N VAL L 33 13.56 -53.13 -10.59
CA VAL L 33 14.34 -52.49 -9.54
C VAL L 33 13.63 -52.63 -8.20
N ARG L 34 12.30 -52.48 -8.20
CA ARG L 34 11.52 -52.77 -7.00
C ARG L 34 11.65 -54.24 -6.62
N ASP L 35 11.65 -55.12 -7.62
CA ASP L 35 11.86 -56.54 -7.37
C ASP L 35 13.27 -56.84 -6.90
N PHE L 36 14.21 -55.92 -7.13
CA PHE L 36 15.53 -56.12 -6.52
C PHE L 36 15.50 -55.77 -5.04
N ILE L 37 14.74 -54.75 -4.65
CA ILE L 37 14.85 -54.28 -3.28
C ILE L 37 13.96 -55.11 -2.36
N GLU L 38 12.82 -55.59 -2.88
CA GLU L 38 11.91 -56.39 -2.07
C GLU L 38 12.50 -57.77 -1.75
N LYS L 39 13.43 -58.26 -2.56
CA LYS L 39 13.97 -59.60 -2.38
C LYS L 39 15.45 -59.61 -2.06
N ARG L 40 16.26 -58.86 -2.80
CA ARG L 40 17.70 -59.06 -2.77
C ARG L 40 18.48 -57.93 -2.10
N TYR L 41 17.81 -56.97 -1.48
CA TYR L 41 18.57 -55.89 -0.85
C TYR L 41 19.10 -56.27 0.52
N VAL L 42 18.40 -57.13 1.27
CA VAL L 42 18.76 -57.39 2.66
C VAL L 42 20.08 -58.17 2.73
N GLU L 43 20.23 -59.21 1.90
CA GLU L 43 21.51 -59.92 1.90
C GLU L 43 22.60 -59.13 1.20
N LEU L 44 22.23 -58.18 0.34
CA LEU L 44 23.21 -57.24 -0.21
C LEU L 44 23.79 -56.35 0.87
N LYS L 45 22.93 -55.82 1.74
CA LYS L 45 23.39 -54.97 2.83
C LYS L 45 24.12 -55.78 3.89
N LYS L 46 23.73 -57.04 4.10
CA LYS L 46 24.48 -57.91 5.00
C LYS L 46 25.84 -58.27 4.41
N ALA L 47 25.96 -58.37 3.09
CA ALA L 47 27.24 -58.63 2.47
C ALA L 47 28.14 -57.41 2.48
N ASN L 48 27.57 -56.21 2.43
CA ASN L 48 28.31 -54.95 2.40
C ASN L 48 27.81 -54.07 3.52
N PRO L 49 28.23 -54.31 4.76
CA PRO L 49 27.62 -53.62 5.90
C PRO L 49 28.05 -52.17 6.05
N ASP L 50 29.27 -51.85 5.61
CA ASP L 50 29.81 -50.51 5.74
C ASP L 50 29.78 -49.74 4.42
N LEU L 51 28.98 -50.18 3.46
CA LEU L 51 28.82 -49.49 2.20
C LEU L 51 27.46 -48.83 2.15
N PRO L 52 27.37 -47.52 2.00
CA PRO L 52 26.06 -46.88 1.88
C PRO L 52 25.40 -47.11 0.53
N ILE L 53 24.28 -47.85 0.54
CA ILE L 53 23.50 -48.12 -0.65
C ILE L 53 22.20 -47.35 -0.55
N LEU L 54 22.19 -46.12 -1.04
CA LEU L 54 21.10 -45.19 -0.81
C LEU L 54 19.99 -45.45 -1.81
N ILE L 55 18.89 -46.03 -1.34
CA ILE L 55 17.69 -46.21 -2.16
C ILE L 55 16.88 -44.93 -2.08
N ARG L 56 16.63 -44.31 -3.23
CA ARG L 56 15.89 -43.06 -3.31
C ARG L 56 14.73 -43.26 -4.27
N GLU L 57 13.53 -43.36 -3.71
CA GLU L 57 12.32 -43.41 -4.51
C GLU L 57 11.85 -42.00 -4.83
N CYS L 58 11.27 -41.84 -6.00
CA CYS L 58 10.75 -40.56 -6.43
C CYS L 58 9.59 -40.81 -7.38
N SER L 59 8.94 -39.75 -7.83
CA SER L 59 7.61 -39.88 -8.41
C SER L 59 7.65 -40.41 -9.85
N ASP L 60 8.48 -39.83 -10.71
CA ASP L 60 8.46 -40.17 -12.12
C ASP L 60 9.85 -40.32 -12.70
N VAL L 61 10.82 -40.70 -11.89
CA VAL L 61 12.20 -40.79 -12.35
C VAL L 61 12.40 -42.10 -13.09
N GLN L 62 13.32 -42.07 -14.04
CA GLN L 62 13.79 -43.30 -14.65
C GLN L 62 14.75 -44.00 -13.69
N PRO L 63 14.76 -45.34 -13.69
CA PRO L 63 15.64 -46.07 -12.77
C PRO L 63 17.10 -45.83 -13.09
N LYS L 64 17.92 -45.75 -12.05
CA LYS L 64 19.29 -45.32 -12.26
C LYS L 64 20.15 -45.87 -11.13
N LEU L 65 21.38 -46.21 -11.48
CA LEU L 65 22.38 -46.74 -10.56
C LEU L 65 23.58 -45.82 -10.59
N TRP L 66 23.79 -45.07 -9.53
CA TRP L 66 24.94 -44.20 -9.39
C TRP L 66 25.99 -44.89 -8.55
N ALA L 67 27.23 -44.88 -9.01
CA ALA L 67 28.33 -45.49 -8.29
C ALA L 67 29.40 -44.43 -8.08
N ARG L 68 29.50 -43.91 -6.87
CA ARG L 68 30.56 -42.96 -6.56
C ARG L 68 31.80 -43.71 -6.14
N TYR L 69 32.91 -43.39 -6.76
CA TYR L 69 34.18 -44.03 -6.49
C TYR L 69 35.07 -43.05 -5.73
N ALA L 70 36.33 -43.43 -5.56
CA ALA L 70 37.29 -42.59 -4.86
C ALA L 70 37.55 -41.30 -5.63
N PHE L 71 37.79 -40.23 -4.88
CA PHE L 71 38.11 -38.89 -5.38
C PHE L 71 36.99 -38.32 -6.25
N GLY L 72 35.74 -38.62 -5.87
CA GLY L 72 34.58 -37.98 -6.45
C GLY L 72 34.14 -38.49 -7.80
N GLN L 73 34.71 -39.58 -8.28
CA GLN L 73 34.35 -40.12 -9.59
C GLN L 73 33.05 -40.90 -9.48
N GLU L 74 32.08 -40.57 -10.33
CA GLU L 74 30.78 -41.22 -10.33
C GLU L 74 30.49 -41.81 -11.69
N LYS L 75 30.20 -43.10 -11.73
CA LYS L 75 29.69 -43.78 -12.90
C LYS L 75 28.17 -43.89 -12.81
N ASN L 76 27.55 -44.07 -13.97
CA ASN L 76 26.12 -43.87 -14.12
C ASN L 76 25.56 -44.95 -15.02
N VAL L 77 24.67 -45.79 -14.49
CA VAL L 77 24.12 -46.92 -15.24
C VAL L 77 22.60 -46.81 -15.23
N SER L 78 21.99 -46.77 -16.42
CA SER L 78 20.54 -46.71 -16.51
C SER L 78 19.95 -48.08 -16.23
N LEU L 79 19.06 -48.15 -15.25
CA LEU L 79 18.39 -49.40 -14.87
C LEU L 79 16.98 -49.49 -15.42
N ASN L 80 16.67 -48.75 -16.49
CA ASN L 80 15.30 -48.67 -16.98
C ASN L 80 14.90 -49.96 -17.66
N ASN L 81 13.69 -50.44 -17.33
CA ASN L 81 13.08 -51.66 -17.89
C ASN L 81 13.94 -52.90 -17.67
N PHE L 82 14.69 -52.95 -16.58
CA PHE L 82 15.46 -54.14 -16.26
C PHE L 82 14.62 -55.10 -15.44
N SER L 83 14.98 -56.37 -15.51
CA SER L 83 14.47 -57.35 -14.56
C SER L 83 15.31 -57.29 -13.28
N ALA L 84 14.94 -58.09 -12.28
CA ALA L 84 15.71 -58.10 -11.04
C ALA L 84 17.07 -58.76 -11.24
N ASP L 85 17.18 -59.70 -12.18
CA ASP L 85 18.45 -60.34 -12.46
C ASP L 85 19.39 -59.38 -13.18
N GLN L 86 18.86 -58.51 -14.03
CA GLN L 86 19.69 -57.52 -14.72
C GLN L 86 20.18 -56.45 -13.76
N VAL L 87 19.33 -56.04 -12.82
CA VAL L 87 19.76 -55.12 -11.76
C VAL L 87 20.81 -55.76 -10.88
N THR L 88 20.65 -57.07 -10.58
CA THR L 88 21.63 -57.79 -9.79
C THR L 88 22.98 -57.88 -10.51
N ARG L 89 22.96 -58.13 -11.82
CA ARG L 89 24.21 -58.25 -12.56
C ARG L 89 24.90 -56.90 -12.73
N ALA L 90 24.12 -55.83 -12.97
CA ALA L 90 24.72 -54.51 -13.06
C ALA L 90 25.29 -54.06 -11.73
N LEU L 91 24.60 -54.38 -10.64
CA LEU L 91 25.07 -53.97 -9.32
C LEU L 91 26.28 -54.79 -8.87
N GLU L 92 26.35 -56.07 -9.25
CA GLU L 92 27.55 -56.83 -8.91
C GLU L 92 28.72 -56.49 -9.83
N ASN L 93 28.46 -56.01 -11.04
CA ASN L 93 29.54 -55.42 -11.84
C ASN L 93 30.08 -54.16 -11.20
N VAL L 94 29.19 -53.35 -10.62
CA VAL L 94 29.61 -52.17 -9.86
C VAL L 94 30.43 -52.57 -8.64
N LEU L 95 29.98 -53.58 -7.90
CA LEU L 95 30.68 -54.02 -6.70
C LEU L 95 32.03 -54.66 -7.02
N SER L 96 32.13 -55.38 -8.13
CA SER L 96 33.37 -56.06 -8.49
C SER L 96 34.34 -55.18 -9.26
N SER L 97 33.87 -54.08 -9.85
CA SER L 97 34.77 -53.21 -10.61
C SER L 97 35.71 -52.45 -9.67
N LYS L 98 35.13 -51.58 -8.83
CA LYS L 98 35.86 -50.72 -7.88
C LYS L 98 36.93 -49.89 -8.58
N ALA L 99 36.54 -49.25 -9.68
CA ALA L 99 37.44 -48.42 -10.46
C ALA L 99 37.23 -46.94 -10.17
N LEU M 4 -30.45 32.73 -54.15
CA LEU M 4 -30.04 34.01 -53.60
C LEU M 4 -28.53 34.18 -53.78
N LEU M 5 -27.87 33.07 -54.14
CA LEU M 5 -26.43 32.99 -54.39
C LEU M 5 -25.64 33.42 -53.15
N LYS M 6 -25.68 32.52 -52.16
CA LYS M 6 -24.87 32.54 -50.96
C LYS M 6 -23.42 32.93 -51.23
N LYS M 7 -22.90 33.86 -50.44
CA LYS M 7 -21.58 34.41 -50.71
C LYS M 7 -20.47 33.47 -50.25
N THR M 8 -20.61 32.91 -49.05
CA THR M 8 -19.61 32.00 -48.52
C THR M 8 -20.31 30.90 -47.73
N THR M 9 -19.64 29.75 -47.64
CA THR M 9 -20.15 28.66 -46.82
C THR M 9 -19.75 28.81 -45.37
N GLY M 10 -18.79 29.68 -45.07
CA GLY M 10 -18.26 29.84 -43.74
C GLY M 10 -17.12 28.90 -43.41
N LEU M 11 -17.02 27.78 -44.11
CA LEU M 11 -15.96 26.81 -43.89
C LEU M 11 -14.84 27.09 -44.90
N VAL M 12 -13.60 27.05 -44.41
CA VAL M 12 -12.46 27.34 -45.27
C VAL M 12 -12.22 26.16 -46.20
N GLY M 13 -12.03 26.43 -47.48
CA GLY M 13 -11.81 25.39 -48.47
C GLY M 13 -13.06 24.76 -49.03
N LEU M 14 -14.23 25.14 -48.53
CA LEU M 14 -15.50 24.61 -49.01
C LEU M 14 -16.16 25.69 -49.85
N ALA M 15 -16.05 25.56 -51.17
CA ALA M 15 -16.57 26.57 -52.08
C ALA M 15 -18.08 26.48 -52.18
N VAL M 16 -18.68 27.59 -52.59
CA VAL M 16 -20.14 27.65 -52.75
C VAL M 16 -20.53 26.92 -54.02
N CYS M 17 -21.52 26.03 -53.91
CA CYS M 17 -22.04 25.32 -55.06
C CYS M 17 -23.11 26.18 -55.74
N GLU M 18 -23.00 26.30 -57.07
CA GLU M 18 -23.91 27.15 -57.82
C GLU M 18 -25.28 26.48 -57.96
N THR M 19 -25.28 25.20 -58.34
CA THR M 19 -26.51 24.41 -58.52
C THR M 19 -26.47 23.24 -57.54
N PRO M 20 -26.97 23.43 -56.32
CA PRO M 20 -26.88 22.34 -55.33
C PRO M 20 -27.89 21.23 -55.53
N HIS M 21 -29.07 21.56 -56.07
CA HIS M 21 -30.12 20.55 -56.25
C HIS M 21 -29.74 19.52 -57.30
N GLU M 22 -29.27 19.99 -58.46
CA GLU M 22 -28.87 19.08 -59.54
C GLU M 22 -27.66 18.27 -59.15
N ARG M 23 -26.72 18.88 -58.43
CA ARG M 23 -25.54 18.17 -57.94
C ARG M 23 -25.91 17.08 -56.94
N LEU M 24 -26.86 17.35 -56.04
CA LEU M 24 -27.30 16.33 -55.11
C LEU M 24 -28.09 15.23 -55.80
N LYS M 25 -28.86 15.57 -56.82
CA LYS M 25 -29.58 14.53 -57.58
C LYS M 25 -28.61 13.61 -58.31
N ILE M 26 -27.57 14.19 -58.92
CA ILE M 26 -26.55 13.39 -59.60
C ILE M 26 -25.82 12.50 -58.61
N LEU M 27 -25.42 13.05 -57.46
CA LEU M 27 -24.69 12.27 -56.47
C LEU M 27 -25.55 11.17 -55.85
N TYR M 28 -26.83 11.44 -55.61
CA TYR M 28 -27.68 10.43 -54.99
C TYR M 28 -28.03 9.31 -55.97
N THR M 29 -28.30 9.64 -57.24
CA THR M 29 -28.52 8.58 -58.21
C THR M 29 -27.25 7.80 -58.50
N LYS M 30 -26.08 8.45 -58.38
CA LYS M 30 -24.84 7.72 -58.57
C LYS M 30 -24.54 6.81 -57.37
N ILE M 31 -24.90 7.25 -56.16
CA ILE M 31 -24.81 6.40 -54.98
C ILE M 31 -25.72 5.18 -55.13
N LEU M 32 -26.94 5.38 -55.61
CA LEU M 32 -27.85 4.25 -55.80
C LEU M 32 -27.39 3.31 -56.90
N ASP M 33 -26.77 3.86 -57.96
CA ASP M 33 -26.25 3.03 -59.04
C ASP M 33 -25.07 2.18 -58.57
N VAL M 34 -24.15 2.78 -57.79
CA VAL M 34 -23.04 2.02 -57.22
C VAL M 34 -23.55 1.01 -56.21
N LEU M 35 -24.57 1.38 -55.45
CA LEU M 35 -25.09 0.59 -54.35
C LEU M 35 -25.95 -0.57 -54.83
N GLY M 36 -26.41 -0.53 -56.09
CA GLY M 36 -27.07 -1.67 -56.68
C GLY M 36 -26.15 -2.83 -57.02
N HIS M 37 -24.83 -2.63 -56.95
CA HIS M 37 -23.85 -3.69 -57.17
C HIS M 37 -23.54 -4.48 -55.91
N ILE M 38 -24.22 -4.19 -54.81
CA ILE M 38 -24.04 -4.86 -53.53
C ILE M 38 -25.19 -5.85 -53.41
N PRO M 39 -25.01 -7.02 -52.79
CA PRO M 39 -26.14 -7.94 -52.59
C PRO M 39 -27.26 -7.34 -51.75
N LYS M 40 -28.48 -7.81 -52.02
CA LYS M 40 -29.66 -7.23 -51.40
C LYS M 40 -29.74 -7.53 -49.90
N ASN M 41 -29.20 -8.67 -49.48
CA ASN M 41 -29.22 -9.02 -48.06
C ASN M 41 -28.19 -8.27 -47.23
N ALA M 42 -27.30 -7.51 -47.86
CA ALA M 42 -26.31 -6.73 -47.13
C ALA M 42 -26.98 -5.54 -46.46
N ALA M 43 -26.67 -5.34 -45.17
CA ALA M 43 -27.31 -4.28 -44.41
C ALA M 43 -26.84 -2.91 -44.85
N TYR M 44 -25.61 -2.81 -45.37
CA TYR M 44 -25.12 -1.53 -45.87
C TYR M 44 -25.95 -1.07 -47.07
N ARG M 45 -26.32 -1.99 -47.95
CA ARG M 45 -27.13 -1.63 -49.11
C ARG M 45 -28.53 -1.19 -48.68
N LYS M 46 -29.16 -1.92 -47.76
CA LYS M 46 -30.51 -1.59 -47.31
C LYS M 46 -30.54 -0.25 -46.59
N TYR M 47 -29.63 -0.04 -45.66
CA TYR M 47 -29.58 1.20 -44.89
C TYR M 47 -29.19 2.39 -45.74
N THR M 48 -28.25 2.21 -46.67
CA THR M 48 -27.80 3.34 -47.48
C THR M 48 -28.79 3.66 -48.58
N GLU M 49 -29.46 2.67 -49.17
CA GLU M 49 -30.59 2.94 -50.06
C GLU M 49 -31.70 3.66 -49.33
N GLN M 50 -31.96 3.29 -48.07
CA GLN M 50 -33.01 3.95 -47.29
C GLN M 50 -32.70 5.42 -47.07
N ILE M 51 -31.50 5.73 -46.56
CA ILE M 51 -31.17 7.12 -46.25
C ILE M 51 -30.94 7.93 -47.54
N THR M 52 -30.47 7.29 -48.60
CA THR M 52 -30.24 8.00 -49.85
C THR M 52 -31.56 8.31 -50.55
N ASN M 53 -32.53 7.39 -50.46
CA ASN M 53 -33.85 7.67 -51.02
C ASN M 53 -34.58 8.74 -50.21
N GLU M 54 -34.38 8.75 -48.88
CA GLU M 54 -34.96 9.82 -48.07
C GLU M 54 -34.38 11.19 -48.46
N LYS M 55 -33.05 11.27 -48.57
CA LYS M 55 -32.41 12.53 -48.95
C LYS M 55 -32.76 12.94 -50.37
N LEU M 56 -32.90 11.98 -51.29
CA LEU M 56 -33.25 12.30 -52.66
C LEU M 56 -34.69 12.76 -52.79
N SER M 57 -35.60 12.19 -51.98
CA SER M 57 -36.97 12.68 -51.98
C SER M 57 -37.07 14.08 -51.39
N ILE M 58 -36.25 14.37 -50.37
CA ILE M 58 -36.22 15.71 -49.80
C ILE M 58 -35.66 16.71 -50.80
N VAL M 59 -34.65 16.31 -51.58
CA VAL M 59 -34.08 17.20 -52.60
C VAL M 59 -35.08 17.43 -53.73
N LYS M 60 -35.77 16.37 -54.17
CA LYS M 60 -36.77 16.52 -55.23
C LYS M 60 -38.03 17.24 -54.76
N ALA M 61 -38.26 17.34 -53.46
CA ALA M 61 -39.46 17.97 -52.96
C ALA M 61 -39.31 19.46 -52.67
N GLU M 62 -38.08 19.96 -52.50
CA GLU M 62 -37.88 21.32 -52.03
C GLU M 62 -37.12 22.16 -53.07
N PRO M 63 -37.75 23.19 -53.65
CA PRO M 63 -37.02 24.06 -54.59
C PRO M 63 -36.08 25.05 -53.91
N ASP M 64 -36.41 25.48 -52.69
CA ASP M 64 -35.62 26.46 -51.98
C ASP M 64 -34.33 25.82 -51.46
N VAL M 65 -33.28 26.63 -51.38
CA VAL M 65 -31.98 26.12 -50.93
C VAL M 65 -31.89 26.14 -49.41
N LYS M 66 -32.38 27.21 -48.78
CA LYS M 66 -32.29 27.34 -47.32
C LYS M 66 -33.18 26.33 -46.61
N LYS M 67 -34.42 26.18 -47.08
CA LYS M 67 -35.34 25.22 -46.48
C LYS M 67 -34.86 23.78 -46.70
N LEU M 68 -34.20 23.53 -47.83
CA LEU M 68 -33.56 22.24 -48.05
C LEU M 68 -32.45 22.00 -47.04
N GLU M 69 -31.72 23.06 -46.66
CA GLU M 69 -30.70 22.92 -45.64
C GLU M 69 -31.31 22.65 -44.28
N GLU M 70 -32.46 23.28 -43.98
CA GLU M 70 -33.05 23.03 -42.67
C GLU M 70 -33.70 21.66 -42.57
N GLN M 71 -34.19 21.09 -43.67
CA GLN M 71 -34.84 19.80 -43.54
C GLN M 71 -33.99 18.61 -43.99
N LEU M 72 -32.84 18.84 -44.65
CA LEU M 72 -31.87 17.77 -44.77
C LEU M 72 -31.09 17.59 -43.48
N GLN M 73 -30.94 18.67 -42.70
CA GLN M 73 -30.41 18.65 -41.33
C GLN M 73 -28.96 18.17 -41.32
N GLY M 74 -28.16 18.74 -42.21
CA GLY M 74 -26.77 18.37 -42.34
C GLY M 74 -25.87 19.56 -42.53
N GLY M 75 -26.29 20.72 -42.02
CA GLY M 75 -25.50 21.93 -42.11
C GLY M 75 -25.71 22.68 -43.40
N GLN M 76 -24.63 23.24 -43.95
CA GLN M 76 -24.67 23.89 -45.25
C GLN M 76 -24.99 22.87 -46.34
N ILE M 77 -25.47 23.36 -47.49
CA ILE M 77 -25.79 22.44 -48.56
C ILE M 77 -24.53 21.90 -49.22
N GLU M 78 -23.42 22.64 -49.12
CA GLU M 78 -22.16 22.21 -49.73
C GLU M 78 -21.52 21.08 -48.94
N GLU M 79 -21.68 21.07 -47.62
CA GLU M 79 -21.19 19.93 -46.87
C GLU M 79 -22.15 18.74 -46.91
N VAL M 80 -23.43 18.97 -47.27
CA VAL M 80 -24.29 17.86 -47.65
C VAL M 80 -23.81 17.23 -48.95
N ILE M 81 -23.38 18.06 -49.91
CA ILE M 81 -22.80 17.57 -51.15
C ILE M 81 -21.49 16.82 -50.88
N LEU M 82 -20.67 17.34 -49.97
CA LEU M 82 -19.43 16.70 -49.59
C LEU M 82 -19.68 15.35 -48.91
N GLN M 83 -20.72 15.27 -48.10
CA GLN M 83 -21.06 14.00 -47.46
C GLN M 83 -21.63 13.00 -48.46
N ALA M 84 -22.35 13.48 -49.48
CA ALA M 84 -22.79 12.58 -50.56
C ALA M 84 -21.60 12.04 -51.34
N GLU M 85 -20.59 12.87 -51.58
CA GLU M 85 -19.37 12.41 -52.23
C GLU M 85 -18.62 11.38 -51.37
N ASN M 86 -18.60 11.62 -50.06
CA ASN M 86 -17.96 10.68 -49.13
C ASN M 86 -18.70 9.36 -49.08
N GLU M 87 -20.04 9.40 -49.15
CA GLU M 87 -20.82 8.17 -49.16
C GLU M 87 -20.63 7.39 -50.45
N LEU M 88 -20.48 8.10 -51.56
CA LEU M 88 -20.21 7.45 -52.85
C LEU M 88 -18.84 6.75 -52.83
N SER M 89 -17.83 7.45 -52.33
CA SER M 89 -16.50 6.87 -52.19
C SER M 89 -16.51 5.68 -51.24
N LEU M 90 -17.28 5.78 -50.15
CA LEU M 90 -17.42 4.68 -49.21
C LEU M 90 -18.06 3.47 -49.85
N ALA M 91 -19.14 3.67 -50.62
CA ALA M 91 -19.83 2.55 -51.25
C ALA M 91 -18.95 1.86 -52.29
N ARG M 92 -18.17 2.64 -53.04
CA ARG M 92 -17.19 2.06 -53.95
C ARG M 92 -16.12 1.26 -53.22
N LYS M 93 -15.74 1.68 -52.01
CA LYS M 93 -14.81 0.86 -51.23
C LYS M 93 -15.47 -0.36 -50.60
N MET M 94 -16.73 -0.26 -50.21
CA MET M 94 -17.44 -1.37 -49.58
C MET M 94 -17.72 -2.49 -50.57
N ILE M 95 -17.81 -2.16 -51.87
CA ILE M 95 -17.87 -3.21 -52.88
C ILE M 95 -16.60 -4.07 -52.87
N GLN M 96 -15.44 -3.42 -52.71
CA GLN M 96 -14.18 -4.16 -52.73
C GLN M 96 -13.93 -4.90 -51.43
N TRP M 97 -14.28 -4.29 -50.29
CA TRP M 97 -14.04 -4.90 -49.00
C TRP M 97 -14.95 -6.10 -48.73
N LYS M 98 -16.15 -6.05 -49.29
CA LYS M 98 -17.23 -7.00 -49.01
C LYS M 98 -17.47 -7.29 -47.53
N PRO M 99 -17.80 -6.27 -46.72
CA PRO M 99 -17.85 -6.50 -45.27
C PRO M 99 -19.16 -7.05 -44.76
N TRP M 100 -20.11 -7.40 -45.64
CA TRP M 100 -21.32 -8.10 -45.24
C TRP M 100 -21.08 -9.59 -45.05
N GLU M 101 -19.88 -10.08 -45.32
CA GLU M 101 -19.50 -11.46 -45.15
C GLU M 101 -19.46 -11.80 -43.66
N PRO M 102 -19.42 -13.09 -43.30
CA PRO M 102 -19.28 -13.45 -41.88
C PRO M 102 -17.93 -13.03 -41.30
N LEU M 103 -17.85 -13.13 -39.98
CA LEU M 103 -16.67 -12.72 -39.23
C LEU M 103 -15.47 -13.58 -39.61
N VAL M 104 -14.36 -12.91 -39.95
CA VAL M 104 -13.19 -13.60 -40.51
C VAL M 104 -12.51 -14.48 -39.49
N GLU M 105 -12.55 -14.10 -38.20
CA GLU M 105 -11.92 -14.88 -37.16
C GLU M 105 -12.53 -14.49 -35.83
N GLU M 106 -12.89 -15.48 -35.03
CA GLU M 106 -13.26 -15.23 -33.66
C GLU M 106 -12.05 -14.76 -32.87
N PRO M 107 -12.24 -13.87 -31.89
CA PRO M 107 -11.14 -13.50 -31.02
C PRO M 107 -10.80 -14.62 -30.07
N PRO M 108 -9.63 -14.58 -29.42
CA PRO M 108 -9.37 -15.50 -28.31
C PRO M 108 -10.35 -15.31 -27.16
N ALA M 109 -10.44 -16.33 -26.31
CA ALA M 109 -11.57 -16.47 -25.40
C ALA M 109 -11.63 -15.39 -24.33
N SER M 110 -10.47 -14.81 -23.96
CA SER M 110 -10.43 -13.72 -23.00
C SER M 110 -9.87 -12.45 -23.62
N GLN M 111 -10.14 -12.22 -24.90
CA GLN M 111 -9.59 -11.06 -25.57
C GLN M 111 -10.30 -9.78 -25.17
N TRP M 112 -11.60 -9.85 -24.89
CA TRP M 112 -12.35 -8.66 -24.52
C TRP M 112 -12.90 -8.77 -23.11
N LYS M 113 -12.25 -9.55 -22.26
CA LYS M 113 -12.65 -9.68 -20.87
C LYS M 113 -11.94 -8.61 -20.05
N TRP M 114 -12.70 -7.71 -19.45
CA TRP M 114 -12.12 -6.68 -18.62
C TRP M 114 -12.97 -6.55 -17.35
N PRO M 115 -12.36 -6.59 -16.16
CA PRO M 115 -10.93 -6.75 -15.85
C PRO M 115 -10.47 -8.20 -16.00
N ILE M 116 -9.16 -8.41 -15.93
CA ILE M 116 -8.62 -9.72 -16.20
C ILE M 116 -8.69 -10.58 -14.95
N THR N 27 -0.64 -21.52 -35.77
CA THR N 27 0.73 -21.48 -36.27
C THR N 27 0.79 -20.72 -37.59
N SER N 28 -0.38 -20.32 -38.08
CA SER N 28 -0.48 -19.52 -39.28
C SER N 28 -0.57 -18.05 -38.87
N VAL N 29 0.51 -17.31 -39.04
CA VAL N 29 0.62 -15.95 -38.57
C VAL N 29 0.74 -15.02 -39.77
N LYS N 30 0.49 -13.75 -39.52
CA LYS N 30 0.57 -12.78 -40.61
C LYS N 30 1.99 -12.24 -40.69
N PRO N 31 2.61 -12.22 -41.87
CA PRO N 31 3.99 -11.75 -41.97
C PRO N 31 4.07 -10.23 -41.86
N ILE N 32 5.31 -9.75 -41.72
CA ILE N 32 5.56 -8.31 -41.71
C ILE N 32 6.08 -7.90 -43.07
N PHE N 33 7.22 -8.43 -43.45
CA PHE N 33 7.72 -8.25 -44.82
C PHE N 33 8.11 -9.57 -45.47
N SER N 34 8.65 -10.51 -44.72
CA SER N 34 9.27 -11.70 -45.28
C SER N 34 8.33 -12.89 -45.15
N ARG N 35 8.20 -13.66 -46.23
CA ARG N 35 7.37 -14.85 -46.22
C ARG N 35 8.07 -16.01 -45.51
N ASP N 36 9.39 -16.04 -45.54
CA ASP N 36 10.16 -17.10 -44.92
C ASP N 36 11.48 -16.51 -44.42
N MET N 37 12.45 -17.37 -44.12
CA MET N 37 13.73 -16.89 -43.63
C MET N 37 14.69 -16.46 -44.72
N ASN N 38 14.47 -16.84 -45.98
CA ASN N 38 15.41 -16.45 -47.03
C ASN N 38 15.25 -14.99 -47.41
N GLU N 39 14.01 -14.52 -47.56
CA GLU N 39 13.75 -13.10 -47.77
C GLU N 39 14.20 -12.28 -46.57
N ALA N 40 14.07 -12.86 -45.38
CA ALA N 40 14.51 -12.22 -44.15
C ALA N 40 16.02 -12.06 -44.12
N LYS N 41 16.76 -13.09 -44.50
CA LYS N 41 18.21 -13.00 -44.60
C LYS N 41 18.63 -12.03 -45.69
N ARG N 42 17.86 -11.93 -46.77
CA ARG N 42 18.11 -10.91 -47.79
C ARG N 42 18.01 -9.49 -47.22
N ARG N 43 16.99 -9.25 -46.40
CA ARG N 43 16.83 -7.92 -45.81
C ARG N 43 17.91 -7.64 -44.76
N VAL N 44 18.28 -8.65 -43.96
CA VAL N 44 19.40 -8.55 -43.03
C VAL N 44 20.68 -8.19 -43.77
N ARG N 45 20.88 -8.82 -44.93
CA ARG N 45 22.10 -8.66 -45.69
C ARG N 45 22.18 -7.27 -46.31
N GLU N 46 21.04 -6.74 -46.79
CA GLU N 46 21.01 -5.38 -47.31
C GLU N 46 21.21 -4.35 -46.21
N LEU N 47 20.65 -4.59 -45.02
CA LEU N 47 20.88 -3.69 -43.89
C LEU N 47 22.35 -3.68 -43.47
N TYR N 48 22.99 -4.85 -43.50
CA TYR N 48 24.42 -4.90 -43.17
C TYR N 48 25.25 -4.18 -44.21
N ARG N 49 24.89 -4.30 -45.49
CA ARG N 49 25.56 -3.54 -46.55
C ARG N 49 25.44 -2.05 -46.33
N ALA N 50 24.25 -1.59 -45.94
CA ALA N 50 24.04 -0.15 -45.74
C ALA N 50 24.80 0.38 -44.53
N TRP N 51 24.83 -0.39 -43.43
CA TRP N 51 25.65 0.00 -42.28
C TRP N 51 27.14 0.00 -42.59
N TYR N 52 27.60 -0.99 -43.36
CA TYR N 52 29.00 -1.07 -43.74
C TYR N 52 29.40 0.12 -44.59
N ARG N 53 28.52 0.54 -45.49
CA ARG N 53 28.81 1.75 -46.26
C ARG N 53 28.75 3.01 -45.40
N GLU N 54 27.92 3.02 -44.36
CA GLU N 54 27.71 4.25 -43.61
C GLU N 54 28.78 4.52 -42.55
N VAL N 55 29.39 3.49 -41.97
CA VAL N 55 30.42 3.63 -40.92
C VAL N 55 31.54 4.64 -41.18
N PRO N 56 32.18 4.73 -42.37
CA PRO N 56 33.20 5.79 -42.55
C PRO N 56 32.64 7.20 -42.51
N ASN N 57 31.47 7.42 -43.10
CA ASN N 57 30.82 8.73 -43.04
C ASN N 57 30.41 9.07 -41.62
N THR N 58 29.99 8.07 -40.85
CA THR N 58 29.62 8.28 -39.45
C THR N 58 30.84 8.66 -38.60
N VAL N 59 31.97 7.98 -38.83
CA VAL N 59 33.20 8.32 -38.13
C VAL N 59 33.68 9.71 -38.52
N HIS N 60 33.48 10.10 -39.77
CA HIS N 60 33.92 11.42 -40.22
C HIS N 60 33.05 12.54 -39.64
N LEU N 61 31.74 12.52 -39.93
CA LEU N 61 30.94 13.71 -39.63
C LEU N 61 30.59 13.84 -38.15
N PHE N 62 30.56 12.74 -37.40
CA PHE N 62 30.46 12.86 -35.95
C PHE N 62 31.81 13.10 -35.29
N GLN N 63 32.87 13.18 -36.09
CA GLN N 63 34.29 13.27 -35.69
C GLN N 63 34.61 12.36 -34.51
N LEU N 64 34.29 11.08 -34.69
CA LEU N 64 34.49 10.08 -33.68
C LEU N 64 35.98 9.78 -33.50
N ASP N 65 36.31 9.27 -32.32
CA ASP N 65 37.69 8.92 -31.99
C ASP N 65 37.98 7.45 -32.21
N ILE N 66 37.07 6.73 -32.87
CA ILE N 66 37.26 5.35 -33.21
C ILE N 66 37.72 5.26 -34.65
N SER N 67 38.19 4.08 -35.04
CA SER N 67 38.53 3.85 -36.44
C SER N 67 37.32 3.31 -37.20
N VAL N 68 37.44 3.27 -38.52
CA VAL N 68 36.42 2.69 -39.37
C VAL N 68 36.34 1.19 -39.13
N LYS N 69 37.48 0.55 -38.91
CA LYS N 69 37.54 -0.88 -38.61
C LYS N 69 36.84 -1.19 -37.29
N GLN N 70 36.98 -0.29 -36.31
CA GLN N 70 36.36 -0.52 -35.01
C GLN N 70 34.85 -0.33 -35.07
N GLY N 71 34.38 0.65 -35.85
CA GLY N 71 32.94 0.81 -36.03
C GLY N 71 32.32 -0.32 -36.83
N ARG N 72 33.03 -0.81 -37.84
CA ARG N 72 32.54 -1.96 -38.58
C ARG N 72 32.57 -3.24 -37.75
N ASP N 73 33.52 -3.36 -36.82
CA ASP N 73 33.50 -4.47 -35.89
C ASP N 73 32.33 -4.36 -34.93
N LYS N 74 31.95 -3.13 -34.54
CA LYS N 74 30.77 -2.96 -33.69
C LYS N 74 29.49 -3.30 -34.45
N VAL N 75 29.43 -2.95 -35.74
CA VAL N 75 28.28 -3.33 -36.57
C VAL N 75 28.19 -4.86 -36.70
N ARG N 76 29.33 -5.51 -36.93
CA ARG N 76 29.36 -6.96 -37.01
C ARG N 76 28.97 -7.60 -35.68
N GLU N 77 29.37 -6.98 -34.56
CA GLU N 77 28.98 -7.48 -33.24
C GLU N 77 27.48 -7.35 -33.02
N MET N 78 26.89 -6.24 -33.44
CA MET N 78 25.45 -6.05 -33.25
C MET N 78 24.63 -6.97 -34.16
N PHE N 79 25.16 -7.29 -35.34
CA PHE N 79 24.47 -8.27 -36.20
C PHE N 79 24.65 -9.70 -35.67
N LYS N 80 25.83 -10.05 -35.17
CA LYS N 80 26.04 -11.39 -34.66
C LYS N 80 25.38 -11.62 -33.31
N LYS N 81 25.02 -10.55 -32.59
CA LYS N 81 24.30 -10.70 -31.34
C LYS N 81 22.91 -11.27 -31.56
N ASN N 82 22.28 -10.96 -32.69
CA ASN N 82 20.96 -11.43 -33.02
C ASN N 82 20.98 -12.63 -33.96
N ALA N 83 22.10 -13.33 -34.06
CA ALA N 83 22.26 -14.35 -35.09
C ALA N 83 21.54 -15.65 -34.79
N HIS N 84 20.96 -15.81 -33.60
CA HIS N 84 20.31 -17.04 -33.19
C HIS N 84 18.82 -17.07 -33.54
N VAL N 85 18.28 -16.01 -34.12
CA VAL N 85 16.84 -15.89 -34.29
C VAL N 85 16.42 -16.65 -35.53
N THR N 86 15.36 -17.45 -35.41
CA THR N 86 14.84 -18.26 -36.50
C THR N 86 13.42 -17.89 -36.92
N ASP N 87 12.84 -16.85 -36.32
CA ASP N 87 11.49 -16.40 -36.63
C ASP N 87 11.56 -15.29 -37.66
N PRO N 88 10.87 -15.41 -38.81
CA PRO N 88 10.96 -14.35 -39.82
C PRO N 88 10.38 -13.01 -39.39
N ARG N 89 9.36 -13.00 -38.54
CA ARG N 89 8.78 -11.74 -38.08
C ARG N 89 9.72 -11.02 -37.12
N VAL N 90 10.45 -11.77 -36.29
CA VAL N 90 11.36 -11.15 -35.34
C VAL N 90 12.55 -10.53 -36.07
N VAL N 91 13.09 -11.22 -37.07
CA VAL N 91 14.19 -10.61 -37.81
C VAL N 91 13.70 -9.53 -38.75
N ASP N 92 12.43 -9.56 -39.17
CA ASP N 92 11.87 -8.40 -39.87
C ASP N 92 11.83 -7.18 -38.96
N LEU N 93 11.39 -7.36 -37.71
CA LEU N 93 11.41 -6.23 -36.77
C LEU N 93 12.83 -5.80 -36.42
N LEU N 94 13.78 -6.72 -36.41
CA LEU N 94 15.18 -6.35 -36.17
C LEU N 94 15.74 -5.55 -37.35
N VAL N 95 15.37 -5.90 -38.58
CA VAL N 95 15.79 -5.12 -39.74
C VAL N 95 15.11 -3.75 -39.73
N ILE N 96 13.85 -3.69 -39.33
CA ILE N 96 13.13 -2.41 -39.24
C ILE N 96 13.77 -1.49 -38.21
N LYS N 97 14.13 -2.05 -37.05
CA LYS N 97 14.77 -1.24 -36.01
C LYS N 97 16.19 -0.86 -36.41
N GLY N 98 16.90 -1.72 -37.14
CA GLY N 98 18.21 -1.35 -37.64
C GLY N 98 18.16 -0.26 -38.70
N LYS N 99 17.13 -0.29 -39.54
CA LYS N 99 16.92 0.79 -40.49
C LYS N 99 16.55 2.09 -39.80
N MET N 100 15.81 2.01 -38.70
CA MET N 100 15.50 3.22 -37.93
C MET N 100 16.76 3.80 -37.30
N GLU N 101 17.63 2.94 -36.73
CA GLU N 101 18.90 3.42 -36.19
C GLU N 101 19.80 4.00 -37.27
N LEU N 102 19.77 3.40 -38.46
CA LEU N 102 20.56 3.91 -39.56
C LEU N 102 20.03 5.24 -40.08
N GLU N 103 18.71 5.41 -40.08
CA GLU N 103 18.11 6.68 -40.48
C GLU N 103 18.43 7.77 -39.47
N GLU N 104 18.46 7.41 -38.18
CA GLU N 104 18.87 8.34 -37.15
C GLU N 104 20.36 8.65 -37.19
N THR N 105 21.15 7.79 -37.83
CA THR N 105 22.58 8.04 -37.97
C THR N 105 22.93 8.85 -39.22
N ILE N 106 22.33 8.52 -40.37
CA ILE N 106 22.63 9.21 -41.63
C ILE N 106 22.18 10.67 -41.56
N ASN N 107 20.88 10.87 -41.34
CA ASN N 107 20.42 12.17 -40.87
C ASN N 107 21.03 12.41 -39.51
N VAL N 108 21.47 13.62 -39.24
CA VAL N 108 22.18 13.88 -37.99
C VAL N 108 21.09 14.17 -36.96
N TRP N 109 20.50 13.09 -36.45
CA TRP N 109 19.50 13.11 -35.40
C TRP N 109 20.07 12.64 -34.08
N LYS N 110 20.84 11.56 -34.13
CA LYS N 110 21.76 11.25 -33.06
C LYS N 110 22.82 12.33 -32.96
N GLN N 111 23.31 12.55 -31.75
CA GLN N 111 24.54 13.30 -31.58
C GLN N 111 25.70 12.31 -31.48
N ARG N 112 26.87 12.82 -31.11
CA ARG N 112 28.04 11.97 -30.92
C ARG N 112 27.85 11.01 -29.75
N THR N 113 27.10 11.44 -28.74
CA THR N 113 26.85 10.62 -27.56
C THR N 113 26.05 9.38 -27.90
N HIS N 114 25.05 9.49 -28.79
CA HIS N 114 24.22 8.36 -29.13
C HIS N 114 24.97 7.34 -29.97
N VAL N 115 25.86 7.81 -30.83
CA VAL N 115 26.70 6.89 -31.60
C VAL N 115 27.69 6.19 -30.68
N MET N 116 28.23 6.91 -29.71
CA MET N 116 29.21 6.31 -28.82
C MET N 116 28.59 5.49 -27.69
N ARG N 117 27.27 5.47 -27.54
CA ARG N 117 26.65 4.57 -26.57
C ARG N 117 26.80 3.09 -26.92
N PHE N 118 27.07 2.76 -28.19
CA PHE N 118 27.38 1.38 -28.54
C PHE N 118 28.71 0.93 -27.98
N PHE N 119 29.60 1.87 -27.68
CA PHE N 119 30.92 1.59 -27.13
C PHE N 119 30.86 1.97 -25.66
N HIS N 120 30.65 0.98 -24.80
CA HIS N 120 30.44 1.21 -23.37
C HIS N 120 31.78 1.53 -22.71
N GLU N 121 32.24 2.75 -22.94
CA GLU N 121 33.62 3.11 -22.63
C GLU N 121 33.81 3.51 -21.18
N THR N 122 32.84 4.22 -20.61
CA THR N 122 32.95 4.60 -19.21
C THR N 122 32.52 3.49 -18.27
N GLU N 123 31.86 2.46 -18.77
CA GLU N 123 31.43 1.33 -17.95
C GLU N 123 32.63 0.44 -17.68
N ALA N 124 32.89 0.18 -16.39
CA ALA N 124 33.95 -0.73 -16.01
C ALA N 124 33.61 -2.15 -16.45
N PRO N 125 34.61 -2.96 -16.79
CA PRO N 125 34.33 -4.35 -17.23
C PRO N 125 33.76 -5.18 -16.10
N ARG N 126 32.67 -5.88 -16.41
CA ARG N 126 32.03 -6.71 -15.42
C ARG N 126 32.89 -7.93 -15.10
N PRO N 127 32.83 -8.43 -13.87
CA PRO N 127 33.44 -9.72 -13.56
C PRO N 127 32.78 -10.84 -14.35
N LYS N 128 33.59 -11.64 -15.03
CA LYS N 128 33.10 -12.68 -15.93
C LYS N 128 33.05 -14.05 -15.29
N ASP N 129 34.14 -14.48 -14.66
CA ASP N 129 34.19 -15.80 -14.06
C ASP N 129 33.42 -15.85 -12.75
N PHE N 130 33.32 -17.05 -12.18
CA PHE N 130 32.62 -17.25 -10.93
C PHE N 130 33.30 -16.52 -9.78
N LEU N 131 34.62 -16.55 -9.75
CA LEU N 131 35.37 -16.17 -8.55
C LEU N 131 35.38 -14.66 -8.33
N SER N 132 35.51 -13.88 -9.40
CA SER N 132 35.47 -12.44 -9.26
C SER N 132 34.07 -11.93 -8.97
N LYS N 133 33.04 -12.58 -9.53
CA LYS N 133 31.66 -12.27 -9.15
C LYS N 133 31.38 -12.64 -7.71
N PHE N 134 32.02 -13.70 -7.21
CA PHE N 134 31.95 -14.04 -5.80
C PHE N 134 32.60 -12.97 -4.94
N TYR N 135 33.72 -12.44 -5.40
CA TYR N 135 34.45 -11.44 -4.61
C TYR N 135 33.69 -10.12 -4.55
N VAL N 136 33.09 -9.69 -5.66
CA VAL N 136 32.54 -8.33 -5.66
C VAL N 136 31.15 -8.26 -5.05
N GLY N 137 30.36 -9.33 -5.09
CA GLY N 137 29.00 -9.22 -4.61
C GLY N 137 28.17 -10.49 -4.67
N HIS N 138 26.87 -10.32 -4.89
CA HIS N 138 25.92 -11.41 -4.82
C HIS N 138 25.35 -11.82 -6.17
N ASP N 139 25.68 -11.11 -7.24
CA ASP N 139 25.05 -11.37 -8.53
C ASP N 139 25.60 -12.65 -9.14
N PRO N 140 24.73 -13.53 -9.65
CA PRO N 140 25.16 -14.76 -10.33
C PRO N 140 25.74 -14.49 -11.71
N SER O 4 -1.42 58.21 -7.78
CA SER O 4 -0.69 59.36 -7.27
C SER O 4 -0.19 60.27 -8.39
N ALA O 5 -0.62 59.98 -9.62
CA ALA O 5 -0.20 60.78 -10.76
C ALA O 5 -0.89 62.14 -10.75
N THR O 6 -0.16 63.16 -11.17
CA THR O 6 -0.73 64.49 -11.28
C THR O 6 -1.66 64.56 -12.47
N ARG O 7 -2.56 65.55 -12.43
CA ARG O 7 -3.62 65.64 -13.43
C ARG O 7 -3.11 66.00 -14.82
N LEU O 8 -1.93 66.62 -14.91
CA LEU O 8 -1.34 66.86 -16.22
C LEU O 8 -0.86 65.55 -16.85
N ILE O 9 -0.14 64.74 -16.07
CA ILE O 9 0.31 63.43 -16.54
C ILE O 9 -0.87 62.50 -16.74
N GLN O 10 -1.88 62.60 -15.86
CA GLN O 10 -3.10 61.84 -16.00
C GLN O 10 -3.87 62.20 -17.27
N GLY O 11 -3.93 63.48 -17.60
CA GLY O 11 -4.58 63.89 -18.83
C GLY O 11 -3.81 63.50 -20.08
N LEU O 12 -2.48 63.66 -20.04
CA LEU O 12 -1.62 63.22 -21.14
C LEU O 12 -1.73 61.71 -21.36
N ARG O 13 -1.82 60.97 -20.28
CA ARG O 13 -1.89 59.52 -20.31
C ARG O 13 -3.23 59.04 -20.86
N ASN O 14 -4.32 59.68 -20.41
CA ASN O 14 -5.65 59.37 -20.94
C ASN O 14 -5.78 59.77 -22.40
N TRP O 15 -5.11 60.85 -22.82
CA TRP O 15 -5.15 61.23 -24.22
C TRP O 15 -4.35 60.26 -25.08
N ALA O 16 -3.19 59.83 -24.60
CA ALA O 16 -2.33 58.97 -25.38
C ALA O 16 -2.93 57.57 -25.52
N SER O 17 -3.54 57.05 -24.46
CA SER O 17 -4.22 55.76 -24.57
C SER O 17 -5.53 55.89 -25.32
N GLY O 18 -6.17 57.05 -25.26
CA GLY O 18 -7.52 57.21 -25.77
C GLY O 18 -8.60 56.68 -24.86
N ARG O 19 -8.26 56.27 -23.65
CA ARG O 19 -9.22 55.69 -22.73
C ARG O 19 -9.12 56.42 -21.39
N ASP O 20 -10.18 56.27 -20.59
CA ASP O 20 -10.18 56.77 -19.22
C ASP O 20 -9.49 55.73 -18.36
N LEU O 21 -8.22 55.98 -18.04
CA LEU O 21 -7.40 54.98 -17.37
C LEU O 21 -7.57 54.99 -15.85
N GLN O 22 -7.99 56.11 -15.28
CA GLN O 22 -8.14 56.18 -13.82
C GLN O 22 -9.37 55.43 -13.34
N ALA O 23 -10.38 55.28 -14.20
CA ALA O 23 -11.56 54.53 -13.81
C ALA O 23 -11.26 53.05 -13.68
N LYS O 24 -10.32 52.53 -14.46
CA LYS O 24 -9.93 51.13 -14.42
C LYS O 24 -8.41 51.06 -14.31
N LEU O 25 -7.91 51.18 -13.08
CA LEU O 25 -6.48 51.08 -12.86
C LEU O 25 -6.05 49.63 -12.74
N GLN O 26 -4.92 49.32 -13.36
CA GLN O 26 -4.36 47.97 -13.29
C GLN O 26 -3.53 47.74 -12.04
N LEU O 27 -3.23 48.79 -11.28
CA LEU O 27 -2.62 48.66 -9.96
C LEU O 27 -3.71 48.70 -8.90
N ARG O 28 -3.60 47.81 -7.93
CA ARG O 28 -4.62 47.62 -6.92
C ARG O 28 -4.35 48.48 -5.70
N TYR O 29 -5.44 48.91 -5.06
CA TYR O 29 -5.39 49.86 -3.96
C TYR O 29 -6.35 49.34 -2.89
N GLN O 30 -6.85 50.24 -2.04
CA GLN O 30 -7.70 49.90 -0.92
C GLN O 30 -9.02 49.21 -1.29
N GLU O 31 -9.38 49.11 -2.57
CA GLU O 31 -10.63 48.46 -2.95
C GLU O 31 -10.60 46.95 -2.79
N ILE O 32 -9.42 46.35 -2.64
CA ILE O 32 -9.33 44.90 -2.58
C ILE O 32 -9.66 44.41 -1.18
N SER O 33 -9.84 43.10 -1.03
CA SER O 33 -10.25 42.50 0.22
C SER O 33 -9.15 42.61 1.28
N LYS O 34 -9.57 42.57 2.53
CA LYS O 34 -8.63 42.62 3.64
C LYS O 34 -7.86 41.32 3.74
N ARG O 35 -6.59 41.42 4.14
CA ARG O 35 -5.75 40.25 4.24
C ARG O 35 -6.09 39.41 5.47
N THR O 36 -6.75 40.01 6.44
CA THR O 36 -7.29 39.30 7.59
C THR O 36 -8.82 39.29 7.46
N GLN O 37 -9.38 38.11 7.42
CA GLN O 37 -10.81 37.91 7.25
C GLN O 37 -11.44 37.37 8.52
N PRO O 38 -12.75 37.53 8.69
CA PRO O 38 -13.45 36.80 9.76
C PRO O 38 -13.42 35.31 9.51
N PRO O 39 -13.58 34.48 10.54
CA PRO O 39 -13.53 33.04 10.33
C PRO O 39 -14.76 32.56 9.57
N PRO O 40 -14.61 31.54 8.72
CA PRO O 40 -15.76 31.01 8.00
C PRO O 40 -16.56 30.06 8.86
N LYS O 41 -17.75 29.75 8.39
CA LYS O 41 -18.61 28.72 8.97
C LYS O 41 -19.14 27.95 7.77
N LEU O 42 -18.41 26.93 7.38
CA LEU O 42 -18.73 26.28 6.11
C LEU O 42 -19.90 25.33 6.30
N PRO O 43 -20.82 25.28 5.33
CA PRO O 43 -21.96 24.36 5.44
C PRO O 43 -21.53 22.93 5.21
N VAL O 44 -22.43 22.02 5.58
CA VAL O 44 -22.21 20.60 5.38
C VAL O 44 -23.09 20.14 4.22
N GLY O 45 -22.74 18.99 3.67
CA GLY O 45 -23.44 18.46 2.53
C GLY O 45 -24.73 17.78 2.90
N PRO O 46 -25.38 17.18 1.90
CA PRO O 46 -26.70 16.57 2.15
C PRO O 46 -26.64 15.26 2.91
N SER O 47 -25.50 14.60 2.97
CA SER O 47 -25.38 13.34 3.70
C SER O 47 -25.11 13.54 5.18
N HIS O 48 -25.01 14.77 5.65
CA HIS O 48 -24.87 15.04 7.08
C HIS O 48 -26.26 15.04 7.71
N ARG O 49 -26.79 13.85 7.91
CA ARG O 49 -28.10 13.65 8.52
C ARG O 49 -28.01 12.52 9.52
N LEU O 50 -28.87 12.56 10.52
CA LEU O 50 -28.88 11.55 11.57
C LEU O 50 -29.86 10.42 11.30
N SER O 51 -30.65 10.51 10.24
CA SER O 51 -31.62 9.47 9.94
C SER O 51 -31.92 9.53 8.45
N ASN O 52 -32.45 8.40 7.95
CA ASN O 52 -32.74 8.18 6.52
C ASN O 52 -31.49 8.42 5.67
N ASN O 53 -30.36 7.92 6.15
CA ASN O 53 -29.07 8.28 5.61
C ASN O 53 -28.22 7.02 5.43
N TYR O 54 -28.85 5.92 5.06
CA TYR O 54 -28.12 4.69 4.81
C TYR O 54 -27.28 4.83 3.56
N TYR O 55 -26.03 4.36 3.66
CA TYR O 55 -25.07 4.58 2.59
C TYR O 55 -25.41 3.79 1.35
N CYS O 56 -26.07 2.64 1.50
CA CYS O 56 -26.49 1.85 0.35
C CYS O 56 -27.56 2.53 -0.48
N ALA O 57 -28.26 3.52 0.08
CA ALA O 57 -29.19 4.35 -0.68
C ALA O 57 -28.51 5.52 -1.36
N ARG O 58 -27.20 5.69 -1.19
CA ARG O 58 -26.46 6.76 -1.84
C ARG O 58 -25.08 6.31 -2.28
N ASP O 59 -24.94 5.03 -2.63
CA ASP O 59 -23.65 4.44 -2.97
C ASP O 59 -23.47 4.54 -4.47
N GLY O 60 -22.70 5.54 -4.91
CA GLY O 60 -22.54 5.77 -6.33
C GLY O 60 -21.67 4.73 -7.01
N ARG O 61 -20.58 4.32 -6.35
CA ARG O 61 -19.62 3.40 -6.96
C ARG O 61 -20.21 2.00 -7.14
N ARG O 62 -21.20 1.64 -6.33
CA ARG O 62 -21.78 0.32 -6.38
C ARG O 62 -23.02 0.26 -7.25
N GLU O 63 -23.41 1.38 -7.85
CA GLU O 63 -24.40 1.38 -8.92
C GLU O 63 -23.77 1.38 -10.29
N ALA O 64 -22.44 1.48 -10.36
CA ALA O 64 -21.74 1.28 -11.62
C ALA O 64 -21.85 -0.17 -12.04
N MET O 65 -22.22 -0.39 -13.28
CA MET O 65 -22.42 -1.72 -13.81
C MET O 65 -21.37 -2.03 -14.86
N PRO O 66 -21.12 -3.32 -15.13
CA PRO O 66 -20.32 -3.66 -16.30
C PRO O 66 -21.02 -3.24 -17.57
N PRO O 67 -20.26 -2.99 -18.64
CA PRO O 67 -20.87 -2.49 -19.88
C PRO O 67 -21.80 -3.51 -20.51
N SER O 68 -22.99 -3.04 -20.89
CA SER O 68 -24.01 -3.91 -21.45
C SER O 68 -23.59 -4.35 -22.84
N ILE O 69 -23.44 -5.66 -23.01
CA ILE O 69 -22.98 -6.22 -24.28
C ILE O 69 -24.14 -6.17 -25.26
N VAL O 70 -24.02 -5.33 -26.27
CA VAL O 70 -25.09 -5.15 -27.25
C VAL O 70 -25.02 -6.23 -28.31
N MET O 71 -23.82 -6.53 -28.78
CA MET O 71 -23.57 -7.59 -29.74
C MET O 71 -22.33 -8.34 -29.30
N SER O 72 -22.35 -9.66 -29.41
CA SER O 72 -21.16 -10.45 -29.14
C SER O 72 -21.11 -11.61 -30.12
N SER O 73 -19.89 -12.07 -30.38
CA SER O 73 -19.65 -13.22 -31.24
C SER O 73 -19.50 -14.51 -30.43
N GLN O 74 -20.09 -14.55 -29.23
CA GLN O 74 -19.97 -15.64 -28.25
C GLN O 74 -18.51 -15.98 -27.94
N SER O 91 -36.17 -6.85 -40.16
CA SER O 91 -37.03 -6.55 -41.31
C SER O 91 -36.61 -5.24 -41.96
N GLU O 92 -37.59 -4.36 -42.20
CA GLU O 92 -37.34 -3.03 -42.76
C GLU O 92 -37.11 -1.99 -41.67
N LYS O 93 -36.20 -2.29 -40.74
CA LYS O 93 -35.97 -1.42 -39.61
C LYS O 93 -35.21 -0.17 -40.03
N LYS O 94 -35.41 0.90 -39.26
CA LYS O 94 -34.89 2.21 -39.61
C LYS O 94 -33.39 2.28 -39.42
N ALA O 95 -32.70 2.91 -40.37
CA ALA O 95 -31.30 3.24 -40.18
C ALA O 95 -31.15 4.31 -39.12
N VAL O 96 -30.17 4.15 -38.25
CA VAL O 96 -30.00 5.05 -37.12
C VAL O 96 -28.64 5.72 -37.18
N SER O 97 -28.54 6.83 -36.49
CA SER O 97 -27.35 7.61 -36.20
C SER O 97 -27.02 7.46 -34.72
N PRO O 98 -25.80 7.81 -34.26
CA PRO O 98 -25.50 7.66 -32.82
C PRO O 98 -26.31 8.58 -31.93
N ALA O 99 -26.79 9.68 -32.49
CA ALA O 99 -27.64 10.64 -31.80
C ALA O 99 -28.41 11.38 -32.90
N PRO O 100 -29.39 12.20 -32.53
CA PRO O 100 -29.96 13.11 -33.53
C PRO O 100 -28.92 14.07 -34.06
N PRO O 101 -29.08 14.55 -35.29
CA PRO O 101 -28.14 15.53 -35.85
C PRO O 101 -28.11 16.80 -35.01
N ILE O 102 -26.92 17.41 -34.95
CA ILE O 102 -26.72 18.55 -34.06
C ILE O 102 -27.51 19.74 -34.56
N LYS O 103 -28.11 20.47 -33.64
CA LYS O 103 -28.86 21.66 -34.00
C LYS O 103 -27.90 22.73 -34.47
N ARG O 104 -28.30 23.43 -35.54
CA ARG O 104 -27.49 24.53 -36.06
C ARG O 104 -27.40 25.65 -35.05
N TRP O 105 -26.19 26.15 -34.83
CA TRP O 105 -25.99 27.22 -33.87
C TRP O 105 -26.62 28.52 -34.36
N GLU O 106 -27.18 29.27 -33.43
CA GLU O 106 -27.77 30.56 -33.74
C GLU O 106 -26.71 31.64 -33.57
N LEU O 107 -26.76 32.63 -34.46
CA LEU O 107 -25.84 33.74 -34.39
C LEU O 107 -26.15 34.59 -33.17
N SER O 108 -25.11 35.20 -32.61
CA SER O 108 -25.22 35.91 -31.33
C SER O 108 -26.09 37.15 -31.46
N GLN O 109 -27.07 37.27 -30.56
CA GLN O 109 -27.84 38.50 -30.46
C GLN O 109 -27.03 39.59 -29.77
N ASP O 110 -26.06 39.19 -28.94
CA ASP O 110 -25.27 40.13 -28.16
C ASP O 110 -24.35 40.95 -29.06
N GLU O 111 -23.48 40.27 -29.80
CA GLU O 111 -22.54 40.97 -30.67
C GLU O 111 -22.12 40.04 -31.80
N PRO O 112 -22.89 39.97 -32.89
CA PRO O 112 -22.58 39.02 -33.96
C PRO O 112 -21.41 39.42 -34.84
N TYR O 113 -20.92 40.66 -34.71
CA TYR O 113 -20.05 41.34 -35.69
C TYR O 113 -20.67 41.32 -37.08
N LEU O 114 -21.96 41.57 -37.14
CA LEU O 114 -22.66 41.78 -38.40
C LEU O 114 -23.43 43.09 -38.37
N MET P 1 0.05 75.53 -9.39
CA MET P 1 0.77 74.54 -10.17
C MET P 1 1.03 73.29 -9.34
N GLU P 2 0.85 72.13 -9.95
CA GLU P 2 0.97 70.86 -9.26
C GLU P 2 2.35 70.23 -9.41
N LEU P 3 3.23 70.77 -10.25
CA LEU P 3 4.63 70.35 -10.26
C LEU P 3 5.35 70.80 -9.01
N LEU P 4 4.95 71.95 -8.45
CA LEU P 4 5.52 72.41 -7.20
C LEU P 4 5.17 71.49 -6.04
N GLN P 5 3.98 70.88 -6.07
CA GLN P 5 3.63 69.88 -5.05
C GLN P 5 4.48 68.63 -5.19
N VAL P 6 4.85 68.26 -6.41
CA VAL P 6 5.73 67.12 -6.66
C VAL P 6 7.12 67.41 -6.10
N LEU P 7 7.65 68.60 -6.36
CA LEU P 7 8.95 68.97 -5.83
C LEU P 7 8.94 69.10 -4.31
N LYS P 8 7.83 69.56 -3.73
CA LYS P 8 7.73 69.61 -2.29
C LYS P 8 7.61 68.23 -1.67
N ARG P 9 6.98 67.27 -2.37
CA ARG P 9 6.96 65.91 -1.88
C ARG P 9 8.34 65.27 -1.93
N GLY P 10 9.13 65.58 -2.96
CA GLY P 10 10.51 65.12 -2.99
C GLY P 10 11.36 65.71 -1.88
N LEU P 11 11.24 67.02 -1.65
CA LEU P 11 11.98 67.66 -0.57
C LEU P 11 11.53 67.18 0.80
N GLN P 12 10.26 66.86 0.98
CA GLN P 12 9.85 66.35 2.28
C GLN P 12 10.16 64.86 2.43
N GLN P 13 10.41 64.13 1.34
CA GLN P 13 11.05 62.82 1.48
C GLN P 13 12.48 62.97 2.00
N VAL P 14 13.21 63.96 1.47
CA VAL P 14 14.56 64.24 1.97
C VAL P 14 14.52 64.63 3.44
N SER P 15 13.52 65.43 3.83
CA SER P 15 13.38 65.81 5.23
C SER P 15 12.90 64.65 6.10
N GLY P 16 12.09 63.75 5.55
CA GLY P 16 11.52 62.66 6.32
C GLY P 16 12.44 61.49 6.51
N HIS P 17 13.50 61.37 5.70
CA HIS P 17 14.55 60.42 6.02
C HIS P 17 15.65 61.02 6.89
N GLY P 18 15.37 62.11 7.59
CA GLY P 18 16.32 62.67 8.53
C GLY P 18 17.47 63.42 7.89
N GLY P 19 17.22 64.12 6.81
CA GLY P 19 18.25 64.88 6.13
C GLY P 19 18.85 64.12 4.97
N LEU P 20 19.86 64.76 4.38
CA LEU P 20 20.49 64.23 3.18
C LEU P 20 21.28 62.95 3.45
N ARG P 21 21.81 62.81 4.67
CA ARG P 21 22.60 61.62 5.01
C ARG P 21 21.72 60.37 5.07
N GLY P 22 20.61 60.44 5.80
CA GLY P 22 19.69 59.33 5.83
C GLY P 22 18.96 59.12 4.52
N TYR P 23 18.76 60.20 3.75
CA TYR P 23 18.19 60.11 2.41
C TYR P 23 19.09 59.30 1.49
N LEU P 24 20.39 59.62 1.47
CA LEU P 24 21.32 58.86 0.63
C LEU P 24 21.55 57.46 1.17
N ARG P 25 21.44 57.28 2.49
CA ARG P 25 21.53 55.95 3.09
C ARG P 25 20.43 55.04 2.56
N VAL P 26 19.18 55.50 2.62
CA VAL P 26 18.08 54.69 2.14
C VAL P 26 18.07 54.63 0.60
N LEU P 27 18.62 55.64 -0.08
CA LEU P 27 18.72 55.58 -1.53
C LEU P 27 19.70 54.51 -2.00
N PHE P 28 20.84 54.39 -1.35
CA PHE P 28 21.82 53.41 -1.78
C PHE P 28 21.60 52.02 -1.20
N ARG P 29 20.94 51.90 -0.04
CA ARG P 29 20.63 50.57 0.47
C ARG P 29 19.33 50.02 -0.09
N ALA P 30 18.35 50.89 -0.38
CA ALA P 30 17.01 50.46 -0.72
C ALA P 30 16.67 50.60 -2.19
N ASN P 31 17.37 51.48 -2.92
CA ASN P 31 16.98 51.99 -4.24
C ASN P 31 15.55 52.54 -4.20
N ASP P 32 15.23 53.23 -3.10
CA ASP P 32 13.90 53.70 -2.79
C ASP P 32 13.94 54.70 -1.66
N VAL P 33 13.30 55.85 -1.84
CA VAL P 33 13.43 56.97 -0.92
C VAL P 33 12.09 57.43 -0.37
N ARG P 34 11.02 56.67 -0.59
CA ARG P 34 9.73 57.15 -0.13
C ARG P 34 9.58 56.88 1.36
N VAL P 35 8.88 57.77 2.03
CA VAL P 35 8.74 57.69 3.48
C VAL P 35 7.46 56.96 3.81
N GLY P 36 7.45 56.31 4.97
CA GLY P 36 6.29 55.58 5.41
C GLY P 36 6.14 55.65 6.92
N THR P 37 4.97 55.24 7.38
CA THR P 37 4.72 55.16 8.82
C THR P 37 5.45 53.97 9.39
N LEU P 38 6.30 54.20 10.39
CA LEU P 38 7.04 53.12 11.03
C LEU P 38 6.07 52.23 11.80
N VAL P 39 5.81 51.05 11.25
CA VAL P 39 4.93 50.10 11.92
C VAL P 39 5.65 49.44 13.08
N GLY P 40 6.91 49.06 12.87
CA GLY P 40 7.58 48.44 14.00
C GLY P 40 9.04 48.19 13.74
N GLU P 41 9.68 47.62 14.75
CA GLU P 41 11.08 47.20 14.67
C GLU P 41 11.24 45.94 15.48
N ASP P 42 11.88 44.93 14.88
CA ASP P 42 12.09 43.67 15.55
C ASP P 42 13.32 43.74 16.46
N LYS P 43 13.75 42.61 17.00
CA LYS P 43 14.90 42.57 17.89
C LYS P 43 16.23 42.57 17.14
N TYR P 44 16.21 42.73 15.82
CA TYR P 44 17.43 42.74 15.02
C TYR P 44 17.76 44.12 14.47
N GLY P 45 16.77 45.01 14.37
CA GLY P 45 16.95 46.29 13.73
C GLY P 45 16.24 46.43 12.41
N ASN P 46 15.57 45.39 11.94
CA ASN P 46 14.74 45.51 10.75
C ASN P 46 13.54 46.38 11.06
N LYS P 47 13.36 47.44 10.30
CA LYS P 47 12.26 48.37 10.51
C LYS P 47 11.19 48.15 9.46
N TYR P 48 9.95 48.20 9.88
CA TYR P 48 8.81 47.81 9.06
C TYR P 48 7.89 49.01 8.92
N TYR P 49 7.53 49.32 7.68
CA TYR P 49 6.87 50.55 7.27
C TYR P 49 5.63 50.26 6.45
N GLU P 50 4.60 51.08 6.65
CA GLU P 50 3.40 51.11 5.82
C GLU P 50 3.28 52.41 5.05
N ASP P 51 2.59 52.31 3.92
CA ASP P 51 2.02 53.47 3.23
C ASP P 51 0.83 52.94 2.43
N ASN P 52 -0.37 53.11 2.95
CA ASN P 52 -1.55 52.55 2.31
C ASN P 52 -1.98 53.33 1.08
N LYS P 53 -1.38 54.49 0.81
CA LYS P 53 -1.59 55.16 -0.46
C LYS P 53 -0.83 54.52 -1.60
N GLN P 54 0.21 53.73 -1.29
CA GLN P 54 0.92 53.00 -2.33
C GLN P 54 0.07 51.83 -2.82
N PHE P 55 0.39 51.33 -4.00
CA PHE P 55 -0.42 50.24 -4.48
C PHE P 55 -0.02 48.94 -3.80
N PHE P 56 -0.88 47.94 -3.94
CA PHE P 56 -0.78 46.68 -3.21
C PHE P 56 0.46 45.91 -3.67
N GLY P 57 1.41 45.75 -2.75
CA GLY P 57 2.72 45.24 -3.09
C GLY P 57 3.81 46.20 -2.68
N ARG P 58 3.54 47.51 -2.81
CA ARG P 58 4.44 48.55 -2.35
C ARG P 58 4.09 49.06 -0.96
N HIS P 59 2.90 48.74 -0.47
CA HIS P 59 2.34 49.40 0.69
C HIS P 59 2.95 48.94 2.01
N ARG P 60 3.77 47.90 2.00
CA ARG P 60 4.47 47.43 3.19
C ARG P 60 5.91 47.14 2.79
N TRP P 61 6.86 47.59 3.59
CA TRP P 61 8.24 47.24 3.29
C TRP P 61 9.08 47.18 4.56
N VAL P 62 10.25 46.57 4.41
CA VAL P 62 11.23 46.48 5.47
C VAL P 62 12.50 47.18 5.03
N ILE P 63 13.06 48.00 5.90
CA ILE P 63 14.44 48.44 5.79
C ILE P 63 15.22 47.52 6.70
N TYR P 64 16.06 46.68 6.11
CA TYR P 64 16.78 45.68 6.88
C TYR P 64 17.84 46.33 7.76
N THR P 65 18.19 45.61 8.82
CA THR P 65 19.24 46.06 9.72
C THR P 65 20.60 45.98 9.03
N THR P 66 21.55 46.74 9.57
CA THR P 66 22.89 46.75 9.06
C THR P 66 23.77 45.69 9.69
N GLU P 67 23.26 44.96 10.68
CA GLU P 67 24.02 43.93 11.36
C GLU P 67 23.04 42.94 11.97
N MET P 68 23.11 41.68 11.55
CA MET P 68 22.24 40.64 12.07
C MET P 68 23.06 39.38 12.29
N ASN P 69 23.06 38.87 13.53
CA ASN P 69 23.74 37.64 13.94
C ASN P 69 25.22 37.67 13.60
N GLY P 70 25.86 38.81 13.82
CA GLY P 70 27.28 38.95 13.56
C GLY P 70 27.66 39.29 12.14
N LYS P 71 26.72 39.24 11.20
CA LYS P 71 27.02 39.51 9.79
C LYS P 71 26.69 40.96 9.47
N ASN P 72 27.63 41.64 8.85
CA ASN P 72 27.40 42.99 8.33
C ASN P 72 26.41 42.91 7.17
N THR P 73 25.21 43.42 7.38
CA THR P 73 24.17 43.43 6.35
C THR P 73 23.85 44.85 5.91
N PHE P 74 24.87 45.71 5.86
CA PHE P 74 24.67 47.07 5.36
C PHE P 74 24.38 47.04 3.86
N TRP P 75 25.13 46.24 3.10
CA TRP P 75 24.85 46.04 1.70
C TRP P 75 24.28 44.68 1.39
N ASP P 76 24.61 43.66 2.20
CA ASP P 76 24.17 42.29 1.96
C ASP P 76 22.87 42.02 2.70
N VAL P 77 21.81 42.67 2.23
CA VAL P 77 20.49 42.40 2.77
C VAL P 77 19.95 41.10 2.18
N ASP P 78 19.07 40.45 2.93
CA ASP P 78 18.65 39.12 2.57
C ASP P 78 17.16 39.00 2.88
N GLY P 79 16.41 38.37 1.99
CA GLY P 79 14.99 38.18 2.24
C GLY P 79 14.70 37.24 3.39
N SER P 80 15.63 36.34 3.71
CA SER P 80 15.49 35.42 4.82
C SER P 80 15.85 36.05 6.16
N MET P 81 16.22 37.34 6.19
CA MET P 81 16.46 38.05 7.43
C MET P 81 15.19 38.41 8.18
N VAL P 82 14.03 38.31 7.55
CA VAL P 82 12.78 38.66 8.20
C VAL P 82 12.39 37.56 9.17
N PRO P 83 12.18 37.87 10.44
CA PRO P 83 11.72 36.87 11.40
C PRO P 83 10.30 36.44 11.09
N PRO P 84 9.87 35.26 11.56
CA PRO P 84 8.57 34.73 11.14
C PRO P 84 7.36 35.52 11.61
N GLU P 85 7.45 36.23 12.74
CA GLU P 85 6.32 37.02 13.21
C GLU P 85 6.05 38.21 12.31
N TRP P 86 7.08 38.74 11.66
CA TRP P 86 6.91 39.82 10.68
C TRP P 86 6.73 39.30 9.27
N HIS P 87 7.02 38.03 9.04
CA HIS P 87 6.92 37.43 7.72
C HIS P 87 5.47 37.27 7.29
N ARG P 88 4.53 37.09 8.23
CA ARG P 88 3.11 37.13 7.88
C ARG P 88 2.69 38.51 7.41
N TRP P 89 3.13 39.53 8.14
CA TRP P 89 2.70 40.89 7.85
C TRP P 89 3.30 41.38 6.54
N LEU P 90 4.57 41.11 6.31
CA LEU P 90 5.27 41.66 5.16
C LEU P 90 4.84 40.99 3.86
N HIS P 91 4.53 39.70 3.90
CA HIS P 91 4.02 38.97 2.76
C HIS P 91 2.51 39.04 2.66
N CYS P 92 1.87 39.85 3.51
CA CYS P 92 0.44 40.13 3.50
C CYS P 92 -0.40 38.86 3.71
N MET P 93 0.10 37.97 4.55
CA MET P 93 -0.70 36.85 5.02
C MET P 93 -1.69 37.27 6.10
N THR P 94 -1.53 38.48 6.64
CA THR P 94 -2.42 39.04 7.63
C THR P 94 -2.38 40.55 7.51
N ASP P 95 -3.36 41.20 8.13
CA ASP P 95 -3.36 42.65 8.25
C ASP P 95 -2.65 43.14 9.50
N ASP P 96 -2.38 42.25 10.45
CA ASP P 96 -1.97 42.67 11.78
C ASP P 96 -0.48 42.45 11.96
N PRO P 97 0.28 43.49 12.29
CA PRO P 97 1.70 43.29 12.63
C PRO P 97 1.82 42.61 13.98
N PRO P 98 2.97 41.98 14.28
CA PRO P 98 3.13 41.36 15.60
C PRO P 98 3.27 42.34 16.75
N THR P 99 3.38 43.64 16.48
CA THR P 99 3.25 44.62 17.54
C THR P 99 1.82 44.73 18.03
N VAL P 100 0.85 44.49 17.15
CA VAL P 100 -0.57 44.57 17.49
C VAL P 100 -1.08 43.23 17.95
N LYS P 101 -0.93 42.21 17.11
CA LYS P 101 -1.30 40.83 17.43
C LYS P 101 -0.02 40.00 17.55
N PRO P 102 0.51 39.82 18.75
CA PRO P 102 1.77 39.08 18.89
C PRO P 102 1.55 37.60 18.64
N PRO P 103 2.58 36.88 18.22
CA PRO P 103 2.45 35.43 18.07
C PRO P 103 2.37 34.74 19.42
N THR P 104 1.83 33.52 19.41
CA THR P 104 1.67 32.76 20.62
C THR P 104 3.03 32.25 21.10
N ALA P 105 3.35 32.52 22.37
CA ALA P 105 4.64 32.15 22.91
C ALA P 105 4.72 30.65 23.17
N ARG P 106 5.84 30.06 22.79
CA ARG P 106 6.13 28.65 23.05
C ARG P 106 7.56 28.55 23.54
N LYS P 107 7.82 27.54 24.38
CA LYS P 107 9.16 27.35 24.91
C LYS P 107 10.13 26.82 23.85
N PHE P 108 9.63 26.25 22.76
CA PHE P 108 10.47 25.64 21.74
C PHE P 108 10.69 26.52 20.52
N ILE P 109 9.93 27.61 20.38
CA ILE P 109 10.17 28.55 19.28
C ILE P 109 11.50 29.24 19.50
N TRP P 110 12.28 29.37 18.42
CA TRP P 110 13.58 30.02 18.47
C TRP P 110 13.46 31.46 18.93
N THR P 111 14.25 31.81 19.93
CA THR P 111 14.33 33.22 20.33
C THR P 111 15.16 34.03 19.36
N ASN P 112 16.11 33.38 18.68
CA ASN P 112 17.00 34.05 17.74
C ASN P 112 16.75 33.45 16.36
N HIS P 113 16.09 34.22 15.50
CA HIS P 113 15.90 33.82 14.11
C HIS P 113 17.22 33.84 13.36
N LYS P 114 17.42 32.83 12.52
CA LYS P 114 18.59 32.74 11.67
C LYS P 114 18.17 32.88 10.21
N PHE P 115 19.00 33.54 9.42
CA PHE P 115 18.75 33.66 7.99
C PHE P 115 19.22 32.40 7.26
N ASN P 116 19.24 32.45 5.94
CA ASN P 116 19.69 31.32 5.14
C ASN P 116 21.20 31.16 5.31
N LEU P 117 21.60 30.01 5.86
CA LEU P 117 22.97 29.77 6.25
C LEU P 117 23.74 28.97 5.21
N SER P 118 23.20 28.84 4.00
CA SER P 118 23.86 28.10 2.95
C SER P 118 25.13 28.82 2.47
N GLY P 119 26.20 28.05 2.28
CA GLY P 119 27.47 28.62 1.91
C GLY P 119 28.36 28.99 3.06
N THR P 120 27.92 28.77 4.29
CA THR P 120 28.62 29.13 5.50
C THR P 120 29.05 27.85 6.23
N PRO P 121 29.91 27.94 7.25
CA PRO P 121 30.15 26.77 8.10
C PRO P 121 28.97 26.37 8.98
N GLN P 122 27.89 27.15 9.03
CA GLN P 122 26.72 26.82 9.83
C GLN P 122 25.62 26.17 9.00
N GLN P 123 25.95 25.66 7.82
CA GLN P 123 24.93 25.18 6.90
C GLN P 123 24.52 23.75 7.24
N TYR P 124 23.35 23.37 6.73
CA TYR P 124 22.83 22.04 6.97
C TYR P 124 23.60 21.01 6.16
N VAL P 125 24.00 19.94 6.84
CA VAL P 125 24.62 18.78 6.21
C VAL P 125 23.71 17.59 6.51
N PRO P 126 23.21 16.89 5.51
CA PRO P 126 22.30 15.77 5.77
C PRO P 126 23.05 14.55 6.27
N TYR P 127 22.33 13.71 6.99
CA TYR P 127 22.87 12.46 7.53
C TYR P 127 21.70 11.58 7.93
N SER P 128 21.96 10.27 7.90
CA SER P 128 20.96 9.30 8.35
C SER P 128 20.80 9.42 9.85
N THR P 129 19.55 9.58 10.30
CA THR P 129 19.25 9.76 11.71
C THR P 129 19.01 8.44 12.43
N THR P 130 19.08 7.31 11.74
CA THR P 130 18.86 6.02 12.38
C THR P 130 20.18 5.42 12.84
N ARG P 131 20.06 4.41 13.70
CA ARG P 131 21.22 3.74 14.25
C ARG P 131 21.60 2.55 13.36
N LYS P 132 22.60 1.81 13.79
CA LYS P 132 23.10 0.68 13.01
C LYS P 132 22.13 -0.49 13.09
N LYS P 133 21.81 -1.06 11.94
CA LYS P 133 20.78 -2.09 11.86
C LYS P 133 21.34 -3.46 12.27
N ILE P 134 22.43 -3.88 11.66
CA ILE P 134 22.99 -5.22 11.86
C ILE P 134 24.14 -5.09 12.84
N GLN P 135 24.08 -5.84 13.94
CA GLN P 135 25.18 -5.89 14.89
C GLN P 135 26.13 -7.00 14.49
N GLU P 136 27.41 -6.67 14.35
CA GLU P 136 28.41 -7.65 13.98
C GLU P 136 28.88 -8.42 15.19
N TRP P 137 29.33 -9.65 14.95
CA TRP P 137 29.93 -10.44 16.01
C TRP P 137 31.34 -9.94 16.28
N VAL P 138 31.63 -9.68 17.55
CA VAL P 138 32.97 -9.28 17.99
C VAL P 138 33.70 -10.53 18.45
N PRO P 139 34.83 -10.88 17.86
CA PRO P 139 35.56 -12.07 18.28
C PRO P 139 36.19 -11.88 19.65
N PRO P 140 36.45 -12.96 20.39
CA PRO P 140 37.01 -12.81 21.74
C PRO P 140 38.45 -12.34 21.71
N SER P 141 38.79 -11.52 22.70
CA SER P 141 40.13 -10.95 22.80
C SER P 141 41.14 -11.90 23.43
N THR P 142 40.71 -13.05 23.85
CA THR P 142 41.60 -14.07 24.39
C THR P 142 42.01 -15.06 23.31
N PRO P 143 43.19 -15.65 23.40
CA PRO P 143 43.58 -16.69 22.43
C PRO P 143 42.77 -17.96 22.62
N TYR P 144 42.84 -18.81 21.60
CA TYR P 144 41.99 -19.99 21.49
C TYR P 144 42.70 -21.28 21.85
N LYS P 145 43.90 -21.20 22.41
CA LYS P 145 44.64 -22.39 22.78
C LYS P 145 44.41 -22.76 24.23
N PRO Q 74 38.75 -4.63 -66.88
CA PRO Q 74 37.54 -4.93 -67.66
C PRO Q 74 37.88 -5.37 -69.07
N LEU Q 75 39.13 -5.20 -69.47
CA LEU Q 75 39.55 -5.51 -70.83
C LEU Q 75 39.71 -7.02 -71.01
N THR Q 76 40.62 -7.62 -70.27
CA THR Q 76 40.92 -9.05 -70.39
C THR Q 76 40.53 -9.78 -69.12
N LEU Q 77 40.29 -11.09 -69.26
CA LEU Q 77 39.84 -11.90 -68.14
C LEU Q 77 40.96 -12.14 -67.14
N GLU Q 78 42.21 -12.16 -67.61
CA GLU Q 78 43.35 -12.38 -66.72
C GLU Q 78 43.56 -11.20 -65.78
N GLY Q 79 43.38 -9.97 -66.29
CA GLY Q 79 43.49 -8.80 -65.44
C GLY Q 79 42.37 -8.72 -64.43
N ILE Q 80 41.17 -9.14 -64.81
CA ILE Q 80 40.05 -9.18 -63.87
C ILE Q 80 40.29 -10.23 -62.79
N LYS Q 81 40.85 -11.39 -63.16
CA LYS Q 81 41.16 -12.42 -62.18
C LYS Q 81 42.26 -11.98 -61.22
N ASP Q 82 43.31 -11.34 -61.75
CA ASP Q 82 44.37 -10.82 -60.90
C ASP Q 82 43.88 -9.72 -59.98
N ARG Q 83 42.95 -8.89 -60.45
CA ARG Q 83 42.43 -7.82 -59.62
C ARG Q 83 41.46 -8.34 -58.55
N VAL Q 84 40.69 -9.39 -58.87
CA VAL Q 84 39.89 -10.09 -57.86
C VAL Q 84 40.79 -10.68 -56.77
N LEU Q 85 41.89 -11.33 -57.18
CA LEU Q 85 42.80 -11.90 -56.19
C LEU Q 85 43.53 -10.83 -55.40
N TYR Q 86 43.76 -9.65 -56.00
CA TYR Q 86 44.36 -8.54 -55.27
C TYR Q 86 43.41 -7.99 -54.21
N VAL Q 87 42.13 -7.87 -54.56
CA VAL Q 87 41.11 -7.45 -53.59
C VAL Q 87 41.00 -8.47 -52.46
N LEU Q 88 41.08 -9.76 -52.78
CA LEU Q 88 40.95 -10.77 -51.74
C LEU Q 88 42.20 -10.88 -50.88
N LYS Q 89 43.38 -10.57 -51.40
CA LYS Q 89 44.56 -10.57 -50.55
C LYS Q 89 44.71 -9.28 -49.77
N LEU Q 90 44.05 -8.20 -50.19
CA LEU Q 90 43.92 -7.05 -49.29
C LEU Q 90 43.00 -7.35 -48.12
N TYR Q 91 42.06 -8.27 -48.31
CA TYR Q 91 41.15 -8.67 -47.24
C TYR Q 91 41.90 -9.51 -46.22
N ASP Q 92 41.95 -9.05 -44.98
CA ASP Q 92 42.91 -9.57 -44.01
C ASP Q 92 42.51 -10.90 -43.37
N LYS Q 93 41.23 -11.27 -43.44
CA LYS Q 93 40.81 -12.49 -42.77
C LYS Q 93 41.12 -13.73 -43.60
N ILE Q 94 41.17 -13.60 -44.93
CA ILE Q 94 41.53 -14.71 -45.80
C ILE Q 94 43.03 -14.93 -45.73
N ASP Q 95 43.43 -16.17 -45.47
CA ASP Q 95 44.83 -16.57 -45.52
C ASP Q 95 45.32 -16.52 -46.97
N PRO Q 96 46.36 -15.75 -47.28
CA PRO Q 96 46.84 -15.72 -48.68
C PRO Q 96 47.51 -17.00 -49.13
N GLU Q 97 47.92 -17.87 -48.21
CA GLU Q 97 48.52 -19.14 -48.60
C GLU Q 97 47.47 -20.10 -49.14
N LYS Q 98 46.25 -20.07 -48.59
CA LYS Q 98 45.18 -20.94 -49.02
C LYS Q 98 44.32 -20.30 -50.11
N LEU Q 99 44.47 -18.99 -50.32
CA LEU Q 99 43.67 -18.27 -51.30
C LEU Q 99 44.03 -18.70 -52.72
N SER Q 100 43.10 -19.40 -53.37
CA SER Q 100 43.26 -19.78 -54.76
C SER Q 100 42.07 -19.26 -55.57
N VAL Q 101 41.97 -19.67 -56.82
CA VAL Q 101 40.89 -19.17 -57.66
C VAL Q 101 39.61 -19.96 -57.41
N ASN Q 102 39.73 -21.25 -57.07
CA ASN Q 102 38.57 -22.11 -56.84
C ASN Q 102 38.32 -22.38 -55.37
N SER Q 103 38.89 -21.57 -54.47
CA SER Q 103 38.73 -21.78 -53.05
C SER Q 103 37.39 -21.26 -52.58
N HIS Q 104 36.63 -22.10 -51.88
CA HIS Q 104 35.31 -21.72 -51.40
C HIS Q 104 35.43 -20.84 -50.17
N PHE Q 105 34.53 -19.88 -50.02
CA PHE Q 105 34.67 -18.97 -48.88
C PHE Q 105 34.15 -19.60 -47.59
N MET Q 106 33.01 -20.29 -47.64
CA MET Q 106 32.38 -20.75 -46.41
C MET Q 106 33.07 -21.98 -45.85
N LYS Q 107 33.20 -23.04 -46.66
CA LYS Q 107 33.67 -24.32 -46.14
C LYS Q 107 35.18 -24.51 -46.25
N ASP Q 108 35.85 -23.82 -47.17
CA ASP Q 108 37.30 -23.92 -47.28
C ASP Q 108 38.02 -22.82 -46.51
N LEU Q 109 37.76 -21.56 -46.86
CA LEU Q 109 38.42 -20.44 -46.19
C LEU Q 109 37.87 -20.19 -44.79
N GLY Q 110 36.70 -20.72 -44.47
CA GLY Q 110 36.13 -20.59 -43.14
C GLY Q 110 35.68 -19.19 -42.82
N LEU Q 111 34.67 -18.71 -43.54
CA LEU Q 111 34.20 -17.34 -43.40
C LEU Q 111 32.75 -17.31 -42.98
N ASP Q 112 32.36 -16.24 -42.29
CA ASP Q 112 30.97 -15.94 -42.03
C ASP Q 112 30.31 -15.46 -43.33
N SER Q 113 28.98 -15.41 -43.33
CA SER Q 113 28.28 -14.88 -44.49
C SER Q 113 28.55 -13.40 -44.67
N LEU Q 114 28.63 -12.66 -43.55
CA LEU Q 114 28.90 -11.23 -43.61
C LEU Q 114 30.31 -10.94 -44.10
N ASP Q 115 31.24 -11.87 -43.88
CA ASP Q 115 32.55 -11.79 -44.51
C ASP Q 115 32.45 -11.84 -46.02
N GLN Q 116 31.61 -12.73 -46.55
CA GLN Q 116 31.39 -12.80 -47.99
C GLN Q 116 30.68 -11.55 -48.50
N VAL Q 117 29.82 -10.96 -47.67
CA VAL Q 117 29.11 -9.74 -48.03
C VAL Q 117 30.07 -8.56 -48.15
N GLU Q 118 31.01 -8.43 -47.20
CA GLU Q 118 31.99 -7.36 -47.33
C GLU Q 118 33.05 -7.65 -48.39
N ILE Q 119 33.26 -8.92 -48.74
CA ILE Q 119 34.04 -9.26 -49.93
C ILE Q 119 33.35 -8.72 -51.19
N ILE Q 120 32.05 -8.95 -51.32
CA ILE Q 120 31.30 -8.46 -52.48
C ILE Q 120 31.26 -6.94 -52.51
N MET Q 121 31.20 -6.29 -51.34
CA MET Q 121 31.26 -4.83 -51.33
C MET Q 121 32.65 -4.30 -51.68
N ALA Q 122 33.70 -5.04 -51.34
CA ALA Q 122 35.03 -4.68 -51.82
C ALA Q 122 35.15 -4.85 -53.33
N MET Q 123 34.48 -5.87 -53.88
CA MET Q 123 34.45 -6.04 -55.33
C MET Q 123 33.68 -4.92 -56.01
N GLU Q 124 32.62 -4.42 -55.36
CA GLU Q 124 31.90 -3.27 -55.89
C GLU Q 124 32.74 -2.01 -55.80
N ASP Q 125 33.56 -1.89 -54.76
CA ASP Q 125 34.48 -0.76 -54.64
C ASP Q 125 35.53 -0.78 -55.74
N GLU Q 126 36.05 -1.97 -56.06
CA GLU Q 126 37.13 -2.05 -57.04
C GLU Q 126 36.61 -1.94 -58.47
N PHE Q 127 35.56 -2.69 -58.79
CA PHE Q 127 35.09 -2.81 -60.17
C PHE Q 127 34.05 -1.76 -60.54
N GLY Q 128 33.48 -1.05 -59.57
CA GLY Q 128 32.67 0.12 -59.87
C GLY Q 128 31.28 -0.15 -60.38
N PHE Q 129 30.66 -1.26 -60.01
CA PHE Q 129 29.27 -1.49 -60.35
C PHE Q 129 28.58 -2.20 -59.19
N GLU Q 130 27.29 -1.89 -59.01
CA GLU Q 130 26.53 -2.46 -57.91
C GLU Q 130 26.12 -3.89 -58.23
N ILE Q 131 26.41 -4.81 -57.32
CA ILE Q 131 26.01 -6.21 -57.44
C ILE Q 131 24.76 -6.41 -56.60
N PRO Q 132 23.65 -6.85 -57.19
CA PRO Q 132 22.43 -7.09 -56.39
C PRO Q 132 22.55 -8.26 -55.43
N ASP Q 133 21.50 -8.53 -54.66
CA ASP Q 133 21.61 -9.55 -53.62
C ASP Q 133 21.39 -10.96 -54.17
N ILE Q 134 20.54 -11.12 -55.17
CA ILE Q 134 20.19 -12.44 -55.68
C ILE Q 134 21.35 -13.08 -56.43
N ASP Q 135 22.27 -12.28 -56.95
CA ASP Q 135 23.44 -12.79 -57.66
C ASP Q 135 24.75 -12.57 -56.92
N ALA Q 136 24.71 -12.03 -55.70
CA ALA Q 136 25.89 -12.02 -54.85
C ALA Q 136 25.91 -13.18 -53.87
N GLU Q 137 24.75 -13.78 -53.60
CA GLU Q 137 24.69 -14.98 -52.78
C GLU Q 137 25.25 -16.19 -53.52
N LYS Q 138 25.23 -16.16 -54.85
CA LYS Q 138 25.77 -17.24 -55.67
C LYS Q 138 27.24 -17.03 -56.04
N LEU Q 139 27.96 -16.21 -55.28
CA LEU Q 139 29.38 -15.96 -55.53
C LEU Q 139 30.15 -16.51 -54.33
N MET Q 140 30.49 -17.81 -54.40
CA MET Q 140 31.10 -18.52 -53.29
C MET Q 140 32.57 -18.84 -53.51
N CYS Q 141 33.16 -18.40 -54.61
CA CYS Q 141 34.58 -18.61 -54.86
C CYS Q 141 35.05 -17.48 -55.77
N PRO Q 142 36.37 -17.22 -55.84
CA PRO Q 142 36.86 -16.20 -56.78
C PRO Q 142 36.58 -16.49 -58.24
N GLN Q 143 36.45 -17.78 -58.61
CA GLN Q 143 36.11 -18.12 -59.98
C GLN Q 143 34.70 -17.68 -60.33
N GLU Q 144 33.75 -17.87 -59.40
CA GLU Q 144 32.40 -17.36 -59.62
C GLU Q 144 32.37 -15.85 -59.67
N ILE Q 145 33.23 -15.17 -58.91
CA ILE Q 145 33.29 -13.71 -58.93
C ILE Q 145 33.82 -13.22 -60.26
N VAL Q 146 34.91 -13.81 -60.75
CA VAL Q 146 35.48 -13.35 -62.02
C VAL Q 146 34.58 -13.75 -63.19
N ASP Q 147 33.83 -14.85 -63.08
CA ASP Q 147 32.85 -15.19 -64.11
C ASP Q 147 31.65 -14.25 -64.08
N TYR Q 148 31.24 -13.79 -62.90
CA TYR Q 148 30.14 -12.82 -62.82
C TYR Q 148 30.55 -11.47 -63.37
N ILE Q 149 31.78 -11.05 -63.11
CA ILE Q 149 32.26 -9.77 -63.64
C ILE Q 149 32.47 -9.88 -65.16
N ALA Q 150 32.87 -11.07 -65.63
CA ALA Q 150 32.96 -11.30 -67.07
C ALA Q 150 31.59 -11.32 -67.73
N ASP Q 151 30.57 -11.81 -67.03
CA ASP Q 151 29.23 -11.88 -67.63
C ASP Q 151 28.54 -10.53 -67.63
N LYS Q 152 28.85 -9.65 -66.68
CA LYS Q 152 28.31 -8.30 -66.66
C LYS Q 152 29.12 -7.33 -67.50
N LYS Q 153 30.13 -7.83 -68.22
CA LYS Q 153 30.93 -7.03 -69.14
C LYS Q 153 31.07 -7.80 -70.44
N ASP Q 154 31.97 -7.38 -71.33
CA ASP Q 154 32.06 -8.02 -72.64
C ASP Q 154 33.04 -9.19 -72.63
N VAL Q 155 34.32 -8.89 -72.36
CA VAL Q 155 35.51 -9.78 -72.44
C VAL Q 155 35.47 -10.89 -73.51
N VAL R 6 -24.43 29.86 8.62
CA VAL R 6 -23.22 29.54 7.87
C VAL R 6 -22.60 30.81 7.29
N LYS R 7 -21.29 30.79 7.12
CA LYS R 7 -20.54 31.90 6.58
C LYS R 7 -19.63 31.38 5.48
N GLN R 8 -19.79 31.89 4.27
CA GLN R 8 -19.16 31.30 3.11
C GLN R 8 -18.89 32.42 2.13
N ASP R 9 -17.89 32.23 1.26
CA ASP R 9 -17.60 33.24 0.25
C ASP R 9 -18.73 33.24 -0.77
N MET R 10 -19.49 34.32 -0.79
CA MET R 10 -20.70 34.47 -1.58
C MET R 10 -20.68 35.83 -2.26
N PRO R 11 -21.41 35.98 -3.36
CA PRO R 11 -21.63 37.32 -3.91
C PRO R 11 -22.50 38.15 -2.98
N PRO R 12 -22.49 39.48 -3.12
CA PRO R 12 -23.39 40.30 -2.29
C PRO R 12 -24.86 40.14 -2.65
N VAL R 13 -25.73 40.86 -1.94
CA VAL R 13 -27.17 40.58 -1.96
C VAL R 13 -27.77 40.89 -3.32
N GLY R 14 -27.44 42.04 -3.88
CA GLY R 14 -27.87 42.33 -5.23
C GLY R 14 -27.02 41.76 -6.32
N GLY R 15 -25.97 41.02 -5.97
CA GLY R 15 -25.00 40.57 -6.95
C GLY R 15 -23.95 41.63 -7.22
N TYR R 16 -23.02 41.27 -8.09
CA TYR R 16 -21.99 42.22 -8.47
C TYR R 16 -22.49 43.14 -9.57
N GLY R 17 -21.73 44.23 -9.79
CA GLY R 17 -22.08 45.18 -10.80
C GLY R 17 -21.79 44.65 -12.21
N PRO R 18 -22.17 45.45 -13.21
CA PRO R 18 -21.91 45.04 -14.59
C PRO R 18 -20.42 45.06 -14.92
N ILE R 19 -19.98 44.05 -15.65
CA ILE R 19 -18.60 43.90 -16.05
C ILE R 19 -18.52 44.03 -17.57
N ASP R 20 -17.75 45.01 -18.04
CA ASP R 20 -17.55 45.19 -19.47
C ASP R 20 -16.73 44.04 -20.03
N TYR R 21 -17.12 43.56 -21.20
CA TYR R 21 -16.36 42.52 -21.86
C TYR R 21 -16.27 42.68 -23.36
N LYS R 22 -16.75 43.78 -23.94
CA LYS R 22 -16.71 43.90 -25.38
C LYS R 22 -15.49 44.71 -25.82
N ARG R 23 -15.23 44.68 -27.13
CA ARG R 23 -14.19 45.54 -27.70
C ARG R 23 -14.59 47.00 -27.57
N ASN R 24 -13.66 47.80 -27.07
CA ASN R 24 -13.83 49.25 -27.00
C ASN R 24 -12.57 49.84 -27.63
N LEU R 25 -12.57 49.94 -28.96
CA LEU R 25 -11.57 50.71 -29.66
C LEU R 25 -12.21 52.03 -30.04
N PRO R 26 -11.88 53.13 -29.35
CA PRO R 26 -12.81 54.26 -29.23
C PRO R 26 -12.98 55.15 -30.46
N ARG R 27 -12.34 54.84 -31.60
CA ARG R 27 -12.50 55.56 -32.87
C ARG R 27 -12.14 57.04 -32.72
N ARG R 28 -10.85 57.27 -32.59
CA ARG R 28 -10.32 58.62 -32.49
C ARG R 28 -9.65 59.03 -33.80
N GLY R 29 -9.54 60.34 -34.00
CA GLY R 29 -8.80 60.89 -35.13
C GLY R 29 -9.71 61.65 -36.08
N LEU R 30 -9.05 62.37 -36.98
CA LEU R 30 -9.74 63.12 -38.02
C LEU R 30 -10.17 62.20 -39.16
N SER R 31 -11.00 62.74 -40.04
CA SER R 31 -11.42 62.02 -41.23
C SER R 31 -10.26 61.92 -42.21
N GLY R 32 -10.40 61.01 -43.17
CA GLY R 32 -9.42 60.89 -44.22
C GLY R 32 -9.37 62.08 -45.15
N TYR R 33 -10.51 62.76 -45.33
CA TYR R 33 -10.51 64.02 -46.05
C TYR R 33 -9.73 65.08 -45.29
N SER R 34 -9.89 65.12 -43.97
CA SER R 34 -9.28 66.18 -43.18
C SER R 34 -7.78 65.97 -42.99
N MET R 35 -7.32 64.71 -43.02
CA MET R 35 -5.91 64.46 -42.78
C MET R 35 -5.04 64.74 -43.98
N PHE R 36 -5.60 64.81 -45.19
CA PHE R 36 -4.84 65.28 -46.34
C PHE R 36 -4.96 66.79 -46.49
#